data_3KL9
#
_entry.id   3KL9
#
_cell.length_a   138.296
_cell.length_b   118.344
_cell.length_c   160.299
_cell.angle_alpha   90.000
_cell.angle_beta   106.350
_cell.angle_gamma   90.000
#
_symmetry.space_group_name_H-M   'P 1 21 1'
#
loop_
_entity.id
_entity.type
_entity.pdbx_description
1 polymer 'Glutamyl aminopeptidase'
2 non-polymer 'ZINC ION'
3 water water
#
_entity_poly.entity_id   1
_entity_poly.type   'polypeptide(L)'
_entity_poly.pdbx_seq_one_letter_code
;SMTTLFSKIKEVTELAAVSGHEAPVRAYLREKLTPHVDEVVTDGLGGIFGIKHSEAVDAPRVLVASHMDEVGFMVSEIKP
DGTFRVVEIGGWNPMVVSSQRFKLLTRDGHEIPVISGSVPPHLTRGKGGPTMPAIADIVFDGGFADKAEAESFGIRPGDT
IVPDSSAILTANEKNIISKAWDNRYGVLMVSELAEALSGQKLGNELYLGSNVQEEVGLRGAHTSTTKFDPEVFLAVDCSP
AGDVYGGQGKIGDGTLIRFYDPGHLLLPGMKDFLLTTAEEAGIKYQYYCGKGGTDAGAAHLKNGGVPSTTIGVCARYIHS
HQTLYAMDDFLEAQAFLQALVKKLDRSTVDLIKHY
;
_entity_poly.pdbx_strand_id   A,B,C,D,E,F,G,H,I,J,K,L
#
loop_
_chem_comp.id
_chem_comp.type
_chem_comp.name
_chem_comp.formula
ZN non-polymer 'ZINC ION' 'Zn 2'
#
# COMPACT_ATOMS: atom_id res chain seq x y z
N SER A 1 33.98 48.54 14.13
CA SER A 1 34.99 47.46 13.91
C SER A 1 34.32 46.08 13.86
N MET A 2 34.54 45.34 12.76
CA MET A 2 33.96 44.00 12.57
C MET A 2 34.55 42.96 13.54
N THR A 3 35.82 43.15 13.88
CA THR A 3 36.56 42.30 14.81
C THR A 3 35.93 42.33 16.21
N THR A 4 35.67 43.52 16.72
CA THR A 4 34.98 43.67 18.00
C THR A 4 33.56 43.08 17.92
N LEU A 5 32.88 43.33 16.80
CA LEU A 5 31.54 42.77 16.57
C LEU A 5 31.54 41.24 16.64
N PHE A 6 32.47 40.61 15.91
CA PHE A 6 32.63 39.16 15.96
C PHE A 6 32.99 38.64 17.35
N SER A 7 33.81 39.40 18.10
CA SER A 7 34.17 39.04 19.47
C SER A 7 32.95 39.02 20.38
N LYS A 8 32.07 39.99 20.19
CA LYS A 8 30.85 40.11 20.98
C LYS A 8 29.90 38.97 20.66
N ILE A 9 29.83 38.63 19.38
CA ILE A 9 28.99 37.52 18.92
C ILE A 9 29.52 36.18 19.43
N LYS A 10 30.83 35.94 19.28
CA LYS A 10 31.48 34.73 19.79
C LYS A 10 31.15 34.47 21.26
N GLU A 11 31.20 35.52 22.06
CA GLU A 11 30.97 35.43 23.49
C GLU A 11 29.56 34.94 23.82
N VAL A 12 28.55 35.62 23.28
CA VAL A 12 27.15 35.29 23.57
C VAL A 12 26.69 33.96 22.96
N THR A 13 27.17 33.63 21.77
CA THR A 13 26.75 32.39 21.13
C THR A 13 27.41 31.17 21.77
N GLU A 14 28.51 31.39 22.50
CA GLU A 14 29.22 30.28 23.13
C GLU A 14 28.79 30.04 24.59
N LEU A 15 27.93 30.92 25.11
CA LEU A 15 27.28 30.68 26.41
C LEU A 15 26.34 29.47 26.32
N ALA A 16 26.14 28.78 27.45
CA ALA A 16 25.30 27.58 27.49
C ALA A 16 24.09 27.79 28.39
N ALA A 17 22.91 27.78 27.77
CA ALA A 17 21.65 28.09 28.46
C ALA A 17 20.44 27.57 27.71
N VAL A 18 20.00 26.39 28.12
CA VAL A 18 18.82 25.76 27.56
C VAL A 18 17.61 26.35 28.29
N SER A 19 16.41 26.21 27.74
CA SER A 19 15.20 26.73 28.36
C SER A 19 15.11 26.38 29.83
N GLY A 20 14.73 27.36 30.65
CA GLY A 20 14.60 27.17 32.10
C GLY A 20 15.91 27.23 32.86
N HIS A 21 17.02 27.19 32.14
CA HIS A 21 18.34 27.14 32.76
C HIS A 21 19.26 28.24 32.23
N GLU A 22 18.70 29.45 32.11
CA GLU A 22 19.36 30.55 31.42
C GLU A 22 20.14 31.52 32.33
N ALA A 23 20.41 31.07 33.56
CA ALA A 23 21.27 31.80 34.50
C ALA A 23 22.58 32.35 33.90
N PRO A 24 23.33 31.54 33.12
CA PRO A 24 24.61 32.10 32.64
C PRO A 24 24.44 33.26 31.65
N VAL A 25 23.34 33.27 30.91
CA VAL A 25 23.03 34.37 29.98
C VAL A 25 22.45 35.58 30.73
N ARG A 26 21.65 35.31 31.76
CA ARG A 26 21.16 36.36 32.65
C ARG A 26 22.29 37.13 33.32
N ALA A 27 23.30 36.39 33.79
CA ALA A 27 24.48 36.99 34.41
C ALA A 27 25.20 37.90 33.42
N TYR A 28 25.18 37.51 32.15
CA TYR A 28 25.81 38.29 31.10
C TYR A 28 25.07 39.61 30.88
N LEU A 29 23.74 39.55 30.84
CA LEU A 29 22.92 40.75 30.63
C LEU A 29 22.85 41.67 31.85
N ARG A 30 22.97 41.08 33.03
CA ARG A 30 23.07 41.86 34.26
C ARG A 30 24.30 42.76 34.20
N GLU A 31 25.46 42.17 33.88
CA GLU A 31 26.70 42.93 33.79
C GLU A 31 26.65 44.02 32.72
N LYS A 32 25.89 43.80 31.65
CA LYS A 32 25.84 44.78 30.55
C LYS A 32 24.70 45.81 30.63
N LEU A 33 23.64 45.50 31.36
CA LEU A 33 22.52 46.41 31.55
C LEU A 33 22.72 47.39 32.71
N THR A 34 23.17 46.87 33.85
CA THR A 34 23.32 47.66 35.09
C THR A 34 23.90 49.07 34.87
N PRO A 35 25.07 49.18 34.22
CA PRO A 35 25.69 50.52 34.05
C PRO A 35 24.91 51.53 33.21
N HIS A 36 23.95 51.08 32.39
CA HIS A 36 23.34 51.97 31.40
C HIS A 36 21.84 52.19 31.59
N VAL A 37 21.39 51.99 32.82
CA VAL A 37 19.97 51.84 33.14
C VAL A 37 19.78 52.23 34.60
N ASP A 38 18.60 52.76 34.95
CA ASP A 38 18.33 53.20 36.33
C ASP A 38 17.99 52.06 37.29
N GLU A 39 17.40 50.99 36.75
CA GLU A 39 16.92 49.88 37.56
C GLU A 39 17.08 48.57 36.81
N VAL A 40 17.36 47.49 37.52
CA VAL A 40 17.29 46.14 36.94
C VAL A 40 16.25 45.36 37.73
N VAL A 41 15.32 44.75 37.01
CA VAL A 41 14.25 43.99 37.62
C VAL A 41 14.15 42.61 36.98
N THR A 42 13.44 41.72 37.65
CA THR A 42 13.40 40.34 37.25
C THR A 42 11.93 39.86 37.23
N ASP A 43 11.60 38.91 36.37
CA ASP A 43 10.25 38.31 36.43
C ASP A 43 10.28 36.98 37.18
N GLY A 44 9.09 36.48 37.56
CA GLY A 44 8.99 35.26 38.36
C GLY A 44 9.70 34.04 37.79
N LEU A 45 9.91 34.02 36.48
CA LEU A 45 10.52 32.90 35.79
C LEU A 45 12.01 33.08 35.49
N GLY A 46 12.54 34.28 35.70
CA GLY A 46 13.96 34.53 35.53
C GLY A 46 14.39 35.55 34.50
N GLY A 47 13.44 36.10 33.75
CA GLY A 47 13.74 37.14 32.77
C GLY A 47 14.28 38.41 33.44
N ILE A 48 15.35 38.98 32.89
CA ILE A 48 15.89 40.25 33.40
C ILE A 48 15.58 41.43 32.49
N PHE A 49 15.25 42.55 33.10
CA PHE A 49 14.93 43.74 32.36
C PHE A 49 15.49 44.97 33.05
N GLY A 50 16.15 45.80 32.27
CA GLY A 50 16.58 47.12 32.72
C GLY A 50 15.45 48.12 32.49
N ILE A 51 15.28 49.05 33.42
CA ILE A 51 14.30 50.11 33.25
C ILE A 51 14.98 51.45 33.04
N LYS A 52 14.66 52.12 31.92
CA LYS A 52 15.21 53.44 31.62
C LYS A 52 14.12 54.49 31.76
N HIS A 53 14.17 55.24 32.85
CA HIS A 53 13.14 56.22 33.17
C HIS A 53 13.10 57.39 32.18
N SER A 54 11.92 57.96 32.00
CA SER A 54 11.72 59.08 31.10
C SER A 54 11.30 60.34 31.84
N GLU A 55 11.77 61.48 31.36
CA GLU A 55 11.37 62.79 31.89
C GLU A 55 9.99 63.21 31.39
N ALA A 56 9.57 62.65 30.25
CA ALA A 56 8.33 63.04 29.56
C ALA A 56 7.07 62.85 30.41
N VAL A 57 6.11 63.77 30.23
CA VAL A 57 4.90 63.86 31.05
C VAL A 57 4.15 62.53 31.21
N ASP A 58 3.55 62.05 30.11
CA ASP A 58 2.81 60.80 30.13
C ASP A 58 3.53 59.81 29.22
N ALA A 59 4.76 59.46 29.60
CA ALA A 59 5.56 58.52 28.83
C ALA A 59 4.93 57.13 28.88
N PRO A 60 4.66 56.55 27.70
CA PRO A 60 4.15 55.18 27.61
C PRO A 60 5.25 54.16 27.91
N ARG A 61 4.86 53.00 28.44
CA ARG A 61 5.81 51.92 28.66
C ARG A 61 6.04 51.15 27.36
N VAL A 62 7.32 50.92 27.05
CA VAL A 62 7.75 50.16 25.89
C VAL A 62 8.65 49.02 26.38
N LEU A 63 8.28 47.79 26.05
CA LEU A 63 9.04 46.64 26.48
C LEU A 63 9.77 46.04 25.28
N VAL A 64 11.09 45.97 25.37
CA VAL A 64 11.90 45.39 24.31
C VAL A 64 12.55 44.12 24.86
N ALA A 65 12.14 42.98 24.33
CA ALA A 65 12.60 41.70 24.84
C ALA A 65 13.10 40.77 23.75
N SER A 66 14.28 40.20 23.99
CA SER A 66 14.75 39.03 23.26
C SER A 66 14.56 37.82 24.17
N HIS A 67 15.25 36.73 23.89
CA HIS A 67 15.18 35.59 24.80
C HIS A 67 16.52 34.89 24.95
N MET A 68 16.79 34.49 26.19
CA MET A 68 18.10 33.99 26.57
C MET A 68 18.32 32.51 26.22
N ASP A 69 17.25 31.73 26.24
CA ASP A 69 17.34 30.28 26.07
C ASP A 69 17.64 29.86 24.63
N GLU A 70 18.42 28.78 24.50
CA GLU A 70 18.75 28.18 23.22
C GLU A 70 18.20 26.77 23.20
N VAL A 71 18.12 26.16 22.02
CA VAL A 71 17.64 24.79 21.91
C VAL A 71 18.70 23.80 22.38
N GLY A 72 18.24 22.73 23.01
CA GLY A 72 19.09 21.63 23.46
C GLY A 72 18.25 20.42 23.88
N PHE A 73 18.82 19.60 24.74
CA PHE A 73 18.15 18.39 25.21
C PHE A 73 18.19 18.30 26.74
N MET A 74 17.51 17.30 27.28
CA MET A 74 17.45 17.07 28.72
C MET A 74 17.44 15.57 28.98
N VAL A 75 18.19 15.13 29.98
CA VAL A 75 18.25 13.71 30.30
C VAL A 75 16.87 13.26 30.77
N SER A 76 16.31 12.24 30.12
CA SER A 76 15.04 11.67 30.56
C SER A 76 15.27 10.40 31.38
N GLU A 77 16.39 9.72 31.10
CA GLU A 77 16.83 8.59 31.92
C GLU A 77 18.29 8.22 31.64
N ILE A 78 18.88 7.51 32.60
CA ILE A 78 20.20 6.92 32.44
C ILE A 78 20.04 5.41 32.31
N LYS A 79 20.52 4.87 31.20
CA LYS A 79 20.43 3.44 30.96
C LYS A 79 21.42 2.70 31.85
N PRO A 80 21.12 1.44 32.20
CA PRO A 80 22.11 0.68 32.98
C PRO A 80 23.50 0.63 32.34
N ASP A 81 23.58 0.74 31.01
CA ASP A 81 24.90 0.76 30.36
C ASP A 81 25.57 2.14 30.38
N GLY A 82 24.90 3.10 31.04
CA GLY A 82 25.48 4.41 31.31
C GLY A 82 25.17 5.48 30.28
N THR A 83 24.60 5.08 29.15
CA THR A 83 24.21 6.06 28.15
C THR A 83 22.93 6.79 28.57
N PHE A 84 22.51 7.76 27.77
CA PHE A 84 21.33 8.56 28.12
C PHE A 84 20.30 8.56 27.02
N ARG A 85 19.03 8.53 27.41
CA ARG A 85 17.93 8.86 26.50
C ARG A 85 17.51 10.27 26.86
N VAL A 86 17.03 11.01 25.87
CA VAL A 86 16.71 12.40 26.11
C VAL A 86 15.31 12.78 25.69
N VAL A 87 14.87 13.92 26.20
CA VAL A 87 13.71 14.63 25.67
C VAL A 87 14.23 15.97 25.11
N GLU A 88 13.65 16.42 23.99
CA GLU A 88 14.14 17.65 23.33
C GLU A 88 13.68 18.94 24.04
N ILE A 89 14.52 19.97 24.02
CA ILE A 89 14.16 21.26 24.57
C ILE A 89 14.21 22.33 23.47
N GLY A 90 13.03 22.68 22.98
CA GLY A 90 12.92 23.39 21.70
C GLY A 90 12.73 22.38 20.58
N GLY A 91 12.36 22.87 19.39
CA GLY A 91 12.10 22.00 18.26
C GLY A 91 13.33 21.65 17.45
N TRP A 92 13.66 20.36 17.40
CA TRP A 92 14.75 19.85 16.56
C TRP A 92 14.22 19.03 15.39
N ASN A 93 14.72 19.33 14.19
CA ASN A 93 14.56 18.42 13.06
C ASN A 93 15.32 17.15 13.44
N PRO A 94 14.68 15.97 13.38
CA PRO A 94 15.41 14.78 13.82
C PRO A 94 16.58 14.39 12.90
N MET A 95 16.71 15.06 11.76
CA MET A 95 17.80 14.78 10.82
C MET A 95 19.13 15.40 11.24
N VAL A 96 19.09 16.39 12.12
CA VAL A 96 20.28 17.16 12.50
C VAL A 96 20.93 16.68 13.81
N VAL A 97 20.18 15.87 14.58
CA VAL A 97 20.51 15.47 15.94
C VAL A 97 21.63 14.42 16.07
N SER A 98 21.77 13.54 15.09
CA SER A 98 22.75 12.45 15.18
C SER A 98 24.18 12.95 15.01
N SER A 99 25.08 12.41 15.83
CA SER A 99 26.53 12.71 15.79
C SER A 99 26.85 14.18 16.03
N GLN A 100 26.43 14.69 17.17
CA GLN A 100 26.70 16.07 17.56
C GLN A 100 27.36 16.12 18.95
N ARG A 101 28.14 17.17 19.21
CA ARG A 101 28.69 17.37 20.55
C ARG A 101 27.79 18.24 21.40
N PHE A 102 27.78 17.92 22.69
CA PHE A 102 27.04 18.68 23.68
C PHE A 102 27.83 18.78 24.99
N LYS A 103 27.37 19.67 25.85
CA LYS A 103 27.83 19.71 27.23
C LYS A 103 26.65 19.41 28.13
N LEU A 104 26.73 18.31 28.86
CA LEU A 104 25.75 18.02 29.89
C LEU A 104 26.10 18.87 31.10
N LEU A 105 25.11 19.56 31.65
CA LEU A 105 25.32 20.43 32.82
C LEU A 105 24.72 19.83 34.08
N THR A 106 25.60 19.40 34.97
CA THR A 106 25.19 18.81 36.23
C THR A 106 24.74 19.89 37.22
N ARG A 107 23.88 19.51 38.15
CA ARG A 107 23.46 20.37 39.25
C ARG A 107 24.65 20.83 40.12
N ASP A 108 25.62 19.94 40.35
CA ASP A 108 26.82 20.27 41.16
C ASP A 108 27.83 21.19 40.43
N GLY A 109 27.56 21.50 39.16
CA GLY A 109 28.40 22.43 38.40
C GLY A 109 29.43 21.81 37.47
N HIS A 110 29.42 20.49 37.36
CA HIS A 110 30.27 19.76 36.39
C HIS A 110 29.75 19.96 34.97
N GLU A 111 30.68 20.12 34.04
CA GLU A 111 30.39 20.18 32.62
C GLU A 111 30.93 18.93 31.94
N ILE A 112 30.08 17.94 31.77
CA ILE A 112 30.54 16.67 31.22
C ILE A 112 30.22 16.60 29.73
N PRO A 113 31.20 16.21 28.90
CA PRO A 113 30.98 16.14 27.46
C PRO A 113 30.12 14.95 27.09
N VAL A 114 29.11 15.16 26.26
CA VAL A 114 28.21 14.09 25.83
C VAL A 114 27.98 14.23 24.33
N ILE A 115 27.99 13.11 23.61
CA ILE A 115 27.66 13.10 22.18
C ILE A 115 26.45 12.22 21.86
N SER A 116 25.71 12.64 20.84
CA SER A 116 24.66 11.78 20.30
C SER A 116 25.32 10.79 19.36
N GLY A 117 24.83 9.55 19.38
CA GLY A 117 25.25 8.53 18.43
C GLY A 117 24.44 8.59 17.15
N PRO A 133 13.85 7.69 12.72
CA PRO A 133 14.70 8.40 13.70
C PRO A 133 13.88 9.19 14.76
N ALA A 134 13.49 8.51 15.84
CA ALA A 134 12.75 9.15 16.93
C ALA A 134 13.71 9.57 18.04
N ILE A 135 13.63 10.83 18.43
CA ILE A 135 14.60 11.41 19.35
C ILE A 135 14.80 10.58 20.63
N ALA A 136 13.71 10.09 21.21
CA ALA A 136 13.76 9.30 22.44
C ALA A 136 14.54 7.98 22.31
N ASP A 137 14.83 7.57 21.08
CA ASP A 137 15.60 6.35 20.83
C ASP A 137 17.07 6.63 20.48
N ILE A 138 17.42 7.90 20.28
CA ILE A 138 18.81 8.26 19.99
C ILE A 138 19.68 8.08 21.23
N VAL A 139 20.80 7.40 21.06
CA VAL A 139 21.72 7.13 22.16
C VAL A 139 22.59 8.36 22.40
N PHE A 140 22.58 8.83 23.65
CA PHE A 140 23.45 9.90 24.08
C PHE A 140 24.52 9.31 24.97
N ASP A 141 25.77 9.48 24.55
CA ASP A 141 26.90 8.79 25.13
C ASP A 141 27.78 9.76 25.88
N GLY A 142 28.07 9.44 27.14
CA GLY A 142 29.01 10.20 27.94
C GLY A 142 30.34 9.50 28.09
N GLY A 143 30.43 8.28 27.54
CA GLY A 143 31.64 7.48 27.63
C GLY A 143 31.79 6.77 28.97
N PHE A 144 30.69 6.66 29.70
CA PHE A 144 30.68 5.99 31.00
C PHE A 144 30.55 4.49 30.89
N ALA A 145 30.93 3.80 31.96
CA ALA A 145 30.96 2.34 32.02
C ALA A 145 29.57 1.73 32.27
N ASP A 146 28.82 2.34 33.19
CA ASP A 146 27.46 1.90 33.51
C ASP A 146 26.66 3.02 34.17
N LYS A 147 25.41 2.72 34.56
CA LYS A 147 24.55 3.71 35.20
C LYS A 147 25.22 4.34 36.43
N ALA A 148 25.88 3.49 37.21
CA ALA A 148 26.49 3.91 38.48
C ALA A 148 27.61 4.93 38.25
N GLU A 149 28.47 4.69 37.26
CA GLU A 149 29.57 5.62 37.01
C GLU A 149 29.05 6.97 36.56
N ALA A 150 28.05 6.95 35.70
CA ALA A 150 27.38 8.16 35.24
C ALA A 150 26.90 8.95 36.44
N GLU A 151 26.24 8.26 37.37
CA GLU A 151 25.71 8.89 38.56
C GLU A 151 26.81 9.41 39.50
N SER A 152 27.97 8.77 39.48
CA SER A 152 29.10 9.18 40.32
C SER A 152 29.69 10.53 39.89
N PHE A 153 29.38 10.96 38.67
CA PHE A 153 29.80 12.29 38.22
C PHE A 153 28.68 13.32 38.40
N GLY A 154 27.66 12.95 39.18
CA GLY A 154 26.59 13.88 39.57
C GLY A 154 25.47 14.07 38.56
N ILE A 155 25.51 13.29 37.48
CA ILE A 155 24.48 13.32 36.46
C ILE A 155 23.18 12.74 37.02
N ARG A 156 22.08 13.45 36.78
CA ARG A 156 20.74 13.04 37.20
C ARG A 156 19.72 13.25 36.08
N PRO A 157 18.60 12.50 36.11
CA PRO A 157 17.59 12.80 35.11
C PRO A 157 17.15 14.24 35.28
N GLY A 158 16.99 14.95 34.16
CA GLY A 158 16.62 16.35 34.21
C GLY A 158 17.77 17.26 33.84
N ASP A 159 18.98 16.71 33.83
CA ASP A 159 20.15 17.50 33.50
C ASP A 159 20.10 18.00 32.07
N THR A 160 20.44 19.27 31.93
CA THR A 160 20.38 19.97 30.66
C THR A 160 21.56 19.57 29.75
N ILE A 161 21.28 19.46 28.44
CA ILE A 161 22.26 19.06 27.43
C ILE A 161 22.34 20.13 26.33
N VAL A 162 23.44 20.87 26.32
CA VAL A 162 23.60 22.04 25.45
C VAL A 162 24.55 21.77 24.28
N PRO A 163 24.14 22.17 23.06
CA PRO A 163 24.98 22.02 21.88
C PRO A 163 26.34 22.66 22.08
N ASP A 164 27.40 21.92 21.73
CA ASP A 164 28.77 22.40 21.85
C ASP A 164 29.26 22.78 20.46
N SER A 165 29.46 24.08 20.25
CA SER A 165 29.77 24.61 18.93
C SER A 165 30.31 26.03 19.05
N SER A 166 31.55 26.22 18.59
CA SER A 166 32.23 27.50 18.67
C SER A 166 31.72 28.42 17.56
N ALA A 167 32.07 29.70 17.65
CA ALA A 167 31.71 30.66 16.61
C ALA A 167 32.94 30.92 15.73
N ILE A 168 32.73 30.97 14.41
CA ILE A 168 33.81 31.25 13.46
C ILE A 168 33.38 32.13 12.27
N LEU A 169 34.29 33.01 11.83
CA LEU A 169 34.16 33.72 10.56
C LEU A 169 34.17 32.78 9.34
N THR A 170 33.30 33.05 8.37
CA THR A 170 33.35 32.41 7.05
C THR A 170 34.46 33.03 6.21
N ALA A 171 34.78 32.42 5.07
CA ALA A 171 35.98 32.81 4.31
C ALA A 171 36.02 34.27 3.85
N ASN A 172 34.88 34.82 3.41
CA ASN A 172 34.85 36.22 2.97
C ASN A 172 34.77 37.21 4.11
N GLU A 173 34.61 36.67 5.32
CA GLU A 173 34.63 37.44 6.58
C GLU A 173 33.41 38.34 6.74
N LYS A 174 32.37 38.07 5.95
CA LYS A 174 31.12 38.83 6.05
C LYS A 174 30.06 38.07 6.86
N ASN A 175 30.25 36.77 7.02
CA ASN A 175 29.33 35.90 7.73
C ASN A 175 29.97 35.11 8.87
N ILE A 176 29.12 34.61 9.77
CA ILE A 176 29.54 33.82 10.91
C ILE A 176 28.86 32.46 10.90
N ILE A 177 29.53 31.46 11.45
CA ILE A 177 28.95 30.16 11.71
C ILE A 177 29.00 29.96 13.22
N SER A 178 27.86 29.65 13.81
CA SER A 178 27.79 29.40 15.26
C SER A 178 26.57 28.59 15.62
N LYS A 179 26.45 28.25 16.90
CA LYS A 179 25.17 27.78 17.44
C LYS A 179 24.44 29.02 17.99
N ALA A 180 23.15 28.85 18.31
CA ALA A 180 22.42 29.80 19.16
C ALA A 180 22.38 31.28 18.72
N TRP A 181 22.44 31.54 17.42
CA TRP A 181 22.22 32.89 16.93
C TRP A 181 20.77 33.23 17.20
N ASP A 182 19.92 32.22 17.06
CA ASP A 182 18.62 32.22 17.69
C ASP A 182 18.86 31.68 19.11
N ASN A 183 18.87 32.56 20.11
CA ASN A 183 18.61 33.99 19.96
C ASN A 183 19.60 34.84 20.74
N ARG A 184 20.89 34.54 20.57
CA ARG A 184 21.92 35.37 21.18
C ARG A 184 22.13 36.63 20.35
N TYR A 185 21.64 36.58 19.10
CA TYR A 185 21.37 37.77 18.31
C TYR A 185 20.59 38.79 19.16
N GLY A 186 19.48 38.36 19.72
CA GLY A 186 18.62 39.22 20.52
C GLY A 186 19.26 39.63 21.82
N VAL A 187 20.07 38.72 22.39
CA VAL A 187 20.85 39.03 23.58
C VAL A 187 21.85 40.16 23.28
N LEU A 188 22.63 40.01 22.22
CA LEU A 188 23.61 41.01 21.81
C LEU A 188 22.93 42.31 21.43
N MET A 189 21.80 42.20 20.72
CA MET A 189 21.03 43.36 20.26
C MET A 189 20.60 44.26 21.42
N VAL A 190 20.07 43.64 22.46
CA VAL A 190 19.64 44.33 23.68
C VAL A 190 20.84 44.96 24.39
N SER A 191 21.91 44.19 24.52
CA SER A 191 23.15 44.66 25.12
C SER A 191 23.63 45.92 24.41
N GLU A 192 23.72 45.85 23.08
CA GLU A 192 24.17 46.97 22.26
C GLU A 192 23.25 48.18 22.33
N LEU A 193 21.94 47.93 22.43
CA LEU A 193 20.94 48.98 22.56
C LEU A 193 21.13 49.74 23.88
N ALA A 194 21.39 48.99 24.95
CA ALA A 194 21.61 49.59 26.27
C ALA A 194 22.78 50.57 26.23
N GLU A 195 23.89 50.12 25.65
CA GLU A 195 25.09 50.92 25.48
C GLU A 195 24.80 52.19 24.67
N ALA A 196 24.18 52.02 23.50
CA ALA A 196 23.89 53.12 22.60
C ALA A 196 23.00 54.20 23.22
N LEU A 197 22.01 53.77 24.00
CA LEU A 197 21.05 54.69 24.59
C LEU A 197 21.46 55.28 25.94
N SER A 198 22.58 54.80 26.47
CA SER A 198 23.05 55.17 27.81
C SER A 198 22.85 56.63 28.22
N GLY A 199 23.55 57.54 27.54
CA GLY A 199 23.41 58.98 27.83
C GLY A 199 22.03 59.53 27.50
N GLN A 200 21.54 59.15 26.30
CA GLN A 200 20.29 59.60 25.70
C GLN A 200 19.05 59.55 26.61
N LYS A 201 18.08 60.42 26.33
CA LYS A 201 16.80 60.40 27.05
C LYS A 201 15.62 60.24 26.09
N LEU A 202 14.65 59.42 26.50
CA LEU A 202 13.57 58.99 25.62
C LEU A 202 12.20 59.52 26.01
N GLY A 203 11.30 59.52 25.02
CA GLY A 203 9.90 59.91 25.22
C GLY A 203 9.04 58.77 25.75
N ASN A 204 9.68 57.61 25.93
CA ASN A 204 9.01 56.45 26.49
C ASN A 204 9.73 55.94 27.71
N GLU A 205 8.99 55.26 28.57
CA GLU A 205 9.54 54.60 29.75
C GLU A 205 9.96 53.20 29.29
N LEU A 206 11.26 53.05 29.01
CA LEU A 206 11.79 51.86 28.36
C LEU A 206 12.12 50.70 29.31
N TYR A 207 11.55 49.53 29.01
CA TYR A 207 11.87 48.27 29.67
C TYR A 207 12.68 47.40 28.71
N LEU A 208 13.96 47.23 29.01
CA LEU A 208 14.91 46.62 28.09
C LEU A 208 15.48 45.32 28.64
N GLY A 209 15.32 44.23 27.90
CA GLY A 209 15.90 42.98 28.36
C GLY A 209 15.63 41.75 27.53
N SER A 210 15.51 40.63 28.23
CA SER A 210 15.42 39.36 27.56
C SER A 210 14.62 38.37 28.37
N ASN A 211 13.78 37.64 27.66
CA ASN A 211 12.84 36.72 28.24
C ASN A 211 13.46 35.39 28.53
N VAL A 212 12.65 34.57 29.19
CA VAL A 212 13.02 33.26 29.64
C VAL A 212 12.21 32.28 28.80
N GLN A 213 12.73 31.05 28.62
CA GLN A 213 11.96 29.93 28.06
C GLN A 213 11.12 30.23 26.81
N GLU A 214 11.70 30.79 25.77
CA GLU A 214 10.95 31.03 24.52
C GLU A 214 10.82 29.77 23.68
N GLU A 215 11.87 28.96 23.68
CA GLU A 215 11.94 27.78 22.81
C GLU A 215 10.90 26.69 23.11
N VAL A 216 10.31 26.74 24.30
CA VAL A 216 9.36 25.72 24.73
C VAL A 216 7.90 26.18 24.68
N GLY A 217 7.67 27.40 24.20
CA GLY A 217 6.31 27.91 24.01
C GLY A 217 6.06 29.34 24.50
N LEU A 218 7.05 30.20 24.32
CA LEU A 218 6.93 31.63 24.59
C LEU A 218 6.48 31.89 26.03
N ARG A 219 7.09 31.16 26.96
CA ARG A 219 6.61 31.11 28.33
C ARG A 219 6.91 32.39 29.12
N GLY A 220 8.14 32.89 29.02
CA GLY A 220 8.54 34.12 29.69
C GLY A 220 7.83 35.36 29.15
N ALA A 221 7.49 35.32 27.87
CA ALA A 221 6.77 36.41 27.21
C ALA A 221 5.44 36.64 27.88
N HIS A 222 4.80 35.56 28.33
CA HIS A 222 3.55 35.67 29.09
C HIS A 222 3.76 36.50 30.34
N THR A 223 4.79 36.12 31.09
CA THR A 223 4.98 36.57 32.46
C THR A 223 5.59 37.96 32.56
N SER A 224 6.49 38.30 31.63
CA SER A 224 7.14 39.62 31.65
C SER A 224 6.23 40.74 31.14
N THR A 225 5.46 40.46 30.10
CA THR A 225 4.53 41.45 29.57
C THR A 225 3.45 41.78 30.60
N THR A 226 2.94 40.76 31.28
CA THR A 226 1.94 40.96 32.33
C THR A 226 2.51 41.80 33.46
N LYS A 227 3.69 41.42 33.95
CA LYS A 227 4.35 42.10 35.05
C LYS A 227 4.67 43.57 34.78
N PHE A 228 5.18 43.86 33.58
CA PHE A 228 5.71 45.18 33.29
C PHE A 228 4.74 46.09 32.52
N ASP A 229 3.64 45.51 32.04
CA ASP A 229 2.52 46.28 31.51
C ASP A 229 2.87 47.34 30.45
N PRO A 230 3.55 46.94 29.35
CA PRO A 230 3.88 47.92 28.31
C PRO A 230 2.68 48.26 27.43
N GLU A 231 2.71 49.44 26.83
CA GLU A 231 1.68 49.83 25.87
C GLU A 231 2.02 49.31 24.49
N VAL A 232 3.30 49.03 24.27
CA VAL A 232 3.82 48.59 22.99
C VAL A 232 4.97 47.61 23.23
N PHE A 233 5.08 46.58 22.39
CA PHE A 233 6.09 45.54 22.60
C PHE A 233 6.90 45.24 21.35
N LEU A 234 8.22 45.21 21.52
CA LEU A 234 9.13 44.85 20.47
C LEU A 234 9.90 43.60 20.88
N ALA A 235 9.54 42.47 20.28
CA ALA A 235 10.33 41.24 20.36
C ALA A 235 11.59 41.40 19.53
N VAL A 236 12.67 40.74 19.94
CA VAL A 236 13.91 40.78 19.17
C VAL A 236 14.44 39.37 19.05
N ASP A 237 14.42 38.86 17.83
CA ASP A 237 14.54 37.44 17.61
C ASP A 237 14.83 37.17 16.13
N CYS A 238 15.41 36.02 15.83
CA CYS A 238 15.76 35.73 14.45
C CYS A 238 15.08 34.48 13.91
N SER A 239 14.84 34.49 12.60
CA SER A 239 14.02 33.46 11.97
C SER A 239 14.76 32.78 10.84
N PRO A 240 14.28 31.59 10.41
CA PRO A 240 14.92 30.90 9.31
C PRO A 240 15.03 31.75 8.05
N ALA A 241 16.18 31.62 7.40
CA ALA A 241 16.36 32.12 6.06
C ALA A 241 16.10 30.96 5.09
N GLY A 242 15.22 31.18 4.12
CA GLY A 242 14.91 30.14 3.14
C GLY A 242 15.64 30.30 1.82
N ASP A 243 16.46 31.36 1.71
CA ASP A 243 17.13 31.72 0.45
C ASP A 243 17.83 30.56 -0.26
N VAL A 244 18.41 29.65 0.52
CA VAL A 244 19.20 28.56 -0.02
C VAL A 244 18.33 27.38 -0.48
N TYR A 245 17.15 27.26 0.12
CA TYR A 245 16.21 26.19 -0.23
C TYR A 245 15.10 26.70 -1.14
N GLY A 246 15.36 27.79 -1.87
CA GLY A 246 14.36 28.39 -2.76
C GLY A 246 13.33 29.25 -2.05
N GLY A 247 13.19 29.08 -0.74
CA GLY A 247 12.19 29.80 0.05
C GLY A 247 12.51 31.27 0.24
N GLN A 248 11.78 31.92 1.14
CA GLN A 248 11.99 33.35 1.39
C GLN A 248 12.76 33.62 2.68
N GLY A 249 13.28 34.85 2.80
CA GLY A 249 14.22 35.19 3.86
C GLY A 249 15.64 35.03 3.36
N LYS A 250 16.30 36.15 3.07
CA LYS A 250 17.61 36.13 2.44
C LYS A 250 18.69 36.74 3.35
N ILE A 251 19.71 35.95 3.66
CA ILE A 251 20.93 36.42 4.35
C ILE A 251 21.53 37.60 3.61
N GLY A 252 21.81 38.68 4.34
CA GLY A 252 22.41 39.87 3.73
C GLY A 252 21.44 40.88 3.18
N ASP A 253 20.14 40.55 3.17
CA ASP A 253 19.10 41.46 2.69
C ASP A 253 18.48 42.30 3.80
N GLY A 254 19.13 42.31 4.96
CA GLY A 254 18.74 43.23 6.01
C GLY A 254 17.69 42.75 7.00
N THR A 255 17.10 43.70 7.69
CA THR A 255 16.20 43.41 8.79
C THR A 255 14.83 42.98 8.27
N LEU A 256 14.09 42.23 9.10
CA LEU A 256 12.83 41.64 8.67
C LEU A 256 11.63 42.50 9.01
N ILE A 257 10.67 42.54 8.08
CA ILE A 257 9.36 43.12 8.35
C ILE A 257 8.38 41.95 8.40
N ARG A 258 8.08 41.53 9.63
CA ARG A 258 7.26 40.34 9.88
C ARG A 258 5.79 40.70 9.90
N PHE A 259 5.18 40.65 8.73
CA PHE A 259 3.77 40.99 8.58
C PHE A 259 2.83 39.91 9.09
N TYR A 260 3.30 38.66 9.01
CA TYR A 260 2.54 37.49 9.44
C TYR A 260 3.43 36.42 10.09
N ASP A 261 2.87 35.76 11.10
CA ASP A 261 3.24 34.40 11.50
C ASP A 261 1.99 33.73 12.13
N PRO A 262 2.00 32.39 12.30
CA PRO A 262 0.79 31.70 12.77
C PRO A 262 0.30 32.11 14.16
N GLY A 263 1.15 32.75 14.94
CA GLY A 263 0.74 33.19 16.26
C GLY A 263 0.51 34.69 16.40
N HIS A 264 0.74 35.45 15.33
CA HIS A 264 0.70 36.91 15.41
C HIS A 264 0.54 37.64 14.09
N LEU A 265 -0.40 38.58 14.06
CA LEU A 265 -0.58 39.49 12.92
C LEU A 265 -0.01 40.87 13.23
N LEU A 266 0.86 41.35 12.35
CA LEU A 266 1.32 42.73 12.44
C LEU A 266 0.14 43.64 12.14
N LEU A 267 -0.16 44.54 13.07
CA LEU A 267 -1.28 45.48 12.92
C LEU A 267 -0.91 46.68 12.02
N PRO A 268 -1.92 47.32 11.40
CA PRO A 268 -1.57 48.39 10.44
C PRO A 268 -0.88 49.60 11.09
N GLY A 269 -1.32 49.98 12.29
CA GLY A 269 -0.71 51.11 13.01
C GLY A 269 0.77 50.88 13.27
N MET A 270 1.11 49.65 13.65
CA MET A 270 2.50 49.26 13.86
C MET A 270 3.27 49.16 12.54
N LYS A 271 2.60 48.62 11.52
CA LYS A 271 3.17 48.52 10.18
C LYS A 271 3.58 49.90 9.66
N ASP A 272 2.72 50.90 9.88
CA ASP A 272 2.97 52.28 9.47
C ASP A 272 4.23 52.81 10.15
N PHE A 273 4.33 52.55 11.45
CA PHE A 273 5.45 53.01 12.26
C PHE A 273 6.77 52.31 11.88
N LEU A 274 6.71 50.99 11.68
CA LEU A 274 7.87 50.26 11.16
C LEU A 274 8.40 50.82 9.81
N LEU A 275 7.52 50.98 8.83
CA LEU A 275 7.92 51.43 7.48
C LEU A 275 8.43 52.87 7.44
N THR A 276 7.71 53.78 8.09
CA THR A 276 8.11 55.18 8.22
C THR A 276 9.52 55.27 8.82
N THR A 277 9.73 54.56 9.93
CA THR A 277 11.01 54.54 10.62
C THR A 277 12.13 53.97 9.74
N ALA A 278 11.86 52.82 9.10
CA ALA A 278 12.84 52.16 8.22
C ALA A 278 13.24 53.02 7.03
N GLU A 279 12.32 53.90 6.60
CA GLU A 279 12.55 54.79 5.48
C GLU A 279 13.42 55.97 5.92
N GLU A 280 12.99 56.67 6.98
CA GLU A 280 13.69 57.87 7.45
C GLU A 280 15.09 57.56 8.00
N ALA A 281 15.31 56.33 8.43
CA ALA A 281 16.61 55.94 9.00
C ALA A 281 17.57 55.31 8.00
N GLY A 282 17.11 55.08 6.77
CA GLY A 282 17.91 54.44 5.73
C GLY A 282 18.19 52.97 6.00
N ILE A 283 17.24 52.31 6.66
CA ILE A 283 17.40 50.91 7.04
C ILE A 283 17.14 49.99 5.84
N LYS A 284 18.03 49.03 5.62
CA LYS A 284 17.81 47.98 4.62
C LYS A 284 16.91 46.90 5.22
N TYR A 285 15.81 46.58 4.54
CA TYR A 285 14.84 45.62 5.05
C TYR A 285 14.21 44.72 3.97
N GLN A 286 13.57 43.64 4.42
CA GLN A 286 12.91 42.68 3.54
C GLN A 286 11.61 42.17 4.17
N TYR A 287 10.58 42.04 3.36
CA TYR A 287 9.31 41.50 3.83
C TYR A 287 9.47 40.03 4.17
N TYR A 288 8.86 39.61 5.27
CA TYR A 288 9.04 38.27 5.77
C TYR A 288 7.76 37.68 6.35
N CYS A 289 7.43 36.49 5.89
CA CYS A 289 6.25 35.78 6.34
C CYS A 289 6.72 34.64 7.21
N GLY A 290 6.49 34.76 8.52
CA GLY A 290 6.94 33.76 9.47
C GLY A 290 6.15 32.47 9.38
N LYS A 291 6.86 31.36 9.42
CA LYS A 291 6.22 30.06 9.47
C LYS A 291 6.16 29.57 10.92
N GLY A 292 6.94 30.20 11.79
CA GLY A 292 6.96 29.89 13.22
C GLY A 292 6.79 31.13 14.10
N GLY A 293 6.46 30.92 15.37
CA GLY A 293 6.14 32.01 16.29
C GLY A 293 7.33 32.72 16.91
N THR A 294 7.08 33.87 17.54
CA THR A 294 8.08 34.57 18.36
C THR A 294 7.43 35.03 19.67
N ASP A 295 8.22 35.62 20.56
CA ASP A 295 7.72 36.14 21.84
C ASP A 295 6.48 37.03 21.72
N ALA A 296 6.44 37.82 20.65
CA ALA A 296 5.29 38.66 20.32
C ALA A 296 3.94 37.93 20.33
N GLY A 297 3.95 36.65 19.92
CA GLY A 297 2.75 35.83 19.85
C GLY A 297 2.02 35.68 21.17
N ALA A 298 2.78 35.76 22.26
CA ALA A 298 2.22 35.65 23.62
C ALA A 298 2.08 37.01 24.28
N ALA A 299 3.07 37.86 24.04
CA ALA A 299 3.12 39.19 24.65
C ALA A 299 1.90 40.04 24.28
N HIS A 300 1.59 40.10 22.98
CA HIS A 300 0.51 40.95 22.49
C HIS A 300 -0.87 40.64 23.05
N LEU A 301 -1.03 39.43 23.59
CA LEU A 301 -2.28 38.99 24.18
C LEU A 301 -2.36 39.24 25.69
N LYS A 302 -1.33 39.83 26.28
CA LYS A 302 -1.34 40.00 27.73
C LYS A 302 -1.99 41.33 28.13
N ASN A 303 -2.51 41.37 29.35
CA ASN A 303 -3.19 42.55 29.88
C ASN A 303 -4.32 43.03 28.98
N GLY A 304 -4.42 44.34 28.78
CA GLY A 304 -5.46 44.93 27.93
C GLY A 304 -5.20 44.71 26.45
N GLY A 305 -4.00 44.24 26.11
CA GLY A 305 -3.61 44.02 24.73
C GLY A 305 -2.47 44.93 24.33
N VAL A 306 -1.46 44.38 23.65
CA VAL A 306 -0.23 45.10 23.41
C VAL A 306 0.24 44.95 21.98
N PRO A 307 0.08 46.01 21.15
CA PRO A 307 0.57 45.92 19.78
C PRO A 307 2.06 45.57 19.75
N SER A 308 2.45 44.70 18.82
CA SER A 308 3.80 44.13 18.84
C SER A 308 4.39 43.85 17.47
N THR A 309 5.69 43.54 17.48
CA THR A 309 6.39 42.81 16.43
C THR A 309 7.73 42.33 16.90
N THR A 310 8.50 41.81 15.95
CA THR A 310 9.80 41.26 16.22
C THR A 310 10.78 42.01 15.34
N ILE A 311 11.79 42.62 15.96
CA ILE A 311 12.85 43.27 15.21
C ILE A 311 13.84 42.18 14.81
N GLY A 312 13.72 41.77 13.56
CA GLY A 312 14.24 40.48 13.12
C GLY A 312 15.41 40.52 12.18
N VAL A 313 16.09 39.38 12.16
CA VAL A 313 17.19 39.11 11.27
C VAL A 313 16.94 37.67 10.86
N CYS A 314 17.24 37.30 9.62
CA CYS A 314 17.11 35.88 9.28
C CYS A 314 18.48 35.22 9.31
N ALA A 315 18.47 33.90 9.38
CA ALA A 315 19.69 33.10 9.51
C ALA A 315 19.43 31.74 8.93
N ARG A 316 20.47 31.08 8.41
CA ARG A 316 20.30 29.75 7.83
C ARG A 316 20.56 28.68 8.86
N TYR A 317 19.73 27.65 8.84
CA TYR A 317 19.88 26.45 9.67
C TYR A 317 19.77 26.78 11.16
N ILE A 318 18.74 27.56 11.49
CA ILE A 318 18.33 27.86 12.86
C ILE A 318 18.07 26.52 13.54
N HIS A 319 18.22 26.49 14.86
CA HIS A 319 17.97 25.26 15.66
C HIS A 319 18.92 24.10 15.31
N SER A 320 20.20 24.41 15.12
CA SER A 320 21.21 23.38 14.92
C SER A 320 22.53 23.81 15.54
N HIS A 321 23.58 23.04 15.29
CA HIS A 321 24.94 23.40 15.74
C HIS A 321 25.64 24.32 14.74
N GLN A 322 25.08 24.44 13.54
CA GLN A 322 25.71 25.17 12.45
C GLN A 322 24.77 26.17 11.80
N THR A 323 24.64 27.33 12.43
CA THR A 323 23.81 28.42 11.93
C THR A 323 24.72 29.42 11.22
N LEU A 324 24.33 29.83 10.00
CA LEU A 324 25.12 30.78 9.21
C LEU A 324 24.33 32.06 9.00
N TYR A 325 24.99 33.20 9.18
CA TYR A 325 24.31 34.50 9.19
C TYR A 325 25.24 35.68 8.93
N ALA A 326 24.66 36.80 8.53
CA ALA A 326 25.42 37.98 8.13
C ALA A 326 25.58 38.98 9.26
N MET A 327 26.77 39.55 9.38
CA MET A 327 27.00 40.60 10.37
C MET A 327 26.28 41.89 9.98
N ASP A 328 26.17 42.13 8.67
CA ASP A 328 25.51 43.31 8.14
C ASP A 328 24.06 43.40 8.60
N ASP A 329 23.39 42.25 8.57
CA ASP A 329 22.03 42.10 9.06
C ASP A 329 21.88 42.58 10.50
N PHE A 330 22.83 42.19 11.36
CA PHE A 330 22.82 42.65 12.74
C PHE A 330 22.88 44.18 12.80
N LEU A 331 23.87 44.76 12.10
CA LEU A 331 24.06 46.21 12.08
C LEU A 331 22.83 46.97 11.63
N GLU A 332 22.16 46.46 10.58
CA GLU A 332 20.91 47.05 10.07
C GLU A 332 19.78 46.95 11.10
N ALA A 333 19.59 45.76 11.65
CA ALA A 333 18.58 45.50 12.67
C ALA A 333 18.78 46.36 13.90
N GLN A 334 20.04 46.57 14.29
CA GLN A 334 20.38 47.35 15.46
C GLN A 334 20.05 48.83 15.23
N ALA A 335 20.46 49.33 14.07
CA ALA A 335 20.19 50.70 13.68
C ALA A 335 18.68 50.95 13.72
N PHE A 336 17.93 49.94 13.29
CA PHE A 336 16.49 50.00 13.21
C PHE A 336 15.90 50.00 14.62
N LEU A 337 16.42 49.15 15.48
CA LEU A 337 15.94 49.04 16.86
C LEU A 337 16.14 50.36 17.57
N GLN A 338 17.31 50.95 17.37
CA GLN A 338 17.66 52.24 17.96
C GLN A 338 16.67 53.32 17.51
N ALA A 339 16.58 53.51 16.20
CA ALA A 339 15.68 54.51 15.62
C ALA A 339 14.23 54.33 16.08
N LEU A 340 13.79 53.09 16.19
CA LEU A 340 12.43 52.78 16.63
C LEU A 340 12.14 53.23 18.06
N VAL A 341 13.04 52.90 18.99
CA VAL A 341 12.83 53.28 20.39
C VAL A 341 13.06 54.76 20.66
N LYS A 342 14.02 55.35 19.94
CA LYS A 342 14.27 56.79 19.99
C LYS A 342 13.05 57.55 19.46
N LYS A 343 12.29 56.89 18.60
CA LYS A 343 11.13 57.51 17.98
C LYS A 343 9.80 57.13 18.65
N LEU A 344 9.82 56.23 19.62
CA LEU A 344 8.61 55.88 20.36
C LEU A 344 8.31 56.84 21.51
N ASP A 345 7.20 57.55 21.39
CA ASP A 345 6.72 58.48 22.43
C ASP A 345 5.19 58.43 22.52
N ARG A 346 4.63 59.27 23.38
CA ARG A 346 3.19 59.33 23.61
C ARG A 346 2.41 59.44 22.30
N SER A 347 2.82 60.40 21.46
CA SER A 347 2.19 60.66 20.18
C SER A 347 2.20 59.45 19.25
N THR A 348 3.40 58.92 18.98
CA THR A 348 3.55 57.79 18.07
C THR A 348 2.84 56.51 18.55
N VAL A 349 2.90 56.21 19.85
CA VAL A 349 2.18 55.04 20.36
C VAL A 349 0.66 55.22 20.24
N ASP A 350 0.18 56.45 20.43
CA ASP A 350 -1.24 56.75 20.27
C ASP A 350 -1.67 56.63 18.80
N LEU A 351 -0.74 56.91 17.89
CA LEU A 351 -1.00 56.76 16.45
C LEU A 351 -1.07 55.27 16.11
N ILE A 352 -0.12 54.50 16.66
CA ILE A 352 -0.11 53.05 16.51
C ILE A 352 -1.43 52.47 17.01
N LYS A 353 -1.91 53.05 18.12
CA LYS A 353 -3.11 52.58 18.80
C LYS A 353 -4.36 53.40 18.43
N HIS A 354 -4.35 54.04 17.27
CA HIS A 354 -5.47 54.87 16.83
C HIS A 354 -6.61 54.02 16.32
N TYR A 355 -7.63 53.85 17.15
CA TYR A 355 -8.77 53.03 16.77
C TYR A 355 -10.04 53.87 16.65
N THR B 4 -8.49 2.88 57.69
CA THR B 4 -8.64 4.37 57.79
C THR B 4 -8.12 5.12 56.57
N LEU B 5 -6.90 4.83 56.13
CA LEU B 5 -6.41 5.41 54.88
C LEU B 5 -7.29 4.93 53.73
N PHE B 6 -7.63 3.63 53.72
CA PHE B 6 -8.48 3.06 52.69
C PHE B 6 -9.88 3.67 52.70
N SER B 7 -10.41 3.92 53.90
CA SER B 7 -11.73 4.54 54.05
C SER B 7 -11.77 5.93 53.45
N LYS B 8 -10.74 6.71 53.74
CA LYS B 8 -10.63 8.07 53.23
C LYS B 8 -10.57 8.06 51.70
N ILE B 9 -9.85 7.08 51.15
CA ILE B 9 -9.67 6.93 49.72
C ILE B 9 -10.97 6.46 49.06
N LYS B 10 -11.59 5.43 49.63
CA LYS B 10 -12.88 4.93 49.18
C LYS B 10 -13.92 6.06 49.02
N GLU B 11 -13.97 6.96 50.00
CA GLU B 11 -14.88 8.09 49.99
C GLU B 11 -14.66 9.04 48.80
N VAL B 12 -13.43 9.54 48.66
CA VAL B 12 -13.11 10.55 47.63
C VAL B 12 -13.19 10.05 46.19
N THR B 13 -12.80 8.79 45.97
CA THR B 13 -12.78 8.22 44.62
C THR B 13 -14.15 7.75 44.16
N GLU B 14 -15.11 7.62 45.07
CA GLU B 14 -16.47 7.20 44.71
C GLU B 14 -17.42 8.37 44.49
N LEU B 15 -16.96 9.57 44.85
CA LEU B 15 -17.65 10.81 44.52
C LEU B 15 -17.71 10.99 42.99
N ALA B 16 -18.76 11.67 42.52
CA ALA B 16 -18.96 11.84 41.08
C ALA B 16 -18.89 13.31 40.63
N ALA B 17 -17.82 13.64 39.89
CA ALA B 17 -17.58 15.00 39.43
C ALA B 17 -16.70 15.00 38.18
N VAL B 18 -17.37 15.07 37.03
CA VAL B 18 -16.70 15.22 35.75
C VAL B 18 -16.43 16.71 35.59
N SER B 19 -15.41 17.06 34.79
CA SER B 19 -15.05 18.47 34.57
C SER B 19 -16.24 19.38 34.35
N GLY B 20 -16.23 20.52 35.05
CA GLY B 20 -17.30 21.52 34.93
C GLY B 20 -18.46 21.26 35.87
N HIS B 21 -18.44 20.12 36.54
CA HIS B 21 -19.54 19.68 37.40
C HIS B 21 -19.01 19.10 38.72
N GLU B 22 -18.11 19.86 39.34
CA GLU B 22 -17.42 19.40 40.55
C GLU B 22 -17.98 19.84 41.90
N ALA B 23 -19.24 20.30 41.92
CA ALA B 23 -19.96 20.60 43.17
C ALA B 23 -19.85 19.54 44.28
N PRO B 24 -20.03 18.24 43.94
CA PRO B 24 -20.01 17.23 45.02
C PRO B 24 -18.66 17.09 45.71
N VAL B 25 -17.57 17.32 44.97
CA VAL B 25 -16.21 17.24 45.51
C VAL B 25 -15.85 18.56 46.20
N ARG B 26 -16.37 19.67 45.69
CA ARG B 26 -16.23 20.95 46.38
C ARG B 26 -16.92 20.89 47.75
N ALA B 27 -18.08 20.24 47.78
CA ALA B 27 -18.80 20.02 49.03
C ALA B 27 -17.98 19.23 50.05
N TYR B 28 -17.33 18.17 49.60
CA TYR B 28 -16.46 17.37 50.45
C TYR B 28 -15.28 18.20 50.95
N LEU B 29 -14.68 18.99 50.06
CA LEU B 29 -13.54 19.82 50.43
C LEU B 29 -13.89 20.98 51.35
N ARG B 30 -15.04 21.60 51.13
CA ARG B 30 -15.47 22.70 52.01
C ARG B 30 -15.56 22.20 53.45
N GLU B 31 -16.22 21.06 53.61
CA GLU B 31 -16.47 20.47 54.91
C GLU B 31 -15.19 20.06 55.66
N LYS B 32 -14.10 19.82 54.92
CA LYS B 32 -12.82 19.38 55.54
C LYS B 32 -11.80 20.50 55.64
N LEU B 33 -11.90 21.48 54.75
CA LEU B 33 -11.05 22.66 54.82
C LEU B 33 -11.47 23.63 55.94
N THR B 34 -12.78 23.93 56.02
CA THR B 34 -13.28 25.02 56.89
C THR B 34 -12.79 25.00 58.35
N PRO B 35 -12.78 23.82 59.00
CA PRO B 35 -12.35 23.80 60.41
C PRO B 35 -10.86 24.06 60.64
N HIS B 36 -10.03 23.93 59.62
CA HIS B 36 -8.58 24.00 59.78
C HIS B 36 -7.95 25.20 59.06
N VAL B 37 -8.77 26.21 58.80
CA VAL B 37 -8.39 27.32 57.94
C VAL B 37 -9.09 28.64 58.31
N ASP B 38 -8.43 29.78 58.08
CA ASP B 38 -8.97 31.08 58.46
C ASP B 38 -10.13 31.55 57.59
N GLU B 39 -10.04 31.31 56.28
CA GLU B 39 -11.05 31.76 55.34
C GLU B 39 -11.17 30.75 54.20
N VAL B 40 -12.39 30.62 53.66
CA VAL B 40 -12.63 29.77 52.49
C VAL B 40 -13.16 30.62 51.33
N VAL B 41 -12.39 30.63 50.25
CA VAL B 41 -12.72 31.47 49.08
C VAL B 41 -12.83 30.65 47.78
N THR B 42 -13.36 31.30 46.75
CA THR B 42 -13.72 30.58 45.56
C THR B 42 -13.32 31.39 44.30
N ASP B 43 -12.85 30.72 43.27
CA ASP B 43 -12.53 31.43 42.03
C ASP B 43 -13.78 31.59 41.16
N GLY B 44 -13.60 32.17 39.97
CA GLY B 44 -14.74 32.42 39.08
C GLY B 44 -15.41 31.16 38.57
N LEU B 45 -14.64 30.06 38.49
CA LEU B 45 -15.09 28.86 37.83
C LEU B 45 -15.44 27.71 38.78
N GLY B 46 -15.28 27.92 40.07
CA GLY B 46 -15.72 26.94 41.06
C GLY B 46 -14.70 26.19 41.89
N GLY B 47 -13.41 26.53 41.75
CA GLY B 47 -12.39 25.96 42.64
C GLY B 47 -12.49 26.52 44.05
N ILE B 48 -12.27 25.67 45.06
CA ILE B 48 -12.27 26.10 46.48
C ILE B 48 -10.86 26.11 47.00
N PHE B 49 -10.58 27.10 47.84
CA PHE B 49 -9.28 27.22 48.48
C PHE B 49 -9.46 27.72 49.89
N GLY B 50 -8.65 27.15 50.80
CA GLY B 50 -8.61 27.61 52.17
C GLY B 50 -7.43 28.54 52.33
N ILE B 51 -7.67 29.68 52.98
CA ILE B 51 -6.59 30.61 53.31
C ILE B 51 -6.18 30.45 54.77
N LYS B 52 -4.88 30.41 54.98
CA LYS B 52 -4.27 30.23 56.28
C LYS B 52 -3.27 31.36 56.46
N HIS B 53 -3.67 32.38 57.22
CA HIS B 53 -2.85 33.59 57.42
C HIS B 53 -1.57 33.29 58.20
N SER B 54 -0.53 34.06 57.93
CA SER B 54 0.76 33.90 58.59
C SER B 54 1.01 35.10 59.48
N GLU B 55 1.70 34.87 60.60
CA GLU B 55 2.10 35.97 61.49
C GLU B 55 3.38 36.64 60.99
N ALA B 56 4.11 35.98 60.09
CA ALA B 56 5.36 36.48 59.55
C ALA B 56 5.19 37.79 58.77
N VAL B 57 6.22 38.62 58.79
CA VAL B 57 6.19 39.95 58.16
C VAL B 57 5.99 39.88 56.64
N ASP B 58 7.07 39.60 55.91
CA ASP B 58 7.05 39.65 54.45
C ASP B 58 6.61 38.30 53.90
N ALA B 59 5.50 37.79 54.44
CA ALA B 59 5.11 36.38 54.25
C ALA B 59 4.65 36.10 52.82
N PRO B 60 5.46 35.33 52.08
CA PRO B 60 5.19 35.01 50.67
C PRO B 60 3.95 34.14 50.49
N ARG B 61 3.10 34.48 49.52
CA ARG B 61 1.93 33.67 49.23
C ARG B 61 2.35 32.37 48.55
N VAL B 62 1.77 31.27 49.00
CA VAL B 62 2.02 29.94 48.43
C VAL B 62 0.70 29.25 48.08
N LEU B 63 0.56 28.88 46.82
CA LEU B 63 -0.62 28.16 46.39
C LEU B 63 -0.33 26.66 46.23
N VAL B 64 -1.20 25.87 46.85
CA VAL B 64 -1.17 24.42 46.75
C VAL B 64 -2.52 23.99 46.21
N ALA B 65 -2.52 23.33 45.05
CA ALA B 65 -3.78 22.93 44.44
C ALA B 65 -3.71 21.56 43.79
N SER B 66 -4.73 20.76 44.06
CA SER B 66 -5.02 19.58 43.25
C SER B 66 -6.12 19.96 42.26
N HIS B 67 -6.87 18.98 41.78
CA HIS B 67 -8.09 19.26 41.01
C HIS B 67 -9.21 18.28 41.33
N MET B 68 -10.44 18.74 41.17
CA MET B 68 -11.59 18.01 41.67
C MET B 68 -12.23 17.12 40.61
N ASP B 69 -11.99 17.43 39.35
CA ASP B 69 -12.65 16.73 38.26
C ASP B 69 -11.95 15.44 37.90
N GLU B 70 -12.71 14.54 37.28
CA GLU B 70 -12.21 13.26 36.80
C GLU B 70 -12.65 13.10 35.35
N VAL B 71 -12.03 12.18 34.64
CA VAL B 71 -12.44 11.89 33.26
C VAL B 71 -13.84 11.31 33.22
N GLY B 72 -14.48 11.41 32.07
CA GLY B 72 -15.84 10.92 31.89
C GLY B 72 -16.35 11.23 30.51
N PHE B 73 -17.68 11.29 30.38
CA PHE B 73 -18.31 11.54 29.10
C PHE B 73 -19.48 12.50 29.25
N MET B 74 -19.96 13.02 28.12
CA MET B 74 -21.10 13.92 28.09
C MET B 74 -22.01 13.55 26.95
N VAL B 75 -23.31 13.53 27.21
CA VAL B 75 -24.31 13.25 26.17
C VAL B 75 -24.25 14.33 25.12
N SER B 76 -24.01 13.95 23.87
CA SER B 76 -23.98 14.93 22.78
C SER B 76 -25.29 14.96 22.01
N GLU B 77 -25.99 13.83 21.99
CA GLU B 77 -27.35 13.75 21.43
C GLU B 77 -28.08 12.50 21.96
N ILE B 78 -29.40 12.57 22.00
CA ILE B 78 -30.22 11.38 22.26
C ILE B 78 -30.72 10.92 20.91
N LYS B 79 -30.48 9.65 20.57
CA LYS B 79 -30.95 9.06 19.31
C LYS B 79 -32.44 8.68 19.40
N PRO B 80 -33.13 8.53 18.24
CA PRO B 80 -34.56 8.20 18.35
C PRO B 80 -34.79 6.90 19.13
N ASP B 81 -33.84 5.96 19.03
CA ASP B 81 -33.96 4.67 19.69
C ASP B 81 -33.63 4.71 21.19
N GLY B 82 -33.38 5.91 21.71
CA GLY B 82 -33.23 6.13 23.14
C GLY B 82 -31.85 5.85 23.69
N THR B 83 -30.91 5.61 22.79
CA THR B 83 -29.51 5.52 23.17
C THR B 83 -28.89 6.90 23.07
N PHE B 84 -27.64 6.97 23.51
CA PHE B 84 -26.91 8.22 23.52
C PHE B 84 -25.63 8.06 22.70
N ARG B 85 -25.20 9.16 22.11
CA ARG B 85 -23.83 9.27 21.61
C ARG B 85 -23.18 10.37 22.45
N VAL B 86 -21.89 10.22 22.68
CA VAL B 86 -21.20 11.07 23.64
C VAL B 86 -20.01 11.80 23.06
N VAL B 87 -19.52 12.73 23.86
CA VAL B 87 -18.30 13.48 23.60
C VAL B 87 -17.49 13.21 24.86
N GLU B 88 -16.19 13.02 24.74
CA GLU B 88 -15.37 12.72 25.92
C GLU B 88 -15.02 13.98 26.73
N ILE B 89 -15.04 13.84 28.06
CA ILE B 89 -14.58 14.90 28.93
C ILE B 89 -13.30 14.48 29.61
N GLY B 90 -12.19 14.98 29.06
CA GLY B 90 -10.86 14.50 29.41
C GLY B 90 -10.48 13.48 28.34
N GLY B 91 -9.21 13.07 28.33
CA GLY B 91 -8.70 12.17 27.32
C GLY B 91 -8.81 10.70 27.65
N TRP B 92 -9.50 9.94 26.80
CA TRP B 92 -9.67 8.50 26.97
C TRP B 92 -9.05 7.72 25.83
N ASN B 93 -8.33 6.65 26.19
CA ASN B 93 -7.95 5.62 25.24
C ASN B 93 -9.23 4.94 24.74
N PRO B 94 -9.48 4.95 23.43
CA PRO B 94 -10.74 4.37 22.95
C PRO B 94 -10.83 2.85 23.17
N MET B 95 -9.71 2.24 23.57
CA MET B 95 -9.66 0.81 23.85
C MET B 95 -10.25 0.42 25.22
N VAL B 96 -10.38 1.40 26.11
CA VAL B 96 -10.87 1.11 27.46
C VAL B 96 -12.35 1.47 27.62
N VAL B 97 -12.92 2.12 26.62
CA VAL B 97 -14.24 2.73 26.72
C VAL B 97 -15.41 1.76 26.57
N SER B 98 -15.22 0.70 25.78
CA SER B 98 -16.32 -0.22 25.49
C SER B 98 -16.68 -1.07 26.69
N SER B 99 -17.97 -1.42 26.79
CA SER B 99 -18.49 -2.28 27.86
C SER B 99 -18.11 -1.82 29.28
N GLN B 100 -18.55 -0.62 29.63
CA GLN B 100 -18.22 -0.02 30.92
C GLN B 100 -19.47 0.56 31.58
N ARG B 101 -19.51 0.52 32.91
CA ARG B 101 -20.62 1.10 33.67
C ARG B 101 -20.37 2.56 34.01
N PHE B 102 -21.46 3.31 33.97
CA PHE B 102 -21.45 4.74 34.23
C PHE B 102 -22.71 5.13 35.00
N LYS B 103 -22.69 6.33 35.56
CA LYS B 103 -23.90 6.97 36.06
C LYS B 103 -24.11 8.26 35.30
N LEU B 104 -25.26 8.39 34.65
CA LEU B 104 -25.64 9.64 34.00
C LEU B 104 -26.29 10.54 35.04
N LEU B 105 -25.88 11.81 35.05
CA LEU B 105 -26.38 12.78 36.02
C LEU B 105 -27.31 13.81 35.40
N THR B 106 -28.58 13.70 35.78
CA THR B 106 -29.64 14.55 35.26
C THR B 106 -29.70 15.89 35.99
N ARG B 107 -30.19 16.92 35.31
CA ARG B 107 -30.24 18.27 35.88
C ARG B 107 -31.15 18.32 37.11
N ASP B 108 -32.33 17.69 37.01
CA ASP B 108 -33.23 17.58 38.16
C ASP B 108 -32.76 16.54 39.20
N GLY B 109 -31.56 16.00 39.00
CA GLY B 109 -30.89 15.18 40.01
C GLY B 109 -31.25 13.71 40.08
N HIS B 110 -31.57 13.12 38.93
CA HIS B 110 -31.67 11.67 38.80
C HIS B 110 -30.26 11.14 38.56
N GLU B 111 -29.97 9.94 39.06
CA GLU B 111 -28.73 9.24 38.75
C GLU B 111 -29.06 7.96 37.99
N ILE B 112 -29.12 8.05 36.67
CA ILE B 112 -29.55 6.90 35.88
C ILE B 112 -28.37 6.04 35.40
N PRO B 113 -28.49 4.71 35.55
CA PRO B 113 -27.49 3.73 35.09
C PRO B 113 -27.34 3.68 33.57
N VAL B 114 -26.13 3.97 33.09
CA VAL B 114 -25.81 3.92 31.66
C VAL B 114 -24.57 3.06 31.45
N ILE B 115 -24.61 2.22 30.42
CA ILE B 115 -23.42 1.47 29.98
C ILE B 115 -23.03 1.79 28.55
N SER B 116 -21.75 1.60 28.23
CA SER B 116 -21.29 1.69 26.85
C SER B 116 -21.34 0.32 26.22
N GLY B 117 -21.65 0.26 24.93
CA GLY B 117 -21.68 -1.00 24.21
C GLY B 117 -20.29 -1.46 23.79
N PRO B 133 -11.96 2.33 16.26
CA PRO B 133 -13.33 2.76 16.61
C PRO B 133 -13.37 4.13 17.30
N ALA B 134 -14.22 5.04 16.80
CA ALA B 134 -14.30 6.40 17.34
C ALA B 134 -15.34 6.49 18.44
N ILE B 135 -15.02 7.30 19.44
CA ILE B 135 -15.87 7.49 20.63
C ILE B 135 -17.28 7.99 20.30
N ALA B 136 -17.39 8.83 19.26
CA ALA B 136 -18.68 9.39 18.84
C ALA B 136 -19.62 8.35 18.23
N ASP B 137 -19.07 7.17 17.90
CA ASP B 137 -19.86 6.06 17.34
C ASP B 137 -20.19 4.99 18.38
N ILE B 138 -19.50 5.03 19.51
CA ILE B 138 -19.79 4.08 20.59
C ILE B 138 -21.20 4.34 21.14
N VAL B 139 -21.99 3.28 21.17
CA VAL B 139 -23.34 3.34 21.70
C VAL B 139 -23.31 3.43 23.23
N PHE B 140 -24.00 4.43 23.78
CA PHE B 140 -24.23 4.49 25.21
C PHE B 140 -25.70 4.20 25.52
N ASP B 141 -25.94 3.33 26.49
CA ASP B 141 -27.22 2.64 26.63
C ASP B 141 -27.75 2.69 28.06
N GLY B 142 -28.95 3.24 28.22
CA GLY B 142 -29.60 3.33 29.52
C GLY B 142 -30.84 2.46 29.62
N GLY B 143 -31.04 1.60 28.62
CA GLY B 143 -32.17 0.67 28.58
C GLY B 143 -33.53 1.32 28.36
N PHE B 144 -33.55 2.40 27.57
CA PHE B 144 -34.82 3.07 27.26
C PHE B 144 -35.35 2.57 25.93
N ALA B 145 -36.67 2.71 25.75
CA ALA B 145 -37.33 2.24 24.54
C ALA B 145 -37.13 3.19 23.34
N ASP B 146 -37.06 4.49 23.63
CA ASP B 146 -36.89 5.54 22.60
C ASP B 146 -36.52 6.90 23.19
N LYS B 147 -36.27 7.87 22.31
CA LYS B 147 -35.89 9.24 22.71
C LYS B 147 -36.81 9.88 23.74
N ALA B 148 -38.12 9.69 23.55
CA ALA B 148 -39.11 10.26 24.47
C ALA B 148 -38.98 9.71 25.90
N GLU B 149 -38.74 8.40 26.03
CA GLU B 149 -38.62 7.79 27.34
C GLU B 149 -37.38 8.29 28.09
N ALA B 150 -36.26 8.43 27.38
CA ALA B 150 -35.04 8.94 27.98
C ALA B 150 -35.24 10.38 28.46
N GLU B 151 -35.92 11.18 27.64
CA GLU B 151 -36.23 12.56 27.97
C GLU B 151 -37.20 12.64 29.15
N SER B 152 -38.02 11.60 29.31
CA SER B 152 -38.99 11.56 30.40
C SER B 152 -38.30 11.28 31.72
N PHE B 153 -37.06 10.82 31.66
CA PHE B 153 -36.26 10.62 32.86
C PHE B 153 -35.31 11.83 33.11
N GLY B 154 -35.72 13.00 32.60
CA GLY B 154 -34.95 14.24 32.79
C GLY B 154 -33.62 14.31 32.04
N ILE B 155 -33.38 13.36 31.14
CA ILE B 155 -32.14 13.31 30.40
C ILE B 155 -32.17 14.33 29.26
N ARG B 156 -31.08 15.06 29.09
CA ARG B 156 -30.95 16.06 28.05
C ARG B 156 -29.52 16.03 27.50
N PRO B 157 -29.32 16.49 26.25
CA PRO B 157 -27.94 16.67 25.77
C PRO B 157 -27.16 17.60 26.69
N GLY B 158 -25.95 17.19 27.07
CA GLY B 158 -25.13 17.97 28.00
C GLY B 158 -24.97 17.30 29.35
N ASP B 159 -25.89 16.42 29.71
CA ASP B 159 -25.79 15.65 30.93
C ASP B 159 -24.44 14.91 30.99
N THR B 160 -23.80 14.92 32.16
CA THR B 160 -22.49 14.29 32.30
C THR B 160 -22.61 12.81 32.64
N ILE B 161 -21.62 12.04 32.22
CA ILE B 161 -21.62 10.61 32.43
C ILE B 161 -20.35 10.24 33.18
N VAL B 162 -20.51 9.81 34.43
CA VAL B 162 -19.39 9.52 35.31
C VAL B 162 -19.20 8.01 35.44
N PRO B 163 -17.94 7.53 35.27
CA PRO B 163 -17.62 6.11 35.46
C PRO B 163 -18.22 5.55 36.77
N ASP B 164 -18.62 4.27 36.74
CA ASP B 164 -19.15 3.57 37.92
C ASP B 164 -18.20 2.47 38.38
N SER B 165 -17.51 2.72 39.49
CA SER B 165 -16.43 1.86 39.91
C SER B 165 -16.16 2.04 41.41
N SER B 166 -16.31 0.97 42.19
CA SER B 166 -16.02 1.02 43.62
C SER B 166 -14.52 0.92 43.92
N ALA B 167 -14.14 1.26 45.16
CA ALA B 167 -12.74 1.16 45.59
C ALA B 167 -12.51 -0.12 46.41
N ILE B 168 -11.49 -0.88 46.03
CA ILE B 168 -11.19 -2.16 46.69
C ILE B 168 -9.69 -2.37 46.93
N LEU B 169 -9.37 -2.95 48.09
CA LEU B 169 -8.02 -3.41 48.42
C LEU B 169 -7.59 -4.60 47.54
N THR B 170 -6.33 -4.58 47.10
CA THR B 170 -5.76 -5.75 46.42
C THR B 170 -5.48 -6.87 47.43
N ALA B 171 -5.15 -8.05 46.92
CA ALA B 171 -4.95 -9.22 47.77
C ALA B 171 -3.99 -8.96 48.94
N ASN B 172 -2.86 -8.31 48.67
CA ASN B 172 -1.87 -8.05 49.72
C ASN B 172 -2.19 -6.85 50.61
N GLU B 173 -3.26 -6.14 50.26
CA GLU B 173 -3.79 -5.02 51.04
C GLU B 173 -2.84 -3.84 51.10
N LYS B 174 -1.86 -3.82 50.18
CA LYS B 174 -0.91 -2.72 50.07
C LYS B 174 -1.30 -1.75 48.96
N ASN B 175 -2.16 -2.22 48.06
CA ASN B 175 -2.59 -1.42 46.92
C ASN B 175 -4.11 -1.31 46.85
N ILE B 176 -4.58 -0.34 46.07
CA ILE B 176 -6.02 -0.11 45.89
C ILE B 176 -6.36 -0.12 44.40
N ILE B 177 -7.52 -0.68 44.07
CA ILE B 177 -8.13 -0.52 42.76
C ILE B 177 -9.36 0.37 42.91
N SER B 178 -9.38 1.46 42.13
CA SER B 178 -10.55 2.35 42.04
C SER B 178 -10.51 3.17 40.77
N LYS B 179 -11.56 3.95 40.54
CA LYS B 179 -11.52 4.99 39.52
C LYS B 179 -10.97 6.26 40.15
N ALA B 180 -10.62 7.23 39.32
CA ALA B 180 -10.37 8.62 39.72
C ALA B 180 -9.31 8.83 40.81
N TRP B 181 -8.29 7.99 40.84
CA TRP B 181 -7.14 8.32 41.68
C TRP B 181 -6.42 9.55 41.11
N ASP B 182 -6.53 9.70 39.80
CA ASP B 182 -6.36 10.98 39.16
C ASP B 182 -7.76 11.63 39.06
N ASN B 183 -8.07 12.61 39.92
CA ASN B 183 -7.15 13.13 40.92
C ASN B 183 -7.78 13.26 42.30
N ARG B 184 -8.35 12.16 42.80
CA ARG B 184 -8.88 12.21 44.16
C ARG B 184 -7.73 12.02 45.14
N TYR B 185 -6.60 11.54 44.62
CA TYR B 185 -5.32 11.59 45.31
C TYR B 185 -5.04 13.00 45.85
N GLY B 186 -5.17 13.99 44.97
CA GLY B 186 -4.85 15.36 45.33
C GLY B 186 -5.91 15.95 46.23
N VAL B 187 -7.15 15.52 46.04
CA VAL B 187 -8.24 16.01 46.86
C VAL B 187 -8.02 15.59 48.31
N LEU B 188 -7.68 14.31 48.50
CA LEU B 188 -7.40 13.78 49.83
C LEU B 188 -6.11 14.42 50.36
N MET B 189 -5.11 14.50 49.50
CA MET B 189 -3.81 15.05 49.86
C MET B 189 -3.95 16.46 50.47
N VAL B 190 -4.77 17.30 49.86
CA VAL B 190 -5.04 18.66 50.32
C VAL B 190 -5.78 18.68 51.66
N SER B 191 -6.75 17.77 51.80
CA SER B 191 -7.53 17.63 53.02
C SER B 191 -6.66 17.16 54.20
N GLU B 192 -5.77 16.19 53.95
CA GLU B 192 -4.83 15.71 54.96
C GLU B 192 -3.79 16.77 55.33
N LEU B 193 -3.42 17.60 54.35
CA LEU B 193 -2.53 18.73 54.59
C LEU B 193 -3.17 19.74 55.53
N ALA B 194 -4.47 20.00 55.36
CA ALA B 194 -5.14 21.02 56.17
C ALA B 194 -5.18 20.62 57.63
N GLU B 195 -5.54 19.37 57.89
CA GLU B 195 -5.64 18.82 59.24
C GLU B 195 -4.27 18.79 59.93
N ALA B 196 -3.28 18.21 59.28
CA ALA B 196 -1.94 18.05 59.86
C ALA B 196 -1.26 19.40 60.14
N LEU B 197 -1.71 20.44 59.46
CA LEU B 197 -1.14 21.77 59.64
C LEU B 197 -1.94 22.66 60.58
N SER B 198 -3.08 22.15 61.04
CA SER B 198 -3.99 22.92 61.89
C SER B 198 -3.29 23.54 63.10
N GLY B 199 -2.37 22.79 63.71
CA GLY B 199 -1.60 23.29 64.85
C GLY B 199 -0.23 23.89 64.54
N GLN B 200 0.04 24.11 63.25
CA GLN B 200 1.33 24.61 62.80
C GLN B 200 1.22 26.06 62.39
N LYS B 201 2.27 26.84 62.65
CA LYS B 201 2.36 28.19 62.14
C LYS B 201 3.43 28.27 61.05
N LEU B 202 3.08 28.95 59.95
CA LEU B 202 3.89 28.92 58.73
C LEU B 202 4.49 30.28 58.38
N GLY B 203 5.68 30.24 57.78
CA GLY B 203 6.35 31.44 57.30
C GLY B 203 5.84 31.90 55.94
N ASN B 204 4.81 31.20 55.44
CA ASN B 204 4.16 31.56 54.18
C ASN B 204 2.66 31.76 54.35
N GLU B 205 2.08 32.59 53.49
CA GLU B 205 0.64 32.81 53.45
C GLU B 205 0.09 31.72 52.55
N LEU B 206 -0.52 30.70 53.15
CA LEU B 206 -0.90 29.50 52.43
C LEU B 206 -2.32 29.54 51.87
N TYR B 207 -2.43 29.25 50.57
CA TYR B 207 -3.72 29.04 49.93
C TYR B 207 -3.76 27.58 49.55
N LEU B 208 -4.78 26.89 50.02
CA LEU B 208 -4.79 25.44 50.03
C LEU B 208 -6.13 24.91 49.54
N GLY B 209 -6.12 24.24 48.40
CA GLY B 209 -7.37 23.71 47.84
C GLY B 209 -7.24 22.87 46.59
N SER B 210 -8.24 23.00 45.72
CA SER B 210 -8.33 22.17 44.54
C SER B 210 -8.99 22.90 43.38
N ASN B 211 -8.41 22.73 42.20
CA ASN B 211 -8.86 23.42 40.99
C ASN B 211 -10.05 22.79 40.32
N VAL B 212 -10.69 23.58 39.47
CA VAL B 212 -11.78 23.11 38.64
C VAL B 212 -11.22 22.79 37.24
N GLN B 213 -11.82 21.82 36.55
CA GLN B 213 -11.61 21.61 35.11
C GLN B 213 -10.15 21.44 34.64
N GLU B 214 -9.37 20.63 35.35
CA GLU B 214 -7.99 20.33 34.91
C GLU B 214 -7.99 19.43 33.69
N GLU B 215 -8.94 18.51 33.65
CA GLU B 215 -8.96 17.42 32.67
C GLU B 215 -9.17 17.85 31.23
N VAL B 216 -9.59 19.10 31.03
CA VAL B 216 -9.94 19.60 29.69
C VAL B 216 -9.01 20.72 29.19
N GLY B 217 -7.89 20.93 29.88
CA GLY B 217 -6.92 21.93 29.46
C GLY B 217 -6.39 22.79 30.59
N LEU B 218 -6.41 22.25 31.82
CA LEU B 218 -5.85 22.91 33.01
C LEU B 218 -6.54 24.25 33.27
N ARG B 219 -7.85 24.29 33.09
CA ARG B 219 -8.57 25.55 32.92
C ARG B 219 -8.68 26.39 34.20
N GLY B 220 -8.99 25.73 35.33
CA GLY B 220 -9.05 26.39 36.64
C GLY B 220 -7.70 26.88 37.14
N ALA B 221 -6.64 26.15 36.77
CA ALA B 221 -5.26 26.55 37.08
C ALA B 221 -4.92 27.97 36.60
N HIS B 222 -5.48 28.38 35.46
CA HIS B 222 -5.31 29.74 34.93
C HIS B 222 -5.97 30.75 35.88
N THR B 223 -7.09 30.37 36.48
CA THR B 223 -7.98 31.33 37.13
C THR B 223 -7.74 31.46 38.62
N SER B 224 -7.48 30.35 39.29
CA SER B 224 -7.11 30.41 40.70
C SER B 224 -5.79 31.13 40.88
N THR B 225 -4.80 30.77 40.08
CA THR B 225 -3.46 31.36 40.17
C THR B 225 -3.49 32.87 39.94
N THR B 226 -4.15 33.30 38.87
CA THR B 226 -4.29 34.73 38.60
C THR B 226 -4.99 35.48 39.75
N LYS B 227 -6.08 34.90 40.27
CA LYS B 227 -6.85 35.52 41.36
C LYS B 227 -6.08 35.61 42.68
N PHE B 228 -5.32 34.55 42.99
CA PHE B 228 -4.67 34.44 44.29
C PHE B 228 -3.22 34.87 44.36
N ASP B 229 -2.62 35.13 43.19
CA ASP B 229 -1.31 35.77 43.08
C ASP B 229 -0.23 35.16 44.00
N PRO B 230 -0.01 33.84 43.89
CA PRO B 230 1.07 33.21 44.66
C PRO B 230 2.45 33.53 44.09
N GLU B 231 3.47 33.52 44.96
CA GLU B 231 4.86 33.65 44.54
C GLU B 231 5.39 32.28 44.11
N VAL B 232 4.76 31.23 44.63
CA VAL B 232 5.18 29.85 44.39
C VAL B 232 3.95 28.95 44.34
N PHE B 233 3.96 27.97 43.43
CA PHE B 233 2.84 27.07 43.24
C PHE B 233 3.27 25.61 43.28
N LEU B 234 2.55 24.82 44.08
CA LEU B 234 2.75 23.39 44.15
C LEU B 234 1.46 22.68 43.73
N ALA B 235 1.49 22.07 42.55
CA ALA B 235 0.36 21.26 42.10
C ALA B 235 0.44 19.91 42.79
N VAL B 236 -0.72 19.29 43.03
CA VAL B 236 -0.74 17.96 43.59
C VAL B 236 -1.61 17.10 42.69
N ASP B 237 -0.98 16.12 42.05
CA ASP B 237 -1.65 15.37 41.00
C ASP B 237 -0.89 14.07 40.73
N CYS B 238 -1.60 13.06 40.24
CA CYS B 238 -0.95 11.79 39.97
C CYS B 238 -0.82 11.54 38.47
N SER B 239 0.20 10.76 38.09
CA SER B 239 0.55 10.55 36.69
C SER B 239 0.62 9.08 36.34
N PRO B 240 0.68 8.74 35.03
CA PRO B 240 0.78 7.32 34.65
C PRO B 240 2.02 6.61 35.20
N ALA B 241 1.80 5.43 35.78
CA ALA B 241 2.88 4.50 36.07
C ALA B 241 3.17 3.67 34.83
N GLY B 242 4.43 3.67 34.42
CA GLY B 242 4.86 2.87 33.28
C GLY B 242 5.45 1.52 33.66
N ASP B 243 5.73 1.28 34.95
CA ASP B 243 6.47 0.10 35.39
C ASP B 243 6.09 -1.18 34.63
N VAL B 244 4.79 -1.42 34.59
CA VAL B 244 4.21 -2.66 34.11
C VAL B 244 4.37 -2.79 32.60
N TYR B 245 4.59 -1.66 31.93
CA TYR B 245 4.77 -1.60 30.48
C TYR B 245 6.23 -1.36 30.10
N GLY B 246 7.13 -1.55 31.07
CA GLY B 246 8.55 -1.32 30.86
C GLY B 246 8.94 0.14 30.70
N GLY B 247 8.00 1.04 30.97
CA GLY B 247 8.26 2.49 30.99
C GLY B 247 8.67 2.95 32.37
N GLN B 248 8.72 4.26 32.57
CA GLN B 248 9.14 4.78 33.87
C GLN B 248 7.95 5.25 34.69
N GLY B 249 8.13 5.24 36.01
CA GLY B 249 7.05 5.48 36.97
C GLY B 249 6.65 4.16 37.58
N LYS B 250 7.17 3.90 38.78
CA LYS B 250 7.02 2.60 39.43
C LYS B 250 6.25 2.69 40.76
N ILE B 251 5.08 2.06 40.80
CA ILE B 251 4.24 1.89 41.98
C ILE B 251 5.04 1.43 43.20
N GLY B 252 5.00 2.22 44.28
CA GLY B 252 5.71 1.87 45.50
C GLY B 252 7.13 2.36 45.59
N ASP B 253 7.57 3.14 44.60
CA ASP B 253 8.92 3.70 44.64
C ASP B 253 8.93 5.17 45.08
N GLY B 254 7.77 5.66 45.49
CA GLY B 254 7.67 6.94 46.16
C GLY B 254 7.19 8.08 45.31
N THR B 255 7.15 9.27 45.91
CA THR B 255 6.66 10.46 45.21
C THR B 255 7.56 10.83 44.04
N LEU B 256 7.00 11.57 43.10
CA LEU B 256 7.71 11.88 41.85
C LEU B 256 8.41 13.25 41.88
N ILE B 257 9.67 13.25 41.46
CA ILE B 257 10.35 14.49 41.16
C ILE B 257 10.15 14.73 39.66
N ARG B 258 9.17 15.56 39.34
CA ARG B 258 8.79 15.82 37.95
C ARG B 258 9.65 16.94 37.37
N PHE B 259 10.79 16.56 36.79
CA PHE B 259 11.73 17.54 36.25
C PHE B 259 11.28 18.10 34.90
N TYR B 260 10.51 17.31 34.16
CA TYR B 260 10.02 17.71 32.84
C TYR B 260 8.60 17.20 32.54
N ASP B 261 7.87 17.98 31.75
CA ASP B 261 6.75 17.49 30.96
C ASP B 261 6.56 18.44 29.77
N PRO B 262 5.74 18.06 28.76
CA PRO B 262 5.63 18.90 27.57
C PRO B 262 5.07 20.32 27.83
N GLY B 263 4.58 20.58 29.03
CA GLY B 263 4.02 21.89 29.34
C GLY B 263 4.72 22.70 30.42
N HIS B 264 5.68 22.08 31.11
CA HIS B 264 6.35 22.70 32.25
C HIS B 264 7.77 22.20 32.46
N LEU B 265 8.69 23.11 32.74
CA LEU B 265 10.05 22.76 33.15
C LEU B 265 10.29 23.06 34.62
N LEU B 266 10.84 22.10 35.35
CA LEU B 266 11.21 22.33 36.74
C LEU B 266 12.48 23.19 36.78
N LEU B 267 12.43 24.29 37.54
CA LEU B 267 13.50 25.29 37.55
C LEU B 267 14.53 24.99 38.63
N PRO B 268 15.82 25.26 38.35
CA PRO B 268 16.91 24.91 39.27
C PRO B 268 16.61 25.27 40.72
N GLY B 269 16.15 26.50 40.98
CA GLY B 269 15.81 26.93 42.33
C GLY B 269 14.78 26.06 43.01
N MET B 270 13.76 25.65 42.27
CA MET B 270 12.73 24.79 42.82
C MET B 270 13.24 23.37 42.96
N LYS B 271 14.07 22.94 42.00
CA LYS B 271 14.66 21.59 42.02
C LYS B 271 15.53 21.39 43.26
N ASP B 272 16.33 22.41 43.60
CA ASP B 272 17.17 22.38 44.80
C ASP B 272 16.31 22.20 46.04
N PHE B 273 15.25 23.00 46.13
CA PHE B 273 14.35 22.99 47.25
C PHE B 273 13.73 21.61 47.46
N LEU B 274 13.20 21.03 46.39
CA LEU B 274 12.59 19.71 46.45
C LEU B 274 13.55 18.65 47.01
N LEU B 275 14.78 18.62 46.49
CA LEU B 275 15.76 17.60 46.83
C LEU B 275 16.37 17.75 48.22
N THR B 276 16.58 18.98 48.65
CA THR B 276 17.05 19.26 50.01
C THR B 276 15.96 18.88 51.02
N THR B 277 14.71 19.23 50.71
CA THR B 277 13.59 18.89 51.56
C THR B 277 13.36 17.39 51.62
N ALA B 278 13.49 16.73 50.47
CA ALA B 278 13.31 15.28 50.37
C ALA B 278 14.32 14.54 51.22
N GLU B 279 15.57 15.03 51.20
CA GLU B 279 16.64 14.42 51.97
C GLU B 279 16.41 14.65 53.47
N GLU B 280 16.28 15.92 53.87
CA GLU B 280 15.99 16.31 55.26
C GLU B 280 14.85 15.51 55.92
N ALA B 281 13.74 15.35 55.21
CA ALA B 281 12.54 14.74 55.78
C ALA B 281 12.49 13.23 55.59
N GLY B 282 13.56 12.67 55.01
CA GLY B 282 13.65 11.24 54.70
C GLY B 282 12.55 10.72 53.78
N ILE B 283 12.36 11.39 52.65
CA ILE B 283 11.28 11.07 51.72
C ILE B 283 11.74 10.09 50.63
N LYS B 284 10.92 9.07 50.35
CA LYS B 284 11.19 8.15 49.24
C LYS B 284 10.68 8.77 47.94
N TYR B 285 11.59 8.94 46.98
CA TYR B 285 11.26 9.59 45.73
C TYR B 285 11.88 8.95 44.49
N GLN B 286 11.22 9.13 43.36
CA GLN B 286 11.78 8.72 42.07
C GLN B 286 11.69 9.88 41.10
N TYR B 287 12.74 10.02 40.30
CA TYR B 287 12.73 10.94 39.17
C TYR B 287 11.67 10.48 38.17
N TYR B 288 10.98 11.43 37.55
CA TYR B 288 9.86 11.12 36.66
C TYR B 288 9.76 12.11 35.49
N CYS B 289 9.85 11.59 34.27
CA CYS B 289 9.74 12.40 33.06
C CYS B 289 8.34 12.31 32.49
N GLY B 290 7.53 13.32 32.77
CA GLY B 290 6.12 13.34 32.39
C GLY B 290 5.89 13.43 30.90
N LYS B 291 4.98 12.60 30.39
CA LYS B 291 4.55 12.69 29.00
C LYS B 291 3.27 13.53 28.85
N GLY B 292 2.65 13.88 29.98
CA GLY B 292 1.47 14.76 29.97
C GLY B 292 1.61 16.03 30.82
N GLY B 293 0.59 16.88 30.79
CA GLY B 293 0.62 18.12 31.58
C GLY B 293 -0.06 18.04 32.94
N THR B 294 0.24 18.99 33.80
CA THR B 294 -0.48 19.16 35.07
C THR B 294 -0.81 20.64 35.24
N ASP B 295 -1.57 20.97 36.29
CA ASP B 295 -1.98 22.34 36.60
C ASP B 295 -0.81 23.33 36.62
N ALA B 296 0.39 22.83 36.92
CA ALA B 296 1.60 23.67 36.91
C ALA B 296 1.84 24.33 35.57
N GLY B 297 1.57 23.59 34.50
CA GLY B 297 1.85 24.03 33.13
C GLY B 297 1.18 25.33 32.75
N ALA B 298 0.04 25.61 33.38
CA ALA B 298 -0.67 26.87 33.13
C ALA B 298 -0.45 27.87 34.27
N ALA B 299 -0.46 27.37 35.51
CA ALA B 299 -0.30 28.23 36.68
C ALA B 299 1.02 29.01 36.67
N HIS B 300 2.11 28.36 36.27
CA HIS B 300 3.42 29.01 36.30
C HIS B 300 3.51 30.20 35.35
N LEU B 301 2.65 30.23 34.33
CA LEU B 301 2.64 31.30 33.34
C LEU B 301 1.77 32.51 33.72
N LYS B 302 1.15 32.47 34.89
CA LYS B 302 0.19 33.51 35.25
C LYS B 302 0.85 34.65 35.99
N ASN B 303 0.15 35.79 36.05
CA ASN B 303 0.66 37.04 36.64
C ASN B 303 2.08 37.33 36.16
N GLY B 304 3.01 37.61 37.07
CA GLY B 304 4.37 37.92 36.70
C GLY B 304 5.30 36.72 36.66
N GLY B 305 4.73 35.51 36.71
CA GLY B 305 5.51 34.29 36.75
C GLY B 305 5.53 33.68 38.13
N VAL B 306 5.28 32.36 38.20
CA VAL B 306 5.15 31.64 39.46
C VAL B 306 5.86 30.30 39.37
N PRO B 307 7.10 30.20 39.89
CA PRO B 307 7.77 28.90 39.89
C PRO B 307 6.91 27.81 40.52
N SER B 308 6.91 26.63 39.91
CA SER B 308 5.99 25.56 40.25
C SER B 308 6.60 24.17 40.17
N THR B 309 5.96 23.21 40.82
CA THR B 309 6.03 21.79 40.47
C THR B 309 4.72 21.10 40.77
N THR B 310 4.81 19.78 40.83
CA THR B 310 3.67 18.93 41.11
C THR B 310 4.17 17.87 42.08
N ILE B 311 3.63 17.91 43.29
CA ILE B 311 3.91 16.91 44.29
C ILE B 311 3.03 15.74 43.91
N GLY B 312 3.66 14.66 43.46
CA GLY B 312 2.94 13.65 42.75
C GLY B 312 3.17 12.20 43.13
N VAL B 313 2.27 11.37 42.64
CA VAL B 313 2.32 9.95 42.81
C VAL B 313 2.09 9.34 41.42
N CYS B 314 2.60 8.14 41.15
CA CYS B 314 2.21 7.48 39.91
C CYS B 314 1.29 6.31 40.20
N ALA B 315 0.39 6.05 39.26
CA ALA B 315 -0.61 5.01 39.35
C ALA B 315 -0.76 4.32 38.00
N ARG B 316 -1.07 3.04 38.04
CA ARG B 316 -1.22 2.25 36.84
C ARG B 316 -2.59 2.49 36.24
N TYR B 317 -2.62 2.63 34.91
CA TYR B 317 -3.84 2.71 34.12
C TYR B 317 -4.76 3.86 34.59
N ILE B 318 -4.19 5.05 34.62
CA ILE B 318 -4.92 6.30 34.83
C ILE B 318 -5.94 6.49 33.71
N HIS B 319 -7.00 7.26 33.99
CA HIS B 319 -8.05 7.59 33.00
C HIS B 319 -8.84 6.36 32.55
N SER B 320 -9.21 5.55 33.54
CA SER B 320 -10.06 4.40 33.31
C SER B 320 -10.84 4.12 34.58
N HIS B 321 -11.58 3.01 34.57
CA HIS B 321 -12.38 2.59 35.71
C HIS B 321 -11.54 1.78 36.68
N GLN B 322 -10.37 1.34 36.21
CA GLN B 322 -9.52 0.45 37.02
C GLN B 322 -8.09 0.97 37.16
N THR B 323 -7.91 1.92 38.06
CA THR B 323 -6.61 2.48 38.38
C THR B 323 -6.03 1.74 39.60
N LEU B 324 -4.76 1.36 39.52
CA LEU B 324 -4.09 0.63 40.59
C LEU B 324 -2.91 1.43 41.09
N TYR B 325 -2.81 1.54 42.41
CA TYR B 325 -1.82 2.41 43.04
C TYR B 325 -1.56 1.97 44.48
N ALA B 326 -0.44 2.41 45.04
CA ALA B 326 0.02 2.00 46.38
C ALA B 326 -0.29 3.05 47.42
N MET B 327 -0.88 2.63 48.54
CA MET B 327 -1.13 3.53 49.68
C MET B 327 0.15 4.13 50.21
N ASP B 328 1.19 3.30 50.26
CA ASP B 328 2.53 3.68 50.67
C ASP B 328 3.03 4.93 49.94
N ASP B 329 2.76 4.98 48.64
CA ASP B 329 3.12 6.13 47.83
C ASP B 329 2.40 7.39 48.32
N PHE B 330 1.13 7.26 48.69
CA PHE B 330 0.37 8.39 49.24
C PHE B 330 1.02 8.94 50.50
N LEU B 331 1.36 8.07 51.45
CA LEU B 331 2.01 8.50 52.68
C LEU B 331 3.32 9.23 52.39
N GLU B 332 4.13 8.68 51.49
CA GLU B 332 5.39 9.33 51.13
C GLU B 332 5.16 10.72 50.59
N ALA B 333 4.16 10.87 49.71
CA ALA B 333 3.85 12.18 49.11
C ALA B 333 3.32 13.20 50.12
N GLN B 334 2.39 12.80 50.98
CA GLN B 334 1.82 13.67 51.99
C GLN B 334 2.90 14.23 52.93
N ALA B 335 3.81 13.36 53.38
CA ALA B 335 4.91 13.74 54.24
C ALA B 335 5.85 14.72 53.55
N PHE B 336 5.92 14.62 52.22
CA PHE B 336 6.72 15.51 51.42
C PHE B 336 6.04 16.87 51.32
N LEU B 337 4.73 16.86 51.06
CA LEU B 337 3.98 18.10 50.93
C LEU B 337 4.09 18.92 52.21
N GLN B 338 3.90 18.26 53.34
CA GLN B 338 3.95 18.92 54.65
C GLN B 338 5.32 19.53 54.87
N ALA B 339 6.36 18.75 54.62
CA ALA B 339 7.74 19.22 54.77
C ALA B 339 7.98 20.45 53.89
N LEU B 340 7.50 20.40 52.66
CA LEU B 340 7.67 21.50 51.71
C LEU B 340 6.98 22.78 52.15
N VAL B 341 5.69 22.70 52.51
CA VAL B 341 4.96 23.90 52.93
C VAL B 341 5.45 24.47 54.26
N LYS B 342 5.77 23.58 55.21
CA LYS B 342 6.35 23.98 56.50
C LYS B 342 7.62 24.78 56.32
N LYS B 343 8.31 24.54 55.20
CA LYS B 343 9.67 25.02 55.01
C LYS B 343 9.73 26.25 54.11
N LEU B 344 8.68 26.45 53.31
CA LEU B 344 8.54 27.63 52.46
C LEU B 344 8.28 28.91 53.28
N ASP B 345 9.18 29.88 53.12
CA ASP B 345 9.08 31.18 53.78
C ASP B 345 9.83 32.21 52.93
N ARG B 346 9.94 33.43 53.44
CA ARG B 346 10.61 34.52 52.73
C ARG B 346 11.98 34.10 52.20
N SER B 347 12.79 33.48 53.05
CA SER B 347 14.15 33.10 52.66
C SER B 347 14.16 32.00 51.60
N THR B 348 13.31 31.00 51.79
CA THR B 348 13.36 29.83 50.93
C THR B 348 12.78 30.10 49.54
N VAL B 349 11.75 30.94 49.46
CA VAL B 349 11.22 31.31 48.15
C VAL B 349 12.16 32.28 47.42
N ASP B 350 12.71 33.25 48.17
CA ASP B 350 13.75 34.13 47.64
C ASP B 350 14.90 33.32 47.05
N LEU B 351 15.28 32.24 47.74
CA LEU B 351 16.33 31.34 47.26
C LEU B 351 15.88 30.66 45.97
N ILE B 352 14.65 30.15 45.96
CA ILE B 352 14.08 29.52 44.76
C ILE B 352 14.07 30.50 43.60
N LYS B 353 13.77 31.76 43.91
CA LYS B 353 13.70 32.81 42.91
C LYS B 353 14.98 33.63 42.83
N HIS B 354 16.11 32.98 43.12
CA HIS B 354 17.41 33.67 43.10
C HIS B 354 17.91 33.84 41.67
N TYR B 355 17.68 35.04 41.11
CA TYR B 355 18.06 35.33 39.73
C TYR B 355 19.17 36.38 39.64
N THR C 4 -36.08 45.44 5.74
CA THR C 4 -35.27 46.19 6.77
C THR C 4 -34.25 45.26 7.46
N LEU C 5 -34.70 44.08 7.89
CA LEU C 5 -33.80 43.11 8.50
C LEU C 5 -32.72 42.67 7.51
N PHE C 6 -33.15 42.35 6.30
CA PHE C 6 -32.22 42.03 5.22
C PHE C 6 -31.31 43.21 4.87
N SER C 7 -31.84 44.42 4.96
CA SER C 7 -31.04 45.63 4.72
C SER C 7 -29.87 45.76 5.67
N LYS C 8 -30.16 45.55 6.96
CA LYS C 8 -29.15 45.61 8.02
C LYS C 8 -28.12 44.52 7.82
N ILE C 9 -28.61 43.31 7.50
CA ILE C 9 -27.76 42.15 7.30
C ILE C 9 -26.86 42.33 6.09
N LYS C 10 -27.45 42.76 4.98
CA LYS C 10 -26.71 42.99 3.75
C LYS C 10 -25.54 43.92 4.02
N GLU C 11 -25.84 44.98 4.77
CA GLU C 11 -24.90 46.02 5.12
C GLU C 11 -23.71 45.50 5.93
N VAL C 12 -23.96 44.79 7.03
CA VAL C 12 -22.86 44.27 7.85
C VAL C 12 -22.02 43.22 7.13
N THR C 13 -22.67 42.39 6.34
CA THR C 13 -21.99 41.30 5.65
C THR C 13 -21.12 41.78 4.48
N GLU C 14 -21.38 42.99 3.99
CA GLU C 14 -20.63 43.51 2.85
C GLU C 14 -19.38 44.33 3.24
N LEU C 15 -19.22 44.55 4.55
CA LEU C 15 -18.01 45.19 5.06
C LEU C 15 -16.83 44.24 4.91
N ALA C 16 -15.69 44.79 4.50
CA ALA C 16 -14.51 43.98 4.28
C ALA C 16 -13.50 44.19 5.41
N ALA C 17 -13.39 43.18 6.28
CA ALA C 17 -12.50 43.27 7.43
C ALA C 17 -12.04 41.90 7.89
N VAL C 18 -10.82 41.56 7.50
CA VAL C 18 -10.18 40.34 7.92
C VAL C 18 -9.49 40.55 9.28
N SER C 19 -9.14 39.46 9.96
CA SER C 19 -8.41 39.53 11.22
C SER C 19 -7.25 40.52 11.13
N GLY C 20 -7.09 41.35 12.15
CA GLY C 20 -6.01 42.33 12.19
C GLY C 20 -6.34 43.68 11.57
N HIS C 21 -7.39 43.72 10.75
CA HIS C 21 -7.71 44.89 9.95
C HIS C 21 -9.21 45.16 9.97
N GLU C 22 -9.79 45.22 11.17
CA GLU C 22 -11.23 45.38 11.32
C GLU C 22 -11.71 46.82 11.54
N ALA C 23 -10.85 47.78 11.23
CA ALA C 23 -11.22 49.20 11.30
C ALA C 23 -12.59 49.50 10.68
N PRO C 24 -12.86 49.03 9.43
CA PRO C 24 -14.15 49.30 8.82
C PRO C 24 -15.34 48.80 9.61
N VAL C 25 -15.20 47.66 10.27
CA VAL C 25 -16.30 47.12 11.08
C VAL C 25 -16.39 47.89 12.40
N ARG C 26 -15.24 48.27 12.95
CA ARG C 26 -15.20 49.11 14.14
C ARG C 26 -15.90 50.46 13.92
N ALA C 27 -15.61 51.11 12.78
CA ALA C 27 -16.24 52.39 12.42
C ALA C 27 -17.76 52.29 12.46
N TYR C 28 -18.27 51.24 11.82
CA TYR C 28 -19.68 50.87 11.84
C TYR C 28 -20.24 50.70 13.27
N LEU C 29 -19.55 49.95 14.12
CA LEU C 29 -20.06 49.68 15.46
C LEU C 29 -20.03 50.91 16.35
N ARG C 30 -18.99 51.72 16.19
CA ARG C 30 -18.87 53.00 16.87
C ARG C 30 -20.11 53.85 16.57
N GLU C 31 -20.45 53.97 15.29
CA GLU C 31 -21.62 54.73 14.86
C GLU C 31 -22.95 54.26 15.48
N LYS C 32 -23.10 52.95 15.64
CA LYS C 32 -24.35 52.36 16.10
C LYS C 32 -24.42 52.17 17.62
N LEU C 33 -23.25 52.09 18.25
CA LEU C 33 -23.14 51.97 19.70
C LEU C 33 -23.27 53.32 20.40
N THR C 34 -22.48 54.29 19.93
CA THR C 34 -22.34 55.61 20.59
C THR C 34 -23.64 56.26 21.11
N PRO C 35 -24.72 56.32 20.28
CA PRO C 35 -25.91 57.05 20.75
C PRO C 35 -26.63 56.40 21.93
N HIS C 36 -26.41 55.10 22.11
CA HIS C 36 -27.24 54.32 23.04
C HIS C 36 -26.48 53.88 24.29
N VAL C 37 -25.34 54.53 24.51
CA VAL C 37 -24.35 54.03 25.47
C VAL C 37 -23.65 55.20 26.16
N ASP C 38 -23.34 55.03 27.45
CA ASP C 38 -22.70 56.08 28.25
C ASP C 38 -21.26 56.39 27.83
N GLU C 39 -20.53 55.38 27.39
CA GLU C 39 -19.09 55.52 27.11
C GLU C 39 -18.61 54.51 26.05
N VAL C 40 -17.66 54.92 25.20
CA VAL C 40 -17.12 54.05 24.17
C VAL C 40 -15.62 53.81 24.36
N VAL C 41 -15.26 52.56 24.65
CA VAL C 41 -13.89 52.22 25.01
C VAL C 41 -13.31 51.11 24.13
N THR C 42 -11.99 51.05 24.13
CA THR C 42 -11.23 50.27 23.17
C THR C 42 -10.15 49.45 23.91
N ASP C 43 -9.90 48.21 23.48
CA ASP C 43 -8.78 47.48 24.06
C ASP C 43 -7.51 47.76 23.26
N GLY C 44 -6.39 47.15 23.64
CA GLY C 44 -5.12 47.47 23.03
C GLY C 44 -5.01 47.07 21.57
N LEU C 45 -5.83 46.10 21.18
CA LEU C 45 -5.68 45.43 19.90
C LEU C 45 -6.72 45.85 18.88
N GLY C 46 -7.73 46.60 19.31
CA GLY C 46 -8.73 47.11 18.39
C GLY C 46 -10.19 46.83 18.70
N GLY C 47 -10.46 45.95 19.67
CA GLY C 47 -11.84 45.69 20.08
C GLY C 47 -12.53 46.97 20.53
N ILE C 48 -13.79 47.15 20.14
CA ILE C 48 -14.58 48.31 20.61
C ILE C 48 -15.71 47.83 21.50
N PHE C 49 -15.95 48.60 22.55
CA PHE C 49 -16.99 48.27 23.49
C PHE C 49 -17.69 49.53 24.02
N GLY C 50 -19.01 49.46 24.09
CA GLY C 50 -19.80 50.51 24.72
C GLY C 50 -20.11 50.13 26.15
N ILE C 51 -20.04 51.11 27.05
CA ILE C 51 -20.40 50.90 28.46
C ILE C 51 -21.74 51.53 28.78
N LYS C 52 -22.58 50.78 29.49
CA LYS C 52 -23.89 51.25 29.92
C LYS C 52 -23.97 51.17 31.44
N HIS C 53 -23.64 52.27 32.10
CA HIS C 53 -23.56 52.35 33.57
C HIS C 53 -24.87 51.99 34.26
N SER C 54 -24.78 51.19 35.31
CA SER C 54 -25.95 50.79 36.08
C SER C 54 -26.15 51.70 37.28
N GLU C 55 -27.36 51.67 37.84
CA GLU C 55 -27.66 52.40 39.08
C GLU C 55 -27.59 51.50 40.30
N ALA C 56 -27.90 50.21 40.12
CA ALA C 56 -27.84 49.22 41.20
C ALA C 56 -26.50 49.26 41.93
N VAL C 57 -26.55 49.06 43.25
CA VAL C 57 -25.41 49.33 44.12
C VAL C 57 -24.23 48.38 43.85
N ASP C 58 -24.50 47.08 43.91
CA ASP C 58 -23.46 46.08 43.73
C ASP C 58 -23.41 45.59 42.28
N ALA C 59 -23.68 46.50 41.33
CA ALA C 59 -23.81 46.16 39.91
C ALA C 59 -22.68 45.28 39.40
N PRO C 60 -23.00 44.02 39.05
CA PRO C 60 -22.01 43.13 38.44
C PRO C 60 -21.72 43.55 37.00
N ARG C 61 -20.45 43.50 36.62
CA ARG C 61 -20.07 43.79 35.26
C ARG C 61 -20.44 42.61 34.37
N VAL C 62 -21.06 42.90 33.23
CA VAL C 62 -21.41 41.88 32.24
C VAL C 62 -20.81 42.26 30.89
N LEU C 63 -20.04 41.35 30.31
CA LEU C 63 -19.44 41.59 28.99
C LEU C 63 -20.23 40.86 27.94
N VAL C 64 -20.53 41.56 26.85
CA VAL C 64 -21.16 40.94 25.68
C VAL C 64 -20.32 41.28 24.47
N ALA C 65 -19.75 40.25 23.84
CA ALA C 65 -18.86 40.46 22.70
C ALA C 65 -19.08 39.47 21.56
N SER C 66 -19.27 40.01 20.37
CA SER C 66 -19.14 39.25 19.15
C SER C 66 -17.70 39.40 18.70
N HIS C 67 -17.44 39.21 17.43
CA HIS C 67 -16.15 39.57 16.87
C HIS C 67 -16.31 40.16 15.48
N MET C 68 -15.41 41.06 15.12
CA MET C 68 -15.54 41.86 13.90
C MET C 68 -14.93 41.22 12.65
N ASP C 69 -13.87 40.43 12.83
CA ASP C 69 -13.15 39.85 11.70
C ASP C 69 -13.88 38.69 11.02
N GLU C 70 -13.66 38.57 9.71
CA GLU C 70 -14.13 37.43 8.94
C GLU C 70 -12.88 36.71 8.40
N VAL C 71 -13.07 35.51 7.89
CA VAL C 71 -11.95 34.79 7.28
C VAL C 71 -11.61 35.36 5.90
N GLY C 72 -10.33 35.24 5.54
CA GLY C 72 -9.83 35.61 4.22
C GLY C 72 -8.39 35.16 4.06
N PHE C 73 -7.62 35.90 3.29
CA PHE C 73 -6.24 35.55 3.00
C PHE C 73 -5.31 36.75 3.13
N MET C 74 -4.02 36.50 3.17
CA MET C 74 -3.01 37.56 3.18
C MET C 74 -1.94 37.23 2.16
N VAL C 75 -1.50 38.25 1.43
CA VAL C 75 -0.42 38.11 0.46
C VAL C 75 0.87 37.77 1.19
N SER C 76 1.43 36.60 0.91
CA SER C 76 2.72 36.21 1.48
C SER C 76 3.89 36.57 0.57
N GLU C 77 3.63 36.63 -0.74
CA GLU C 77 4.63 37.05 -1.72
C GLU C 77 4.01 37.34 -3.09
N ILE C 78 4.65 38.24 -3.82
CA ILE C 78 4.29 38.57 -5.19
C ILE C 78 5.29 37.88 -6.08
N LYS C 79 4.82 36.93 -6.89
CA LYS C 79 5.65 36.21 -7.84
C LYS C 79 6.12 37.13 -8.98
N PRO C 80 7.23 36.76 -9.68
CA PRO C 80 7.72 37.63 -10.77
C PRO C 80 6.67 37.87 -11.85
N ASP C 81 5.78 36.91 -12.06
CA ASP C 81 4.71 36.99 -13.06
C ASP C 81 3.52 37.84 -12.59
N GLY C 82 3.63 38.46 -11.42
CA GLY C 82 2.60 39.39 -10.96
C GLY C 82 1.41 38.78 -10.22
N THR C 83 1.36 37.46 -10.15
CA THR C 83 0.38 36.77 -9.34
C THR C 83 0.82 36.72 -7.88
N PHE C 84 -0.10 36.30 -7.02
CA PHE C 84 0.18 36.25 -5.58
C PHE C 84 0.08 34.83 -5.04
N ARG C 85 0.84 34.56 -3.98
CA ARG C 85 0.62 33.39 -3.16
C ARG C 85 0.16 33.95 -1.83
N VAL C 86 -0.63 33.17 -1.11
CA VAL C 86 -1.27 33.68 0.08
C VAL C 86 -1.08 32.77 1.28
N VAL C 87 -1.37 33.33 2.44
CA VAL C 87 -1.46 32.55 3.65
C VAL C 87 -2.91 32.73 4.10
N GLU C 88 -3.49 31.72 4.73
CA GLU C 88 -4.89 31.83 5.14
C GLU C 88 -5.06 32.64 6.43
N ILE C 89 -6.21 33.30 6.55
CA ILE C 89 -6.52 34.08 7.74
C ILE C 89 -7.84 33.57 8.33
N GLY C 90 -7.71 32.68 9.30
CA GLY C 90 -8.82 31.85 9.74
C GLY C 90 -8.76 30.57 8.94
N GLY C 91 -9.43 29.53 9.44
CA GLY C 91 -9.43 28.23 8.77
C GLY C 91 -10.33 28.16 7.55
N TRP C 92 -9.73 27.83 6.40
CA TRP C 92 -10.47 27.53 5.17
C TRP C 92 -10.37 26.06 4.81
N ASN C 93 -11.48 25.46 4.38
CA ASN C 93 -11.45 24.14 3.76
C ASN C 93 -10.94 24.30 2.32
N PRO C 94 -9.78 23.71 1.99
CA PRO C 94 -9.17 24.01 0.69
C PRO C 94 -10.08 23.72 -0.50
N MET C 95 -11.15 22.97 -0.30
CA MET C 95 -12.08 22.61 -1.37
C MET C 95 -12.95 23.76 -1.86
N VAL C 96 -12.97 24.85 -1.11
CA VAL C 96 -13.81 26.00 -1.42
C VAL C 96 -13.01 27.20 -1.91
N VAL C 97 -11.69 27.14 -1.76
CA VAL C 97 -10.81 28.27 -2.02
C VAL C 97 -10.65 28.63 -3.51
N SER C 98 -10.71 27.61 -4.36
CA SER C 98 -10.39 27.77 -5.78
C SER C 98 -11.48 28.49 -6.56
N SER C 99 -11.05 29.32 -7.52
CA SER C 99 -11.94 30.06 -8.40
C SER C 99 -12.95 30.90 -7.64
N GLN C 100 -12.44 31.81 -6.81
CA GLN C 100 -13.28 32.71 -6.04
C GLN C 100 -12.83 34.15 -6.24
N ARG C 101 -13.76 35.08 -6.04
CA ARG C 101 -13.50 36.52 -6.14
C ARG C 101 -13.16 37.14 -4.81
N PHE C 102 -12.23 38.08 -4.84
CA PHE C 102 -11.77 38.77 -3.65
C PHE C 102 -11.49 40.23 -3.96
N LYS C 103 -11.50 41.04 -2.91
CA LYS C 103 -10.94 42.38 -2.95
C LYS C 103 -9.65 42.36 -2.16
N LEU C 104 -8.54 42.69 -2.83
CA LEU C 104 -7.27 42.90 -2.17
C LEU C 104 -7.22 44.34 -1.68
N LEU C 105 -6.82 44.54 -0.43
CA LEU C 105 -6.79 45.86 0.19
C LEU C 105 -5.37 46.35 0.43
N THR C 106 -5.04 47.42 -0.26
CA THR C 106 -3.71 48.03 -0.21
C THR C 106 -3.59 48.98 1.00
N ARG C 107 -2.37 49.11 1.52
CA ARG C 107 -2.10 50.03 2.64
C ARG C 107 -2.50 51.46 2.30
N ASP C 108 -2.22 51.89 1.08
CA ASP C 108 -2.50 53.26 0.66
C ASP C 108 -4.00 53.53 0.37
N GLY C 109 -4.79 52.46 0.27
CA GLY C 109 -6.25 52.60 0.08
C GLY C 109 -6.87 51.92 -1.14
N HIS C 110 -6.09 51.66 -2.18
CA HIS C 110 -6.52 50.88 -3.36
C HIS C 110 -7.29 49.62 -2.94
N GLU C 111 -8.38 49.35 -3.65
CA GLU C 111 -9.09 48.08 -3.55
C GLU C 111 -8.95 47.37 -4.88
N ILE C 112 -8.08 46.36 -4.95
CA ILE C 112 -7.86 45.72 -6.25
C ILE C 112 -8.51 44.32 -6.36
N PRO C 113 -9.25 44.09 -7.46
CA PRO C 113 -9.91 42.81 -7.74
C PRO C 113 -8.92 41.68 -7.87
N VAL C 114 -9.14 40.61 -7.12
CA VAL C 114 -8.25 39.44 -7.15
C VAL C 114 -9.07 38.18 -7.14
N ILE C 115 -8.72 37.22 -8.00
CA ILE C 115 -9.36 35.90 -7.99
C ILE C 115 -8.36 34.78 -7.71
N SER C 116 -8.88 33.67 -7.18
CA SER C 116 -8.10 32.44 -7.07
C SER C 116 -8.24 31.62 -8.34
N GLY C 117 -7.18 30.93 -8.74
CA GLY C 117 -7.23 30.04 -9.89
C GLY C 117 -7.73 28.66 -9.53
N PRO C 133 -4.41 19.96 -3.63
CA PRO C 133 -4.69 21.40 -3.60
C PRO C 133 -4.32 22.04 -2.25
N ALA C 134 -3.09 22.54 -2.14
CA ALA C 134 -2.65 23.22 -0.91
C ALA C 134 -2.74 24.73 -1.08
N ILE C 135 -3.23 25.41 -0.04
CA ILE C 135 -3.51 26.84 -0.11
C ILE C 135 -2.31 27.68 -0.56
N ALA C 136 -1.11 27.35 -0.08
CA ALA C 136 0.10 28.08 -0.47
C ALA C 136 0.42 27.96 -1.97
N ASP C 137 -0.11 26.93 -2.62
CA ASP C 137 0.14 26.66 -4.04
C ASP C 137 -0.91 27.23 -4.97
N ILE C 138 -2.04 27.67 -4.42
CA ILE C 138 -3.12 28.25 -5.22
C ILE C 138 -2.69 29.60 -5.75
N VAL C 139 -2.90 29.82 -7.04
CA VAL C 139 -2.55 31.08 -7.67
C VAL C 139 -3.63 32.11 -7.38
N PHE C 140 -3.22 33.25 -6.86
CA PHE C 140 -4.11 34.40 -6.73
C PHE C 140 -3.71 35.44 -7.76
N ASP C 141 -4.71 35.99 -8.44
CA ASP C 141 -4.47 36.73 -9.67
C ASP C 141 -5.16 38.10 -9.67
N GLY C 142 -4.38 39.15 -9.94
CA GLY C 142 -4.89 40.50 -10.06
C GLY C 142 -4.87 41.01 -11.49
N GLY C 143 -4.56 40.11 -12.43
CA GLY C 143 -4.52 40.46 -13.84
C GLY C 143 -3.39 41.40 -14.18
N PHE C 144 -2.23 41.20 -13.56
CA PHE C 144 -1.07 42.04 -13.81
C PHE C 144 -0.08 41.37 -14.75
N ALA C 145 0.83 42.16 -15.32
CA ALA C 145 1.82 41.68 -16.27
C ALA C 145 3.03 41.07 -15.57
N ASP C 146 3.50 41.72 -14.51
CA ASP C 146 4.66 41.25 -13.73
C ASP C 146 4.64 41.78 -12.30
N LYS C 147 5.61 41.35 -11.49
CA LYS C 147 5.72 41.83 -10.11
C LYS C 147 5.70 43.37 -10.02
N ALA C 148 6.46 44.02 -10.90
CA ALA C 148 6.58 45.49 -10.91
C ALA C 148 5.23 46.21 -11.01
N GLU C 149 4.38 45.76 -11.92
CA GLU C 149 3.08 46.41 -12.12
C GLU C 149 2.20 46.26 -10.88
N ALA C 150 2.22 45.06 -10.30
CA ALA C 150 1.48 44.79 -9.06
C ALA C 150 1.94 45.74 -7.95
N GLU C 151 3.24 45.96 -7.85
CA GLU C 151 3.79 46.85 -6.84
C GLU C 151 3.42 48.29 -7.13
N SER C 152 3.35 48.63 -8.41
CA SER C 152 3.00 49.99 -8.83
C SER C 152 1.55 50.35 -8.53
N PHE C 153 0.75 49.39 -8.08
CA PHE C 153 -0.60 49.65 -7.59
C PHE C 153 -0.69 49.63 -6.07
N GLY C 154 0.46 49.76 -5.40
CA GLY C 154 0.53 49.83 -3.95
C GLY C 154 0.47 48.49 -3.22
N ILE C 155 0.59 47.40 -3.97
CA ILE C 155 0.47 46.05 -3.42
C ILE C 155 1.78 45.58 -2.80
N ARG C 156 1.72 45.18 -1.53
CA ARG C 156 2.87 44.67 -0.79
C ARG C 156 2.53 43.36 -0.11
N PRO C 157 3.54 42.50 0.16
CA PRO C 157 3.24 41.34 1.00
C PRO C 157 2.69 41.82 2.34
N GLY C 158 1.64 41.17 2.84
CA GLY C 158 0.96 41.61 4.05
C GLY C 158 -0.41 42.20 3.77
N ASP C 159 -0.68 42.50 2.50
CA ASP C 159 -1.96 43.04 2.09
C ASP C 159 -3.04 41.99 2.32
N THR C 160 -4.10 42.42 2.99
CA THR C 160 -5.25 41.60 3.30
C THR C 160 -6.06 41.32 2.03
N ILE C 161 -6.70 40.14 1.97
CA ILE C 161 -7.51 39.68 0.83
C ILE C 161 -8.89 39.16 1.28
N VAL C 162 -9.94 39.91 0.96
CA VAL C 162 -11.27 39.67 1.51
C VAL C 162 -12.23 39.06 0.48
N PRO C 163 -12.95 37.99 0.87
CA PRO C 163 -13.97 37.42 -0.02
C PRO C 163 -14.95 38.47 -0.55
N ASP C 164 -15.19 38.44 -1.85
CA ASP C 164 -16.09 39.38 -2.53
C ASP C 164 -17.40 38.68 -2.84
N SER C 165 -18.37 38.84 -1.95
CA SER C 165 -19.65 38.18 -2.06
C SER C 165 -20.72 39.10 -1.53
N SER C 166 -21.80 39.25 -2.28
CA SER C 166 -22.90 40.10 -1.84
C SER C 166 -23.97 39.28 -1.13
N ALA C 167 -24.83 39.96 -0.39
CA ALA C 167 -25.91 39.33 0.35
C ALA C 167 -27.19 39.40 -0.44
N ILE C 168 -27.86 38.27 -0.55
CA ILE C 168 -29.14 38.18 -1.27
C ILE C 168 -30.14 37.29 -0.55
N LEU C 169 -31.42 37.48 -0.89
CA LEU C 169 -32.52 36.68 -0.35
C LEU C 169 -32.61 35.37 -1.12
N THR C 170 -33.06 34.32 -0.44
CA THR C 170 -33.42 33.07 -1.12
C THR C 170 -34.81 33.23 -1.74
N ALA C 171 -35.21 32.27 -2.56
CA ALA C 171 -36.50 32.30 -3.27
C ALA C 171 -37.72 32.49 -2.35
N ASN C 172 -37.70 31.90 -1.16
CA ASN C 172 -38.82 32.04 -0.23
C ASN C 172 -38.72 33.26 0.67
N GLU C 173 -37.60 33.97 0.57
CA GLU C 173 -37.38 35.24 1.27
C GLU C 173 -37.30 35.13 2.80
N LYS C 174 -37.15 33.91 3.30
CA LYS C 174 -37.02 33.67 4.74
C LYS C 174 -35.55 33.42 5.09
N ASN C 175 -34.74 33.16 4.07
CA ASN C 175 -33.31 32.89 4.26
C ASN C 175 -32.42 33.82 3.45
N ILE C 176 -31.15 33.86 3.81
CA ILE C 176 -30.18 34.73 3.17
C ILE C 176 -28.94 33.96 2.76
N ILE C 177 -28.33 34.37 1.65
CA ILE C 177 -27.04 33.87 1.21
C ILE C 177 -26.04 35.02 1.18
N SER C 178 -24.94 34.88 1.93
CA SER C 178 -23.92 35.93 2.00
C SER C 178 -22.57 35.38 2.45
N LYS C 179 -21.57 36.26 2.50
CA LYS C 179 -20.32 35.95 3.18
C LYS C 179 -20.43 36.41 4.64
N ALA C 180 -19.51 35.95 5.48
CA ALA C 180 -19.28 36.53 6.80
C ALA C 180 -20.46 36.63 7.76
N TRP C 181 -21.44 35.75 7.65
CA TRP C 181 -22.51 35.74 8.65
C TRP C 181 -21.88 35.40 9.98
N ASP C 182 -20.82 34.58 9.91
CA ASP C 182 -19.86 34.45 10.97
C ASP C 182 -18.75 35.48 10.72
N ASN C 183 -18.75 36.59 11.48
CA ASN C 183 -19.69 36.83 12.55
C ASN C 183 -20.28 38.25 12.46
N ARG C 184 -20.84 38.58 11.30
CA ARG C 184 -21.57 39.83 11.19
C ARG C 184 -22.92 39.64 11.88
N TYR C 185 -23.39 38.39 11.94
CA TYR C 185 -24.47 38.01 12.82
C TYR C 185 -24.27 38.68 14.16
N GLY C 186 -23.11 38.43 14.78
CA GLY C 186 -22.80 38.93 16.10
C GLY C 186 -22.72 40.45 16.18
N VAL C 187 -22.14 41.06 15.15
CA VAL C 187 -22.00 42.51 15.07
C VAL C 187 -23.38 43.16 15.08
N LEU C 188 -24.26 42.69 14.20
CA LEU C 188 -25.65 43.17 14.13
C LEU C 188 -26.36 42.88 15.45
N MET C 189 -26.11 41.69 15.98
CA MET C 189 -26.73 41.28 17.22
C MET C 189 -26.44 42.28 18.35
N VAL C 190 -25.23 42.83 18.35
CA VAL C 190 -24.80 43.78 19.36
C VAL C 190 -25.43 45.14 19.08
N SER C 191 -25.47 45.49 17.81
CA SER C 191 -26.08 46.73 17.33
C SER C 191 -27.54 46.81 17.78
N GLU C 192 -28.33 45.78 17.46
CA GLU C 192 -29.74 45.71 17.84
C GLU C 192 -29.94 45.73 19.35
N LEU C 193 -29.07 45.01 20.07
CA LEU C 193 -29.09 44.95 21.53
C LEU C 193 -28.99 46.38 22.10
N ALA C 194 -27.93 47.07 21.69
CA ALA C 194 -27.64 48.43 22.12
C ALA C 194 -28.82 49.34 21.85
N GLU C 195 -29.41 49.18 20.68
CA GLU C 195 -30.51 50.01 20.24
C GLU C 195 -31.79 49.74 21.04
N ALA C 196 -32.11 48.47 21.26
CA ALA C 196 -33.31 48.07 22.00
C ALA C 196 -33.24 48.39 23.51
N LEU C 197 -32.02 48.47 24.03
CA LEU C 197 -31.80 48.73 25.46
C LEU C 197 -31.59 50.20 25.80
N SER C 198 -31.72 51.07 24.79
CA SER C 198 -31.37 52.49 24.94
C SER C 198 -32.05 53.17 26.12
N GLY C 199 -33.37 53.10 26.16
CA GLY C 199 -34.14 53.64 27.27
C GLY C 199 -33.83 52.93 28.58
N GLN C 200 -33.86 51.60 28.54
CA GLN C 200 -33.77 50.72 29.72
C GLN C 200 -32.62 51.05 30.67
N LYS C 201 -32.82 50.74 31.95
CA LYS C 201 -31.74 50.73 32.93
C LYS C 201 -31.65 49.35 33.56
N LEU C 202 -30.43 48.83 33.64
CA LEU C 202 -30.21 47.43 33.98
C LEU C 202 -29.62 47.26 35.37
N GLY C 203 -29.87 46.10 35.97
CA GLY C 203 -29.26 45.72 37.25
C GLY C 203 -27.82 45.27 37.11
N ASN C 204 -27.25 45.45 35.92
CA ASN C 204 -25.84 45.12 35.65
C ASN C 204 -25.09 46.23 34.92
N GLU C 205 -23.79 46.29 35.17
CA GLU C 205 -22.88 47.21 34.48
C GLU C 205 -22.51 46.60 33.13
N LEU C 206 -23.18 47.04 32.07
CA LEU C 206 -23.06 46.39 30.76
C LEU C 206 -21.93 46.93 29.88
N TYR C 207 -21.06 46.01 29.48
CA TYR C 207 -20.08 46.28 28.44
C TYR C 207 -20.52 45.51 27.20
N LEU C 208 -20.65 46.23 26.09
CA LEU C 208 -21.30 45.71 24.91
C LEU C 208 -20.47 46.03 23.69
N GLY C 209 -19.98 45.01 22.99
CA GLY C 209 -19.21 45.26 21.78
C GLY C 209 -18.82 44.05 20.97
N SER C 210 -17.61 44.12 20.42
CA SER C 210 -17.13 43.12 19.49
C SER C 210 -15.62 43.04 19.56
N ASN C 211 -15.13 41.81 19.60
CA ASN C 211 -13.70 41.55 19.62
C ASN C 211 -13.04 41.72 18.28
N VAL C 212 -11.73 41.89 18.34
CA VAL C 212 -10.84 41.89 17.20
C VAL C 212 -10.28 40.45 17.11
N GLN C 213 -9.84 40.05 15.92
CA GLN C 213 -9.03 38.81 15.77
C GLN C 213 -9.53 37.55 16.49
N GLU C 214 -10.75 37.12 16.17
CA GLU C 214 -11.26 35.86 16.72
C GLU C 214 -10.90 34.64 15.84
N GLU C 215 -10.89 34.86 14.52
CA GLU C 215 -10.68 33.78 13.54
C GLU C 215 -9.28 33.16 13.62
N VAL C 216 -8.33 33.90 14.16
CA VAL C 216 -6.95 33.45 14.24
C VAL C 216 -6.59 32.89 15.62
N GLY C 217 -7.59 32.66 16.47
CA GLY C 217 -7.37 32.03 17.77
C GLY C 217 -7.92 32.77 18.98
N LEU C 218 -9.12 33.33 18.85
CA LEU C 218 -9.80 34.02 19.97
C LEU C 218 -8.91 35.07 20.67
N ARG C 219 -8.04 35.73 19.89
CA ARG C 219 -7.00 36.60 20.43
C ARG C 219 -7.55 37.85 21.12
N GLY C 220 -8.55 38.48 20.51
CA GLY C 220 -9.21 39.65 21.07
C GLY C 220 -9.87 39.33 22.41
N ALA C 221 -10.56 38.19 22.47
CA ALA C 221 -11.25 37.73 23.67
C ALA C 221 -10.37 37.74 24.94
N HIS C 222 -9.10 37.38 24.79
CA HIS C 222 -8.14 37.46 25.89
C HIS C 222 -8.05 38.89 26.44
N THR C 223 -7.69 39.80 25.55
CA THR C 223 -7.40 41.18 25.90
C THR C 223 -8.62 41.99 26.39
N SER C 224 -9.78 41.75 25.79
CA SER C 224 -11.01 42.48 26.19
C SER C 224 -11.48 42.08 27.58
N THR C 225 -11.56 40.77 27.82
CA THR C 225 -12.03 40.23 29.09
C THR C 225 -11.13 40.65 30.24
N THR C 226 -9.81 40.62 30.01
CA THR C 226 -8.86 41.01 31.04
C THR C 226 -9.01 42.50 31.36
N LYS C 227 -9.22 43.31 30.32
CA LYS C 227 -9.30 44.74 30.48
C LYS C 227 -10.54 45.17 31.23
N PHE C 228 -11.67 44.55 30.90
CA PHE C 228 -12.94 45.02 31.42
C PHE C 228 -13.47 44.24 32.59
N ASP C 229 -12.72 43.22 33.01
CA ASP C 229 -12.98 42.52 34.26
C ASP C 229 -14.47 42.20 34.54
N PRO C 230 -15.12 41.45 33.65
CA PRO C 230 -16.52 41.11 33.87
C PRO C 230 -16.67 39.95 34.86
N GLU C 231 -17.84 39.84 35.48
CA GLU C 231 -18.14 38.70 36.34
C GLU C 231 -18.75 37.55 35.54
N VAL C 232 -19.32 37.91 34.38
CA VAL C 232 -20.02 36.97 33.54
C VAL C 232 -19.88 37.42 32.09
N PHE C 233 -19.67 36.45 31.19
CA PHE C 233 -19.42 36.75 29.78
C PHE C 233 -20.39 36.05 28.86
N LEU C 234 -20.95 36.84 27.93
CA LEU C 234 -21.82 36.35 26.89
C LEU C 234 -21.20 36.59 25.51
N ALA C 235 -20.67 35.53 24.91
CA ALA C 235 -20.13 35.63 23.55
C ALA C 235 -21.30 35.55 22.59
N VAL C 236 -21.16 36.23 21.44
CA VAL C 236 -22.17 36.13 20.38
C VAL C 236 -21.47 35.73 19.09
N ASP C 237 -21.93 34.63 18.50
CA ASP C 237 -21.25 34.05 17.37
C ASP C 237 -22.18 33.05 16.75
N CYS C 238 -21.96 32.74 15.47
CA CYS C 238 -22.73 31.67 14.85
C CYS C 238 -21.83 30.48 14.52
N SER C 239 -22.43 29.30 14.40
CA SER C 239 -21.69 28.07 14.26
C SER C 239 -22.18 27.23 13.07
N PRO C 240 -21.40 26.19 12.67
CA PRO C 240 -21.84 25.43 11.50
C PRO C 240 -23.18 24.74 11.73
N ALA C 241 -24.00 24.73 10.70
CA ALA C 241 -25.19 23.88 10.69
C ALA C 241 -24.89 22.59 9.94
N GLY C 242 -25.27 21.46 10.52
CA GLY C 242 -25.05 20.16 9.90
C GLY C 242 -26.26 19.50 9.27
N ASP C 243 -27.44 20.13 9.40
CA ASP C 243 -28.71 19.51 8.99
C ASP C 243 -28.63 18.90 7.61
N VAL C 244 -28.02 19.64 6.70
CA VAL C 244 -27.94 19.26 5.30
C VAL C 244 -26.96 18.08 5.09
N TYR C 245 -26.10 17.84 6.09
CA TYR C 245 -25.16 16.74 6.06
C TYR C 245 -25.46 15.69 7.13
N GLY C 246 -26.72 15.57 7.52
CA GLY C 246 -27.11 14.56 8.51
C GLY C 246 -26.68 14.86 9.95
N GLY C 247 -25.68 15.72 10.12
CA GLY C 247 -25.23 16.16 11.44
C GLY C 247 -26.25 17.02 12.18
N GLN C 248 -25.85 17.55 13.35
CA GLN C 248 -26.77 18.35 14.16
C GLN C 248 -26.58 19.85 13.99
N GLY C 249 -27.65 20.61 14.23
CA GLY C 249 -27.64 22.05 14.00
C GLY C 249 -28.49 22.39 12.78
N LYS C 250 -29.74 22.75 13.02
CA LYS C 250 -30.73 22.92 11.96
C LYS C 250 -31.16 24.38 11.78
N ILE C 251 -31.01 24.88 10.55
CA ILE C 251 -31.44 26.22 10.17
C ILE C 251 -32.95 26.35 10.34
N GLY C 252 -33.37 27.36 11.08
CA GLY C 252 -34.78 27.58 11.37
C GLY C 252 -35.25 27.02 12.71
N ASP C 253 -34.43 26.20 13.34
CA ASP C 253 -34.79 25.61 14.64
C ASP C 253 -34.31 26.43 15.85
N GLY C 254 -34.03 27.71 15.64
CA GLY C 254 -33.81 28.66 16.73
C GLY C 254 -32.40 28.87 17.23
N THR C 255 -32.29 29.50 18.39
CA THR C 255 -30.99 29.82 18.99
C THR C 255 -30.38 28.58 19.64
N LEU C 256 -29.05 28.51 19.60
CA LEU C 256 -28.32 27.33 20.09
C LEU C 256 -27.97 27.40 21.57
N ILE C 257 -28.29 26.32 22.29
CA ILE C 257 -27.76 26.13 23.62
C ILE C 257 -26.46 25.33 23.49
N ARG C 258 -25.33 26.00 23.64
CA ARG C 258 -24.02 25.38 23.46
C ARG C 258 -23.49 24.79 24.77
N PHE C 259 -23.72 23.50 24.97
CA PHE C 259 -23.32 22.83 26.21
C PHE C 259 -21.87 22.39 26.17
N TYR C 260 -21.39 22.05 24.97
CA TYR C 260 -20.02 21.61 24.80
C TYR C 260 -19.35 22.22 23.57
N ASP C 261 -18.06 22.55 23.70
CA ASP C 261 -17.18 22.65 22.54
C ASP C 261 -15.76 22.35 23.02
N PRO C 262 -14.84 21.96 22.10
CA PRO C 262 -13.50 21.49 22.49
C PRO C 262 -12.74 22.42 23.45
N GLY C 263 -13.09 23.70 23.48
CA GLY C 263 -12.39 24.68 24.32
C GLY C 263 -13.16 25.29 25.48
N HIS C 264 -14.41 24.86 25.66
CA HIS C 264 -15.29 25.46 26.69
C HIS C 264 -16.46 24.55 27.11
N LEU C 265 -16.68 24.50 28.43
CA LEU C 265 -17.83 23.78 29.02
C LEU C 265 -18.82 24.73 29.68
N LEU C 266 -20.08 24.59 29.31
CA LEU C 266 -21.18 25.33 29.91
C LEU C 266 -21.40 24.87 31.36
N LEU C 267 -21.25 25.79 32.31
CA LEU C 267 -21.37 25.46 33.72
C LEU C 267 -22.84 25.37 34.18
N PRO C 268 -23.13 24.49 35.19
CA PRO C 268 -24.51 24.24 35.63
C PRO C 268 -25.31 25.51 35.93
N GLY C 269 -24.69 26.45 36.65
CA GLY C 269 -25.32 27.72 36.99
C GLY C 269 -25.77 28.50 35.77
N MET C 270 -24.86 28.68 34.83
CA MET C 270 -25.17 29.33 33.54
C MET C 270 -26.24 28.56 32.74
N LYS C 271 -26.15 27.23 32.72
CA LYS C 271 -27.12 26.39 32.01
C LYS C 271 -28.54 26.58 32.55
N ASP C 272 -28.65 26.64 33.88
CA ASP C 272 -29.94 26.92 34.52
C ASP C 272 -30.48 28.25 34.04
N PHE C 273 -29.62 29.26 34.05
CA PHE C 273 -30.01 30.61 33.70
C PHE C 273 -30.46 30.72 32.25
N LEU C 274 -29.74 30.04 31.35
CA LEU C 274 -30.12 30.04 29.94
C LEU C 274 -31.47 29.36 29.76
N LEU C 275 -31.61 28.14 30.27
CA LEU C 275 -32.82 27.35 30.08
C LEU C 275 -34.05 28.01 30.71
N THR C 276 -33.85 28.62 31.87
CA THR C 276 -34.89 29.36 32.60
C THR C 276 -35.36 30.58 31.82
N THR C 277 -34.41 31.40 31.37
CA THR C 277 -34.69 32.62 30.62
C THR C 277 -35.45 32.29 29.32
N ALA C 278 -34.95 31.30 28.57
CA ALA C 278 -35.55 30.88 27.31
C ALA C 278 -37.00 30.43 27.45
N GLU C 279 -37.29 29.68 28.52
CA GLU C 279 -38.65 29.27 28.84
C GLU C 279 -39.51 30.52 29.14
N GLU C 280 -39.05 31.35 30.07
CA GLU C 280 -39.73 32.58 30.43
C GLU C 280 -40.02 33.48 29.21
N ALA C 281 -39.02 33.73 28.38
CA ALA C 281 -39.17 34.64 27.24
C ALA C 281 -39.64 33.95 25.93
N GLY C 282 -40.15 32.73 26.04
CA GLY C 282 -40.74 32.02 24.91
C GLY C 282 -39.85 31.88 23.69
N ILE C 283 -38.55 31.67 23.93
CA ILE C 283 -37.55 31.52 22.88
C ILE C 283 -37.55 30.11 22.28
N LYS C 284 -37.45 30.02 20.95
CA LYS C 284 -37.22 28.75 20.26
C LYS C 284 -35.71 28.43 20.28
N TYR C 285 -35.38 27.28 20.87
CA TYR C 285 -33.98 26.88 20.99
C TYR C 285 -33.70 25.41 20.67
N GLN C 286 -32.44 25.13 20.33
CA GLN C 286 -32.00 23.78 20.04
C GLN C 286 -30.65 23.52 20.72
N TYR C 287 -30.51 22.33 21.29
CA TYR C 287 -29.24 21.92 21.86
C TYR C 287 -28.21 21.80 20.76
N TYR C 288 -26.96 22.15 21.08
CA TYR C 288 -25.89 22.13 20.09
C TYR C 288 -24.55 21.77 20.74
N CYS C 289 -23.94 20.73 20.19
CA CYS C 289 -22.63 20.25 20.63
C CYS C 289 -21.60 20.76 19.62
N GLY C 290 -20.90 21.81 20.00
CA GLY C 290 -19.95 22.47 19.10
C GLY C 290 -18.71 21.66 18.84
N LYS C 291 -18.18 21.78 17.63
CA LYS C 291 -16.98 21.07 17.23
C LYS C 291 -15.79 22.02 17.05
N GLY C 292 -16.07 23.31 17.06
CA GLY C 292 -15.05 24.37 17.04
C GLY C 292 -15.23 25.36 18.19
N GLY C 293 -14.30 26.29 18.33
CA GLY C 293 -14.30 27.23 19.46
C GLY C 293 -15.07 28.53 19.26
N THR C 294 -15.13 29.31 20.33
CA THR C 294 -15.76 30.64 20.34
C THR C 294 -15.00 31.49 21.34
N ASP C 295 -15.11 32.82 21.22
CA ASP C 295 -14.54 33.76 22.19
C ASP C 295 -14.67 33.30 23.66
N ALA C 296 -15.73 32.56 23.96
CA ALA C 296 -15.95 32.05 25.31
C ALA C 296 -14.76 31.22 25.84
N GLY C 297 -14.15 30.43 24.97
CA GLY C 297 -13.05 29.55 25.34
C GLY C 297 -11.84 30.29 25.89
N ALA C 298 -11.55 31.47 25.33
CA ALA C 298 -10.50 32.31 25.84
C ALA C 298 -10.99 33.13 27.04
N ALA C 299 -12.14 33.79 26.89
CA ALA C 299 -12.64 34.71 27.91
C ALA C 299 -12.83 34.12 29.31
N HIS C 300 -13.41 32.93 29.39
CA HIS C 300 -13.77 32.34 30.68
C HIS C 300 -12.55 32.02 31.54
N LEU C 301 -11.40 31.89 30.89
CA LEU C 301 -10.13 31.59 31.56
C LEU C 301 -9.38 32.82 32.06
N LYS C 302 -9.91 34.02 31.82
CA LYS C 302 -9.20 35.27 32.13
C LYS C 302 -9.51 35.82 33.52
N ASN C 303 -8.57 36.58 34.07
CA ASN C 303 -8.71 37.12 35.44
C ASN C 303 -8.99 35.98 36.42
N GLY C 304 -9.95 36.18 37.33
CA GLY C 304 -10.26 35.18 38.35
C GLY C 304 -11.13 34.03 37.88
N GLY C 305 -11.53 34.08 36.61
CA GLY C 305 -12.49 33.13 36.05
C GLY C 305 -13.82 33.80 35.76
N VAL C 306 -14.38 33.52 34.58
CA VAL C 306 -15.59 34.21 34.13
C VAL C 306 -16.59 33.23 33.49
N PRO C 307 -17.66 32.84 34.22
CA PRO C 307 -18.68 31.98 33.62
C PRO C 307 -19.20 32.55 32.30
N SER C 308 -19.29 31.69 31.27
CA SER C 308 -19.62 32.12 29.90
C SER C 308 -20.52 31.17 29.10
N THR C 309 -21.09 31.70 28.02
CA THR C 309 -21.49 30.92 26.84
C THR C 309 -21.44 31.78 25.60
N THR C 310 -22.05 31.23 24.55
CA THR C 310 -22.24 31.93 23.31
C THR C 310 -23.72 31.90 22.98
N ILE C 311 -24.30 33.09 22.82
CA ILE C 311 -25.66 33.21 22.31
C ILE C 311 -25.55 33.07 20.79
N GLY C 312 -25.99 31.93 20.28
CA GLY C 312 -25.69 31.56 18.92
C GLY C 312 -26.84 31.22 17.99
N VAL C 313 -26.45 31.01 16.74
CA VAL C 313 -27.33 30.71 15.64
C VAL C 313 -26.49 29.78 14.74
N CYS C 314 -27.06 28.72 14.20
CA CYS C 314 -26.28 27.95 13.24
C CYS C 314 -26.51 28.49 11.83
N ALA C 315 -25.57 28.21 10.94
CA ALA C 315 -25.67 28.63 9.55
C ALA C 315 -24.98 27.57 8.71
N ARG C 316 -25.46 27.40 7.48
CA ARG C 316 -24.86 26.42 6.58
C ARG C 316 -23.69 27.04 5.84
N TYR C 317 -22.62 26.26 5.72
CA TYR C 317 -21.44 26.58 4.89
C TYR C 317 -20.73 27.84 5.36
N ILE C 318 -20.47 27.89 6.67
CA ILE C 318 -19.66 28.93 7.30
C ILE C 318 -18.25 28.92 6.70
N HIS C 319 -17.54 30.03 6.85
CA HIS C 319 -16.16 30.14 6.35
C HIS C 319 -16.09 29.94 4.84
N SER C 320 -17.03 30.53 4.12
CA SER C 320 -17.00 30.53 2.66
C SER C 320 -17.65 31.79 2.12
N HIS C 321 -17.71 31.91 0.79
CA HIS C 321 -18.37 33.03 0.13
C HIS C 321 -19.89 32.85 0.15
N GLN C 322 -20.37 31.64 0.41
CA GLN C 322 -21.80 31.36 0.35
C GLN C 322 -22.36 30.68 1.60
N THR C 323 -22.65 31.49 2.61
CA THR C 323 -23.28 31.04 3.84
C THR C 323 -24.79 31.21 3.74
N LEU C 324 -25.55 30.22 4.19
CA LEU C 324 -27.01 30.23 4.10
C LEU C 324 -27.62 30.06 5.48
N TYR C 325 -28.57 30.92 5.80
CA TYR C 325 -29.09 31.06 7.16
C TYR C 325 -30.44 31.74 7.21
N ALA C 326 -31.17 31.52 8.29
CA ALA C 326 -32.53 32.02 8.46
C ALA C 326 -32.60 33.30 9.28
N MET C 327 -33.34 34.28 8.76
CA MET C 327 -33.56 35.54 9.46
C MET C 327 -34.31 35.27 10.75
N ASP C 328 -35.24 34.32 10.68
CA ASP C 328 -36.04 33.93 11.82
C ASP C 328 -35.19 33.56 13.05
N ASP C 329 -34.14 32.78 12.81
CA ASP C 329 -33.16 32.43 13.83
C ASP C 329 -32.55 33.65 14.48
N PHE C 330 -32.16 34.63 13.66
CA PHE C 330 -31.59 35.88 14.20
C PHE C 330 -32.56 36.54 15.17
N LEU C 331 -33.84 36.60 14.81
CA LEU C 331 -34.84 37.23 15.65
C LEU C 331 -34.99 36.47 16.97
N GLU C 332 -34.86 35.15 16.91
CA GLU C 332 -34.89 34.32 18.13
C GLU C 332 -33.71 34.59 19.06
N ALA C 333 -32.50 34.62 18.49
CA ALA C 333 -31.28 34.88 19.25
C ALA C 333 -31.25 36.28 19.87
N GLN C 334 -31.69 37.28 19.10
CA GLN C 334 -31.78 38.66 19.58
C GLN C 334 -32.71 38.78 20.77
N ALA C 335 -33.93 38.26 20.63
CA ALA C 335 -34.92 38.25 21.70
C ALA C 335 -34.38 37.56 22.96
N PHE C 336 -33.55 36.53 22.74
CA PHE C 336 -32.93 35.77 23.81
C PHE C 336 -31.84 36.59 24.50
N LEU C 337 -31.03 37.29 23.70
CA LEU C 337 -29.97 38.12 24.22
C LEU C 337 -30.56 39.26 25.07
N GLN C 338 -31.65 39.83 24.59
CA GLN C 338 -32.34 40.90 25.31
C GLN C 338 -32.80 40.39 26.67
N ALA C 339 -33.53 39.29 26.67
CA ALA C 339 -34.07 38.73 27.90
C ALA C 339 -32.94 38.46 28.89
N LEU C 340 -31.86 37.84 28.40
CA LEU C 340 -30.74 37.45 29.26
C LEU C 340 -30.12 38.63 29.97
N VAL C 341 -29.81 39.71 29.24
CA VAL C 341 -29.09 40.84 29.83
C VAL C 341 -29.94 41.70 30.77
N LYS C 342 -31.24 41.81 30.44
CA LYS C 342 -32.21 42.47 31.32
C LYS C 342 -32.37 41.72 32.64
N LYS C 343 -32.13 40.41 32.59
CA LYS C 343 -32.31 39.54 33.75
C LYS C 343 -31.04 39.40 34.58
N LEU C 344 -29.90 39.77 34.02
CA LEU C 344 -28.63 39.67 34.73
C LEU C 344 -28.45 40.84 35.68
N ASP C 345 -28.35 40.50 36.97
CA ASP C 345 -28.14 41.46 38.04
C ASP C 345 -27.37 40.78 39.15
N ARG C 346 -27.21 41.47 40.29
CA ARG C 346 -26.52 40.90 41.44
C ARG C 346 -27.07 39.51 41.82
N SER C 347 -28.38 39.41 42.02
CA SER C 347 -29.02 38.15 42.44
C SER C 347 -28.72 36.98 41.53
N THR C 348 -29.00 37.16 40.23
CA THR C 348 -28.87 36.08 39.26
C THR C 348 -27.42 35.72 38.91
N VAL C 349 -26.50 36.69 38.96
CA VAL C 349 -25.08 36.34 38.75
C VAL C 349 -24.51 35.55 39.93
N ASP C 350 -24.88 35.95 41.15
CA ASP C 350 -24.50 35.21 42.35
C ASP C 350 -25.04 33.78 42.26
N LEU C 351 -26.27 33.64 41.78
CA LEU C 351 -26.88 32.33 41.57
C LEU C 351 -26.12 31.52 40.53
N ILE C 352 -25.63 32.20 39.49
CA ILE C 352 -24.82 31.52 38.47
C ILE C 352 -23.51 31.04 39.10
N LYS C 353 -22.91 31.87 39.93
CA LYS C 353 -21.65 31.54 40.60
C LYS C 353 -21.86 30.89 41.97
N HIS C 354 -22.99 30.20 42.16
CA HIS C 354 -23.27 29.55 43.44
C HIS C 354 -22.37 28.33 43.68
N TYR C 355 -21.30 28.53 44.44
CA TYR C 355 -20.34 27.45 44.69
C TYR C 355 -20.30 27.03 46.16
N SER D 1 51.82 6.52 29.83
CA SER D 1 51.04 7.70 30.34
C SER D 1 49.83 8.04 29.48
N MET D 2 48.69 8.23 30.14
CA MET D 2 47.44 8.57 29.47
C MET D 2 47.41 10.00 28.92
N THR D 3 47.99 10.95 29.66
CA THR D 3 48.04 12.37 29.21
C THR D 3 48.76 12.51 27.88
N THR D 4 49.85 11.74 27.72
CA THR D 4 50.65 11.71 26.51
C THR D 4 49.92 11.03 25.34
N LEU D 5 49.36 9.85 25.60
CA LEU D 5 48.60 9.11 24.59
C LEU D 5 47.57 10.02 23.93
N PHE D 6 46.86 10.78 24.76
CA PHE D 6 45.82 11.69 24.28
C PHE D 6 46.38 12.72 23.30
N SER D 7 47.47 13.37 23.71
CA SER D 7 48.16 14.35 22.85
C SER D 7 48.47 13.76 21.48
N LYS D 8 49.01 12.54 21.50
CA LYS D 8 49.37 11.83 20.28
C LYS D 8 48.13 11.57 19.42
N ILE D 9 47.03 11.18 20.07
CA ILE D 9 45.76 10.96 19.40
C ILE D 9 45.17 12.27 18.89
N LYS D 10 45.23 13.33 19.69
CA LYS D 10 44.75 14.65 19.27
C LYS D 10 45.44 15.13 17.96
N GLU D 11 46.75 14.94 17.88
CA GLU D 11 47.54 15.26 16.70
C GLU D 11 47.06 14.52 15.45
N VAL D 12 47.00 13.17 15.52
CA VAL D 12 46.70 12.37 14.33
C VAL D 12 45.27 12.46 13.83
N THR D 13 44.32 12.55 14.76
CA THR D 13 42.90 12.60 14.42
C THR D 13 42.48 13.97 13.88
N GLU D 14 43.28 15.00 14.15
CA GLU D 14 42.98 16.35 13.70
C GLU D 14 43.65 16.71 12.38
N LEU D 15 44.49 15.80 11.88
CA LEU D 15 45.04 15.91 10.54
C LEU D 15 43.90 15.69 9.56
N ALA D 16 43.99 16.31 8.38
CA ALA D 16 42.88 16.29 7.44
C ALA D 16 43.26 15.67 6.10
N ALA D 17 42.80 14.44 5.88
CA ALA D 17 43.12 13.72 4.65
C ALA D 17 42.01 12.76 4.23
N VAL D 18 41.28 13.19 3.22
CA VAL D 18 40.23 12.41 2.60
C VAL D 18 40.89 11.51 1.55
N SER D 19 40.27 10.37 1.24
CA SER D 19 40.79 9.44 0.24
C SER D 19 41.39 10.16 -0.96
N GLY D 20 42.58 9.71 -1.39
CA GLY D 20 43.27 10.27 -2.56
C GLY D 20 43.99 11.59 -2.32
N HIS D 21 43.92 12.09 -1.08
CA HIS D 21 44.49 13.39 -0.71
C HIS D 21 45.17 13.32 0.65
N GLU D 22 45.91 12.23 0.87
CA GLU D 22 46.49 11.94 2.19
C GLU D 22 47.93 12.39 2.41
N ALA D 23 48.36 13.39 1.63
CA ALA D 23 49.69 13.97 1.77
C ALA D 23 49.97 14.49 3.20
N PRO D 24 49.03 15.25 3.81
CA PRO D 24 49.32 15.66 5.20
C PRO D 24 49.61 14.48 6.12
N VAL D 25 48.83 13.40 6.02
CA VAL D 25 49.03 12.22 6.87
C VAL D 25 50.32 11.51 6.50
N ARG D 26 50.59 11.40 5.19
CA ARG D 26 51.87 10.82 4.73
C ARG D 26 53.07 11.60 5.27
N ALA D 27 53.03 12.93 5.16
CA ALA D 27 54.06 13.79 5.71
C ALA D 27 54.33 13.50 7.20
N TYR D 28 53.25 13.39 7.98
CA TYR D 28 53.35 13.00 9.39
C TYR D 28 54.03 11.65 9.56
N LEU D 29 53.57 10.64 8.81
CA LEU D 29 54.15 9.30 8.92
C LEU D 29 55.61 9.22 8.51
N ARG D 30 55.96 9.88 7.40
CA ARG D 30 57.35 9.95 6.95
C ARG D 30 58.27 10.46 8.05
N GLU D 31 57.83 11.50 8.75
CA GLU D 31 58.59 12.12 9.81
C GLU D 31 58.73 11.21 11.06
N LYS D 32 57.79 10.29 11.24
CA LYS D 32 57.83 9.39 12.39
C LYS D 32 58.46 8.06 12.04
N LEU D 33 58.42 7.72 10.75
CA LEU D 33 58.96 6.48 10.24
C LEU D 33 60.47 6.54 10.07
N THR D 34 60.93 7.52 9.29
CA THR D 34 62.34 7.63 8.86
C THR D 34 63.39 7.30 9.96
N PRO D 35 63.28 7.92 11.16
CA PRO D 35 64.36 7.70 12.14
C PRO D 35 64.49 6.28 12.70
N HIS D 36 63.49 5.41 12.50
CA HIS D 36 63.50 4.07 13.13
C HIS D 36 63.48 2.92 12.13
N VAL D 37 63.84 3.24 10.89
CA VAL D 37 63.75 2.32 9.76
C VAL D 37 64.93 2.54 8.82
N ASP D 38 65.33 1.49 8.11
CA ASP D 38 66.45 1.56 7.15
C ASP D 38 66.14 2.37 5.90
N GLU D 39 64.87 2.34 5.48
CA GLU D 39 64.49 2.79 4.15
C GLU D 39 63.00 3.13 4.12
N VAL D 40 62.67 4.21 3.43
CA VAL D 40 61.29 4.68 3.34
C VAL D 40 60.83 4.61 1.88
N VAL D 41 59.86 3.75 1.60
CA VAL D 41 59.41 3.55 0.23
C VAL D 41 57.93 3.86 0.02
N THR D 42 57.54 3.99 -1.24
CA THR D 42 56.23 4.51 -1.60
C THR D 42 55.62 3.68 -2.74
N ASP D 43 54.31 3.46 -2.70
CA ASP D 43 53.67 2.78 -3.85
C ASP D 43 53.18 3.81 -4.85
N GLY D 44 52.69 3.36 -6.01
CA GLY D 44 52.25 4.25 -7.09
C GLY D 44 51.18 5.27 -6.71
N LEU D 45 50.37 4.96 -5.69
CA LEU D 45 49.20 5.75 -5.39
C LEU D 45 49.36 6.69 -4.20
N GLY D 46 50.51 6.60 -3.52
CA GLY D 46 50.84 7.50 -2.43
C GLY D 46 51.04 6.88 -1.06
N GLY D 47 50.98 5.55 -0.97
CA GLY D 47 51.21 4.84 0.30
C GLY D 47 52.68 4.86 0.71
N ILE D 48 52.95 5.17 1.98
CA ILE D 48 54.33 5.13 2.54
C ILE D 48 54.57 3.91 3.41
N PHE D 49 55.79 3.37 3.31
CA PHE D 49 56.17 2.23 4.13
C PHE D 49 57.63 2.28 4.49
N GLY D 50 57.91 2.03 5.77
CA GLY D 50 59.26 1.83 6.24
C GLY D 50 59.67 0.38 6.10
N ILE D 51 60.84 0.15 5.51
CA ILE D 51 61.42 -1.19 5.46
C ILE D 51 62.44 -1.34 6.60
N LYS D 52 62.26 -2.38 7.40
CA LYS D 52 63.18 -2.69 8.48
C LYS D 52 63.88 -4.03 8.16
N HIS D 53 65.10 -3.95 7.61
CA HIS D 53 65.85 -5.14 7.16
C HIS D 53 66.16 -6.12 8.32
N SER D 54 66.18 -7.42 8.01
CA SER D 54 66.45 -8.44 9.00
C SER D 54 67.76 -9.18 8.74
N GLU D 55 68.48 -9.49 9.82
CA GLU D 55 69.74 -10.23 9.72
C GLU D 55 69.51 -11.72 9.47
N ALA D 56 68.27 -12.17 9.72
CA ALA D 56 67.89 -13.58 9.55
C ALA D 56 68.02 -14.03 8.10
N VAL D 57 68.46 -15.27 7.93
CA VAL D 57 68.84 -15.82 6.61
C VAL D 57 67.67 -15.85 5.63
N ASP D 58 66.59 -16.54 6.03
CA ASP D 58 65.42 -16.66 5.18
C ASP D 58 64.29 -15.76 5.70
N ALA D 59 64.67 -14.61 6.28
CA ALA D 59 63.72 -13.66 6.83
C ALA D 59 62.53 -13.47 5.89
N PRO D 60 61.32 -13.82 6.35
CA PRO D 60 60.13 -13.66 5.51
C PRO D 60 59.61 -12.22 5.50
N ARG D 61 59.13 -11.78 4.35
CA ARG D 61 58.51 -10.46 4.21
C ARG D 61 57.16 -10.43 4.93
N VAL D 62 57.03 -9.48 5.85
CA VAL D 62 55.78 -9.20 6.57
C VAL D 62 55.40 -7.73 6.31
N LEU D 63 54.18 -7.52 5.84
CA LEU D 63 53.69 -6.17 5.63
C LEU D 63 52.63 -5.85 6.68
N VAL D 64 52.81 -4.70 7.33
CA VAL D 64 51.86 -4.18 8.32
C VAL D 64 51.37 -2.81 7.85
N ALA D 65 50.07 -2.71 7.58
CA ALA D 65 49.52 -1.50 6.99
C ALA D 65 48.21 -1.06 7.62
N SER D 66 48.16 0.21 7.97
CA SER D 66 46.93 0.88 8.32
C SER D 66 46.52 1.65 7.07
N HIS D 67 45.58 2.58 7.19
CA HIS D 67 45.29 3.49 6.08
C HIS D 67 45.19 4.93 6.52
N MET D 68 45.63 5.83 5.65
CA MET D 68 45.80 7.24 5.99
C MET D 68 44.54 8.08 5.82
N ASP D 69 43.69 7.70 4.87
CA ASP D 69 42.50 8.47 4.56
C ASP D 69 41.36 8.32 5.57
N GLU D 70 40.47 9.31 5.58
CA GLU D 70 39.25 9.31 6.39
C GLU D 70 38.03 9.59 5.52
N VAL D 71 36.84 9.23 6.00
CA VAL D 71 35.62 9.57 5.26
C VAL D 71 35.44 11.08 5.10
N GLY D 72 34.83 11.49 4.00
CA GLY D 72 34.58 12.91 3.76
C GLY D 72 33.64 13.15 2.60
N PHE D 73 33.70 14.38 2.06
CA PHE D 73 32.94 14.71 0.86
C PHE D 73 33.80 15.41 -0.19
N MET D 74 33.29 15.51 -1.41
CA MET D 74 33.99 16.18 -2.51
C MET D 74 33.02 16.99 -3.35
N VAL D 75 33.38 18.23 -3.65
CA VAL D 75 32.52 19.14 -4.42
C VAL D 75 32.24 18.52 -5.80
N SER D 76 30.96 18.41 -6.16
CA SER D 76 30.63 17.90 -7.51
C SER D 76 30.20 19.04 -8.46
N GLU D 77 29.56 20.07 -7.89
CA GLU D 77 29.23 21.29 -8.62
C GLU D 77 29.11 22.47 -7.66
N ILE D 78 29.35 23.67 -8.19
CA ILE D 78 29.12 24.90 -7.45
C ILE D 78 27.88 25.55 -8.02
N LYS D 79 26.82 25.63 -7.22
CA LYS D 79 25.56 26.24 -7.66
C LYS D 79 25.77 27.74 -7.95
N PRO D 80 24.86 28.37 -8.76
CA PRO D 80 25.01 29.81 -9.00
C PRO D 80 24.94 30.66 -7.74
N ASP D 81 24.27 30.15 -6.70
CA ASP D 81 24.11 30.91 -5.46
C ASP D 81 25.30 30.78 -4.52
N GLY D 82 26.32 30.05 -4.95
CA GLY D 82 27.55 29.91 -4.16
C GLY D 82 27.65 28.66 -3.31
N THR D 83 26.54 27.96 -3.13
CA THR D 83 26.55 26.72 -2.35
C THR D 83 27.17 25.59 -3.15
N PHE D 84 27.47 24.50 -2.47
CA PHE D 84 28.08 23.36 -3.11
C PHE D 84 27.19 22.13 -3.02
N ARG D 85 27.28 21.28 -4.04
CA ARG D 85 26.69 19.96 -3.94
C ARG D 85 27.84 18.98 -3.95
N VAL D 86 27.72 17.96 -3.13
CA VAL D 86 28.84 17.08 -2.85
C VAL D 86 28.58 15.65 -3.28
N VAL D 87 29.67 14.89 -3.36
CA VAL D 87 29.60 13.45 -3.51
C VAL D 87 30.36 12.89 -2.31
N GLU D 88 29.83 11.84 -1.68
CA GLU D 88 30.49 11.24 -0.54
C GLU D 88 31.78 10.51 -0.92
N ILE D 89 32.83 10.73 -0.15
CA ILE D 89 34.05 9.95 -0.26
C ILE D 89 34.13 9.08 0.97
N GLY D 90 33.93 7.78 0.78
CA GLY D 90 33.70 6.85 1.90
C GLY D 90 32.22 6.78 2.23
N GLY D 91 31.82 5.71 2.91
CA GLY D 91 30.42 5.49 3.24
C GLY D 91 29.91 6.32 4.41
N TRP D 92 28.88 7.13 4.15
CA TRP D 92 28.24 7.97 5.17
C TRP D 92 26.78 7.58 5.39
N ASN D 93 26.37 7.53 6.65
CA ASN D 93 24.97 7.45 7.03
C ASN D 93 24.35 8.84 6.85
N PRO D 94 23.38 8.98 5.92
CA PRO D 94 22.81 10.31 5.68
C PRO D 94 22.16 10.93 6.94
N MET D 95 21.82 10.10 7.92
CA MET D 95 21.27 10.56 9.21
C MET D 95 22.20 11.47 10.00
N VAL D 96 23.50 11.36 9.74
CA VAL D 96 24.52 12.08 10.51
C VAL D 96 25.13 13.27 9.74
N VAL D 97 24.74 13.45 8.49
CA VAL D 97 25.43 14.38 7.60
C VAL D 97 25.00 15.85 7.72
N SER D 98 23.75 16.09 8.10
CA SER D 98 23.22 17.44 8.14
C SER D 98 23.74 18.22 9.34
N SER D 99 23.96 19.52 9.15
CA SER D 99 24.43 20.43 10.21
C SER D 99 25.77 20.01 10.81
N GLN D 100 26.80 20.03 9.98
CA GLN D 100 28.14 19.60 10.39
C GLN D 100 29.20 20.55 9.88
N ARG D 101 30.19 20.88 10.70
CA ARG D 101 31.34 21.66 10.27
C ARG D 101 32.32 20.82 9.43
N PHE D 102 32.92 21.46 8.44
CA PHE D 102 33.93 20.85 7.58
C PHE D 102 35.01 21.86 7.22
N LYS D 103 36.10 21.38 6.64
CA LYS D 103 37.08 22.24 5.98
C LYS D 103 37.18 21.88 4.51
N LEU D 104 36.88 22.85 3.65
CA LEU D 104 37.10 22.68 2.22
C LEU D 104 38.56 23.00 1.89
N LEU D 105 39.23 22.05 1.23
CA LEU D 105 40.64 22.16 0.93
C LEU D 105 40.89 22.47 -0.54
N THR D 106 41.31 23.70 -0.78
CA THR D 106 41.54 24.23 -2.12
C THR D 106 42.88 23.75 -2.70
N ARG D 107 42.94 23.66 -4.03
CA ARG D 107 44.15 23.26 -4.74
C ARG D 107 45.29 24.27 -4.51
N ASP D 108 44.94 25.56 -4.49
CA ASP D 108 45.91 26.63 -4.23
C ASP D 108 46.25 26.80 -2.73
N GLY D 109 45.65 25.97 -1.86
CA GLY D 109 46.04 25.92 -0.44
C GLY D 109 45.14 26.61 0.57
N HIS D 110 43.99 27.12 0.12
CA HIS D 110 42.98 27.70 1.01
C HIS D 110 42.34 26.62 1.88
N GLU D 111 42.01 27.02 3.11
CA GLU D 111 41.26 26.16 4.03
C GLU D 111 40.00 26.90 4.45
N ILE D 112 38.97 26.79 3.63
CA ILE D 112 37.77 27.58 3.83
C ILE D 112 36.72 26.78 4.64
N PRO D 113 36.11 27.42 5.66
CA PRO D 113 35.08 26.75 6.45
C PRO D 113 33.80 26.47 5.66
N VAL D 114 33.26 25.27 5.82
CA VAL D 114 32.04 24.85 5.11
C VAL D 114 31.17 24.02 6.06
N ILE D 115 29.87 24.30 6.05
CA ILE D 115 28.91 23.51 6.80
C ILE D 115 27.89 22.83 5.88
N SER D 116 27.34 21.72 6.33
CA SER D 116 26.16 21.16 5.70
C SER D 116 24.95 21.79 6.34
N GLY D 117 23.88 21.97 5.55
CA GLY D 117 22.62 22.48 6.06
C GLY D 117 21.72 21.35 6.53
N PRO D 133 16.41 11.94 2.45
CA PRO D 133 17.69 12.65 2.67
C PRO D 133 18.83 12.10 1.80
N ALA D 134 18.92 12.56 0.55
CA ALA D 134 19.98 12.10 -0.35
C ALA D 134 21.16 13.07 -0.36
N ILE D 135 22.37 12.53 -0.24
CA ILE D 135 23.58 13.34 -0.12
C ILE D 135 23.68 14.41 -1.20
N ALA D 136 23.48 13.98 -2.45
CA ALA D 136 23.48 14.87 -3.60
C ALA D 136 22.53 16.09 -3.50
N ASP D 137 21.56 16.03 -2.59
CA ASP D 137 20.64 17.15 -2.40
C ASP D 137 20.96 18.01 -1.17
N ILE D 138 21.89 17.55 -0.34
CA ILE D 138 22.26 18.30 0.87
C ILE D 138 23.04 19.54 0.52
N VAL D 139 22.62 20.66 1.09
CA VAL D 139 23.26 21.96 0.86
C VAL D 139 24.53 22.05 1.69
N PHE D 140 25.64 22.33 1.00
CA PHE D 140 26.91 22.61 1.65
C PHE D 140 27.22 24.08 1.42
N ASP D 141 27.62 24.77 2.49
CA ASP D 141 27.56 26.22 2.55
C ASP D 141 28.85 26.82 3.13
N GLY D 142 29.50 27.67 2.34
CA GLY D 142 30.71 28.38 2.77
C GLY D 142 30.47 29.86 2.96
N GLY D 143 29.20 30.27 2.95
CA GLY D 143 28.82 31.66 3.15
C GLY D 143 29.20 32.58 2.00
N PHE D 144 29.10 32.08 0.77
CA PHE D 144 29.39 32.90 -0.40
C PHE D 144 28.12 33.48 -0.99
N ALA D 145 28.26 34.56 -1.75
CA ALA D 145 27.09 35.20 -2.32
C ALA D 145 26.74 34.66 -3.72
N ASP D 146 27.72 34.05 -4.39
CA ASP D 146 27.49 33.41 -5.69
C ASP D 146 28.64 32.52 -6.13
N LYS D 147 28.48 31.87 -7.28
CA LYS D 147 29.49 30.99 -7.84
C LYS D 147 30.82 31.74 -8.01
N ALA D 148 30.74 32.97 -8.50
CA ALA D 148 31.93 33.77 -8.80
C ALA D 148 32.79 33.96 -7.56
N GLU D 149 32.17 34.30 -6.43
CA GLU D 149 32.92 34.57 -5.20
C GLU D 149 33.59 33.30 -4.68
N ALA D 150 32.84 32.20 -4.70
CA ALA D 150 33.39 30.91 -4.27
C ALA D 150 34.59 30.58 -5.14
N GLU D 151 34.41 30.64 -6.45
CA GLU D 151 35.50 30.44 -7.39
C GLU D 151 36.68 31.39 -7.13
N SER D 152 36.38 32.62 -6.73
CA SER D 152 37.41 33.64 -6.47
C SER D 152 38.23 33.35 -5.21
N PHE D 153 37.76 32.40 -4.39
CA PHE D 153 38.53 31.92 -3.25
C PHE D 153 39.30 30.65 -3.56
N GLY D 154 39.34 30.27 -4.83
CA GLY D 154 40.14 29.14 -5.29
C GLY D 154 39.41 27.82 -5.38
N ILE D 155 38.10 27.86 -5.15
CA ILE D 155 37.27 26.66 -5.04
C ILE D 155 36.84 26.15 -6.41
N ARG D 156 36.99 24.85 -6.63
CA ARG D 156 36.65 24.23 -7.90
C ARG D 156 35.99 22.87 -7.67
N PRO D 157 35.17 22.40 -8.63
CA PRO D 157 34.69 21.03 -8.56
C PRO D 157 35.86 20.07 -8.39
N GLY D 158 35.78 19.18 -7.41
CA GLY D 158 36.83 18.21 -7.13
C GLY D 158 37.57 18.48 -5.84
N ASP D 159 37.36 19.68 -5.30
CA ASP D 159 37.92 20.06 -4.00
C ASP D 159 37.39 19.19 -2.88
N THR D 160 38.31 18.81 -1.99
CA THR D 160 38.07 17.88 -0.90
C THR D 160 37.47 18.57 0.34
N ILE D 161 36.44 17.95 0.92
CA ILE D 161 35.73 18.48 2.09
C ILE D 161 35.87 17.53 3.29
N VAL D 162 36.65 17.94 4.29
CA VAL D 162 37.01 17.12 5.46
C VAL D 162 36.24 17.52 6.73
N PRO D 163 35.73 16.54 7.50
CA PRO D 163 35.05 16.85 8.76
C PRO D 163 35.94 17.66 9.71
N ASP D 164 35.33 18.62 10.40
CA ASP D 164 36.04 19.46 11.35
C ASP D 164 35.54 19.16 12.75
N SER D 165 36.40 18.52 13.54
CA SER D 165 36.06 18.00 14.86
C SER D 165 37.36 17.79 15.65
N SER D 166 37.46 18.45 16.80
CA SER D 166 38.64 18.31 17.68
C SER D 166 38.53 17.04 18.53
N ALA D 167 39.68 16.57 19.05
CA ALA D 167 39.69 15.42 19.96
C ALA D 167 39.56 15.89 21.41
N ILE D 168 38.70 15.24 22.19
CA ILE D 168 38.51 15.60 23.61
C ILE D 168 38.36 14.38 24.53
N LEU D 169 38.80 14.52 25.77
CA LEU D 169 38.72 13.46 26.76
C LEU D 169 37.30 13.40 27.35
N THR D 170 36.77 12.20 27.57
CA THR D 170 35.48 12.06 28.24
C THR D 170 35.66 12.29 29.74
N ALA D 171 34.56 12.55 30.45
CA ALA D 171 34.59 12.90 31.87
C ALA D 171 35.42 11.94 32.72
N ASN D 172 35.28 10.64 32.48
CA ASN D 172 35.99 9.65 33.29
C ASN D 172 37.43 9.45 32.88
N GLU D 173 37.83 10.18 31.83
CA GLU D 173 39.21 10.23 31.34
C GLU D 173 39.74 8.89 30.81
N LYS D 174 38.83 7.96 30.57
CA LYS D 174 39.21 6.68 30.00
C LYS D 174 39.05 6.72 28.49
N ASN D 175 38.14 7.58 28.04
CA ASN D 175 37.74 7.57 26.64
C ASN D 175 37.95 8.87 25.91
N ILE D 176 38.00 8.78 24.58
CA ILE D 176 38.16 9.95 23.75
C ILE D 176 36.96 10.10 22.80
N ILE D 177 36.59 11.35 22.57
CA ILE D 177 35.63 11.70 21.54
C ILE D 177 36.39 12.49 20.49
N SER D 178 36.38 12.00 19.25
CA SER D 178 37.04 12.69 18.14
C SER D 178 36.53 12.19 16.78
N LYS D 179 37.01 12.80 15.71
CA LYS D 179 36.75 12.32 14.36
C LYS D 179 37.82 11.30 14.01
N ALA D 180 37.59 10.54 12.93
CA ALA D 180 38.62 9.78 12.22
C ALA D 180 39.47 8.76 13.01
N TRP D 181 38.97 8.26 14.14
CA TRP D 181 39.70 7.21 14.84
C TRP D 181 39.92 6.07 13.86
N ASP D 182 38.93 5.87 13.01
CA ASP D 182 39.09 5.13 11.78
C ASP D 182 39.60 6.12 10.73
N ASN D 183 40.88 6.04 10.36
CA ASN D 183 41.83 5.08 10.90
C ASN D 183 43.12 5.75 11.37
N ARG D 184 42.99 6.79 12.18
CA ARG D 184 44.18 7.40 12.75
C ARG D 184 44.69 6.56 13.93
N TYR D 185 43.82 5.69 14.45
CA TYR D 185 44.24 4.63 15.34
C TYR D 185 45.39 3.84 14.72
N GLY D 186 45.18 3.40 13.47
CA GLY D 186 46.17 2.62 12.73
C GLY D 186 47.39 3.42 12.33
N VAL D 187 47.19 4.72 12.10
CA VAL D 187 48.31 5.62 11.82
C VAL D 187 49.21 5.74 13.04
N LEU D 188 48.62 6.01 14.21
CA LEU D 188 49.37 6.09 15.46
C LEU D 188 49.99 4.73 15.80
N MET D 189 49.21 3.67 15.58
CA MET D 189 49.60 2.31 15.90
C MET D 189 50.86 1.92 15.13
N VAL D 190 50.91 2.33 13.87
CA VAL D 190 52.06 2.12 13.01
C VAL D 190 53.26 2.96 13.48
N SER D 191 53.00 4.23 13.82
CA SER D 191 54.02 5.13 14.33
C SER D 191 54.65 4.61 15.61
N GLU D 192 53.80 4.22 16.57
CA GLU D 192 54.24 3.70 17.86
C GLU D 192 55.04 2.43 17.71
N LEU D 193 54.63 1.59 16.75
CA LEU D 193 55.31 0.33 16.49
C LEU D 193 56.75 0.59 16.09
N ALA D 194 56.96 1.50 15.13
CA ALA D 194 58.29 1.86 14.65
C ALA D 194 59.22 2.35 15.79
N GLU D 195 58.68 3.21 16.64
CA GLU D 195 59.36 3.71 17.83
C GLU D 195 59.76 2.53 18.74
N ALA D 196 58.80 1.65 19.01
CA ALA D 196 58.99 0.51 19.92
C ALA D 196 59.95 -0.57 19.44
N LEU D 197 60.02 -0.80 18.13
CA LEU D 197 60.88 -1.84 17.59
C LEU D 197 62.25 -1.33 17.16
N SER D 198 62.47 -0.02 17.32
CA SER D 198 63.69 0.65 16.85
C SER D 198 64.96 -0.07 17.26
N GLY D 199 65.11 -0.31 18.56
CA GLY D 199 66.29 -1.02 19.09
C GLY D 199 66.35 -2.48 18.66
N GLN D 200 65.18 -3.10 18.51
CA GLN D 200 65.06 -4.54 18.29
C GLN D 200 65.55 -5.01 16.93
N LYS D 201 65.93 -6.28 16.88
CA LYS D 201 66.19 -6.97 15.62
C LYS D 201 65.28 -8.18 15.46
N LEU D 202 64.50 -8.17 14.38
CA LEU D 202 63.41 -9.11 14.18
C LEU D 202 63.81 -10.28 13.28
N GLY D 203 63.07 -11.37 13.38
CA GLY D 203 63.26 -12.53 12.51
C GLY D 203 62.50 -12.42 11.19
N ASN D 204 61.98 -11.23 10.89
CA ASN D 204 61.28 -10.98 9.64
C ASN D 204 61.68 -9.65 8.99
N GLU D 205 61.59 -9.62 7.65
CA GLU D 205 61.81 -8.41 6.87
C GLU D 205 60.55 -7.55 6.97
N LEU D 206 60.61 -6.50 7.79
CA LEU D 206 59.40 -5.74 8.14
C LEU D 206 59.14 -4.56 7.20
N TYR D 207 57.91 -4.51 6.68
CA TYR D 207 57.43 -3.40 5.88
C TYR D 207 56.26 -2.77 6.64
N LEU D 208 56.53 -1.65 7.28
CA LEU D 208 55.62 -1.03 8.22
C LEU D 208 55.16 0.30 7.63
N GLY D 209 53.86 0.53 7.61
CA GLY D 209 53.36 1.79 7.09
C GLY D 209 51.85 1.88 6.97
N SER D 210 51.41 2.64 5.97
CA SER D 210 50.00 2.95 5.83
C SER D 210 49.56 3.13 4.39
N ASN D 211 48.41 2.55 4.10
CA ASN D 211 47.82 2.57 2.77
C ASN D 211 47.15 3.89 2.39
N VAL D 212 47.00 4.08 1.09
CA VAL D 212 46.25 5.18 0.54
C VAL D 212 44.85 4.62 0.19
N GLN D 213 43.85 5.50 0.18
CA GLN D 213 42.53 5.22 -0.43
C GLN D 213 41.80 3.95 -0.01
N GLU D 214 41.72 3.69 1.29
CA GLU D 214 41.01 2.51 1.79
C GLU D 214 39.49 2.71 1.80
N GLU D 215 39.05 3.92 2.15
CA GLU D 215 37.63 4.25 2.34
C GLU D 215 36.76 4.13 1.11
N VAL D 216 37.39 4.11 -0.06
CA VAL D 216 36.68 4.10 -1.33
C VAL D 216 36.65 2.72 -1.98
N GLY D 217 37.21 1.71 -1.31
CA GLY D 217 37.17 0.33 -1.80
C GLY D 217 38.50 -0.43 -1.68
N LEU D 218 39.22 -0.17 -0.59
CA LEU D 218 40.48 -0.85 -0.29
C LEU D 218 41.54 -0.69 -1.38
N ARG D 219 41.57 0.47 -2.03
CA ARG D 219 42.33 0.64 -3.26
C ARG D 219 43.87 0.57 -3.05
N GLY D 220 44.36 1.25 -2.02
CA GLY D 220 45.79 1.21 -1.70
C GLY D 220 46.34 -0.16 -1.32
N ALA D 221 45.50 -0.99 -0.72
CA ALA D 221 45.89 -2.34 -0.31
C ALA D 221 46.15 -3.25 -1.50
N HIS D 222 45.54 -2.94 -2.64
CA HIS D 222 45.85 -3.65 -3.87
C HIS D 222 47.29 -3.41 -4.26
N THR D 223 47.68 -2.14 -4.25
CA THR D 223 48.94 -1.71 -4.85
C THR D 223 50.16 -1.92 -3.97
N SER D 224 50.01 -1.74 -2.67
CA SER D 224 51.12 -1.92 -1.72
C SER D 224 51.44 -3.40 -1.51
N THR D 225 50.40 -4.22 -1.39
CA THR D 225 50.58 -5.65 -1.24
C THR D 225 51.25 -6.24 -2.48
N THR D 226 50.88 -5.75 -3.66
CA THR D 226 51.48 -6.22 -4.90
C THR D 226 52.94 -5.79 -4.99
N LYS D 227 53.20 -4.51 -4.71
CA LYS D 227 54.54 -3.96 -4.80
C LYS D 227 55.54 -4.66 -3.89
N PHE D 228 55.12 -5.01 -2.67
CA PHE D 228 56.06 -5.44 -1.65
C PHE D 228 56.13 -6.95 -1.39
N ASP D 229 55.30 -7.71 -2.11
CA ASP D 229 55.36 -9.18 -2.10
C ASP D 229 55.50 -9.80 -0.70
N PRO D 230 54.64 -9.38 0.28
CA PRO D 230 54.72 -9.99 1.61
C PRO D 230 54.15 -11.40 1.66
N GLU D 231 54.68 -12.22 2.56
CA GLU D 231 54.21 -13.60 2.72
C GLU D 231 52.99 -13.62 3.64
N VAL D 232 52.91 -12.61 4.49
CA VAL D 232 51.91 -12.52 5.53
C VAL D 232 51.59 -11.04 5.67
N PHE D 233 50.33 -10.72 5.99
CA PHE D 233 49.89 -9.33 6.07
C PHE D 233 49.00 -9.05 7.26
N LEU D 234 49.35 -8.00 8.00
CA LEU D 234 48.54 -7.55 9.13
C LEU D 234 47.99 -6.15 8.85
N ALA D 235 46.69 -6.05 8.58
CA ALA D 235 46.08 -4.73 8.52
C ALA D 235 45.91 -4.19 9.95
N VAL D 236 45.98 -2.87 10.08
CA VAL D 236 45.73 -2.24 11.36
C VAL D 236 44.61 -1.26 11.14
N ASP D 237 43.46 -1.51 11.77
CA ASP D 237 42.24 -0.81 11.41
C ASP D 237 41.21 -0.99 12.49
N CYS D 238 40.39 0.03 12.70
CA CYS D 238 39.34 -0.07 13.71
C CYS D 238 37.96 -0.23 13.08
N SER D 239 37.00 -0.76 13.85
CA SER D 239 35.68 -1.14 13.35
C SER D 239 34.56 -0.70 14.29
N PRO D 240 33.29 -0.78 13.83
CA PRO D 240 32.20 -0.28 14.65
C PRO D 240 32.00 -1.10 15.93
N ALA D 241 31.77 -0.39 17.03
CA ALA D 241 31.39 -1.02 18.27
C ALA D 241 29.87 -0.94 18.38
N GLY D 242 29.23 -2.10 18.44
CA GLY D 242 27.78 -2.17 18.58
C GLY D 242 27.25 -2.37 20.00
N ASP D 243 28.16 -2.37 20.99
CA ASP D 243 27.77 -2.58 22.40
C ASP D 243 26.57 -1.73 22.85
N VAL D 244 26.59 -0.47 22.45
CA VAL D 244 25.58 0.49 22.84
C VAL D 244 24.25 0.23 22.12
N TYR D 245 24.35 -0.48 20.98
CA TYR D 245 23.20 -0.79 20.14
C TYR D 245 22.77 -2.25 20.28
N GLY D 246 23.27 -2.91 21.32
CA GLY D 246 22.96 -4.34 21.56
C GLY D 246 23.68 -5.30 20.63
N GLY D 247 24.52 -4.75 19.75
CA GLY D 247 25.37 -5.54 18.88
C GLY D 247 26.69 -5.88 19.54
N GLN D 248 27.59 -6.49 18.78
CA GLN D 248 28.87 -6.93 19.32
C GLN D 248 30.02 -5.98 19.00
N GLY D 249 31.10 -6.13 19.75
CA GLY D 249 32.18 -5.16 19.76
C GLY D 249 31.91 -4.24 20.92
N LYS D 250 32.58 -4.48 22.04
CA LYS D 250 32.34 -3.71 23.24
C LYS D 250 33.54 -2.89 23.64
N ILE D 251 33.36 -1.58 23.69
CA ILE D 251 34.41 -0.63 24.07
C ILE D 251 35.03 -1.03 25.40
N GLY D 252 36.36 -1.09 25.42
CA GLY D 252 37.11 -1.44 26.62
C GLY D 252 37.41 -2.92 26.80
N ASP D 253 36.82 -3.78 25.97
CA ASP D 253 37.05 -5.23 26.08
C ASP D 253 38.25 -5.73 25.26
N GLY D 254 39.06 -4.80 24.78
CA GLY D 254 40.34 -5.14 24.17
C GLY D 254 40.38 -5.20 22.65
N THR D 255 41.41 -5.84 22.15
CA THR D 255 41.66 -5.96 20.71
C THR D 255 40.78 -7.02 20.06
N LEU D 256 40.57 -6.91 18.75
CA LEU D 256 39.61 -7.76 18.08
C LEU D 256 40.26 -8.96 17.40
N ILE D 257 39.67 -10.14 17.59
CA ILE D 257 39.99 -11.30 16.78
C ILE D 257 38.95 -11.38 15.66
N ARG D 258 39.31 -10.87 14.49
CA ARG D 258 38.39 -10.80 13.36
C ARG D 258 38.42 -12.10 12.56
N PHE D 259 37.50 -12.98 12.91
CA PHE D 259 37.42 -14.30 12.29
C PHE D 259 36.64 -14.26 10.99
N TYR D 260 35.77 -13.26 10.84
CA TYR D 260 34.91 -13.13 9.68
C TYR D 260 34.59 -11.69 9.31
N ASP D 261 34.60 -11.41 8.00
CA ASP D 261 33.91 -10.27 7.41
C ASP D 261 33.54 -10.62 5.95
N PRO D 262 32.67 -9.82 5.31
CA PRO D 262 32.21 -10.22 3.96
C PRO D 262 33.31 -10.36 2.92
N GLY D 263 34.45 -9.73 3.18
CA GLY D 263 35.56 -9.79 2.22
C GLY D 263 36.72 -10.68 2.61
N HIS D 264 36.70 -11.22 3.83
CA HIS D 264 37.84 -11.96 4.36
C HIS D 264 37.48 -12.99 5.42
N LEU D 265 38.09 -14.17 5.31
CA LEU D 265 38.00 -15.20 6.34
C LEU D 265 39.35 -15.41 7.00
N LEU D 266 39.37 -15.32 8.32
CA LEU D 266 40.58 -15.63 9.07
C LEU D 266 40.91 -17.10 8.90
N LEU D 267 42.09 -17.38 8.33
CA LEU D 267 42.56 -18.75 8.08
C LEU D 267 42.99 -19.44 9.38
N PRO D 268 42.84 -20.78 9.45
CA PRO D 268 43.11 -21.51 10.70
C PRO D 268 44.53 -21.26 11.20
N GLY D 269 45.50 -21.30 10.28
CA GLY D 269 46.92 -21.13 10.61
C GLY D 269 47.20 -19.78 11.25
N MET D 270 46.58 -18.74 10.70
CA MET D 270 46.65 -17.41 11.30
C MET D 270 45.90 -17.35 12.65
N LYS D 271 44.73 -17.97 12.71
CA LYS D 271 43.96 -18.01 13.96
C LYS D 271 44.77 -18.58 15.13
N ASP D 272 45.47 -19.68 14.88
CA ASP D 272 46.34 -20.31 15.88
C ASP D 272 47.37 -19.34 16.42
N PHE D 273 48.04 -18.64 15.50
CA PHE D 273 49.10 -17.71 15.85
C PHE D 273 48.55 -16.50 16.60
N LEU D 274 47.40 -15.99 16.19
CA LEU D 274 46.79 -14.85 16.90
C LEU D 274 46.46 -15.20 18.35
N LEU D 275 45.79 -16.34 18.54
CA LEU D 275 45.38 -16.77 19.88
C LEU D 275 46.57 -17.19 20.74
N THR D 276 47.56 -17.81 20.12
CA THR D 276 48.80 -18.20 20.81
C THR D 276 49.51 -16.95 21.35
N THR D 277 49.72 -15.97 20.47
CA THR D 277 50.43 -14.76 20.81
C THR D 277 49.68 -13.94 21.87
N ALA D 278 48.36 -13.91 21.78
CA ALA D 278 47.55 -13.14 22.71
C ALA D 278 47.65 -13.72 24.10
N GLU D 279 47.68 -15.05 24.18
CA GLU D 279 47.74 -15.77 25.44
C GLU D 279 49.11 -15.62 26.13
N GLU D 280 50.17 -15.64 25.34
CA GLU D 280 51.54 -15.53 25.85
C GLU D 280 51.91 -14.12 26.31
N ALA D 281 51.44 -13.11 25.58
CA ALA D 281 51.72 -11.71 25.91
C ALA D 281 50.68 -11.09 26.85
N GLY D 282 49.75 -11.91 27.35
CA GLY D 282 48.74 -11.47 28.31
C GLY D 282 47.82 -10.38 27.78
N ILE D 283 47.36 -10.54 26.55
CA ILE D 283 46.56 -9.54 25.84
C ILE D 283 45.06 -9.76 26.08
N LYS D 284 44.33 -8.68 26.33
CA LYS D 284 42.87 -8.72 26.40
C LYS D 284 42.28 -8.60 25.00
N TYR D 285 41.54 -9.62 24.59
CA TYR D 285 40.95 -9.63 23.26
C TYR D 285 39.48 -10.09 23.30
N GLN D 286 38.80 -9.86 22.19
CA GLN D 286 37.40 -10.26 22.04
C GLN D 286 37.22 -10.72 20.62
N TYR D 287 36.41 -11.76 20.44
CA TYR D 287 36.06 -12.25 19.12
C TYR D 287 35.15 -11.23 18.47
N TYR D 288 35.29 -11.05 17.16
CA TYR D 288 34.54 -10.01 16.45
C TYR D 288 34.13 -10.46 15.06
N CYS D 289 32.83 -10.38 14.78
CA CYS D 289 32.27 -10.70 13.48
C CYS D 289 32.05 -9.39 12.71
N GLY D 290 32.94 -9.10 11.77
CA GLY D 290 32.89 -7.86 11.02
C GLY D 290 31.77 -7.87 10.01
N LYS D 291 31.16 -6.70 9.77
CA LYS D 291 30.15 -6.57 8.73
C LYS D 291 30.70 -5.78 7.56
N GLY D 292 31.77 -5.01 7.81
CA GLY D 292 32.46 -4.26 6.78
C GLY D 292 33.81 -4.89 6.46
N GLY D 293 34.48 -4.35 5.44
CA GLY D 293 35.78 -4.85 5.01
C GLY D 293 36.94 -3.98 5.46
N THR D 294 38.09 -4.62 5.62
CA THR D 294 39.33 -3.91 5.93
C THR D 294 40.32 -4.23 4.82
N ASP D 295 41.47 -3.55 4.82
CA ASP D 295 42.52 -3.74 3.79
C ASP D 295 42.87 -5.20 3.49
N ALA D 296 42.76 -6.05 4.51
CA ALA D 296 43.03 -7.49 4.37
C ALA D 296 42.19 -8.13 3.26
N GLY D 297 40.97 -7.61 3.08
CA GLY D 297 40.05 -8.10 2.05
C GLY D 297 40.65 -8.11 0.67
N ALA D 298 41.36 -7.03 0.33
CA ALA D 298 42.02 -6.93 -0.97
C ALA D 298 43.42 -7.53 -0.96
N ALA D 299 44.17 -7.26 0.10
CA ALA D 299 45.57 -7.66 0.21
C ALA D 299 45.77 -9.17 0.08
N HIS D 300 44.94 -9.95 0.77
CA HIS D 300 45.14 -11.39 0.83
C HIS D 300 44.99 -12.09 -0.53
N LEU D 301 44.39 -11.39 -1.49
CA LEU D 301 44.15 -11.93 -2.83
C LEU D 301 45.25 -11.56 -3.82
N LYS D 302 46.23 -10.80 -3.35
CA LYS D 302 47.29 -10.30 -4.22
C LYS D 302 48.41 -11.33 -4.37
N ASN D 303 49.21 -11.15 -5.42
CA ASN D 303 50.32 -12.06 -5.74
C ASN D 303 49.91 -13.53 -5.57
N GLY D 304 50.77 -14.32 -4.91
CA GLY D 304 50.53 -15.75 -4.76
C GLY D 304 49.53 -16.08 -3.66
N GLY D 305 48.98 -15.04 -3.03
CA GLY D 305 48.08 -15.23 -1.90
C GLY D 305 48.81 -14.94 -0.61
N VAL D 306 48.18 -14.14 0.25
CA VAL D 306 48.84 -13.63 1.45
C VAL D 306 47.92 -13.79 2.68
N PRO D 307 48.22 -14.77 3.55
CA PRO D 307 47.43 -14.90 4.76
C PRO D 307 47.40 -13.59 5.55
N SER D 308 46.20 -13.22 6.02
CA SER D 308 46.01 -11.91 6.65
C SER D 308 45.09 -11.91 7.88
N THR D 309 45.22 -10.84 8.68
CA THR D 309 44.15 -10.34 9.56
C THR D 309 44.29 -8.86 9.76
N THR D 310 43.44 -8.36 10.66
CA THR D 310 43.38 -6.96 10.96
C THR D 310 43.49 -6.84 12.47
N ILE D 311 44.55 -6.20 12.92
CA ILE D 311 44.78 -5.97 14.33
C ILE D 311 44.00 -4.72 14.73
N GLY D 312 42.95 -4.92 15.51
CA GLY D 312 41.90 -3.95 15.60
C GLY D 312 41.38 -3.54 16.95
N VAL D 313 40.74 -2.38 16.93
CA VAL D 313 40.07 -1.81 18.06
C VAL D 313 38.65 -1.56 17.56
N CYS D 314 37.66 -1.66 18.43
CA CYS D 314 36.35 -1.16 18.01
C CYS D 314 36.11 0.20 18.64
N ALA D 315 35.18 0.94 18.04
CA ALA D 315 34.86 2.30 18.45
C ALA D 315 33.42 2.58 18.06
N ARG D 316 32.78 3.49 18.79
CA ARG D 316 31.39 3.78 18.59
C ARG D 316 31.26 4.90 17.59
N TYR D 317 30.34 4.74 16.64
CA TYR D 317 29.96 5.78 15.69
C TYR D 317 31.12 6.17 14.76
N ILE D 318 31.77 5.13 14.23
CA ILE D 318 32.71 5.24 13.13
C ILE D 318 32.07 5.97 11.95
N HIS D 319 32.90 6.65 11.13
CA HIS D 319 32.44 7.39 9.94
C HIS D 319 31.50 8.53 10.32
N SER D 320 31.88 9.29 11.34
CA SER D 320 31.14 10.46 11.77
C SER D 320 32.11 11.45 12.41
N HIS D 321 31.59 12.56 12.90
CA HIS D 321 32.40 13.58 13.56
C HIS D 321 32.67 13.21 15.01
N GLN D 322 31.84 12.32 15.55
CA GLN D 322 31.83 12.03 16.97
C GLN D 322 32.01 10.55 17.25
N THR D 323 33.22 10.04 16.99
CA THR D 323 33.59 8.66 17.33
C THR D 323 34.05 8.63 18.78
N LEU D 324 33.56 7.64 19.54
CA LEU D 324 33.90 7.49 20.94
C LEU D 324 34.59 6.15 21.17
N TYR D 325 35.74 6.18 21.83
CA TYR D 325 36.60 5.00 21.93
C TYR D 325 37.48 4.98 23.18
N ALA D 326 37.97 3.80 23.53
CA ALA D 326 38.73 3.60 24.78
C ALA D 326 40.22 3.69 24.54
N MET D 327 40.94 4.30 25.47
CA MET D 327 42.40 4.42 25.34
C MET D 327 43.08 3.10 25.65
N ASP D 328 42.53 2.39 26.64
CA ASP D 328 43.02 1.05 27.00
C ASP D 328 43.04 0.05 25.85
N ASP D 329 42.01 0.09 25.01
CA ASP D 329 41.92 -0.73 23.81
C ASP D 329 43.15 -0.57 22.91
N PHE D 330 43.59 0.68 22.73
CA PHE D 330 44.79 0.99 21.97
C PHE D 330 46.03 0.33 22.58
N LEU D 331 46.20 0.48 23.89
CA LEU D 331 47.36 -0.09 24.57
C LEU D 331 47.43 -1.60 24.35
N GLU D 332 46.30 -2.27 24.56
CA GLU D 332 46.17 -3.71 24.32
C GLU D 332 46.50 -4.08 22.88
N ALA D 333 45.96 -3.31 21.93
CA ALA D 333 46.18 -3.56 20.51
C ALA D 333 47.62 -3.34 20.12
N GLN D 334 48.24 -2.28 20.66
CA GLN D 334 49.65 -1.97 20.43
C GLN D 334 50.56 -3.09 20.91
N ALA D 335 50.39 -3.50 22.17
CA ALA D 335 51.17 -4.58 22.73
C ALA D 335 51.01 -5.84 21.88
N PHE D 336 49.79 -6.08 21.42
CA PHE D 336 49.47 -7.26 20.62
C PHE D 336 50.15 -7.21 19.26
N LEU D 337 50.15 -6.04 18.62
CA LEU D 337 50.89 -5.83 17.38
C LEU D 337 52.39 -5.98 17.58
N GLN D 338 52.90 -5.51 18.72
CA GLN D 338 54.32 -5.63 19.05
C GLN D 338 54.72 -7.09 19.16
N ALA D 339 54.01 -7.83 20.01
CA ALA D 339 54.25 -9.26 20.19
C ALA D 339 54.11 -10.01 18.87
N LEU D 340 53.08 -9.70 18.11
CA LEU D 340 52.86 -10.37 16.82
C LEU D 340 54.06 -10.27 15.89
N VAL D 341 54.54 -9.06 15.62
CA VAL D 341 55.66 -8.87 14.68
C VAL D 341 56.99 -9.41 15.21
N LYS D 342 57.15 -9.41 16.54
CA LYS D 342 58.35 -9.94 17.17
C LYS D 342 58.45 -11.45 17.00
N LYS D 343 57.29 -12.10 16.93
CA LYS D 343 57.21 -13.54 16.97
C LYS D 343 57.16 -14.12 15.56
N LEU D 344 56.89 -13.25 14.58
CA LEU D 344 56.84 -13.65 13.17
C LEU D 344 58.23 -13.84 12.61
N ASP D 345 58.51 -15.07 12.19
CA ASP D 345 59.79 -15.40 11.57
C ASP D 345 59.59 -16.55 10.58
N ARG D 346 60.68 -17.11 10.06
CA ARG D 346 60.59 -18.22 9.13
C ARG D 346 59.72 -19.35 9.69
N SER D 347 60.00 -19.77 10.92
CA SER D 347 59.31 -20.91 11.53
C SER D 347 57.80 -20.69 11.61
N THR D 348 57.41 -19.50 12.09
CA THR D 348 56.03 -19.21 12.44
C THR D 348 55.13 -18.91 11.23
N VAL D 349 55.67 -18.18 10.23
CA VAL D 349 54.89 -18.00 9.00
C VAL D 349 54.75 -19.32 8.23
N ASP D 350 55.83 -20.13 8.19
CA ASP D 350 55.75 -21.45 7.59
C ASP D 350 54.63 -22.26 8.25
N LEU D 351 54.48 -22.11 9.57
CA LEU D 351 53.43 -22.79 10.34
C LEU D 351 52.05 -22.20 10.05
N ILE D 352 51.97 -20.87 9.94
CA ILE D 352 50.76 -20.19 9.51
C ILE D 352 50.33 -20.72 8.15
N LYS D 353 51.30 -20.96 7.27
CA LYS D 353 51.03 -21.45 5.92
C LYS D 353 51.26 -22.94 5.77
N HIS D 354 51.08 -23.71 6.85
CA HIS D 354 51.25 -25.16 6.76
C HIS D 354 50.08 -25.81 6.03
N TYR D 355 50.29 -26.20 4.78
CA TYR D 355 49.25 -26.85 3.97
C TYR D 355 49.55 -28.31 3.67
N SER E 1 20.13 -47.40 31.94
CA SER E 1 21.31 -46.67 31.42
C SER E 1 20.90 -45.79 30.24
N MET E 2 21.59 -44.65 30.13
CA MET E 2 21.31 -43.64 29.11
C MET E 2 21.61 -44.16 27.70
N THR E 3 22.49 -45.17 27.62
CA THR E 3 22.84 -45.78 26.34
C THR E 3 21.75 -46.75 25.82
N THR E 4 21.09 -47.46 26.75
CA THR E 4 19.96 -48.33 26.40
C THR E 4 18.72 -47.54 25.99
N LEU E 5 18.49 -46.41 26.63
CA LEU E 5 17.40 -45.51 26.26
C LEU E 5 17.56 -45.02 24.82
N PHE E 6 18.74 -44.50 24.48
CA PHE E 6 18.99 -44.03 23.13
C PHE E 6 18.69 -45.09 22.08
N SER E 7 19.04 -46.34 22.36
CA SER E 7 18.76 -47.46 21.46
C SER E 7 17.26 -47.60 21.20
N LYS E 8 16.49 -47.60 22.28
CA LYS E 8 15.05 -47.75 22.22
C LYS E 8 14.40 -46.59 21.46
N ILE E 9 14.92 -45.38 21.70
CA ILE E 9 14.47 -44.16 21.04
C ILE E 9 14.85 -44.15 19.56
N LYS E 10 16.11 -44.50 19.24
CA LYS E 10 16.53 -44.62 17.84
C LYS E 10 15.62 -45.59 17.08
N GLU E 11 15.26 -46.70 17.72
CA GLU E 11 14.38 -47.68 17.12
C GLU E 11 13.02 -47.08 16.73
N VAL E 12 12.24 -46.64 17.72
CA VAL E 12 10.88 -46.10 17.48
C VAL E 12 10.81 -44.96 16.47
N THR E 13 11.78 -44.04 16.53
CA THR E 13 11.74 -42.83 15.72
C THR E 13 12.14 -43.09 14.26
N GLU E 14 12.81 -44.21 14.01
CA GLU E 14 13.26 -44.51 12.66
C GLU E 14 12.27 -45.33 11.84
N LEU E 15 11.24 -45.87 12.49
CA LEU E 15 10.12 -46.51 11.78
C LEU E 15 9.38 -45.49 10.90
N ALA E 16 8.65 -45.97 9.91
CA ALA E 16 7.97 -45.08 8.96
C ALA E 16 6.46 -45.26 8.96
N ALA E 17 5.75 -44.29 9.53
CA ALA E 17 4.31 -44.34 9.56
C ALA E 17 3.65 -42.97 9.59
N VAL E 18 3.33 -42.48 8.39
CA VAL E 18 2.53 -41.30 8.22
C VAL E 18 1.08 -41.64 8.58
N SER E 19 0.23 -40.64 8.82
CA SER E 19 -1.17 -40.88 9.15
C SER E 19 -1.84 -41.81 8.13
N GLY E 20 -2.68 -42.70 8.62
CA GLY E 20 -3.38 -43.64 7.75
C GLY E 20 -2.57 -44.86 7.36
N HIS E 21 -1.29 -44.88 7.71
CA HIS E 21 -0.37 -45.91 7.24
C HIS E 21 0.58 -46.42 8.33
N GLU E 22 0.02 -46.75 9.50
CA GLU E 22 0.86 -47.04 10.66
C GLU E 22 1.10 -48.51 11.00
N ALA E 23 0.91 -49.39 10.01
CA ALA E 23 1.22 -50.80 10.17
C ALA E 23 2.62 -51.06 10.77
N PRO E 24 3.67 -50.35 10.28
CA PRO E 24 5.00 -50.61 10.85
C PRO E 24 5.08 -50.37 12.36
N VAL E 25 4.51 -49.27 12.86
CA VAL E 25 4.53 -48.95 14.30
C VAL E 25 3.60 -49.87 15.08
N ARG E 26 2.44 -50.19 14.51
CA ARG E 26 1.52 -51.18 15.08
C ARG E 26 2.18 -52.56 15.26
N ALA E 27 3.00 -52.97 14.29
CA ALA E 27 3.75 -54.23 14.38
C ALA E 27 4.73 -54.20 15.56
N TYR E 28 5.35 -53.04 15.76
CA TYR E 28 6.21 -52.80 16.92
C TYR E 28 5.44 -52.89 18.26
N LEU E 29 4.30 -52.23 18.34
CA LEU E 29 3.52 -52.20 19.60
C LEU E 29 2.87 -53.53 19.95
N ARG E 30 2.52 -54.30 18.93
CA ARG E 30 1.99 -55.65 19.13
C ARG E 30 3.05 -56.53 19.79
N GLU E 31 4.28 -56.46 19.25
CA GLU E 31 5.42 -57.23 19.73
C GLU E 31 5.81 -56.84 21.16
N LYS E 32 5.62 -55.57 21.51
CA LYS E 32 5.99 -55.10 22.85
C LYS E 32 4.88 -55.24 23.86
N LEU E 33 3.63 -55.18 23.40
CA LEU E 33 2.47 -55.25 24.30
C LEU E 33 2.06 -56.67 24.72
N THR E 34 1.94 -57.57 23.75
CA THR E 34 1.42 -58.93 23.98
C THR E 34 1.98 -59.67 25.22
N PRO E 35 3.32 -59.73 25.41
CA PRO E 35 3.85 -60.42 26.58
C PRO E 35 3.39 -59.87 27.95
N HIS E 36 3.00 -58.61 28.00
CA HIS E 36 2.79 -57.93 29.28
C HIS E 36 1.32 -57.59 29.50
N VAL E 37 0.46 -58.22 28.73
CA VAL E 37 -0.93 -57.81 28.63
C VAL E 37 -1.84 -59.02 28.44
N ASP E 38 -3.04 -58.95 29.02
CA ASP E 38 -3.98 -60.07 28.96
C ASP E 38 -4.57 -60.31 27.55
N GLU E 39 -4.71 -59.23 26.79
CA GLU E 39 -5.48 -59.25 25.56
C GLU E 39 -5.08 -58.09 24.65
N VAL E 40 -4.97 -58.34 23.36
CA VAL E 40 -4.66 -57.27 22.40
C VAL E 40 -5.82 -57.04 21.44
N VAL E 41 -6.39 -55.84 21.48
CA VAL E 41 -7.56 -55.50 20.66
C VAL E 41 -7.25 -54.35 19.71
N THR E 42 -8.14 -54.15 18.74
CA THR E 42 -7.91 -53.18 17.68
C THR E 42 -9.19 -52.37 17.43
N ASP E 43 -9.06 -51.11 17.03
CA ASP E 43 -10.27 -50.37 16.65
C ASP E 43 -10.49 -50.41 15.13
N GLY E 44 -11.57 -49.82 14.66
CA GLY E 44 -11.96 -49.91 13.25
C GLY E 44 -11.00 -49.25 12.27
N LEU E 45 -10.12 -48.42 12.79
CA LEU E 45 -9.25 -47.61 11.96
C LEU E 45 -7.80 -48.07 11.98
N GLY E 46 -7.43 -48.87 12.98
CA GLY E 46 -6.07 -49.42 13.09
C GLY E 46 -5.34 -49.24 14.41
N GLY E 47 -5.94 -48.54 15.37
CA GLY E 47 -5.33 -48.39 16.70
C GLY E 47 -5.26 -49.72 17.45
N ILE E 48 -4.14 -49.96 18.15
CA ILE E 48 -3.93 -51.19 18.95
C ILE E 48 -3.88 -50.86 20.42
N PHE E 49 -4.48 -51.73 21.24
CA PHE E 49 -4.47 -51.54 22.68
C PHE E 49 -4.33 -52.86 23.42
N GLY E 50 -3.51 -52.83 24.47
CA GLY E 50 -3.40 -53.95 25.39
C GLY E 50 -4.41 -53.78 26.49
N ILE E 51 -5.09 -54.85 26.84
CA ILE E 51 -6.02 -54.82 27.97
C ILE E 51 -5.42 -55.55 29.15
N LYS E 52 -5.18 -54.82 30.23
CA LYS E 52 -4.69 -55.42 31.47
C LYS E 52 -5.84 -55.51 32.47
N HIS E 53 -6.36 -56.73 32.64
CA HIS E 53 -7.50 -56.99 33.53
C HIS E 53 -7.18 -56.72 34.99
N SER E 54 -8.18 -56.27 35.74
CA SER E 54 -8.01 -55.91 37.13
C SER E 54 -8.79 -56.83 38.06
N GLU E 55 -8.26 -57.07 39.25
CA GLU E 55 -8.96 -57.85 40.28
C GLU E 55 -9.95 -57.00 41.07
N ALA E 56 -9.71 -55.70 41.11
CA ALA E 56 -10.52 -54.76 41.88
C ALA E 56 -11.99 -54.77 41.45
N VAL E 57 -12.88 -54.81 42.44
CA VAL E 57 -14.31 -55.05 42.25
C VAL E 57 -15.01 -54.15 41.23
N ASP E 58 -15.06 -52.85 41.49
CA ASP E 58 -15.71 -51.91 40.58
C ASP E 58 -14.65 -51.16 39.76
N ALA E 59 -13.71 -51.93 39.20
CA ALA E 59 -12.53 -51.38 38.53
C ALA E 59 -12.92 -50.48 37.38
N PRO E 60 -12.51 -49.20 37.41
CA PRO E 60 -12.81 -48.32 36.28
C PRO E 60 -11.90 -48.62 35.10
N ARG E 61 -12.45 -48.56 33.90
CA ARG E 61 -11.67 -48.64 32.68
C ARG E 61 -10.83 -47.36 32.54
N VAL E 62 -9.54 -47.53 32.28
CA VAL E 62 -8.64 -46.39 32.05
C VAL E 62 -7.93 -46.57 30.70
N LEU E 63 -8.08 -45.58 29.83
CA LEU E 63 -7.48 -45.62 28.52
C LEU E 63 -6.26 -44.72 28.50
N VAL E 64 -5.12 -45.30 28.15
CA VAL E 64 -3.89 -44.56 27.96
C VAL E 64 -3.46 -44.78 26.51
N ALA E 65 -3.38 -43.70 25.75
CA ALA E 65 -3.05 -43.78 24.33
C ALA E 65 -2.08 -42.71 23.87
N SER E 66 -1.03 -43.15 23.18
CA SER E 66 -0.23 -42.28 22.36
C SER E 66 -0.79 -42.36 20.94
N HIS E 67 -0.01 -41.94 19.96
CA HIS E 67 -0.39 -42.12 18.58
C HIS E 67 0.80 -42.52 17.72
N MET E 68 0.53 -43.36 16.72
CA MET E 68 1.59 -44.00 15.95
C MET E 68 2.04 -43.19 14.74
N ASP E 69 1.17 -42.33 14.23
CA ASP E 69 1.46 -41.59 13.01
C ASP E 69 2.41 -40.42 13.23
N GLU E 70 3.21 -40.14 12.20
CA GLU E 70 4.05 -38.97 12.16
C GLU E 70 3.59 -38.11 10.99
N VAL E 71 4.08 -36.88 10.94
CA VAL E 71 3.78 -36.00 9.81
C VAL E 71 4.66 -36.36 8.62
N GLY E 72 4.10 -36.24 7.41
CA GLY E 72 4.85 -36.45 6.17
C GLY E 72 4.12 -35.85 5.00
N PHE E 73 4.22 -36.47 3.84
CA PHE E 73 3.53 -36.00 2.62
C PHE E 73 2.94 -37.15 1.82
N MET E 74 2.07 -36.81 0.87
CA MET E 74 1.43 -37.78 0.03
C MET E 74 1.42 -37.30 -1.40
N VAL E 75 1.78 -38.20 -2.33
CA VAL E 75 1.78 -37.89 -3.76
C VAL E 75 0.37 -37.50 -4.19
N SER E 76 0.22 -36.26 -4.64
CA SER E 76 -1.04 -35.84 -5.26
C SER E 76 -1.02 -36.21 -6.74
N GLU E 77 0.05 -35.85 -7.45
CA GLU E 77 0.18 -36.26 -8.85
C GLU E 77 1.60 -36.55 -9.27
N ILE E 78 1.73 -37.32 -10.35
CA ILE E 78 3.04 -37.51 -10.99
C ILE E 78 3.05 -36.66 -12.24
N LYS E 79 3.95 -35.68 -12.28
CA LYS E 79 4.13 -34.81 -13.44
C LYS E 79 4.76 -35.58 -14.61
N PRO E 80 4.59 -35.10 -15.86
CA PRO E 80 5.17 -35.83 -16.99
C PRO E 80 6.69 -35.93 -16.92
N ASP E 81 7.33 -35.03 -16.20
CA ASP E 81 8.79 -35.00 -16.12
C ASP E 81 9.34 -35.90 -15.00
N GLY E 82 8.47 -36.72 -14.41
CA GLY E 82 8.87 -37.66 -13.37
C GLY E 82 8.81 -37.15 -11.94
N THR E 83 8.69 -35.84 -11.74
CA THR E 83 8.64 -35.31 -10.38
C THR E 83 7.23 -35.49 -9.78
N PHE E 84 7.11 -35.20 -8.50
CA PHE E 84 5.83 -35.33 -7.81
C PHE E 84 5.44 -33.99 -7.15
N ARG E 85 4.14 -33.67 -7.21
CA ARG E 85 3.63 -32.64 -6.34
C ARG E 85 2.97 -33.39 -5.21
N VAL E 86 2.88 -32.76 -4.05
CA VAL E 86 2.37 -33.46 -2.88
C VAL E 86 1.32 -32.65 -2.14
N VAL E 87 0.63 -33.33 -1.24
CA VAL E 87 -0.25 -32.71 -0.29
C VAL E 87 0.28 -33.06 1.12
N GLU E 88 0.24 -32.12 2.06
CA GLU E 88 0.77 -32.37 3.42
C GLU E 88 -0.09 -33.35 4.24
N ILE E 89 0.57 -34.20 5.02
CA ILE E 89 -0.11 -35.06 5.98
C ILE E 89 0.42 -34.69 7.36
N GLY E 90 -0.41 -33.96 8.12
CA GLY E 90 0.05 -33.23 9.29
C GLY E 90 0.42 -31.81 8.85
N GLY E 91 0.46 -30.89 9.83
CA GLY E 91 0.81 -29.50 9.56
C GLY E 91 2.30 -29.25 9.46
N TRP E 92 2.74 -28.78 8.30
CA TRP E 92 4.13 -28.36 8.11
C TRP E 92 4.23 -26.85 7.93
N ASN E 93 5.16 -26.25 8.66
CA ASN E 93 5.66 -24.90 8.37
C ASN E 93 6.43 -25.00 7.05
N PRO E 94 5.99 -24.27 6.01
CA PRO E 94 6.61 -24.42 4.69
C PRO E 94 8.10 -24.07 4.67
N MET E 95 8.55 -23.34 5.69
CA MET E 95 9.96 -22.93 5.79
C MET E 95 10.93 -24.11 5.96
N VAL E 96 10.42 -25.24 6.44
CA VAL E 96 11.27 -26.40 6.74
C VAL E 96 11.16 -27.51 5.70
N VAL E 97 10.38 -27.29 4.65
CA VAL E 97 10.05 -28.35 3.71
C VAL E 97 11.06 -28.49 2.58
N SER E 98 11.67 -27.39 2.17
CA SER E 98 12.60 -27.40 1.05
C SER E 98 13.90 -28.16 1.37
N SER E 99 14.39 -28.92 0.41
CA SER E 99 15.66 -29.65 0.52
C SER E 99 15.75 -30.64 1.69
N GLN E 100 14.86 -31.62 1.67
CA GLN E 100 14.79 -32.62 2.71
C GLN E 100 14.66 -34.01 2.09
N ARG E 101 15.26 -35.00 2.74
CA ARG E 101 15.15 -36.38 2.30
C ARG E 101 13.87 -37.02 2.81
N PHE E 102 13.35 -37.95 2.02
CA PHE E 102 12.15 -38.69 2.36
C PHE E 102 12.26 -40.12 1.86
N LYS E 103 11.39 -40.99 2.34
CA LYS E 103 11.18 -42.29 1.72
C LYS E 103 9.75 -42.33 1.22
N LEU E 104 9.60 -42.54 -0.08
CA LEU E 104 8.30 -42.75 -0.68
C LEU E 104 7.96 -44.24 -0.56
N LEU E 105 6.91 -44.53 0.19
CA LEU E 105 6.50 -45.91 0.43
C LEU E 105 5.39 -46.37 -0.53
N THR E 106 5.79 -47.26 -1.42
CA THR E 106 4.92 -47.84 -2.45
C THR E 106 4.03 -48.98 -1.93
N ARG E 107 2.86 -49.10 -2.53
CA ARG E 107 1.92 -50.18 -2.25
C ARG E 107 2.55 -51.56 -2.48
N ASP E 108 3.30 -51.73 -3.57
CA ASP E 108 3.99 -53.01 -3.81
C ASP E 108 5.30 -53.19 -3.00
N GLY E 109 5.49 -52.32 -2.01
CA GLY E 109 6.56 -52.50 -1.02
C GLY E 109 7.93 -51.92 -1.31
N HIS E 110 8.10 -51.26 -2.46
CA HIS E 110 9.32 -50.50 -2.74
C HIS E 110 9.50 -49.39 -1.69
N GLU E 111 10.76 -49.01 -1.43
CA GLU E 111 11.05 -47.81 -0.66
C GLU E 111 11.95 -46.96 -1.54
N ILE E 112 11.40 -45.87 -2.07
CA ILE E 112 12.19 -45.12 -3.04
C ILE E 112 12.65 -43.77 -2.48
N PRO E 113 13.97 -43.51 -2.52
CA PRO E 113 14.52 -42.26 -2.00
C PRO E 113 14.01 -41.04 -2.78
N VAL E 114 13.40 -40.09 -2.05
CA VAL E 114 12.83 -38.88 -2.65
C VAL E 114 13.28 -37.68 -1.86
N ILE E 115 13.58 -36.58 -2.56
CA ILE E 115 13.96 -35.33 -1.91
C ILE E 115 13.08 -34.19 -2.40
N SER E 116 13.01 -33.14 -1.61
CA SER E 116 12.36 -31.92 -2.04
C SER E 116 13.40 -30.96 -2.62
N GLY E 117 13.00 -30.20 -3.63
CA GLY E 117 13.87 -29.20 -4.27
C GLY E 117 13.56 -27.79 -3.83
N PRO E 133 6.16 -19.54 -0.58
CA PRO E 133 6.27 -20.95 -0.98
C PRO E 133 5.06 -21.80 -0.52
N ALA E 134 4.24 -22.22 -1.48
CA ALA E 134 3.12 -23.10 -1.17
C ALA E 134 3.56 -24.55 -1.39
N ILE E 135 3.13 -25.44 -0.49
CA ILE E 135 3.55 -26.84 -0.52
C ILE E 135 3.21 -27.53 -1.84
N ALA E 136 2.04 -27.24 -2.39
CA ALA E 136 1.61 -27.81 -3.65
C ALA E 136 2.56 -27.47 -4.82
N ASP E 137 3.31 -26.39 -4.66
CA ASP E 137 4.22 -25.91 -5.70
C ASP E 137 5.64 -26.47 -5.56
N ILE E 138 5.93 -27.15 -4.44
CA ILE E 138 7.26 -27.65 -4.19
C ILE E 138 7.55 -28.90 -5.01
N VAL E 139 8.71 -28.92 -5.65
CA VAL E 139 9.14 -30.05 -6.44
C VAL E 139 9.66 -31.17 -5.53
N PHE E 140 9.05 -32.34 -5.66
CA PHE E 140 9.53 -33.55 -5.02
C PHE E 140 10.14 -34.45 -6.08
N ASP E 141 11.38 -34.85 -5.84
CA ASP E 141 12.20 -35.42 -6.89
C ASP E 141 12.70 -36.81 -6.52
N GLY E 142 12.38 -37.76 -7.38
CA GLY E 142 12.81 -39.13 -7.21
C GLY E 142 13.96 -39.50 -8.13
N GLY E 143 14.34 -38.55 -8.99
CA GLY E 143 15.41 -38.77 -9.98
C GLY E 143 15.02 -39.72 -11.09
N PHE E 144 13.77 -39.60 -11.55
CA PHE E 144 13.30 -40.40 -12.66
C PHE E 144 13.33 -39.60 -13.94
N ALA E 145 13.25 -40.28 -15.08
CA ALA E 145 13.27 -39.61 -16.37
C ALA E 145 11.91 -38.98 -16.71
N ASP E 146 10.84 -39.73 -16.45
CA ASP E 146 9.50 -39.27 -16.80
C ASP E 146 8.41 -39.94 -15.96
N LYS E 147 7.18 -39.47 -16.13
CA LYS E 147 6.00 -40.07 -15.49
C LYS E 147 6.03 -41.59 -15.62
N ALA E 148 6.32 -42.09 -16.83
CA ALA E 148 6.37 -43.53 -17.09
C ALA E 148 7.35 -44.26 -16.16
N GLU E 149 8.59 -43.80 -16.11
CA GLU E 149 9.61 -44.47 -15.28
C GLU E 149 9.25 -44.47 -13.79
N ALA E 150 8.71 -43.36 -13.29
CA ALA E 150 8.25 -43.30 -11.90
C ALA E 150 7.19 -44.37 -11.62
N GLU E 151 6.20 -44.47 -12.52
CA GLU E 151 5.14 -45.47 -12.41
C GLU E 151 5.64 -46.90 -12.57
N SER E 152 6.76 -47.09 -13.25
CA SER E 152 7.32 -48.42 -13.42
C SER E 152 7.88 -48.97 -12.11
N PHE E 153 8.21 -48.07 -11.19
CA PHE E 153 8.67 -48.45 -9.85
C PHE E 153 7.51 -48.63 -8.88
N GLY E 154 6.28 -48.65 -9.42
CA GLY E 154 5.08 -48.90 -8.62
C GLY E 154 4.52 -47.67 -7.92
N ILE E 155 5.08 -46.50 -8.24
CA ILE E 155 4.68 -45.24 -7.64
C ILE E 155 3.33 -44.78 -8.21
N ARG E 156 2.42 -44.39 -7.32
CA ARG E 156 1.07 -43.98 -7.70
C ARG E 156 0.62 -42.78 -6.87
N PRO E 157 -0.34 -41.99 -7.39
CA PRO E 157 -0.93 -40.97 -6.52
C PRO E 157 -1.48 -41.65 -5.27
N GLY E 158 -1.19 -41.08 -4.11
CA GLY E 158 -1.60 -41.68 -2.84
C GLY E 158 -0.45 -42.22 -2.00
N ASP E 159 0.65 -42.59 -2.65
CA ASP E 159 1.81 -43.13 -1.94
C ASP E 159 2.32 -42.19 -0.86
N THR E 160 2.72 -42.75 0.26
CA THR E 160 3.13 -41.97 1.42
C THR E 160 4.60 -41.59 1.29
N ILE E 161 4.93 -40.39 1.76
CA ILE E 161 6.28 -39.83 1.70
C ILE E 161 6.72 -39.45 3.12
N VAL E 162 7.64 -40.23 3.67
CA VAL E 162 8.04 -40.15 5.08
C VAL E 162 9.40 -39.47 5.22
N PRO E 163 9.51 -38.48 6.13
CA PRO E 163 10.81 -37.90 6.46
C PRO E 163 11.93 -38.94 6.67
N ASP E 164 13.12 -38.66 6.14
CA ASP E 164 14.28 -39.54 6.29
C ASP E 164 15.35 -38.87 7.13
N SER E 165 15.39 -39.25 8.40
CA SER E 165 16.30 -38.65 9.37
C SER E 165 16.58 -39.65 10.48
N SER E 166 17.86 -39.92 10.72
CA SER E 166 18.26 -40.87 11.76
C SER E 166 18.27 -40.20 13.14
N ALA E 167 18.41 -40.99 14.20
CA ALA E 167 18.47 -40.45 15.56
C ALA E 167 19.90 -40.41 16.07
N ILE E 168 20.28 -39.29 16.67
CA ILE E 168 21.65 -39.12 17.16
C ILE E 168 21.72 -38.38 18.50
N LEU E 169 22.75 -38.70 19.29
CA LEU E 169 23.00 -38.01 20.54
C LEU E 169 23.64 -36.66 20.27
N THR E 170 23.27 -35.66 21.07
CA THR E 170 23.99 -34.40 21.11
C THR E 170 25.33 -34.56 21.83
N ALA E 171 26.26 -33.65 21.57
CA ALA E 171 27.59 -33.64 22.18
C ALA E 171 27.63 -34.01 23.68
N ASN E 172 26.68 -33.50 24.47
CA ASN E 172 26.70 -33.77 25.90
C ASN E 172 26.02 -35.08 26.30
N GLU E 173 25.42 -35.75 25.32
CA GLU E 173 24.78 -37.05 25.51
C GLU E 173 23.58 -37.01 26.48
N LYS E 174 22.97 -35.83 26.65
CA LYS E 174 21.77 -35.65 27.47
C LYS E 174 20.55 -35.51 26.59
N ASN E 175 20.77 -35.10 25.35
CA ASN E 175 19.70 -34.83 24.41
C ASN E 175 19.87 -35.61 23.12
N ILE E 176 18.81 -35.64 22.32
CA ILE E 176 18.78 -36.38 21.08
C ILE E 176 18.26 -35.51 19.95
N ILE E 177 18.81 -35.71 18.75
CA ILE E 177 18.29 -35.11 17.53
C ILE E 177 17.73 -36.25 16.68
N SER E 178 16.44 -36.17 16.35
CA SER E 178 15.79 -37.13 15.45
C SER E 178 14.52 -36.59 14.81
N LYS E 179 13.87 -37.42 14.01
CA LYS E 179 12.55 -37.09 13.49
C LYS E 179 11.50 -37.72 14.41
N ALA E 180 10.24 -37.34 14.22
CA ALA E 180 9.09 -38.02 14.81
C ALA E 180 9.13 -38.32 16.33
N TRP E 181 9.77 -37.47 17.12
CA TRP E 181 9.66 -37.61 18.58
C TRP E 181 8.21 -37.40 18.96
N ASP E 182 7.55 -36.59 18.15
CA ASP E 182 6.10 -36.55 18.07
C ASP E 182 5.72 -37.55 16.98
N ASN E 183 5.17 -38.70 17.37
CA ASN E 183 4.93 -39.07 18.74
C ASN E 183 5.44 -40.49 19.04
N ARG E 184 6.64 -40.81 18.56
CA ARG E 184 7.31 -42.03 18.97
C ARG E 184 7.78 -41.92 20.42
N TYR E 185 7.74 -40.69 20.96
CA TYR E 185 7.87 -40.48 22.40
C TYR E 185 6.82 -41.33 23.09
N GLY E 186 5.56 -41.12 22.71
CA GLY E 186 4.43 -41.76 23.38
C GLY E 186 4.34 -43.23 23.06
N VAL E 187 4.77 -43.62 21.87
CA VAL E 187 4.88 -45.02 21.50
C VAL E 187 5.83 -45.72 22.47
N LEU E 188 6.98 -45.09 22.74
CA LEU E 188 7.97 -45.69 23.64
C LEU E 188 7.51 -45.61 25.09
N MET E 189 6.78 -44.55 25.42
CA MET E 189 6.23 -44.36 26.75
C MET E 189 5.21 -45.46 27.08
N VAL E 190 4.46 -45.88 26.07
CA VAL E 190 3.42 -46.89 26.22
C VAL E 190 4.04 -48.30 26.31
N SER E 191 5.08 -48.51 25.52
CA SER E 191 5.89 -49.72 25.55
C SER E 191 6.55 -49.90 26.92
N GLU E 192 7.25 -48.86 27.40
CA GLU E 192 7.93 -48.92 28.71
C GLU E 192 6.97 -49.09 29.88
N LEU E 193 5.76 -48.56 29.72
CA LEU E 193 4.70 -48.69 30.72
C LEU E 193 4.30 -50.15 30.84
N ALA E 194 4.14 -50.81 29.69
CA ALA E 194 3.72 -52.20 29.65
C ALA E 194 4.76 -53.08 30.34
N GLU E 195 6.03 -52.86 30.02
CA GLU E 195 7.08 -53.67 30.60
C GLU E 195 7.13 -53.50 32.11
N ALA E 196 7.10 -52.25 32.58
CA ALA E 196 7.29 -51.96 34.00
C ALA E 196 6.10 -52.37 34.88
N LEU E 197 4.93 -52.52 34.26
CA LEU E 197 3.72 -52.88 35.00
C LEU E 197 3.40 -54.36 34.93
N SER E 198 4.01 -55.05 33.97
CA SER E 198 3.91 -56.51 33.86
C SER E 198 4.17 -57.14 35.23
N GLY E 199 3.23 -57.97 35.68
CA GLY E 199 3.32 -58.61 36.99
C GLY E 199 2.58 -57.89 38.11
N GLN E 200 2.78 -56.58 38.22
CA GLN E 200 2.03 -55.74 39.15
C GLN E 200 0.52 -55.79 38.86
N LYS E 201 -0.30 -55.42 39.84
CA LYS E 201 -1.75 -55.40 39.68
C LYS E 201 -2.37 -54.06 40.08
N LEU E 202 -3.24 -53.55 39.21
CA LEU E 202 -3.77 -52.19 39.34
C LEU E 202 -5.23 -52.19 39.76
N GLY E 203 -5.66 -51.08 40.36
CA GLY E 203 -7.05 -50.90 40.77
C GLY E 203 -7.96 -50.49 39.62
N ASN E 204 -7.43 -50.47 38.40
CA ASN E 204 -8.17 -50.13 37.20
C ASN E 204 -8.04 -51.14 36.06
N GLU E 205 -9.04 -51.19 35.19
CA GLU E 205 -8.99 -51.99 33.97
C GLU E 205 -8.22 -51.17 32.94
N LEU E 206 -6.94 -51.45 32.79
CA LEU E 206 -6.08 -50.65 31.95
C LEU E 206 -6.13 -51.03 30.47
N TYR E 207 -6.44 -50.04 29.65
CA TYR E 207 -6.29 -50.15 28.20
C TYR E 207 -5.09 -49.32 27.77
N LEU E 208 -4.07 -50.00 27.26
CA LEU E 208 -2.76 -49.41 27.02
C LEU E 208 -2.38 -49.58 25.56
N GLY E 209 -2.22 -48.47 24.85
CA GLY E 209 -1.87 -48.58 23.44
C GLY E 209 -1.68 -47.27 22.72
N SER E 210 -2.00 -47.26 21.44
CA SER E 210 -1.71 -46.11 20.60
C SER E 210 -2.72 -45.88 19.50
N ASN E 211 -3.07 -44.61 19.31
CA ASN E 211 -4.02 -44.18 18.31
C ASN E 211 -3.45 -44.10 16.90
N VAL E 212 -4.36 -44.19 15.95
CA VAL E 212 -4.07 -43.99 14.54
C VAL E 212 -4.46 -42.53 14.18
N GLN E 213 -3.79 -41.96 13.17
CA GLN E 213 -4.25 -40.73 12.51
C GLN E 213 -4.48 -39.50 13.41
N GLU E 214 -3.63 -39.27 14.40
CA GLU E 214 -3.79 -38.10 15.26
C GLU E 214 -3.42 -36.82 14.52
N GLU E 215 -2.42 -36.92 13.65
CA GLU E 215 -1.82 -35.77 12.96
C GLU E 215 -2.73 -35.07 11.95
N VAL E 216 -3.77 -35.77 11.53
CA VAL E 216 -4.71 -35.24 10.54
C VAL E 216 -6.01 -34.78 11.19
N GLY E 217 -6.09 -34.87 12.52
CA GLY E 217 -7.23 -34.33 13.25
C GLY E 217 -7.75 -35.17 14.41
N LEU E 218 -6.84 -35.84 15.11
CA LEU E 218 -7.19 -36.61 16.30
C LEU E 218 -8.22 -37.68 15.98
N ARG E 219 -8.15 -38.19 14.76
CA ARG E 219 -9.21 -39.04 14.21
C ARG E 219 -9.33 -40.41 14.90
N GLY E 220 -8.20 -41.01 15.25
CA GLY E 220 -8.19 -42.29 15.96
C GLY E 220 -8.75 -42.18 17.37
N ALA E 221 -8.45 -41.07 18.04
CA ALA E 221 -8.91 -40.80 19.38
C ALA E 221 -10.42 -40.80 19.48
N HIS E 222 -11.08 -40.58 18.34
CA HIS E 222 -12.53 -40.60 18.29
C HIS E 222 -13.03 -42.01 18.48
N THR E 223 -12.35 -42.93 17.83
CA THR E 223 -12.88 -44.27 17.64
C THR E 223 -12.44 -45.22 18.74
N SER E 224 -11.21 -45.04 19.23
CA SER E 224 -10.71 -45.88 20.31
C SER E 224 -11.49 -45.60 21.59
N THR E 225 -11.68 -44.31 21.89
CA THR E 225 -12.39 -43.91 23.10
C THR E 225 -13.83 -44.41 23.09
N THR E 226 -14.48 -44.34 21.93
CA THR E 226 -15.86 -44.78 21.79
C THR E 226 -15.97 -46.30 21.98
N LYS E 227 -15.00 -47.03 21.42
CA LYS E 227 -15.01 -48.49 21.46
C LYS E 227 -14.76 -49.07 22.85
N PHE E 228 -13.83 -48.46 23.60
CA PHE E 228 -13.37 -49.06 24.86
C PHE E 228 -13.98 -48.43 26.10
N ASP E 229 -14.70 -47.33 25.91
CA ASP E 229 -15.54 -46.77 26.97
C ASP E 229 -14.78 -46.54 28.30
N PRO E 230 -13.68 -45.76 28.25
CA PRO E 230 -12.99 -45.46 29.50
C PRO E 230 -13.70 -44.39 30.32
N GLU E 231 -13.46 -44.39 31.63
CA GLU E 231 -13.97 -43.37 32.55
C GLU E 231 -13.02 -42.20 32.63
N VAL E 232 -11.75 -42.47 32.39
CA VAL E 232 -10.67 -41.50 32.50
C VAL E 232 -9.66 -41.80 31.39
N PHE E 233 -9.18 -40.74 30.74
CA PHE E 233 -8.29 -40.88 29.58
C PHE E 233 -6.98 -40.13 29.76
N LEU E 234 -5.89 -40.81 29.44
CA LEU E 234 -4.56 -40.23 29.52
C LEU E 234 -3.89 -40.28 28.15
N ALA E 235 -3.83 -39.14 27.47
CA ALA E 235 -3.08 -39.04 26.21
C ALA E 235 -1.60 -38.94 26.55
N VAL E 236 -0.76 -39.52 25.69
CA VAL E 236 0.68 -39.45 25.89
C VAL E 236 1.32 -38.92 24.64
N ASP E 237 1.75 -37.66 24.69
CA ASP E 237 2.11 -36.93 23.50
C ASP E 237 3.04 -35.79 23.85
N CYS E 238 3.98 -35.51 22.95
CA CYS E 238 4.92 -34.43 23.17
C CYS E 238 4.50 -33.16 22.40
N SER E 239 5.01 -32.02 22.85
CA SER E 239 4.59 -30.71 22.34
C SER E 239 5.79 -29.76 22.12
N PRO E 240 5.55 -28.61 21.45
CA PRO E 240 6.65 -27.69 21.16
C PRO E 240 7.32 -27.09 22.38
N ALA E 241 8.64 -27.21 22.47
CA ALA E 241 9.39 -26.40 23.40
C ALA E 241 9.54 -25.02 22.80
N GLY E 242 9.30 -24.00 23.60
CA GLY E 242 9.40 -22.62 23.12
C GLY E 242 10.58 -21.89 23.70
N ASP E 243 11.29 -22.54 24.63
CA ASP E 243 12.39 -21.94 25.37
C ASP E 243 13.33 -21.10 24.52
N VAL E 244 13.72 -21.68 23.40
CA VAL E 244 14.71 -21.14 22.49
C VAL E 244 14.24 -19.87 21.78
N TYR E 245 12.92 -19.66 21.77
CA TYR E 245 12.31 -18.48 21.16
C TYR E 245 11.74 -17.51 22.19
N GLY E 246 12.08 -17.71 23.46
CA GLY E 246 11.52 -16.89 24.55
C GLY E 246 10.08 -17.24 24.86
N GLY E 247 9.66 -18.44 24.48
CA GLY E 247 8.33 -18.94 24.81
C GLY E 247 8.44 -20.00 25.91
N GLN E 248 7.32 -20.33 26.53
CA GLN E 248 7.32 -21.31 27.62
C GLN E 248 7.46 -22.74 27.09
N GLY E 249 7.75 -23.67 28.00
CA GLY E 249 8.07 -25.04 27.63
C GLY E 249 9.57 -25.15 27.45
N LYS E 250 10.25 -25.66 28.46
CA LYS E 250 11.72 -25.69 28.48
C LYS E 250 12.24 -27.12 28.58
N ILE E 251 13.05 -27.52 27.61
CA ILE E 251 13.74 -28.80 27.62
C ILE E 251 14.49 -29.06 28.92
N GLY E 252 14.22 -30.20 29.53
CA GLY E 252 14.88 -30.61 30.76
C GLY E 252 14.18 -30.18 32.03
N ASP E 253 13.18 -29.30 31.90
CA ASP E 253 12.41 -28.82 33.05
C ASP E 253 11.29 -29.76 33.50
N GLY E 254 11.06 -30.81 32.72
CA GLY E 254 10.26 -31.93 33.18
C GLY E 254 9.07 -32.28 32.33
N THR E 255 8.20 -33.13 32.90
CA THR E 255 6.94 -33.50 32.31
C THR E 255 5.94 -32.32 32.37
N LEU E 256 5.02 -32.26 31.41
CA LEU E 256 4.14 -31.09 31.24
C LEU E 256 2.83 -31.18 32.03
N ILE E 257 2.39 -30.05 32.59
CA ILE E 257 1.05 -29.95 33.17
C ILE E 257 0.22 -29.09 32.21
N ARG E 258 -0.44 -29.76 31.28
CA ARG E 258 -1.24 -29.08 30.27
C ARG E 258 -2.60 -28.67 30.87
N PHE E 259 -2.65 -27.43 31.36
CA PHE E 259 -3.87 -26.92 31.97
C PHE E 259 -4.87 -26.44 30.94
N TYR E 260 -4.36 -26.01 29.79
CA TYR E 260 -5.19 -25.46 28.72
C TYR E 260 -4.57 -25.75 27.37
N ASP E 261 -5.44 -26.05 26.39
CA ASP E 261 -5.13 -25.89 24.98
C ASP E 261 -6.44 -25.55 24.22
N PRO E 262 -6.34 -25.13 22.95
CA PRO E 262 -7.55 -24.68 22.24
C PRO E 262 -8.67 -25.70 22.16
N GLY E 263 -8.35 -26.98 22.34
CA GLY E 263 -9.34 -28.05 22.22
C GLY E 263 -9.67 -28.79 23.52
N HIS E 264 -8.97 -28.46 24.59
CA HIS E 264 -9.17 -29.17 25.86
C HIS E 264 -8.88 -28.31 27.09
N LEU E 265 -9.79 -28.38 28.06
CA LEU E 265 -9.58 -27.78 29.37
C LEU E 265 -9.34 -28.85 30.43
N LEU E 266 -8.26 -28.67 31.18
CA LEU E 266 -7.96 -29.54 32.30
C LEU E 266 -8.97 -29.30 33.40
N LEU E 267 -9.74 -30.34 33.72
CA LEU E 267 -10.77 -30.25 34.75
C LEU E 267 -10.15 -30.25 36.15
N PRO E 268 -10.78 -29.51 37.11
CA PRO E 268 -10.17 -29.32 38.44
C PRO E 268 -9.87 -30.63 39.19
N GLY E 269 -10.74 -31.64 39.05
CA GLY E 269 -10.57 -32.93 39.69
C GLY E 269 -9.35 -33.65 39.15
N MET E 270 -9.19 -33.62 37.83
CA MET E 270 -8.04 -34.21 37.17
C MET E 270 -6.75 -33.48 37.56
N LYS E 271 -6.80 -32.15 37.59
CA LYS E 271 -5.65 -31.35 38.02
C LYS E 271 -5.21 -31.70 39.42
N ASP E 272 -6.16 -31.85 40.35
CA ASP E 272 -5.87 -32.22 41.74
C ASP E 272 -5.10 -33.55 41.77
N PHE E 273 -5.63 -34.53 41.06
CA PHE E 273 -4.99 -35.84 40.94
C PHE E 273 -3.58 -35.75 40.36
N LEU E 274 -3.42 -35.02 39.26
CA LEU E 274 -2.10 -34.83 38.64
C LEU E 274 -1.06 -34.23 39.59
N LEU E 275 -1.38 -33.10 40.19
CA LEU E 275 -0.45 -32.39 41.08
C LEU E 275 -0.13 -33.20 42.33
N THR E 276 -1.17 -33.75 42.95
CA THR E 276 -1.02 -34.64 44.10
C THR E 276 -0.08 -35.80 43.79
N THR E 277 -0.30 -36.47 42.65
CA THR E 277 0.50 -37.62 42.26
C THR E 277 1.96 -37.25 42.02
N ALA E 278 2.17 -36.31 41.11
CA ALA E 278 3.49 -35.78 40.82
C ALA E 278 4.29 -35.44 42.07
N GLU E 279 3.62 -34.75 43.00
CA GLU E 279 4.26 -34.19 44.19
C GLU E 279 4.58 -35.27 45.22
N GLU E 280 3.76 -36.32 45.25
CA GLU E 280 4.04 -37.48 46.08
C GLU E 280 5.09 -38.42 45.49
N ALA E 281 5.27 -38.39 44.17
CA ALA E 281 6.22 -39.28 43.49
C ALA E 281 7.50 -38.57 43.08
N GLY E 282 7.68 -37.34 43.59
CA GLY E 282 8.88 -36.54 43.32
C GLY E 282 9.11 -36.17 41.87
N ILE E 283 8.03 -36.05 41.11
CA ILE E 283 8.14 -35.78 39.68
C ILE E 283 8.45 -34.31 39.43
N LYS E 284 9.41 -34.06 38.54
CA LYS E 284 9.72 -32.71 38.09
C LYS E 284 8.76 -32.35 36.96
N TYR E 285 8.11 -31.20 37.09
CA TYR E 285 7.11 -30.79 36.12
C TYR E 285 7.09 -29.28 35.89
N GLN E 286 6.56 -28.89 34.74
CA GLN E 286 6.42 -27.49 34.38
C GLN E 286 5.01 -27.27 33.83
N TYR E 287 4.37 -26.18 34.25
CA TYR E 287 3.09 -25.79 33.68
C TYR E 287 3.27 -25.45 32.21
N TYR E 288 2.22 -25.70 31.42
CA TYR E 288 2.31 -25.56 29.98
C TYR E 288 0.95 -25.19 29.40
N CYS E 289 0.88 -24.01 28.80
CA CYS E 289 -0.29 -23.57 28.07
C CYS E 289 -0.11 -23.96 26.61
N GLY E 290 -0.88 -24.93 26.15
CA GLY E 290 -0.73 -25.45 24.80
C GLY E 290 -1.33 -24.55 23.75
N LYS E 291 -0.68 -24.47 22.58
CA LYS E 291 -1.24 -23.71 21.46
C LYS E 291 -1.82 -24.63 20.39
N GLY E 292 -1.56 -25.94 20.51
CA GLY E 292 -2.09 -26.97 19.61
C GLY E 292 -2.88 -28.03 20.35
N GLY E 293 -3.48 -28.96 19.59
CA GLY E 293 -4.36 -29.98 20.17
C GLY E 293 -3.68 -31.33 20.32
N THR E 294 -4.27 -32.20 21.14
CA THR E 294 -3.82 -33.57 21.33
C THR E 294 -5.03 -34.48 21.43
N ASP E 295 -4.81 -35.80 21.32
CA ASP E 295 -5.90 -36.76 21.37
C ASP E 295 -6.99 -36.48 22.42
N ALA E 296 -6.60 -35.88 23.54
CA ALA E 296 -7.53 -35.60 24.64
C ALA E 296 -8.70 -34.73 24.20
N GLY E 297 -8.47 -33.87 23.20
CA GLY E 297 -9.48 -32.94 22.67
C GLY E 297 -10.66 -33.64 22.01
N ALA E 298 -10.39 -34.75 21.33
CA ALA E 298 -11.42 -35.61 20.77
C ALA E 298 -11.93 -36.58 21.82
N ALA E 299 -11.01 -37.23 22.53
CA ALA E 299 -11.36 -38.32 23.44
C ALA E 299 -12.34 -37.92 24.55
N HIS E 300 -12.15 -36.74 25.13
CA HIS E 300 -12.96 -36.34 26.28
C HIS E 300 -14.42 -36.07 25.94
N LEU E 301 -14.69 -35.77 24.67
CA LEU E 301 -16.05 -35.48 24.18
C LEU E 301 -16.81 -36.73 23.75
N LYS E 302 -16.19 -37.89 23.92
CA LYS E 302 -16.81 -39.13 23.47
C LYS E 302 -17.65 -39.82 24.54
N ASN E 303 -18.61 -40.62 24.10
CA ASN E 303 -19.55 -41.32 24.97
C ASN E 303 -20.21 -40.34 25.96
N GLY E 304 -20.25 -40.71 27.24
CA GLY E 304 -20.92 -39.89 28.25
C GLY E 304 -20.06 -38.76 28.78
N GLY E 305 -18.86 -38.59 28.22
CA GLY E 305 -17.86 -37.66 28.74
C GLY E 305 -16.75 -38.41 29.44
N VAL E 306 -15.50 -38.03 29.15
CA VAL E 306 -14.33 -38.75 29.65
C VAL E 306 -13.22 -37.79 30.05
N PRO E 307 -13.15 -37.43 31.35
CA PRO E 307 -12.09 -36.52 31.85
C PRO E 307 -10.69 -36.94 31.37
N SER E 308 -9.85 -36.00 30.93
CA SER E 308 -8.56 -36.32 30.29
C SER E 308 -7.39 -35.37 30.61
N THR E 309 -6.18 -35.81 30.26
CA THR E 309 -5.05 -34.93 30.01
C THR E 309 -4.11 -35.58 29.05
N THR E 310 -2.96 -34.93 28.91
CA THR E 310 -1.90 -35.45 28.11
C THR E 310 -0.66 -35.43 28.96
N ILE E 311 -0.12 -36.62 29.22
CA ILE E 311 1.09 -36.80 29.99
C ILE E 311 2.22 -36.52 29.03
N GLY E 312 2.82 -35.34 29.22
CA GLY E 312 3.62 -34.75 28.17
C GLY E 312 5.04 -34.38 28.49
N VAL E 313 5.72 -33.95 27.43
CA VAL E 313 7.12 -33.61 27.43
C VAL E 313 7.22 -32.63 26.27
N CYS E 314 8.03 -31.59 26.41
CA CYS E 314 8.23 -30.71 25.25
C CYS E 314 9.52 -31.03 24.49
N ALA E 315 9.54 -30.63 23.23
CA ALA E 315 10.67 -30.87 22.36
C ALA E 315 10.80 -29.72 21.38
N ARG E 316 12.03 -29.33 21.07
CA ARG E 316 12.26 -28.25 20.14
C ARG E 316 12.10 -28.74 18.72
N TYR E 317 11.44 -27.91 17.88
CA TYR E 317 11.36 -28.11 16.43
C TYR E 317 10.58 -29.37 16.07
N ILE E 318 9.37 -29.45 16.61
CA ILE E 318 8.40 -30.51 16.28
C ILE E 318 7.92 -30.37 14.83
N HIS E 319 7.46 -31.47 14.25
CA HIS E 319 6.99 -31.50 12.87
C HIS E 319 8.10 -31.09 11.92
N SER E 320 9.25 -31.75 12.05
CA SER E 320 10.38 -31.55 11.14
C SER E 320 11.30 -32.77 11.16
N HIS E 321 12.40 -32.70 10.41
CA HIS E 321 13.40 -33.77 10.39
C HIS E 321 14.37 -33.67 11.56
N GLN E 322 14.42 -32.50 12.19
CA GLN E 322 15.43 -32.23 13.21
C GLN E 322 14.83 -31.72 14.52
N THR E 323 14.28 -32.66 15.29
CA THR E 323 13.71 -32.36 16.60
C THR E 323 14.72 -32.64 17.71
N LEU E 324 14.82 -31.71 18.66
CA LEU E 324 15.78 -31.80 19.77
C LEU E 324 15.07 -31.91 21.13
N TYR E 325 15.42 -32.95 21.88
CA TYR E 325 14.73 -33.27 23.12
C TYR E 325 15.61 -33.97 24.16
N ALA E 326 15.19 -33.90 25.42
CA ALA E 326 15.93 -34.45 26.57
C ALA E 326 15.43 -35.83 26.97
N MET E 327 16.36 -36.77 27.10
CA MET E 327 16.08 -38.14 27.55
C MET E 327 15.60 -38.13 28.99
N ASP E 328 16.16 -37.19 29.75
CA ASP E 328 15.78 -36.95 31.12
C ASP E 328 14.27 -36.67 31.28
N ASP E 329 13.71 -35.92 30.32
CA ASP E 329 12.29 -35.59 30.36
C ASP E 329 11.42 -36.82 30.20
N PHE E 330 11.79 -37.69 29.25
CA PHE E 330 11.13 -38.97 29.05
C PHE E 330 11.04 -39.75 30.36
N LEU E 331 12.14 -39.80 31.10
CA LEU E 331 12.19 -40.51 32.37
C LEU E 331 11.24 -39.93 33.41
N GLU E 332 11.12 -38.60 33.44
CA GLU E 332 10.18 -37.94 34.35
C GLU E 332 8.73 -38.19 33.94
N ALA E 333 8.47 -38.15 32.63
CA ALA E 333 7.14 -38.47 32.11
C ALA E 333 6.76 -39.92 32.41
N GLN E 334 7.69 -40.84 32.15
CA GLN E 334 7.48 -42.26 32.38
C GLN E 334 7.21 -42.57 33.85
N ALA E 335 8.01 -41.99 34.75
CA ALA E 335 7.78 -42.18 36.17
C ALA E 335 6.43 -41.62 36.58
N PHE E 336 6.07 -40.46 36.02
CA PHE E 336 4.78 -39.83 36.30
C PHE E 336 3.59 -40.66 35.79
N LEU E 337 3.73 -41.25 34.60
CA LEU E 337 2.69 -42.09 34.03
C LEU E 337 2.46 -43.31 34.90
N GLN E 338 3.55 -43.98 35.28
CA GLN E 338 3.47 -45.16 36.14
C GLN E 338 2.75 -44.81 37.44
N ALA E 339 3.18 -43.73 38.08
CA ALA E 339 2.57 -43.26 39.33
C ALA E 339 1.07 -42.95 39.19
N LEU E 340 0.68 -42.42 38.04
CA LEU E 340 -0.72 -42.10 37.79
C LEU E 340 -1.55 -43.35 37.63
N VAL E 341 -1.14 -44.25 36.73
CA VAL E 341 -1.91 -45.47 36.48
C VAL E 341 -1.97 -46.38 37.70
N LYS E 342 -0.89 -46.42 38.48
CA LYS E 342 -0.87 -47.22 39.72
C LYS E 342 -1.85 -46.68 40.75
N LYS E 343 -2.11 -45.38 40.70
CA LYS E 343 -2.93 -44.74 41.71
C LYS E 343 -4.36 -44.50 41.23
N LEU E 344 -4.64 -44.85 39.97
CA LEU E 344 -5.99 -44.74 39.41
C LEU E 344 -6.84 -45.97 39.74
N ASP E 345 -7.85 -45.77 40.58
CA ASP E 345 -8.80 -46.81 40.97
C ASP E 345 -10.16 -46.18 41.26
N ARG E 346 -11.09 -46.98 41.77
CA ARG E 346 -12.45 -46.51 42.04
C ARG E 346 -12.53 -45.24 42.90
N SER E 347 -11.75 -45.17 43.98
CA SER E 347 -11.75 -43.97 44.85
C SER E 347 -11.26 -42.74 44.09
N THR E 348 -10.14 -42.87 43.38
CA THR E 348 -9.50 -41.72 42.76
C THR E 348 -10.22 -41.21 41.51
N VAL E 349 -10.73 -42.10 40.66
CA VAL E 349 -11.50 -41.63 39.48
C VAL E 349 -12.88 -41.10 39.89
N ASP E 350 -13.42 -41.62 40.99
CA ASP E 350 -14.65 -41.09 41.58
C ASP E 350 -14.41 -39.67 42.10
N LEU E 351 -13.22 -39.44 42.67
CA LEU E 351 -12.82 -38.14 43.18
C LEU E 351 -12.59 -37.16 42.03
N ILE E 352 -11.98 -37.64 40.96
CA ILE E 352 -11.80 -36.83 39.76
C ILE E 352 -13.18 -36.40 39.28
N LYS E 353 -14.12 -37.33 39.31
CA LYS E 353 -15.49 -37.07 38.85
C LYS E 353 -16.43 -36.62 39.96
N HIS E 354 -15.90 -36.00 41.01
CA HIS E 354 -16.73 -35.51 42.11
C HIS E 354 -17.51 -34.25 41.71
N TYR E 355 -18.77 -34.45 41.33
CA TYR E 355 -19.60 -33.38 40.80
C TYR E 355 -20.78 -33.02 41.72
N THR F 4 -33.37 -43.25 -21.89
CA THR F 4 -33.78 -43.70 -20.51
C THR F 4 -32.93 -43.04 -19.41
N LEU F 5 -31.60 -43.12 -19.54
CA LEU F 5 -30.71 -42.58 -18.53
C LEU F 5 -30.88 -41.06 -18.37
N PHE F 6 -30.97 -40.34 -19.49
CA PHE F 6 -31.21 -38.90 -19.41
C PHE F 6 -32.51 -38.60 -18.63
N SER F 7 -33.57 -39.36 -18.91
CA SER F 7 -34.86 -39.19 -18.21
C SER F 7 -34.73 -39.34 -16.70
N LYS F 8 -34.09 -40.43 -16.27
CA LYS F 8 -33.85 -40.68 -14.85
C LYS F 8 -33.04 -39.54 -14.22
N ILE F 9 -32.04 -39.05 -14.96
CA ILE F 9 -31.17 -37.95 -14.51
C ILE F 9 -31.95 -36.63 -14.47
N LYS F 10 -32.78 -36.38 -15.49
CA LYS F 10 -33.62 -35.18 -15.52
C LYS F 10 -34.58 -35.14 -14.33
N GLU F 11 -35.10 -36.30 -13.95
CA GLU F 11 -36.07 -36.42 -12.85
C GLU F 11 -35.44 -36.00 -11.53
N VAL F 12 -34.30 -36.60 -11.22
CA VAL F 12 -33.63 -36.40 -9.93
C VAL F 12 -32.99 -35.02 -9.76
N THR F 13 -32.44 -34.46 -10.84
CA THR F 13 -31.78 -33.16 -10.73
C THR F 13 -32.80 -32.03 -10.63
N GLU F 14 -34.04 -32.32 -11.03
CA GLU F 14 -35.05 -31.28 -11.04
C GLU F 14 -35.92 -31.25 -9.77
N LEU F 15 -35.74 -32.25 -8.91
CA LEU F 15 -36.36 -32.20 -7.58
C LEU F 15 -35.71 -31.10 -6.75
N ALA F 16 -36.48 -30.52 -5.83
CA ALA F 16 -36.03 -29.37 -5.06
C ALA F 16 -35.86 -29.68 -3.57
N ALA F 17 -34.61 -29.82 -3.14
CA ALA F 17 -34.29 -30.09 -1.74
C ALA F 17 -32.99 -29.45 -1.26
N VAL F 18 -33.13 -28.29 -0.64
CA VAL F 18 -32.04 -27.66 0.12
C VAL F 18 -31.82 -28.42 1.45
N SER F 19 -30.59 -28.41 1.97
CA SER F 19 -30.27 -29.05 3.27
C SER F 19 -31.33 -28.78 4.31
N GLY F 20 -31.71 -29.82 5.06
CA GLY F 20 -32.74 -29.69 6.09
C GLY F 20 -34.16 -29.89 5.58
N HIS F 21 -34.32 -29.90 4.26
CA HIS F 21 -35.65 -29.90 3.63
C HIS F 21 -35.70 -30.91 2.48
N GLU F 22 -35.23 -32.12 2.76
CA GLU F 22 -35.06 -33.13 1.73
C GLU F 22 -36.26 -34.06 1.57
N ALA F 23 -37.39 -33.65 2.15
CA ALA F 23 -38.66 -34.39 2.03
C ALA F 23 -38.99 -34.83 0.59
N PRO F 24 -38.90 -33.90 -0.40
CA PRO F 24 -39.23 -34.35 -1.74
C PRO F 24 -38.27 -35.41 -2.32
N VAL F 25 -36.99 -35.36 -1.97
CA VAL F 25 -36.04 -36.38 -2.43
C VAL F 25 -36.20 -37.69 -1.65
N ARG F 26 -36.49 -37.59 -0.35
CA ARG F 26 -36.77 -38.77 0.47
C ARG F 26 -37.96 -39.57 -0.07
N ALA F 27 -39.02 -38.88 -0.47
CA ALA F 27 -40.20 -39.55 -1.02
C ALA F 27 -39.88 -40.27 -2.32
N TYR F 28 -39.01 -39.64 -3.14
CA TYR F 28 -38.54 -40.27 -4.37
C TYR F 28 -37.80 -41.56 -4.06
N LEU F 29 -36.88 -41.52 -3.10
CA LEU F 29 -36.08 -42.69 -2.75
C LEU F 29 -36.86 -43.80 -2.07
N ARG F 30 -37.79 -43.44 -1.18
CA ARG F 30 -38.63 -44.44 -0.52
C ARG F 30 -39.38 -45.23 -1.57
N GLU F 31 -40.04 -44.51 -2.47
CA GLU F 31 -40.78 -45.12 -3.56
C GLU F 31 -39.89 -46.06 -4.42
N LYS F 32 -38.67 -45.62 -4.72
CA LYS F 32 -37.74 -46.42 -5.53
C LYS F 32 -36.99 -47.53 -4.78
N LEU F 33 -36.87 -47.40 -3.46
CA LEU F 33 -36.22 -48.43 -2.63
C LEU F 33 -37.15 -49.57 -2.21
N THR F 34 -38.35 -49.22 -1.71
CA THR F 34 -39.25 -50.15 -1.04
C THR F 34 -39.48 -51.51 -1.73
N PRO F 35 -39.69 -51.52 -3.07
CA PRO F 35 -39.91 -52.81 -3.72
C PRO F 35 -38.71 -53.77 -3.68
N HIS F 36 -37.49 -53.22 -3.63
CA HIS F 36 -36.25 -54.01 -3.84
C HIS F 36 -35.49 -54.29 -2.55
N VAL F 37 -36.17 -54.11 -1.42
CA VAL F 37 -35.52 -54.07 -0.11
C VAL F 37 -36.39 -54.73 0.97
N ASP F 38 -35.76 -55.34 1.97
CA ASP F 38 -36.48 -56.08 3.01
C ASP F 38 -37.18 -55.18 4.03
N GLU F 39 -36.63 -53.98 4.20
CA GLU F 39 -37.02 -53.06 5.28
C GLU F 39 -36.49 -51.65 4.97
N VAL F 40 -37.32 -50.63 5.22
CA VAL F 40 -36.91 -49.23 5.01
C VAL F 40 -36.95 -48.43 6.32
N VAL F 41 -35.77 -48.03 6.80
CA VAL F 41 -35.66 -47.28 8.05
C VAL F 41 -35.16 -45.85 7.83
N THR F 42 -35.39 -45.03 8.83
CA THR F 42 -35.05 -43.62 8.77
C THR F 42 -34.13 -43.29 9.96
N ASP F 43 -33.33 -42.23 9.88
CA ASP F 43 -32.62 -41.76 11.07
C ASP F 43 -33.33 -40.57 11.73
N GLY F 44 -32.73 -40.01 12.77
CA GLY F 44 -33.39 -38.98 13.57
C GLY F 44 -33.55 -37.67 12.83
N LEU F 45 -32.74 -37.46 11.81
CA LEU F 45 -32.71 -36.20 11.09
C LEU F 45 -33.34 -36.25 9.69
N GLY F 46 -33.71 -37.44 9.24
CA GLY F 46 -34.45 -37.57 8.00
C GLY F 46 -33.89 -38.47 6.90
N GLY F 47 -32.70 -39.02 7.09
CA GLY F 47 -32.10 -39.90 6.09
C GLY F 47 -32.90 -41.19 5.95
N ILE F 48 -33.10 -41.64 4.71
CA ILE F 48 -33.81 -42.90 4.44
C ILE F 48 -32.78 -43.94 4.07
N PHE F 49 -32.98 -45.15 4.58
CA PHE F 49 -32.14 -46.27 4.20
C PHE F 49 -32.96 -47.54 4.08
N GLY F 50 -32.68 -48.30 3.03
CA GLY F 50 -33.29 -49.60 2.83
C GLY F 50 -32.38 -50.70 3.30
N ILE F 51 -32.92 -51.64 4.07
CA ILE F 51 -32.13 -52.78 4.55
C ILE F 51 -32.38 -54.01 3.70
N LYS F 52 -31.31 -54.58 3.18
CA LYS F 52 -31.35 -55.83 2.45
C LYS F 52 -30.65 -56.90 3.29
N HIS F 53 -31.44 -57.72 3.99
CA HIS F 53 -30.91 -58.80 4.85
C HIS F 53 -30.10 -59.83 4.08
N SER F 54 -29.04 -60.31 4.73
CA SER F 54 -28.18 -61.35 4.17
C SER F 54 -28.41 -62.67 4.91
N GLU F 55 -28.32 -63.78 4.18
CA GLU F 55 -28.46 -65.11 4.75
C GLU F 55 -27.17 -65.62 5.38
N ALA F 56 -26.05 -65.05 4.94
CA ALA F 56 -24.69 -65.45 5.38
C ALA F 56 -24.52 -65.38 6.91
N VAL F 57 -23.65 -66.24 7.42
CA VAL F 57 -23.56 -66.53 8.86
C VAL F 57 -23.21 -65.31 9.70
N ASP F 58 -22.03 -64.73 9.50
CA ASP F 58 -21.59 -63.60 10.32
C ASP F 58 -21.55 -62.32 9.48
N ALA F 59 -22.53 -62.17 8.60
CA ALA F 59 -22.49 -61.13 7.55
C ALA F 59 -22.22 -59.73 8.10
N PRO F 60 -21.21 -59.05 7.52
CA PRO F 60 -20.86 -57.71 7.94
C PRO F 60 -21.89 -56.69 7.48
N ARG F 61 -22.19 -55.72 8.36
CA ARG F 61 -23.04 -54.60 7.99
C ARG F 61 -22.24 -53.67 7.07
N VAL F 62 -22.78 -53.41 5.88
CA VAL F 62 -22.21 -52.43 4.95
C VAL F 62 -23.19 -51.26 4.74
N LEU F 63 -22.68 -50.04 4.85
CA LEU F 63 -23.49 -48.86 4.59
C LEU F 63 -23.04 -48.14 3.32
N VAL F 64 -24.02 -47.90 2.45
CA VAL F 64 -23.84 -47.14 1.21
C VAL F 64 -24.71 -45.88 1.35
N ALA F 65 -24.12 -44.70 1.20
CA ALA F 65 -24.90 -43.46 1.34
C ALA F 65 -24.52 -42.36 0.37
N SER F 66 -25.50 -41.88 -0.37
CA SER F 66 -25.37 -40.62 -1.06
C SER F 66 -25.90 -39.55 -0.13
N HIS F 67 -26.26 -38.38 -0.66
CA HIS F 67 -26.98 -37.40 0.13
C HIS F 67 -27.99 -36.70 -0.74
N MET F 68 -29.09 -36.31 -0.13
CA MET F 68 -30.28 -35.84 -0.85
C MET F 68 -30.30 -34.33 -1.08
N ASP F 69 -29.61 -33.59 -0.21
CA ASP F 69 -29.61 -32.14 -0.26
C ASP F 69 -28.71 -31.55 -1.35
N GLU F 70 -29.13 -30.39 -1.86
CA GLU F 70 -28.36 -29.61 -2.84
C GLU F 70 -28.06 -28.26 -2.21
N VAL F 71 -27.07 -27.55 -2.75
CA VAL F 71 -26.79 -26.21 -2.26
C VAL F 71 -27.91 -25.25 -2.68
N GLY F 72 -28.16 -24.25 -1.85
CA GLY F 72 -29.14 -23.21 -2.16
C GLY F 72 -29.05 -22.08 -1.16
N PHE F 73 -30.19 -21.47 -0.85
CA PHE F 73 -30.25 -20.31 0.05
C PHE F 73 -31.43 -20.35 1.02
N MET F 74 -31.40 -19.47 2.01
CA MET F 74 -32.46 -19.36 2.99
C MET F 74 -32.69 -17.89 3.32
N VAL F 75 -33.96 -17.49 3.45
CA VAL F 75 -34.31 -16.11 3.74
C VAL F 75 -33.85 -15.75 5.14
N SER F 76 -33.00 -14.73 5.26
CA SER F 76 -32.61 -14.25 6.58
C SER F 76 -33.54 -13.14 7.02
N GLU F 77 -33.97 -12.33 6.07
CA GLU F 77 -34.94 -11.27 6.35
C GLU F 77 -35.69 -10.77 5.13
N ILE F 78 -36.90 -10.27 5.36
CA ILE F 78 -37.68 -9.59 4.33
C ILE F 78 -37.52 -8.10 4.55
N LYS F 79 -36.99 -7.41 3.55
CA LYS F 79 -36.78 -5.97 3.62
C LYS F 79 -38.11 -5.22 3.49
N PRO F 80 -38.20 -3.99 4.04
CA PRO F 80 -39.46 -3.24 3.90
C PRO F 80 -39.90 -3.08 2.45
N ASP F 81 -38.95 -3.06 1.52
CA ASP F 81 -39.27 -2.91 0.09
C ASP F 81 -39.76 -4.20 -0.57
N GLY F 82 -39.75 -5.30 0.18
CA GLY F 82 -40.32 -6.54 -0.30
C GLY F 82 -39.31 -7.54 -0.79
N THR F 83 -38.06 -7.11 -0.88
CA THR F 83 -36.99 -7.98 -1.31
C THR F 83 -36.49 -8.83 -0.14
N PHE F 84 -35.56 -9.73 -0.43
CA PHE F 84 -35.03 -10.61 0.60
C PHE F 84 -33.52 -10.52 0.67
N ARG F 85 -32.97 -10.68 1.87
CA ARG F 85 -31.56 -10.94 2.06
C ARG F 85 -31.46 -12.38 2.50
N VAL F 86 -30.38 -13.07 2.11
CA VAL F 86 -30.30 -14.49 2.34
C VAL F 86 -29.03 -14.91 3.04
N VAL F 87 -28.99 -16.20 3.37
CA VAL F 87 -27.83 -16.82 3.97
C VAL F 87 -27.60 -18.05 3.10
N GLU F 88 -26.35 -18.34 2.79
CA GLU F 88 -26.04 -19.49 1.93
C GLU F 88 -26.28 -20.81 2.65
N ILE F 89 -26.79 -21.80 1.92
CA ILE F 89 -26.91 -23.15 2.48
C ILE F 89 -26.11 -24.11 1.61
N GLY F 90 -24.94 -24.47 2.14
CA GLY F 90 -23.86 -25.06 1.35
C GLY F 90 -22.95 -23.94 0.87
N GLY F 91 -21.74 -24.30 0.46
CA GLY F 91 -20.75 -23.29 0.03
C GLY F 91 -20.91 -22.80 -1.40
N TRP F 92 -21.13 -21.50 -1.55
CA TRP F 92 -21.26 -20.88 -2.87
C TRP F 92 -20.08 -19.95 -3.17
N ASN F 93 -19.53 -20.07 -4.37
CA ASN F 93 -18.61 -19.09 -4.89
C ASN F 93 -19.43 -17.85 -5.27
N PRO F 94 -19.26 -16.72 -4.54
CA PRO F 94 -20.11 -15.54 -4.75
C PRO F 94 -20.13 -15.05 -6.19
N MET F 95 -19.10 -15.41 -6.95
CA MET F 95 -19.00 -15.05 -8.37
C MET F 95 -20.12 -15.62 -9.23
N VAL F 96 -20.76 -16.69 -8.77
CA VAL F 96 -21.76 -17.41 -9.56
C VAL F 96 -23.20 -17.08 -9.13
N VAL F 97 -23.36 -16.22 -8.14
CA VAL F 97 -24.64 -16.09 -7.44
C VAL F 97 -25.57 -15.00 -7.98
N SER F 98 -24.99 -13.99 -8.63
CA SER F 98 -25.78 -12.86 -9.13
C SER F 98 -26.52 -13.21 -10.41
N SER F 99 -27.77 -12.74 -10.48
CA SER F 99 -28.66 -12.92 -11.64
C SER F 99 -28.94 -14.39 -11.94
N GLN F 100 -29.56 -15.07 -10.99
CA GLN F 100 -29.90 -16.49 -11.11
C GLN F 100 -31.35 -16.72 -10.71
N ARG F 101 -31.97 -17.76 -11.27
CA ARG F 101 -33.35 -18.12 -10.92
C ARG F 101 -33.39 -19.09 -9.76
N PHE F 102 -34.44 -18.95 -8.97
CA PHE F 102 -34.66 -19.84 -7.85
C PHE F 102 -36.15 -20.03 -7.64
N LYS F 103 -36.48 -21.12 -6.95
CA LYS F 103 -37.80 -21.32 -6.39
C LYS F 103 -37.71 -21.11 -4.88
N LEU F 104 -38.50 -20.17 -4.37
CA LEU F 104 -38.67 -20.03 -2.92
C LEU F 104 -39.77 -20.99 -2.51
N LEU F 105 -39.46 -21.82 -1.52
CA LEU F 105 -40.42 -22.80 -1.02
C LEU F 105 -41.03 -22.35 0.31
N THR F 106 -42.26 -21.86 0.21
CA THR F 106 -43.09 -21.45 1.34
C THR F 106 -43.46 -22.65 2.23
N ARG F 107 -43.58 -22.40 3.53
CA ARG F 107 -43.89 -23.47 4.50
C ARG F 107 -45.22 -24.17 4.21
N ASP F 108 -46.24 -23.42 3.81
CA ASP F 108 -47.54 -24.01 3.47
C ASP F 108 -47.56 -24.71 2.09
N GLY F 109 -46.39 -24.79 1.45
CA GLY F 109 -46.21 -25.62 0.26
C GLY F 109 -46.33 -24.91 -1.08
N HIS F 110 -46.10 -23.60 -1.10
CA HIS F 110 -46.15 -22.86 -2.35
C HIS F 110 -44.77 -22.59 -2.92
N GLU F 111 -44.70 -22.44 -4.24
CA GLU F 111 -43.43 -22.25 -4.93
C GLU F 111 -43.43 -20.89 -5.56
N ILE F 112 -42.58 -20.00 -5.06
CA ILE F 112 -42.59 -18.65 -5.61
C ILE F 112 -41.27 -18.31 -6.34
N PRO F 113 -41.37 -17.84 -7.59
CA PRO F 113 -40.13 -17.52 -8.31
C PRO F 113 -39.42 -16.33 -7.67
N VAL F 114 -38.14 -16.52 -7.39
CA VAL F 114 -37.27 -15.47 -6.87
C VAL F 114 -36.02 -15.45 -7.71
N ILE F 115 -35.53 -14.26 -8.03
CA ILE F 115 -34.24 -14.12 -8.69
C ILE F 115 -33.27 -13.34 -7.80
N SER F 116 -31.97 -13.57 -8.00
CA SER F 116 -30.98 -12.70 -7.36
C SER F 116 -30.71 -11.54 -8.30
N GLY F 117 -30.41 -10.38 -7.73
CA GLY F 117 -29.91 -9.25 -8.50
C GLY F 117 -28.43 -9.44 -8.78
N PRO F 133 -18.26 -8.29 -2.99
CA PRO F 133 -19.54 -8.96 -3.32
C PRO F 133 -19.91 -10.01 -2.29
N ALA F 134 -20.45 -9.58 -1.15
CA ALA F 134 -20.83 -10.50 -0.10
C ALA F 134 -22.27 -11.02 -0.28
N ILE F 135 -22.43 -12.31 -0.06
CA ILE F 135 -23.72 -12.98 -0.21
C ILE F 135 -24.82 -12.32 0.62
N ALA F 136 -24.48 -11.90 1.84
CA ALA F 136 -25.42 -11.23 2.73
C ALA F 136 -25.94 -9.90 2.16
N ASP F 137 -25.30 -9.40 1.10
CA ASP F 137 -25.65 -8.10 0.51
C ASP F 137 -26.44 -8.16 -0.80
N ILE F 138 -26.48 -9.34 -1.43
CA ILE F 138 -27.11 -9.46 -2.75
C ILE F 138 -28.63 -9.44 -2.62
N VAL F 139 -29.27 -8.63 -3.45
CA VAL F 139 -30.73 -8.52 -3.42
C VAL F 139 -31.37 -9.79 -3.99
N PHE F 140 -32.25 -10.41 -3.21
CA PHE F 140 -33.10 -11.47 -3.71
C PHE F 140 -34.51 -10.92 -3.86
N ASP F 141 -35.14 -11.22 -4.99
CA ASP F 141 -36.28 -10.45 -5.47
C ASP F 141 -37.38 -11.34 -6.03
N GLY F 142 -38.58 -11.21 -5.46
CA GLY F 142 -39.76 -11.96 -5.91
C GLY F 142 -40.80 -11.06 -6.56
N GLY F 143 -40.42 -9.82 -6.85
CA GLY F 143 -41.31 -8.88 -7.52
C GLY F 143 -42.45 -8.40 -6.66
N PHE F 144 -42.22 -8.26 -5.36
CA PHE F 144 -43.26 -7.77 -4.47
C PHE F 144 -43.12 -6.28 -4.24
N ALA F 145 -44.24 -5.65 -3.86
CA ALA F 145 -44.29 -4.22 -3.67
C ALA F 145 -43.67 -3.81 -2.34
N ASP F 146 -43.83 -4.67 -1.33
CA ASP F 146 -43.32 -4.40 0.03
C ASP F 146 -43.25 -5.66 0.90
N LYS F 147 -42.81 -5.50 2.15
CA LYS F 147 -42.76 -6.61 3.10
C LYS F 147 -44.11 -7.28 3.24
N ALA F 148 -45.15 -6.47 3.43
CA ALA F 148 -46.50 -6.99 3.68
C ALA F 148 -46.99 -7.96 2.59
N GLU F 149 -46.75 -7.62 1.32
CA GLU F 149 -47.19 -8.45 0.20
C GLU F 149 -46.42 -9.77 0.14
N ALA F 150 -45.10 -9.68 0.32
CA ALA F 150 -44.23 -10.87 0.41
C ALA F 150 -44.81 -11.84 1.44
N GLU F 151 -45.00 -11.34 2.66
CA GLU F 151 -45.63 -12.08 3.75
C GLU F 151 -47.04 -12.58 3.41
N SER F 152 -47.78 -11.80 2.61
CA SER F 152 -49.13 -12.19 2.22
C SER F 152 -49.13 -13.45 1.36
N PHE F 153 -47.98 -13.76 0.77
CA PHE F 153 -47.82 -14.98 -0.03
C PHE F 153 -47.26 -16.16 0.78
N GLY F 154 -47.32 -16.06 2.10
CA GLY F 154 -46.90 -17.14 3.00
C GLY F 154 -45.40 -17.15 3.27
N ILE F 155 -44.68 -16.20 2.70
CA ILE F 155 -43.24 -16.11 2.84
C ILE F 155 -42.85 -15.64 4.25
N ARG F 156 -41.86 -16.31 4.82
CA ARG F 156 -41.35 -16.01 6.14
C ARG F 156 -39.82 -16.17 6.17
N PRO F 157 -39.15 -15.52 7.13
CA PRO F 157 -37.75 -15.81 7.37
C PRO F 157 -37.55 -17.29 7.60
N GLY F 158 -36.54 -17.86 6.95
CA GLY F 158 -36.23 -19.27 7.10
C GLY F 158 -36.67 -20.09 5.91
N ASP F 159 -37.42 -19.47 5.01
CA ASP F 159 -37.85 -20.16 3.80
C ASP F 159 -36.66 -20.51 2.91
N THR F 160 -36.73 -21.72 2.39
CA THR F 160 -35.68 -22.28 1.58
C THR F 160 -35.79 -21.75 0.15
N ILE F 161 -34.64 -21.58 -0.51
CA ILE F 161 -34.54 -21.03 -1.87
C ILE F 161 -33.66 -21.93 -2.76
N VAL F 162 -34.28 -22.54 -3.76
CA VAL F 162 -33.63 -23.59 -4.55
C VAL F 162 -33.35 -23.13 -5.98
N PRO F 163 -32.11 -23.31 -6.47
CA PRO F 163 -31.81 -23.03 -7.87
C PRO F 163 -32.89 -23.57 -8.82
N ASP F 164 -33.20 -22.80 -9.86
CA ASP F 164 -34.14 -23.23 -10.89
C ASP F 164 -33.39 -23.39 -12.20
N SER F 165 -33.11 -24.64 -12.54
CA SER F 165 -32.39 -24.97 -13.75
C SER F 165 -32.91 -26.31 -14.25
N SER F 166 -33.14 -26.39 -15.56
CA SER F 166 -33.56 -27.64 -16.18
C SER F 166 -32.36 -28.53 -16.43
N ALA F 167 -32.61 -29.79 -16.75
CA ALA F 167 -31.57 -30.69 -17.20
C ALA F 167 -31.71 -30.86 -18.69
N ILE F 168 -30.61 -30.64 -19.40
CA ILE F 168 -30.60 -30.80 -20.87
C ILE F 168 -29.37 -31.57 -21.34
N LEU F 169 -29.53 -32.27 -22.45
CA LEU F 169 -28.43 -32.92 -23.16
C LEU F 169 -27.53 -31.87 -23.77
N THR F 170 -26.23 -32.16 -23.81
CA THR F 170 -25.30 -31.34 -24.60
C THR F 170 -25.36 -31.74 -26.08
N ALA F 171 -24.82 -30.89 -26.95
CA ALA F 171 -24.89 -31.10 -28.40
C ALA F 171 -24.54 -32.52 -28.84
N ASN F 172 -23.46 -33.07 -28.29
CA ASN F 172 -22.97 -34.37 -28.74
C ASN F 172 -23.67 -35.53 -28.06
N GLU F 173 -24.61 -35.20 -27.17
CA GLU F 173 -25.48 -36.17 -26.48
C GLU F 173 -24.76 -37.14 -25.55
N LYS F 174 -23.49 -36.85 -25.25
CA LYS F 174 -22.71 -37.68 -24.32
C LYS F 174 -22.72 -37.10 -22.90
N ASN F 175 -22.92 -35.79 -22.80
CA ASN F 175 -22.89 -35.10 -21.51
C ASN F 175 -24.23 -34.47 -21.17
N ILE F 176 -24.32 -33.94 -19.96
CA ILE F 176 -25.51 -33.28 -19.46
C ILE F 176 -25.19 -31.96 -18.75
N ILE F 177 -26.00 -30.94 -19.02
CA ILE F 177 -25.99 -29.69 -18.28
C ILE F 177 -27.22 -29.70 -17.37
N SER F 178 -27.01 -29.46 -16.07
CA SER F 178 -28.10 -29.43 -15.08
C SER F 178 -27.64 -28.81 -13.77
N LYS F 179 -28.59 -28.55 -12.87
CA LYS F 179 -28.25 -28.22 -11.49
C LYS F 179 -28.04 -29.51 -10.72
N ALA F 180 -27.43 -29.39 -9.55
CA ALA F 180 -27.48 -30.42 -8.50
C ALA F 180 -27.06 -31.86 -8.90
N TRP F 181 -26.11 -32.00 -9.81
CA TRP F 181 -25.54 -33.34 -10.05
C TRP F 181 -24.80 -33.78 -8.80
N ASP F 182 -24.31 -32.81 -8.05
CA ASP F 182 -23.98 -33.01 -6.65
C ASP F 182 -25.24 -32.67 -5.82
N ASN F 183 -25.89 -33.68 -5.22
CA ASN F 183 -25.51 -35.09 -5.35
C ASN F 183 -26.68 -35.97 -5.78
N ARG F 184 -27.49 -35.46 -6.70
CA ARG F 184 -28.55 -36.28 -7.30
C ARG F 184 -27.95 -37.44 -8.10
N TYR F 185 -26.68 -37.28 -8.48
CA TYR F 185 -25.85 -38.38 -8.96
C TYR F 185 -25.99 -39.58 -8.03
N GLY F 186 -25.60 -39.38 -6.77
CA GLY F 186 -25.64 -40.43 -5.76
C GLY F 186 -27.04 -40.94 -5.50
N VAL F 187 -28.03 -40.05 -5.56
CA VAL F 187 -29.42 -40.45 -5.40
C VAL F 187 -29.82 -41.47 -6.47
N LEU F 188 -29.57 -41.15 -7.73
CA LEU F 188 -29.86 -42.07 -8.84
C LEU F 188 -29.01 -43.33 -8.72
N MET F 189 -27.73 -43.13 -8.45
CA MET F 189 -26.77 -44.21 -8.26
C MET F 189 -27.29 -45.24 -7.24
N VAL F 190 -27.79 -44.73 -6.11
CA VAL F 190 -28.37 -45.57 -5.05
C VAL F 190 -29.66 -46.26 -5.52
N SER F 191 -30.52 -45.51 -6.20
CA SER F 191 -31.74 -46.06 -6.77
C SER F 191 -31.48 -47.16 -7.81
N GLU F 192 -30.49 -46.96 -8.66
CA GLU F 192 -30.10 -47.97 -9.65
C GLU F 192 -29.51 -49.22 -9.00
N LEU F 193 -28.83 -49.03 -7.87
CA LEU F 193 -28.24 -50.13 -7.14
C LEU F 193 -29.33 -51.07 -6.63
N ALA F 194 -30.31 -50.52 -5.92
CA ALA F 194 -31.41 -51.32 -5.37
C ALA F 194 -32.03 -52.22 -6.44
N GLU F 195 -32.32 -51.63 -7.60
CA GLU F 195 -32.93 -52.32 -8.73
C GLU F 195 -32.03 -53.45 -9.27
N ALA F 196 -30.74 -53.17 -9.45
CA ALA F 196 -29.80 -54.15 -9.98
C ALA F 196 -29.57 -55.33 -9.02
N LEU F 197 -29.81 -55.07 -7.74
CA LEU F 197 -29.58 -56.06 -6.69
C LEU F 197 -30.86 -56.73 -6.19
N SER F 198 -32.00 -56.34 -6.77
CA SER F 198 -33.32 -56.80 -6.31
C SER F 198 -33.43 -58.31 -6.11
N GLY F 199 -32.95 -59.07 -7.10
CA GLY F 199 -32.97 -60.54 -7.02
C GLY F 199 -31.85 -61.15 -6.18
N GLN F 200 -30.62 -60.67 -6.42
CA GLN F 200 -29.38 -61.18 -5.83
C GLN F 200 -29.42 -61.41 -4.31
N LYS F 201 -28.61 -62.34 -3.84
CA LYS F 201 -28.32 -62.47 -2.40
C LYS F 201 -26.84 -62.19 -2.13
N LEU F 202 -26.57 -61.37 -1.10
CA LEU F 202 -25.23 -60.84 -0.85
C LEU F 202 -24.55 -61.42 0.38
N GLY F 203 -23.23 -61.31 0.41
CA GLY F 203 -22.45 -61.72 1.56
C GLY F 203 -22.46 -60.71 2.71
N ASN F 204 -23.23 -59.62 2.54
CA ASN F 204 -23.31 -58.53 3.54
C ASN F 204 -24.73 -58.06 3.88
N GLU F 205 -24.88 -57.56 5.10
CA GLU F 205 -26.13 -56.96 5.56
C GLU F 205 -26.11 -55.52 5.03
N LEU F 206 -26.80 -55.31 3.90
CA LEU F 206 -26.68 -54.08 3.13
C LEU F 206 -27.61 -52.97 3.61
N TYR F 207 -27.02 -51.81 3.91
CA TYR F 207 -27.80 -50.62 4.21
C TYR F 207 -27.57 -49.63 3.08
N LEU F 208 -28.66 -49.28 2.41
CA LEU F 208 -28.63 -48.59 1.13
C LEU F 208 -29.53 -47.36 1.17
N GLY F 209 -28.96 -46.17 1.03
CA GLY F 209 -29.79 -44.96 1.06
C GLY F 209 -29.06 -43.65 0.88
N SER F 210 -29.61 -42.60 1.46
CA SER F 210 -29.09 -41.27 1.21
C SER F 210 -29.19 -40.39 2.44
N ASN F 211 -28.05 -39.80 2.83
CA ASN F 211 -27.94 -38.95 4.00
C ASN F 211 -28.67 -37.63 3.88
N VAL F 212 -28.83 -36.98 5.02
CA VAL F 212 -29.47 -35.71 5.15
C VAL F 212 -28.35 -34.66 5.36
N GLN F 213 -28.54 -33.43 4.89
CA GLN F 213 -27.72 -32.29 5.33
C GLN F 213 -26.20 -32.40 5.13
N GLU F 214 -25.78 -32.96 4.00
CA GLU F 214 -24.34 -33.12 3.74
C GLU F 214 -23.66 -31.78 3.46
N GLU F 215 -24.38 -30.93 2.74
CA GLU F 215 -23.81 -29.70 2.19
C GLU F 215 -23.36 -28.69 3.24
N VAL F 216 -23.94 -28.77 4.43
CA VAL F 216 -23.67 -27.82 5.49
C VAL F 216 -22.77 -28.35 6.60
N GLY F 217 -22.16 -29.52 6.37
CA GLY F 217 -21.21 -30.06 7.34
C GLY F 217 -21.29 -31.56 7.60
N LEU F 218 -21.72 -32.32 6.59
CA LEU F 218 -21.80 -33.79 6.66
C LEU F 218 -22.61 -34.24 7.87
N ARG F 219 -23.71 -33.54 8.11
CA ARG F 219 -24.44 -33.69 9.36
C ARG F 219 -25.11 -35.05 9.48
N GLY F 220 -25.90 -35.44 8.49
CA GLY F 220 -26.56 -36.74 8.49
C GLY F 220 -25.61 -37.93 8.57
N ALA F 221 -24.41 -37.77 8.02
CA ALA F 221 -23.39 -38.82 8.05
C ALA F 221 -23.06 -39.23 9.48
N HIS F 222 -22.98 -38.25 10.37
CA HIS F 222 -22.80 -38.48 11.81
C HIS F 222 -23.85 -39.46 12.36
N THR F 223 -25.11 -39.15 12.04
CA THR F 223 -26.25 -39.80 12.67
C THR F 223 -26.60 -41.17 12.10
N SER F 224 -26.61 -41.30 10.77
CA SER F 224 -26.91 -42.59 10.13
C SER F 224 -25.83 -43.61 10.46
N THR F 225 -24.57 -43.23 10.32
CA THR F 225 -23.45 -44.12 10.58
C THR F 225 -23.49 -44.63 12.02
N THR F 226 -23.72 -43.72 12.97
CA THR F 226 -23.83 -44.12 14.38
C THR F 226 -25.03 -45.03 14.64
N LYS F 227 -26.13 -44.76 13.95
CA LYS F 227 -27.37 -45.51 14.16
C LYS F 227 -27.26 -46.92 13.64
N PHE F 228 -26.70 -47.07 12.43
CA PHE F 228 -26.71 -48.33 11.70
C PHE F 228 -25.45 -49.16 11.87
N ASP F 229 -24.48 -48.62 12.59
CA ASP F 229 -23.30 -49.38 13.03
C ASP F 229 -22.65 -50.28 11.96
N PRO F 230 -22.30 -49.72 10.79
CA PRO F 230 -21.67 -50.54 9.75
C PRO F 230 -20.20 -50.84 10.05
N GLU F 231 -19.66 -51.87 9.41
CA GLU F 231 -18.24 -52.20 9.54
C GLU F 231 -17.47 -51.45 8.50
N VAL F 232 -18.12 -51.24 7.36
CA VAL F 232 -17.51 -50.61 6.21
C VAL F 232 -18.52 -49.60 5.65
N PHE F 233 -18.04 -48.43 5.23
CA PHE F 233 -18.91 -47.39 4.69
C PHE F 233 -18.47 -46.92 3.32
N LEU F 234 -19.43 -46.79 2.43
CA LEU F 234 -19.21 -46.28 1.08
C LEU F 234 -20.09 -45.07 0.85
N ALA F 235 -19.47 -43.92 0.60
CA ALA F 235 -20.21 -42.72 0.20
C ALA F 235 -20.35 -42.71 -1.33
N VAL F 236 -21.45 -42.14 -1.84
CA VAL F 236 -21.59 -41.95 -3.27
C VAL F 236 -21.88 -40.49 -3.47
N ASP F 237 -20.90 -39.77 -3.99
CA ASP F 237 -20.98 -38.33 -4.11
C ASP F 237 -20.16 -37.93 -5.30
N CYS F 238 -20.35 -36.70 -5.78
CA CYS F 238 -19.56 -36.23 -6.89
C CYS F 238 -18.73 -34.97 -6.57
N SER F 239 -17.59 -34.84 -7.25
CA SER F 239 -16.60 -33.82 -6.91
C SER F 239 -16.22 -32.97 -8.13
N PRO F 240 -15.58 -31.81 -7.89
CA PRO F 240 -15.26 -30.91 -8.99
C PRO F 240 -14.38 -31.56 -10.04
N ALA F 241 -14.66 -31.25 -11.31
CA ALA F 241 -13.79 -31.60 -12.42
C ALA F 241 -12.79 -30.47 -12.65
N GLY F 242 -11.51 -30.80 -12.69
CA GLY F 242 -10.47 -29.79 -12.83
C GLY F 242 -10.04 -29.57 -14.27
N ASP F 243 -10.26 -30.58 -15.13
CA ASP F 243 -9.71 -30.62 -16.50
C ASP F 243 -9.68 -29.28 -17.23
N VAL F 244 -10.80 -28.57 -17.15
CA VAL F 244 -11.04 -27.35 -17.93
C VAL F 244 -10.24 -26.16 -17.40
N TYR F 245 -9.77 -26.27 -16.16
CA TYR F 245 -8.92 -25.26 -15.53
C TYR F 245 -7.49 -25.77 -15.40
N GLY F 246 -7.19 -26.90 -16.04
CA GLY F 246 -5.87 -27.52 -15.95
C GLY F 246 -5.66 -28.36 -14.70
N GLY F 247 -6.64 -28.33 -13.79
CA GLY F 247 -6.60 -29.18 -12.60
C GLY F 247 -6.87 -30.65 -12.90
N GLN F 248 -7.01 -31.44 -11.84
CA GLN F 248 -7.29 -32.86 -12.02
C GLN F 248 -8.77 -33.20 -11.83
N GLY F 249 -9.14 -34.37 -12.32
CA GLY F 249 -10.54 -34.74 -12.46
C GLY F 249 -10.93 -34.36 -13.88
N LYS F 250 -11.27 -35.38 -14.68
CA LYS F 250 -11.55 -35.17 -16.09
C LYS F 250 -12.83 -35.87 -16.48
N ILE F 251 -13.74 -35.10 -17.07
CA ILE F 251 -15.03 -35.59 -17.57
C ILE F 251 -14.81 -36.70 -18.58
N GLY F 252 -15.44 -37.85 -18.35
CA GLY F 252 -15.36 -39.00 -19.26
C GLY F 252 -14.21 -39.95 -18.95
N ASP F 253 -13.36 -39.59 -17.99
CA ASP F 253 -12.26 -40.45 -17.57
C ASP F 253 -12.63 -41.35 -16.36
N GLY F 254 -13.90 -41.75 -16.28
CA GLY F 254 -14.35 -42.74 -15.32
C GLY F 254 -14.48 -42.33 -13.85
N THR F 255 -14.73 -43.33 -13.02
CA THR F 255 -14.98 -43.15 -11.60
C THR F 255 -13.68 -42.85 -10.83
N LEU F 256 -13.81 -42.24 -9.65
CA LEU F 256 -12.66 -41.67 -8.95
C LEU F 256 -12.11 -42.56 -7.82
N ILE F 257 -10.80 -42.68 -7.78
CA ILE F 257 -10.15 -43.28 -6.62
C ILE F 257 -9.72 -42.13 -5.70
N ARG F 258 -10.58 -41.83 -4.70
CA ARG F 258 -10.30 -40.75 -3.76
C ARG F 258 -9.39 -41.20 -2.62
N PHE F 259 -8.08 -41.01 -2.84
CA PHE F 259 -7.05 -41.42 -1.89
C PHE F 259 -6.83 -40.37 -0.79
N TYR F 260 -7.14 -39.11 -1.10
CA TYR F 260 -6.98 -38.03 -0.14
C TYR F 260 -8.11 -37.00 -0.20
N ASP F 261 -8.54 -36.53 0.97
CA ASP F 261 -9.18 -35.22 1.10
C ASP F 261 -8.94 -34.68 2.50
N PRO F 262 -9.13 -33.36 2.71
CA PRO F 262 -8.81 -32.74 4.01
C PRO F 262 -9.50 -33.37 5.23
N GLY F 263 -10.53 -34.17 5.01
CA GLY F 263 -11.21 -34.82 6.13
C GLY F 263 -11.15 -36.35 6.14
N HIS F 264 -10.48 -36.95 5.16
CA HIS F 264 -10.46 -38.42 5.03
C HIS F 264 -9.25 -39.01 4.32
N LEU F 265 -8.64 -40.02 4.94
CA LEU F 265 -7.55 -40.76 4.32
C LEU F 265 -8.01 -42.16 3.90
N LEU F 266 -7.79 -42.49 2.64
CA LEU F 266 -8.13 -43.83 2.15
C LEU F 266 -7.13 -44.84 2.69
N LEU F 267 -7.64 -45.77 3.50
CA LEU F 267 -6.80 -46.79 4.13
C LEU F 267 -6.33 -47.88 3.15
N PRO F 268 -5.11 -48.42 3.36
CA PRO F 268 -4.52 -49.42 2.45
C PRO F 268 -5.44 -50.61 2.15
N GLY F 269 -6.08 -51.13 3.20
CA GLY F 269 -7.05 -52.22 3.07
C GLY F 269 -8.15 -51.87 2.07
N MET F 270 -8.79 -50.73 2.29
CA MET F 270 -9.84 -50.26 1.38
C MET F 270 -9.30 -49.95 -0.02
N LYS F 271 -8.04 -49.49 -0.06
CA LYS F 271 -7.40 -49.18 -1.33
C LYS F 271 -7.16 -50.45 -2.13
N ASP F 272 -6.62 -51.49 -1.47
CA ASP F 272 -6.36 -52.77 -2.13
C ASP F 272 -7.63 -53.35 -2.72
N PHE F 273 -8.72 -53.28 -1.94
CA PHE F 273 -10.04 -53.77 -2.34
C PHE F 273 -10.62 -52.99 -3.52
N LEU F 274 -10.50 -51.66 -3.50
CA LEU F 274 -11.05 -50.82 -4.55
C LEU F 274 -10.39 -51.14 -5.89
N LEU F 275 -9.05 -51.21 -5.89
CA LEU F 275 -8.28 -51.45 -7.10
C LEU F 275 -8.40 -52.89 -7.60
N THR F 276 -8.47 -53.84 -6.68
CA THR F 276 -8.70 -55.24 -7.01
C THR F 276 -10.04 -55.36 -7.74
N THR F 277 -11.07 -54.73 -7.19
CA THR F 277 -12.42 -54.86 -7.71
C THR F 277 -12.62 -54.12 -9.03
N ALA F 278 -11.89 -53.02 -9.20
CA ALA F 278 -11.89 -52.26 -10.45
C ALA F 278 -11.23 -53.02 -11.61
N GLU F 279 -10.11 -53.68 -11.33
CA GLU F 279 -9.38 -54.45 -12.34
C GLU F 279 -10.15 -55.70 -12.76
N GLU F 280 -10.81 -56.33 -11.78
CA GLU F 280 -11.60 -57.55 -12.00
C GLU F 280 -12.89 -57.28 -12.74
N ALA F 281 -13.40 -56.06 -12.62
CA ALA F 281 -14.68 -55.70 -13.24
C ALA F 281 -14.52 -54.77 -14.45
N GLY F 282 -13.28 -54.56 -14.88
CA GLY F 282 -12.97 -53.73 -16.06
C GLY F 282 -13.47 -52.29 -15.97
N ILE F 283 -13.35 -51.70 -14.78
CA ILE F 283 -13.88 -50.36 -14.53
C ILE F 283 -12.87 -49.30 -14.95
N LYS F 284 -13.30 -48.36 -15.79
CA LYS F 284 -12.51 -47.18 -16.10
C LYS F 284 -12.50 -46.25 -14.87
N TYR F 285 -11.29 -45.88 -14.45
CA TYR F 285 -11.14 -45.06 -13.25
C TYR F 285 -9.95 -44.09 -13.33
N GLN F 286 -10.05 -43.00 -12.57
CA GLN F 286 -8.95 -42.04 -12.46
C GLN F 286 -8.65 -41.72 -11.01
N TYR F 287 -7.38 -41.56 -10.70
CA TYR F 287 -6.97 -41.14 -9.36
C TYR F 287 -7.40 -39.69 -9.09
N TYR F 288 -7.81 -39.40 -7.86
CA TYR F 288 -8.36 -38.08 -7.54
C TYR F 288 -8.03 -37.56 -6.12
N CYS F 289 -7.33 -36.43 -6.08
CA CYS F 289 -7.01 -35.75 -4.84
C CYS F 289 -8.08 -34.70 -4.58
N GLY F 290 -9.00 -35.00 -3.67
CA GLY F 290 -10.11 -34.11 -3.35
C GLY F 290 -9.68 -32.93 -2.49
N LYS F 291 -10.24 -31.76 -2.80
CA LYS F 291 -9.90 -30.55 -2.08
C LYS F 291 -10.92 -30.25 -0.97
N GLY F 292 -12.08 -30.91 -1.05
CA GLY F 292 -13.13 -30.80 -0.04
C GLY F 292 -13.57 -32.15 0.48
N GLY F 293 -14.38 -32.15 1.55
CA GLY F 293 -14.81 -33.38 2.21
C GLY F 293 -16.06 -34.03 1.63
N THR F 294 -16.23 -35.32 1.91
CA THR F 294 -17.47 -36.05 1.61
C THR F 294 -18.01 -36.62 2.92
N ASP F 295 -19.16 -37.30 2.85
CA ASP F 295 -19.75 -37.93 4.03
C ASP F 295 -18.81 -38.90 4.73
N ALA F 296 -17.83 -39.42 3.99
CA ALA F 296 -16.86 -40.35 4.53
C ALA F 296 -16.06 -39.71 5.66
N GLY F 297 -15.88 -38.39 5.56
CA GLY F 297 -15.12 -37.61 6.54
C GLY F 297 -15.67 -37.70 7.96
N ALA F 298 -16.99 -37.64 8.06
CA ALA F 298 -17.68 -37.77 9.34
C ALA F 298 -17.95 -39.22 9.70
N ALA F 299 -18.35 -40.01 8.70
CA ALA F 299 -18.77 -41.39 8.93
C ALA F 299 -17.67 -42.33 9.43
N HIS F 300 -16.45 -42.15 8.93
CA HIS F 300 -15.38 -43.08 9.30
C HIS F 300 -14.94 -42.93 10.75
N LEU F 301 -15.31 -41.80 11.36
CA LEU F 301 -14.95 -41.48 12.74
C LEU F 301 -15.99 -41.91 13.76
N LYS F 302 -17.07 -42.52 13.28
CA LYS F 302 -18.20 -42.88 14.13
C LYS F 302 -18.02 -44.26 14.75
N ASN F 303 -18.70 -44.50 15.87
CA ASN F 303 -18.61 -45.77 16.57
C ASN F 303 -17.14 -46.22 16.79
N GLY F 304 -16.87 -47.52 16.65
CA GLY F 304 -15.53 -48.05 16.84
C GLY F 304 -14.53 -47.68 15.75
N GLY F 305 -15.02 -47.06 14.68
CA GLY F 305 -14.20 -46.78 13.50
C GLY F 305 -14.72 -47.53 12.30
N VAL F 306 -14.87 -46.83 11.17
CA VAL F 306 -15.49 -47.42 9.99
C VAL F 306 -14.69 -47.05 8.74
N PRO F 307 -13.84 -47.97 8.26
CA PRO F 307 -13.09 -47.71 7.03
C PRO F 307 -14.05 -47.28 5.92
N SER F 308 -13.66 -46.27 5.15
CA SER F 308 -14.55 -45.69 4.12
C SER F 308 -13.88 -45.30 2.79
N THR F 309 -14.73 -45.00 1.80
CA THR F 309 -14.38 -44.21 0.61
C THR F 309 -15.60 -43.54 0.04
N THR F 310 -15.40 -42.91 -1.12
CA THR F 310 -16.46 -42.29 -1.84
C THR F 310 -16.41 -42.78 -3.27
N ILE F 311 -17.37 -43.62 -3.61
CA ILE F 311 -17.56 -44.05 -4.99
C ILE F 311 -18.08 -42.82 -5.71
N GLY F 312 -17.27 -42.30 -6.63
CA GLY F 312 -17.55 -41.01 -7.19
C GLY F 312 -17.31 -40.80 -8.67
N VAL F 313 -17.94 -39.75 -9.17
CA VAL F 313 -17.75 -39.24 -10.50
C VAL F 313 -17.30 -37.79 -10.27
N CYS F 314 -16.58 -37.22 -11.23
CA CYS F 314 -16.27 -35.78 -11.16
C CYS F 314 -17.13 -35.02 -12.17
N ALA F 315 -17.39 -33.75 -11.88
CA ALA F 315 -18.31 -32.96 -12.70
C ALA F 315 -17.94 -31.49 -12.72
N ARG F 316 -18.09 -30.87 -13.88
CA ARG F 316 -17.69 -29.48 -14.06
C ARG F 316 -18.69 -28.53 -13.42
N TYR F 317 -18.18 -27.58 -12.64
CA TYR F 317 -18.95 -26.45 -12.10
C TYR F 317 -20.02 -26.90 -11.11
N ILE F 318 -19.60 -27.82 -10.23
CA ILE F 318 -20.33 -28.20 -9.02
C ILE F 318 -20.74 -26.96 -8.23
N HIS F 319 -21.86 -27.07 -7.52
CA HIS F 319 -22.33 -25.99 -6.64
C HIS F 319 -22.69 -24.74 -7.42
N SER F 320 -23.35 -24.93 -8.56
CA SER F 320 -23.86 -23.83 -9.36
C SER F 320 -25.16 -24.25 -10.02
N HIS F 321 -25.64 -23.46 -10.97
CA HIS F 321 -26.83 -23.80 -11.74
C HIS F 321 -26.46 -24.62 -12.95
N GLN F 322 -25.19 -24.52 -13.35
CA GLN F 322 -24.74 -25.10 -14.60
C GLN F 322 -23.61 -26.12 -14.42
N THR F 323 -23.96 -27.29 -13.90
CA THR F 323 -23.02 -28.39 -13.77
C THR F 323 -22.98 -29.20 -15.07
N LEU F 324 -21.77 -29.50 -15.55
CA LEU F 324 -21.60 -30.27 -16.77
C LEU F 324 -20.85 -31.57 -16.52
N TYR F 325 -21.46 -32.68 -16.95
CA TYR F 325 -20.94 -34.00 -16.61
C TYR F 325 -21.27 -35.06 -17.66
N ALA F 326 -20.57 -36.19 -17.57
CA ALA F 326 -20.66 -37.25 -18.56
C ALA F 326 -21.45 -38.47 -18.06
N MET F 327 -22.36 -38.96 -18.92
CA MET F 327 -23.19 -40.12 -18.64
C MET F 327 -22.40 -41.42 -18.57
N ASP F 328 -21.36 -41.52 -19.40
CA ASP F 328 -20.43 -42.64 -19.38
C ASP F 328 -19.90 -42.83 -17.95
N ASP F 329 -19.45 -41.73 -17.34
CA ASP F 329 -18.95 -41.74 -15.97
C ASP F 329 -19.93 -42.33 -14.98
N PHE F 330 -21.22 -41.96 -15.11
CA PHE F 330 -22.26 -42.54 -14.26
C PHE F 330 -22.27 -44.06 -14.37
N LEU F 331 -22.30 -44.56 -15.60
CA LEU F 331 -22.33 -45.98 -15.88
C LEU F 331 -21.13 -46.71 -15.27
N GLU F 332 -19.94 -46.15 -15.43
CA GLU F 332 -18.73 -46.72 -14.82
C GLU F 332 -18.87 -46.83 -13.30
N ALA F 333 -19.30 -45.74 -12.66
CA ALA F 333 -19.42 -45.68 -11.20
C ALA F 333 -20.49 -46.65 -10.69
N GLN F 334 -21.59 -46.78 -11.42
CA GLN F 334 -22.67 -47.71 -11.05
C GLN F 334 -22.18 -49.17 -11.14
N ALA F 335 -21.55 -49.50 -12.27
CA ALA F 335 -20.97 -50.82 -12.47
C ALA F 335 -19.96 -51.11 -11.36
N PHE F 336 -19.21 -50.08 -10.97
CA PHE F 336 -18.23 -50.14 -9.88
C PHE F 336 -18.90 -50.40 -8.54
N LEU F 337 -19.94 -49.64 -8.22
CA LEU F 337 -20.69 -49.81 -6.98
C LEU F 337 -21.22 -51.22 -6.85
N GLN F 338 -21.77 -51.75 -7.93
CA GLN F 338 -22.35 -53.09 -7.94
C GLN F 338 -21.29 -54.13 -7.62
N ALA F 339 -20.18 -54.10 -8.36
CA ALA F 339 -19.11 -55.07 -8.13
C ALA F 339 -18.67 -55.03 -6.67
N LEU F 340 -18.43 -53.83 -6.16
CA LEU F 340 -17.98 -53.63 -4.78
C LEU F 340 -18.91 -54.27 -3.75
N VAL F 341 -20.20 -53.90 -3.75
CA VAL F 341 -21.16 -54.41 -2.75
C VAL F 341 -21.40 -55.93 -2.88
N LYS F 342 -21.23 -56.46 -4.09
CA LYS F 342 -21.36 -57.89 -4.34
C LYS F 342 -20.19 -58.68 -3.78
N LYS F 343 -19.03 -58.04 -3.74
CA LYS F 343 -17.78 -58.65 -3.33
C LYS F 343 -17.52 -58.44 -1.83
N LEU F 344 -18.34 -57.61 -1.20
CA LEU F 344 -18.21 -57.33 0.23
C LEU F 344 -18.84 -58.42 1.09
N ASP F 345 -17.99 -59.24 1.69
CA ASP F 345 -18.42 -60.28 2.63
C ASP F 345 -17.53 -60.29 3.86
N ARG F 346 -17.79 -61.21 4.78
CA ARG F 346 -16.99 -61.38 5.99
C ARG F 346 -15.48 -61.44 5.68
N SER F 347 -15.11 -62.20 4.65
CA SER F 347 -13.72 -62.31 4.24
C SER F 347 -13.13 -60.97 3.84
N THR F 348 -13.80 -60.30 2.91
CA THR F 348 -13.25 -59.10 2.31
C THR F 348 -13.21 -57.92 3.28
N VAL F 349 -14.20 -57.80 4.15
CA VAL F 349 -14.15 -56.74 5.18
C VAL F 349 -13.08 -57.02 6.24
N ASP F 350 -12.89 -58.29 6.59
CA ASP F 350 -11.82 -58.66 7.52
C ASP F 350 -10.45 -58.37 6.91
N LEU F 351 -10.33 -58.60 5.60
CA LEU F 351 -9.11 -58.25 4.86
C LEU F 351 -8.91 -56.73 4.84
N ILE F 352 -10.01 -56.00 4.60
CA ILE F 352 -9.97 -54.54 4.67
C ILE F 352 -9.51 -54.08 6.05
N LYS F 353 -9.97 -54.77 7.08
CA LYS F 353 -9.67 -54.40 8.45
C LYS F 353 -8.55 -55.26 9.07
N HIS F 354 -7.65 -55.72 8.21
CA HIS F 354 -6.54 -56.56 8.68
C HIS F 354 -5.46 -55.69 9.32
N TYR F 355 -5.32 -55.86 10.63
CA TYR F 355 -4.42 -55.03 11.43
C TYR F 355 -3.44 -55.89 12.25
N THR G 4 -38.51 -9.76 42.78
CA THR G 4 -38.30 -11.24 42.98
C THR G 4 -37.63 -11.89 41.76
N LEU G 5 -38.16 -11.60 40.56
CA LEU G 5 -37.51 -12.00 39.33
C LEU G 5 -36.09 -11.45 39.30
N PHE G 6 -35.95 -10.16 39.57
CA PHE G 6 -34.64 -9.52 39.57
C PHE G 6 -33.70 -10.14 40.59
N SER G 7 -34.21 -10.43 41.79
CA SER G 7 -33.44 -11.07 42.86
C SER G 7 -32.93 -12.43 42.42
N LYS G 8 -33.81 -13.20 41.77
CA LYS G 8 -33.45 -14.50 41.22
C LYS G 8 -32.35 -14.34 40.17
N ILE G 9 -32.50 -13.32 39.31
CA ILE G 9 -31.56 -13.03 38.23
C ILE G 9 -30.23 -12.54 38.78
N LYS G 10 -30.28 -11.70 39.82
CA LYS G 10 -29.08 -11.20 40.46
C LYS G 10 -28.24 -12.33 41.06
N GLU G 11 -28.91 -13.30 41.67
CA GLU G 11 -28.24 -14.44 42.27
C GLU G 11 -27.45 -15.23 41.22
N VAL G 12 -28.12 -15.63 40.13
CA VAL G 12 -27.50 -16.49 39.12
C VAL G 12 -26.39 -15.82 38.33
N THR G 13 -26.56 -14.55 37.98
CA THR G 13 -25.56 -13.82 37.17
C THR G 13 -24.32 -13.45 37.98
N GLU G 14 -24.45 -13.32 39.29
CA GLU G 14 -23.31 -12.98 40.14
C GLU G 14 -22.53 -14.20 40.62
N LEU G 15 -23.03 -15.40 40.31
CA LEU G 15 -22.26 -16.63 40.52
C LEU G 15 -21.09 -16.65 39.54
N ALA G 16 -19.96 -17.16 39.99
CA ALA G 16 -18.73 -17.14 39.19
C ALA G 16 -18.33 -18.54 38.73
N ALA G 17 -18.37 -18.76 37.42
CA ALA G 17 -17.98 -20.04 36.83
C ALA G 17 -17.63 -19.96 35.33
N VAL G 18 -16.33 -19.98 35.05
CA VAL G 18 -15.82 -20.07 33.69
C VAL G 18 -15.89 -21.53 33.20
N SER G 19 -15.70 -21.76 31.91
CA SER G 19 -15.79 -23.11 31.34
C SER G 19 -14.83 -24.08 32.04
N GLY G 20 -15.28 -25.32 32.21
CA GLY G 20 -14.51 -26.35 32.92
C GLY G 20 -14.47 -26.20 34.43
N HIS G 21 -15.06 -25.13 34.94
CA HIS G 21 -14.91 -24.75 36.35
C HIS G 21 -16.25 -24.33 36.95
N GLU G 22 -17.29 -25.12 36.67
CA GLU G 22 -18.64 -24.70 36.97
C GLU G 22 -19.32 -25.32 38.18
N ALA G 23 -18.52 -25.86 39.09
CA ALA G 23 -19.03 -26.36 40.37
C ALA G 23 -20.04 -25.42 41.05
N PRO G 24 -19.73 -24.11 41.19
CA PRO G 24 -20.64 -23.22 41.92
C PRO G 24 -22.04 -23.07 41.29
N VAL G 25 -22.14 -23.27 39.97
CA VAL G 25 -23.43 -23.21 39.30
C VAL G 25 -24.15 -24.55 39.36
N ARG G 26 -23.38 -25.64 39.26
CA ARG G 26 -23.92 -26.98 39.44
C ARG G 26 -24.55 -27.11 40.83
N ALA G 27 -23.85 -26.64 41.87
CA ALA G 27 -24.35 -26.71 43.23
C ALA G 27 -25.61 -25.88 43.43
N TYR G 28 -25.72 -24.78 42.67
CA TYR G 28 -26.97 -24.02 42.63
C TYR G 28 -28.11 -24.84 42.00
N LEU G 29 -27.85 -25.44 40.85
CA LEU G 29 -28.87 -26.23 40.15
C LEU G 29 -29.20 -27.56 40.84
N ARG G 30 -28.25 -28.14 41.56
CA ARG G 30 -28.53 -29.31 42.40
C ARG G 30 -29.56 -28.94 43.46
N GLU G 31 -29.32 -27.81 44.13
CA GLU G 31 -30.19 -27.28 45.16
C GLU G 31 -31.62 -26.97 44.65
N LYS G 32 -31.74 -26.61 43.37
CA LYS G 32 -33.04 -26.20 42.83
C LYS G 32 -33.75 -27.24 41.96
N LEU G 33 -33.01 -28.25 41.50
CA LEU G 33 -33.61 -29.36 40.77
C LEU G 33 -34.11 -30.49 41.68
N THR G 34 -33.37 -30.75 42.77
CA THR G 34 -33.62 -31.93 43.60
C THR G 34 -35.03 -32.03 44.21
N PRO G 35 -35.59 -30.92 44.74
CA PRO G 35 -36.93 -31.05 45.31
C PRO G 35 -38.04 -31.33 44.30
N HIS G 36 -37.76 -31.21 42.99
CA HIS G 36 -38.84 -31.19 41.99
C HIS G 36 -38.73 -32.28 40.93
N VAL G 37 -37.88 -33.26 41.21
CA VAL G 37 -37.43 -34.23 40.21
C VAL G 37 -37.21 -35.60 40.88
N ASP G 38 -37.43 -36.68 40.13
CA ASP G 38 -37.27 -38.04 40.68
C ASP G 38 -35.80 -38.49 40.86
N GLU G 39 -34.91 -37.95 40.04
CA GLU G 39 -33.54 -38.44 39.98
C GLU G 39 -32.61 -37.33 39.49
N VAL G 40 -31.48 -37.15 40.17
CA VAL G 40 -30.50 -36.16 39.74
C VAL G 40 -29.27 -36.88 39.24
N VAL G 41 -28.93 -36.67 37.96
CA VAL G 41 -27.78 -37.36 37.38
C VAL G 41 -26.75 -36.43 36.73
N THR G 42 -25.59 -37.00 36.40
CA THR G 42 -24.46 -36.21 35.99
C THR G 42 -23.73 -36.87 34.82
N ASP G 43 -23.27 -36.06 33.86
CA ASP G 43 -22.47 -36.59 32.74
C ASP G 43 -20.97 -36.68 33.10
N GLY G 44 -20.15 -37.12 32.15
CA GLY G 44 -18.72 -37.35 32.39
C GLY G 44 -17.91 -36.08 32.60
N LEU G 45 -18.50 -34.94 32.24
CA LEU G 45 -17.79 -33.67 32.29
C LEU G 45 -18.32 -32.71 33.36
N GLY G 46 -19.44 -33.07 33.99
CA GLY G 46 -19.98 -32.26 35.09
C GLY G 46 -21.33 -31.58 34.86
N GLY G 47 -22.02 -31.91 33.77
CA GLY G 47 -23.40 -31.43 33.57
C GLY G 47 -24.38 -32.13 34.51
N ILE G 48 -25.22 -31.35 35.19
CA ILE G 48 -26.29 -31.88 36.06
C ILE G 48 -27.59 -31.87 35.30
N PHE G 49 -28.40 -32.91 35.52
CA PHE G 49 -29.72 -33.01 34.91
C PHE G 49 -30.69 -33.70 35.87
N GLY G 50 -31.87 -33.10 36.02
CA GLY G 50 -32.95 -33.75 36.74
C GLY G 50 -33.73 -34.63 35.77
N ILE G 51 -34.09 -35.84 36.22
CA ILE G 51 -34.98 -36.69 35.43
C ILE G 51 -36.36 -36.68 36.07
N LYS G 52 -37.36 -36.35 35.26
CA LYS G 52 -38.74 -36.35 35.69
C LYS G 52 -39.44 -37.49 34.95
N HIS G 53 -39.72 -38.58 35.66
CA HIS G 53 -40.32 -39.78 35.05
C HIS G 53 -41.75 -39.55 34.53
N SER G 54 -42.13 -40.36 33.55
CA SER G 54 -43.47 -40.32 32.98
C SER G 54 -44.23 -41.61 33.26
N GLU G 55 -45.55 -41.48 33.44
CA GLU G 55 -46.42 -42.65 33.52
C GLU G 55 -46.79 -43.18 32.14
N ALA G 56 -46.71 -42.30 31.13
CA ALA G 56 -47.11 -42.64 29.75
C ALA G 56 -46.38 -43.84 29.16
N VAL G 57 -47.08 -44.58 28.31
CA VAL G 57 -46.61 -45.85 27.76
C VAL G 57 -45.24 -45.73 27.07
N ASP G 58 -45.24 -45.04 25.93
CA ASP G 58 -44.09 -45.02 25.06
C ASP G 58 -43.35 -43.69 25.20
N ALA G 59 -43.45 -43.09 26.38
CA ALA G 59 -42.97 -41.73 26.63
C ALA G 59 -41.56 -41.48 26.10
N PRO G 60 -41.44 -40.60 25.08
CA PRO G 60 -40.18 -40.25 24.45
C PRO G 60 -39.29 -39.41 25.38
N ARG G 61 -37.99 -39.66 25.32
CA ARG G 61 -37.02 -38.91 26.11
C ARG G 61 -36.81 -37.53 25.50
N VAL G 62 -36.92 -36.51 26.35
CA VAL G 62 -36.73 -35.13 25.94
C VAL G 62 -35.64 -34.48 26.81
N LEU G 63 -34.58 -34.00 26.16
CA LEU G 63 -33.53 -33.31 26.88
C LEU G 63 -33.64 -31.80 26.72
N VAL G 64 -33.72 -31.10 27.85
CA VAL G 64 -33.72 -29.65 27.91
C VAL G 64 -32.44 -29.21 28.61
N ALA G 65 -31.63 -28.38 27.95
CA ALA G 65 -30.34 -28.01 28.50
C ALA G 65 -29.93 -26.59 28.20
N SER G 66 -29.52 -25.89 29.24
CA SER G 66 -28.80 -24.63 29.10
C SER G 66 -27.32 -24.93 29.26
N HIS G 67 -26.52 -23.91 29.55
CA HIS G 67 -25.15 -24.16 29.97
C HIS G 67 -24.76 -23.34 31.20
N MET G 68 -23.87 -23.91 32.03
CA MET G 68 -23.55 -23.33 33.33
C MET G 68 -22.45 -22.28 33.25
N ASP G 69 -21.61 -22.41 32.22
CA ASP G 69 -20.41 -21.60 32.10
C ASP G 69 -20.65 -20.21 31.51
N GLU G 70 -19.75 -19.29 31.87
CA GLU G 70 -19.70 -17.96 31.28
C GLU G 70 -18.33 -17.77 30.66
N VAL G 71 -18.17 -16.69 29.89
CA VAL G 71 -16.87 -16.35 29.35
C VAL G 71 -16.02 -15.75 30.44
N GLY G 72 -14.71 -15.90 30.28
CA GLY G 72 -13.72 -15.37 31.20
C GLY G 72 -12.34 -15.60 30.63
N PHE G 73 -11.35 -15.65 31.51
CA PHE G 73 -9.95 -15.82 31.12
C PHE G 73 -9.28 -16.86 32.00
N MET G 74 -8.03 -17.17 31.67
CA MET G 74 -7.26 -18.14 32.42
C MET G 74 -5.78 -17.77 32.32
N VAL G 75 -5.06 -17.92 33.43
CA VAL G 75 -3.65 -17.55 33.50
C VAL G 75 -2.80 -18.50 32.64
N SER G 76 -2.13 -17.94 31.63
CA SER G 76 -1.18 -18.70 30.81
C SER G 76 0.23 -18.65 31.40
N GLU G 77 0.55 -17.53 32.06
CA GLU G 77 1.83 -17.35 32.75
C GLU G 77 1.82 -16.18 33.74
N ILE G 78 2.68 -16.27 34.75
CA ILE G 78 2.92 -15.20 35.71
C ILE G 78 4.28 -14.59 35.42
N LYS G 79 4.28 -13.31 35.04
CA LYS G 79 5.50 -12.60 34.69
C LYS G 79 6.34 -12.35 35.94
N PRO G 80 7.67 -12.15 35.78
CA PRO G 80 8.47 -11.98 37.01
C PRO G 80 8.03 -10.79 37.86
N ASP G 81 7.34 -9.82 37.25
CA ASP G 81 6.91 -8.63 37.96
C ASP G 81 5.53 -8.77 38.64
N GLY G 82 5.02 -10.00 38.67
CA GLY G 82 3.77 -10.31 39.40
C GLY G 82 2.48 -10.04 38.66
N THR G 83 2.59 -9.69 37.38
CA THR G 83 1.43 -9.55 36.50
C THR G 83 1.16 -10.87 35.78
N PHE G 84 0.00 -10.97 35.17
CA PHE G 84 -0.40 -12.19 34.50
C PHE G 84 -0.65 -11.93 33.04
N ARG G 85 -0.34 -12.90 32.19
CA ARG G 85 -0.82 -12.91 30.82
C ARG G 85 -1.83 -14.06 30.70
N VAL G 86 -2.96 -13.78 30.07
CA VAL G 86 -4.05 -14.73 30.05
C VAL G 86 -4.24 -15.39 28.68
N VAL G 87 -5.13 -16.38 28.65
CA VAL G 87 -5.68 -16.91 27.42
C VAL G 87 -7.21 -16.77 27.53
N GLU G 88 -7.90 -16.48 26.43
CA GLU G 88 -9.34 -16.25 26.51
C GLU G 88 -10.08 -17.55 26.72
N ILE G 89 -11.10 -17.52 27.57
CA ILE G 89 -11.98 -18.67 27.70
C ILE G 89 -13.38 -18.29 27.24
N GLY G 90 -13.71 -18.75 26.04
CA GLY G 90 -14.83 -18.23 25.28
C GLY G 90 -14.37 -17.09 24.40
N GLY G 91 -15.13 -16.76 23.38
CA GLY G 91 -14.80 -15.63 22.51
C GLY G 91 -14.97 -14.27 23.19
N TRP G 92 -13.92 -13.45 23.13
CA TRP G 92 -14.01 -12.05 23.53
C TRP G 92 -13.61 -11.14 22.39
N ASN G 93 -14.40 -10.09 22.18
CA ASN G 93 -13.98 -8.96 21.38
C ASN G 93 -12.88 -8.21 22.15
N PRO G 94 -11.67 -8.08 21.55
CA PRO G 94 -10.55 -7.49 22.32
C PRO G 94 -10.78 -6.03 22.75
N MET G 95 -11.78 -5.38 22.14
CA MET G 95 -12.12 -3.98 22.44
C MET G 95 -12.75 -3.76 23.81
N VAL G 96 -13.31 -4.82 24.39
CA VAL G 96 -14.08 -4.75 25.64
C VAL G 96 -13.27 -5.32 26.81
N VAL G 97 -12.00 -5.58 26.58
CA VAL G 97 -11.21 -6.38 27.51
C VAL G 97 -10.38 -5.51 28.47
N SER G 98 -9.91 -4.37 27.97
CA SER G 98 -9.06 -3.47 28.75
C SER G 98 -9.83 -2.78 29.87
N SER G 99 -9.14 -2.55 30.99
CA SER G 99 -9.67 -1.82 32.15
C SER G 99 -10.94 -2.43 32.74
N GLN G 100 -10.88 -3.73 33.02
CA GLN G 100 -12.03 -4.47 33.55
C GLN G 100 -11.69 -5.18 34.86
N ARG G 101 -12.64 -5.18 35.80
CA ARG G 101 -12.49 -5.91 37.07
C ARG G 101 -12.76 -7.40 36.92
N PHE G 102 -11.99 -8.21 37.65
CA PHE G 102 -12.16 -9.65 37.64
C PHE G 102 -11.95 -10.26 39.02
N LYS G 103 -12.27 -11.53 39.13
CA LYS G 103 -11.92 -12.32 40.29
C LYS G 103 -11.13 -13.54 39.83
N LEU G 104 -9.93 -13.69 40.39
CA LEU G 104 -9.07 -14.83 40.08
C LEU G 104 -9.32 -15.93 41.10
N LEU G 105 -9.87 -17.04 40.65
CA LEU G 105 -10.18 -18.15 41.54
C LEU G 105 -9.02 -19.14 41.68
N THR G 106 -8.38 -19.07 42.84
CA THR G 106 -7.25 -19.89 43.25
C THR G 106 -7.66 -21.34 43.57
N ARG G 107 -6.73 -22.28 43.40
CA ARG G 107 -6.99 -23.70 43.67
C ARG G 107 -7.30 -23.99 45.15
N ASP G 108 -6.69 -23.24 46.07
CA ASP G 108 -7.02 -23.35 47.49
C ASP G 108 -8.13 -22.38 47.95
N GLY G 109 -8.98 -21.97 47.01
CA GLY G 109 -10.18 -21.18 47.32
C GLY G 109 -9.99 -19.70 47.68
N HIS G 110 -8.87 -19.12 47.26
CA HIS G 110 -8.68 -17.67 47.36
C HIS G 110 -9.37 -16.98 46.19
N GLU G 111 -9.95 -15.81 46.44
CA GLU G 111 -10.54 -14.99 45.36
C GLU G 111 -9.79 -13.68 45.28
N ILE G 112 -8.85 -13.60 44.35
CA ILE G 112 -7.97 -12.44 44.32
C ILE G 112 -8.40 -11.39 43.26
N PRO G 113 -8.63 -10.13 43.70
CA PRO G 113 -9.03 -9.08 42.78
C PRO G 113 -7.97 -8.86 41.70
N VAL G 114 -8.39 -8.95 40.44
CA VAL G 114 -7.48 -8.82 39.31
C VAL G 114 -8.12 -7.90 38.27
N ILE G 115 -7.32 -7.00 37.72
CA ILE G 115 -7.81 -6.10 36.68
C ILE G 115 -6.94 -6.18 35.44
N SER G 116 -7.55 -5.98 34.28
CA SER G 116 -6.78 -5.83 33.05
C SER G 116 -6.38 -4.37 32.90
N GLY G 117 -5.17 -4.13 32.39
CA GLY G 117 -4.64 -2.78 32.24
C GLY G 117 -5.30 -1.96 31.14
N PRO G 133 -4.87 -4.71 19.16
CA PRO G 133 -4.71 -5.15 20.55
C PRO G 133 -4.89 -6.68 20.69
N ALA G 134 -3.79 -7.40 20.98
CA ALA G 134 -3.85 -8.86 21.09
C ALA G 134 -4.10 -9.29 22.54
N ILE G 135 -5.08 -10.17 22.73
CA ILE G 135 -5.48 -10.61 24.07
C ILE G 135 -4.30 -11.11 24.92
N ALA G 136 -3.41 -11.88 24.29
CA ALA G 136 -2.21 -12.43 24.92
C ALA G 136 -1.24 -11.37 25.45
N ASP G 137 -1.39 -10.14 24.97
CA ASP G 137 -0.52 -9.00 25.34
C ASP G 137 -1.08 -8.08 26.43
N ILE G 138 -2.34 -8.28 26.81
CA ILE G 138 -2.97 -7.40 27.79
C ILE G 138 -2.51 -7.77 29.20
N VAL G 139 -2.01 -6.76 29.90
CA VAL G 139 -1.50 -6.92 31.26
C VAL G 139 -2.66 -7.16 32.22
N PHE G 140 -2.63 -8.30 32.90
CA PHE G 140 -3.54 -8.59 34.01
C PHE G 140 -2.82 -8.42 35.33
N ASP G 141 -3.44 -7.70 36.25
CA ASP G 141 -2.75 -7.14 37.40
C ASP G 141 -3.52 -7.43 38.70
N GLY G 142 -2.82 -8.02 39.67
CA GLY G 142 -3.39 -8.29 40.98
C GLY G 142 -2.74 -7.46 42.07
N GLY G 143 -1.91 -6.50 41.67
CA GLY G 143 -1.21 -5.60 42.57
C GLY G 143 -0.11 -6.25 43.39
N PHE G 144 0.73 -7.05 42.72
CA PHE G 144 1.80 -7.78 43.39
C PHE G 144 3.16 -7.19 43.04
N ALA G 145 4.13 -7.39 43.93
CA ALA G 145 5.49 -6.88 43.75
C ALA G 145 6.29 -7.72 42.76
N ASP G 146 6.04 -9.04 42.75
CA ASP G 146 6.76 -9.96 41.86
C ASP G 146 6.04 -11.29 41.66
N LYS G 147 6.60 -12.13 40.78
CA LYS G 147 6.18 -13.51 40.59
C LYS G 147 6.06 -14.24 41.94
N ALA G 148 7.08 -14.14 42.77
CA ALA G 148 7.08 -14.80 44.09
C ALA G 148 5.85 -14.46 44.93
N GLU G 149 5.54 -13.17 45.05
CA GLU G 149 4.41 -12.78 45.88
C GLU G 149 3.10 -13.32 45.32
N ALA G 150 2.88 -13.13 44.03
CA ALA G 150 1.71 -13.65 43.34
C ALA G 150 1.46 -15.11 43.71
N GLU G 151 2.51 -15.92 43.65
CA GLU G 151 2.41 -17.34 43.96
C GLU G 151 2.14 -17.64 45.43
N SER G 152 2.62 -16.79 46.33
CA SER G 152 2.42 -17.00 47.77
C SER G 152 0.95 -16.86 48.18
N PHE G 153 0.16 -16.21 47.33
CA PHE G 153 -1.29 -16.11 47.52
C PHE G 153 -2.03 -17.27 46.85
N GLY G 154 -1.28 -18.29 46.44
CA GLY G 154 -1.84 -19.51 45.87
C GLY G 154 -2.13 -19.48 44.38
N ILE G 155 -1.55 -18.51 43.69
CA ILE G 155 -1.82 -18.30 42.26
C ILE G 155 -0.93 -19.17 41.37
N ARG G 156 -1.55 -19.81 40.39
CA ARG G 156 -0.84 -20.73 39.49
C ARG G 156 -1.33 -20.59 38.07
N PRO G 157 -0.45 -20.86 37.09
CA PRO G 157 -0.94 -20.98 35.73
C PRO G 157 -2.12 -21.94 35.68
N GLY G 158 -3.16 -21.55 34.95
CA GLY G 158 -4.37 -22.35 34.87
C GLY G 158 -5.51 -21.79 35.69
N ASP G 159 -5.19 -20.88 36.61
CA ASP G 159 -6.22 -20.25 37.43
C ASP G 159 -7.26 -19.50 36.60
N THR G 160 -8.49 -19.72 36.97
CA THR G 160 -9.66 -19.19 36.27
C THR G 160 -9.83 -17.69 36.64
N ILE G 161 -10.22 -16.87 35.66
CA ILE G 161 -10.39 -15.42 35.87
C ILE G 161 -11.78 -14.91 35.44
N VAL G 162 -12.65 -14.67 36.42
CA VAL G 162 -14.06 -14.40 36.17
C VAL G 162 -14.35 -12.91 36.19
N PRO G 163 -15.12 -12.41 35.19
CA PRO G 163 -15.62 -11.03 35.23
C PRO G 163 -16.26 -10.67 36.56
N ASP G 164 -16.05 -9.44 37.02
CA ASP G 164 -16.59 -8.97 38.30
C ASP G 164 -17.57 -7.83 38.03
N SER G 165 -18.86 -8.14 38.13
CA SER G 165 -19.90 -7.22 37.71
C SER G 165 -21.21 -7.55 38.40
N SER G 166 -21.84 -6.54 38.99
CA SER G 166 -23.11 -6.71 39.68
C SER G 166 -24.30 -6.63 38.70
N ALA G 167 -25.43 -7.16 39.14
CA ALA G 167 -26.67 -7.02 38.40
C ALA G 167 -27.45 -5.82 38.95
N ILE G 168 -27.87 -4.93 38.05
CA ILE G 168 -28.70 -3.80 38.45
C ILE G 168 -29.90 -3.60 37.50
N LEU G 169 -30.94 -2.98 38.06
CA LEU G 169 -32.10 -2.51 37.29
C LEU G 169 -31.77 -1.25 36.52
N THR G 170 -32.22 -1.17 35.27
CA THR G 170 -32.18 0.11 34.53
C THR G 170 -33.22 1.08 35.12
N ALA G 171 -33.20 2.32 34.63
CA ALA G 171 -34.07 3.38 35.17
C ALA G 171 -35.58 3.07 35.07
N ASN G 172 -36.01 2.48 33.95
CA ASN G 172 -37.42 2.15 33.78
C ASN G 172 -37.85 0.86 34.48
N GLU G 173 -36.87 0.15 35.06
CA GLU G 173 -37.07 -1.08 35.85
C GLU G 173 -37.62 -2.26 35.03
N LYS G 174 -37.42 -2.22 33.72
CA LYS G 174 -37.85 -3.29 32.81
C LYS G 174 -36.66 -4.06 32.28
N ASN G 175 -35.47 -3.48 32.42
CA ASN G 175 -34.25 -4.08 31.89
C ASN G 175 -33.17 -4.29 32.93
N ILE G 176 -32.31 -5.28 32.71
CA ILE G 176 -31.19 -5.50 33.61
C ILE G 176 -29.84 -5.30 32.93
N ILE G 177 -28.92 -4.70 33.68
CA ILE G 177 -27.51 -4.64 33.32
C ILE G 177 -26.78 -5.60 34.24
N SER G 178 -26.09 -6.59 33.65
CA SER G 178 -25.31 -7.57 34.42
C SER G 178 -24.27 -8.25 33.55
N LYS G 179 -23.56 -9.20 34.14
CA LYS G 179 -22.66 -10.05 33.37
C LYS G 179 -23.35 -11.40 33.14
N ALA G 180 -22.81 -12.20 32.22
CA ALA G 180 -23.16 -13.60 32.06
C ALA G 180 -24.67 -13.94 31.94
N TRP G 181 -25.46 -13.04 31.35
CA TRP G 181 -26.85 -13.39 31.08
C TRP G 181 -26.87 -14.54 30.08
N ASP G 182 -25.90 -14.53 29.16
CA ASP G 182 -25.49 -15.74 28.47
C ASP G 182 -24.44 -16.42 29.35
N ASN G 183 -24.81 -17.51 30.03
CA ASN G 183 -26.12 -18.13 29.92
C ASN G 183 -26.77 -18.43 31.26
N ARG G 184 -26.74 -17.48 32.18
CA ARG G 184 -27.44 -17.65 33.45
C ARG G 184 -28.93 -17.44 33.22
N TYR G 185 -29.27 -16.78 32.11
CA TYR G 185 -30.60 -16.83 31.53
C TYR G 185 -31.10 -18.28 31.54
N GLY G 186 -30.34 -19.16 30.88
CA GLY G 186 -30.73 -20.55 30.72
C GLY G 186 -30.70 -21.32 32.03
N VAL G 187 -29.74 -20.99 32.87
CA VAL G 187 -29.63 -21.63 34.17
C VAL G 187 -30.90 -21.37 34.96
N LEU G 188 -31.28 -20.10 35.08
CA LEU G 188 -32.50 -19.71 35.79
C LEU G 188 -33.74 -20.32 35.15
N MET G 189 -33.78 -20.26 33.82
CA MET G 189 -34.90 -20.77 33.04
C MET G 189 -35.18 -22.23 33.38
N VAL G 190 -34.11 -23.02 33.40
CA VAL G 190 -34.20 -24.44 33.70
C VAL G 190 -34.69 -24.65 35.14
N SER G 191 -34.20 -23.81 36.05
CA SER G 191 -34.61 -23.86 37.45
C SER G 191 -36.09 -23.55 37.65
N GLU G 192 -36.57 -22.50 36.96
CA GLU G 192 -37.96 -22.08 37.04
C GLU G 192 -38.90 -23.14 36.48
N LEU G 193 -38.45 -23.82 35.42
CA LEU G 193 -39.21 -24.89 34.79
C LEU G 193 -39.46 -26.01 35.77
N ALA G 194 -38.41 -26.39 36.51
CA ALA G 194 -38.50 -27.47 37.49
C ALA G 194 -39.58 -27.21 38.54
N GLU G 195 -39.58 -26.00 39.10
CA GLU G 195 -40.54 -25.55 40.10
C GLU G 195 -41.96 -25.50 39.53
N ALA G 196 -42.10 -24.93 38.34
CA ALA G 196 -43.40 -24.80 37.69
C ALA G 196 -44.03 -26.17 37.40
N LEU G 197 -43.18 -27.14 37.07
CA LEU G 197 -43.63 -28.47 36.66
C LEU G 197 -43.63 -29.49 37.79
N SER G 198 -43.37 -29.02 39.01
CA SER G 198 -43.18 -29.91 40.16
C SER G 198 -44.32 -30.92 40.33
N GLY G 199 -45.53 -30.41 40.60
CA GLY G 199 -46.70 -31.29 40.71
C GLY G 199 -46.92 -32.11 39.43
N GLN G 200 -46.86 -31.42 38.30
CA GLN G 200 -47.30 -31.90 36.98
C GLN G 200 -46.78 -33.26 36.55
N LYS G 201 -47.58 -33.96 35.76
CA LYS G 201 -47.16 -35.21 35.11
C LYS G 201 -47.18 -35.04 33.59
N LEU G 202 -46.11 -35.51 32.94
CA LEU G 202 -45.88 -35.20 31.52
C LEU G 202 -45.98 -36.41 30.61
N GLY G 203 -46.36 -36.14 29.36
CA GLY G 203 -46.37 -37.15 28.30
C GLY G 203 -44.99 -37.53 27.79
N ASN G 204 -43.96 -36.89 28.33
CA ASN G 204 -42.58 -37.23 27.99
C ASN G 204 -41.68 -37.46 29.20
N GLU G 205 -40.61 -38.23 28.98
CA GLU G 205 -39.59 -38.47 29.98
C GLU G 205 -38.60 -37.30 29.95
N LEU G 206 -38.74 -36.39 30.91
CA LEU G 206 -37.99 -35.14 30.89
C LEU G 206 -36.64 -35.21 31.57
N TYR G 207 -35.61 -34.75 30.86
CA TYR G 207 -34.28 -34.55 31.41
C TYR G 207 -34.01 -33.05 31.34
N LEU G 208 -33.94 -32.43 32.50
CA LEU G 208 -34.01 -30.98 32.63
C LEU G 208 -32.80 -30.52 33.40
N GLY G 209 -31.99 -29.66 32.79
CA GLY G 209 -30.73 -29.28 33.42
C GLY G 209 -29.85 -28.37 32.60
N SER G 210 -28.55 -28.51 32.79
CA SER G 210 -27.61 -27.58 32.19
C SER G 210 -26.27 -28.22 31.86
N ASN G 211 -25.73 -27.88 30.68
CA ASN G 211 -24.47 -28.42 30.19
C ASN G 211 -23.25 -27.72 30.76
N VAL G 212 -22.12 -28.38 30.58
CA VAL G 212 -20.82 -27.85 30.92
C VAL G 212 -20.19 -27.30 29.62
N GLN G 213 -19.24 -26.37 29.75
CA GLN G 213 -18.30 -26.03 28.66
C GLN G 213 -18.91 -25.68 27.29
N GLU G 214 -19.92 -24.82 27.29
CA GLU G 214 -20.52 -24.42 26.02
C GLU G 214 -19.63 -23.43 25.31
N GLU G 215 -19.00 -22.54 26.07
CA GLU G 215 -18.30 -21.38 25.51
C GLU G 215 -17.04 -21.72 24.73
N VAL G 216 -16.49 -22.90 25.00
CA VAL G 216 -15.26 -23.35 24.33
C VAL G 216 -15.54 -24.30 23.19
N GLY G 217 -16.80 -24.40 22.75
CA GLY G 217 -17.15 -25.26 21.62
C GLY G 217 -18.22 -26.31 21.88
N LEU G 218 -19.24 -25.96 22.67
CA LEU G 218 -20.42 -26.80 22.88
C LEU G 218 -20.05 -28.20 23.38
N ARG G 219 -18.99 -28.28 24.19
CA ARG G 219 -18.36 -29.54 24.54
C ARG G 219 -19.28 -30.46 25.39
N GLY G 220 -19.84 -29.92 26.48
CA GLY G 220 -20.82 -30.67 27.29
C GLY G 220 -22.04 -31.20 26.54
N ALA G 221 -22.44 -30.52 25.46
CA ALA G 221 -23.60 -30.92 24.67
C ALA G 221 -23.39 -32.26 23.97
N HIS G 222 -22.16 -32.52 23.53
CA HIS G 222 -21.75 -33.81 22.98
C HIS G 222 -22.04 -34.94 23.94
N THR G 223 -21.63 -34.75 25.18
CA THR G 223 -21.58 -35.81 26.18
C THR G 223 -22.94 -36.10 26.82
N SER G 224 -23.64 -35.06 27.25
CA SER G 224 -24.96 -35.21 27.84
C SER G 224 -25.97 -35.82 26.86
N THR G 225 -25.95 -35.35 25.62
CA THR G 225 -26.86 -35.87 24.61
C THR G 225 -26.57 -37.35 24.36
N THR G 226 -25.28 -37.71 24.28
CA THR G 226 -24.90 -39.11 24.05
C THR G 226 -25.34 -39.99 25.21
N LYS G 227 -25.13 -39.48 26.43
CA LYS G 227 -25.45 -40.23 27.64
C LYS G 227 -26.95 -40.46 27.82
N PHE G 228 -27.75 -39.40 27.75
CA PHE G 228 -29.17 -39.51 28.03
C PHE G 228 -30.06 -39.80 26.82
N ASP G 229 -29.47 -39.80 25.63
CA ASP G 229 -30.11 -40.37 24.45
C ASP G 229 -31.54 -39.87 24.21
N PRO G 230 -31.75 -38.55 24.09
CA PRO G 230 -33.10 -38.02 23.82
C PRO G 230 -33.58 -38.24 22.37
N GLU G 231 -34.89 -38.17 22.18
CA GLU G 231 -35.50 -38.22 20.84
C GLU G 231 -35.55 -36.83 20.21
N VAL G 232 -35.59 -35.82 21.08
CA VAL G 232 -35.77 -34.43 20.69
C VAL G 232 -35.01 -33.56 21.71
N PHE G 233 -34.31 -32.53 21.23
CA PHE G 233 -33.51 -31.68 22.14
C PHE G 233 -33.89 -30.22 22.11
N LEU G 234 -34.00 -29.64 23.30
CA LEU G 234 -34.26 -28.22 23.48
C LEU G 234 -33.09 -27.59 24.22
N ALA G 235 -32.32 -26.75 23.52
CA ALA G 235 -31.30 -25.94 24.18
C ALA G 235 -31.96 -24.70 24.74
N VAL G 236 -31.36 -24.11 25.77
CA VAL G 236 -31.90 -22.89 26.37
C VAL G 236 -30.78 -21.87 26.56
N ASP G 237 -30.73 -20.89 25.67
CA ASP G 237 -29.58 -20.00 25.62
C ASP G 237 -29.96 -18.63 25.11
N CYS G 238 -29.18 -17.63 25.45
CA CYS G 238 -29.44 -16.31 24.90
C CYS G 238 -28.38 -15.90 23.87
N SER G 239 -28.79 -15.03 22.95
CA SER G 239 -27.99 -14.64 21.81
C SER G 239 -27.86 -13.13 21.69
N PRO G 240 -26.96 -12.65 20.81
CA PRO G 240 -26.78 -11.20 20.67
C PRO G 240 -28.03 -10.45 20.15
N ALA G 241 -28.30 -9.29 20.76
CA ALA G 241 -29.27 -8.37 20.20
C ALA G 241 -28.54 -7.45 19.25
N GLY G 242 -29.12 -7.22 18.09
CA GLY G 242 -28.53 -6.35 17.09
C GLY G 242 -29.30 -5.06 16.93
N ASP G 243 -30.42 -4.95 17.64
CA ASP G 243 -31.37 -3.84 17.45
C ASP G 243 -30.67 -2.50 17.44
N VAL G 244 -29.74 -2.34 18.38
CA VAL G 244 -29.07 -1.08 18.63
C VAL G 244 -28.02 -0.77 17.54
N TYR G 245 -27.67 -1.80 16.76
CA TYR G 245 -26.66 -1.68 15.71
C TYR G 245 -27.28 -1.75 14.31
N GLY G 246 -28.58 -1.45 14.24
CA GLY G 246 -29.34 -1.60 12.99
C GLY G 246 -29.57 -3.03 12.55
N GLY G 247 -29.08 -4.00 13.34
CA GLY G 247 -29.23 -5.42 13.03
C GLY G 247 -30.47 -6.05 13.62
N GLN G 248 -30.59 -7.36 13.53
CA GLN G 248 -31.79 -8.03 13.99
C GLN G 248 -31.63 -8.61 15.39
N GLY G 249 -32.77 -8.92 16.00
CA GLY G 249 -32.80 -9.30 17.40
C GLY G 249 -33.08 -8.06 18.22
N LYS G 250 -34.32 -7.90 18.64
CA LYS G 250 -34.76 -6.71 19.34
C LYS G 250 -35.19 -7.07 20.76
N ILE G 251 -34.46 -6.53 21.75
CA ILE G 251 -34.84 -6.61 23.16
C ILE G 251 -36.27 -6.14 23.32
N GLY G 252 -37.08 -6.94 24.02
CA GLY G 252 -38.49 -6.64 24.25
C GLY G 252 -39.45 -7.29 23.26
N ASP G 253 -38.94 -7.76 22.13
CA ASP G 253 -39.77 -8.36 21.08
C ASP G 253 -39.99 -9.88 21.25
N GLY G 254 -39.72 -10.39 22.45
CA GLY G 254 -40.04 -11.77 22.77
C GLY G 254 -38.99 -12.83 22.49
N THR G 255 -39.39 -14.09 22.61
CA THR G 255 -38.49 -15.23 22.47
C THR G 255 -38.11 -15.47 21.00
N LEU G 256 -36.96 -16.08 20.76
CA LEU G 256 -36.44 -16.19 19.39
C LEU G 256 -36.85 -17.50 18.71
N ILE G 257 -37.14 -17.41 17.41
CA ILE G 257 -37.37 -18.58 16.60
C ILE G 257 -36.13 -18.75 15.73
N ARG G 258 -35.20 -19.59 16.20
CA ARG G 258 -33.88 -19.71 15.57
C ARG G 258 -33.92 -20.69 14.42
N PHE G 259 -34.27 -20.18 13.24
CA PHE G 259 -34.41 -21.03 12.06
C PHE G 259 -33.06 -21.42 11.45
N TYR G 260 -32.04 -20.61 11.72
CA TYR G 260 -30.70 -20.81 11.19
C TYR G 260 -29.58 -20.30 12.09
N ASP G 261 -28.52 -21.10 12.17
CA ASP G 261 -27.20 -20.61 12.52
C ASP G 261 -26.13 -21.45 11.79
N PRO G 262 -24.88 -20.98 11.72
CA PRO G 262 -23.86 -21.72 10.94
C PRO G 262 -23.61 -23.17 11.37
N GLY G 263 -24.14 -23.55 12.53
CA GLY G 263 -24.00 -24.92 13.03
C GLY G 263 -25.28 -25.75 13.11
N HIS G 264 -26.44 -25.14 12.91
CA HIS G 264 -27.71 -25.86 13.06
C HIS G 264 -28.84 -25.33 12.14
N LEU G 265 -29.54 -26.24 11.49
CA LEU G 265 -30.77 -25.91 10.75
C LEU G 265 -31.98 -26.44 11.47
N LEU G 266 -32.94 -25.55 11.72
CA LEU G 266 -34.22 -25.89 12.32
C LEU G 266 -35.08 -26.64 11.32
N LEU G 267 -35.37 -27.91 11.61
CA LEU G 267 -36.06 -28.78 10.66
C LEU G 267 -37.55 -28.43 10.56
N PRO G 268 -38.19 -28.73 9.42
CA PRO G 268 -39.59 -28.35 9.21
C PRO G 268 -40.52 -28.84 10.30
N GLY G 269 -40.33 -30.09 10.73
CA GLY G 269 -41.15 -30.68 11.79
C GLY G 269 -41.08 -29.94 13.11
N MET G 270 -39.87 -29.55 13.51
CA MET G 270 -39.66 -28.81 14.75
C MET G 270 -40.15 -27.38 14.64
N LYS G 271 -40.04 -26.81 13.44
CA LYS G 271 -40.56 -25.48 13.18
C LYS G 271 -42.08 -25.44 13.35
N ASP G 272 -42.76 -26.40 12.74
CA ASP G 272 -44.22 -26.52 12.88
C ASP G 272 -44.59 -26.53 14.35
N PHE G 273 -43.95 -27.43 15.10
CA PHE G 273 -44.22 -27.59 16.53
C PHE G 273 -43.98 -26.30 17.32
N LEU G 274 -42.88 -25.61 17.02
CA LEU G 274 -42.59 -24.32 17.62
C LEU G 274 -43.70 -23.31 17.37
N LEU G 275 -44.10 -23.14 16.10
CA LEU G 275 -45.04 -22.09 15.72
C LEU G 275 -46.45 -22.39 16.18
N THR G 276 -46.80 -23.67 16.15
CA THR G 276 -48.05 -24.17 16.70
C THR G 276 -48.17 -23.86 18.19
N THR G 277 -47.16 -24.24 18.97
CA THR G 277 -47.17 -24.00 20.41
C THR G 277 -47.18 -22.50 20.74
N ALA G 278 -46.49 -21.70 19.93
CA ALA G 278 -46.39 -20.25 20.12
C ALA G 278 -47.74 -19.57 19.95
N GLU G 279 -48.49 -19.99 18.94
CA GLU G 279 -49.81 -19.42 18.69
C GLU G 279 -50.81 -19.88 19.75
N GLU G 280 -50.79 -21.17 20.08
CA GLU G 280 -51.64 -21.73 21.13
C GLU G 280 -51.50 -20.98 22.44
N ALA G 281 -50.26 -20.70 22.84
CA ALA G 281 -49.96 -20.15 24.15
C ALA G 281 -49.83 -18.62 24.19
N GLY G 282 -50.02 -17.97 23.05
CA GLY G 282 -49.99 -16.50 22.97
C GLY G 282 -48.63 -15.92 23.31
N ILE G 283 -47.60 -16.50 22.69
CA ILE G 283 -46.23 -16.14 22.98
C ILE G 283 -45.73 -15.05 22.03
N LYS G 284 -45.22 -13.96 22.59
CA LYS G 284 -44.53 -12.94 21.80
C LYS G 284 -43.19 -13.50 21.35
N TYR G 285 -42.99 -13.55 20.03
CA TYR G 285 -41.78 -14.10 19.46
C TYR G 285 -41.24 -13.30 18.27
N GLN G 286 -39.97 -13.52 17.94
CA GLN G 286 -39.33 -12.89 16.78
C GLN G 286 -38.42 -13.89 16.06
N TYR G 287 -38.48 -13.86 14.72
CA TYR G 287 -37.58 -14.68 13.90
C TYR G 287 -36.14 -14.24 14.13
N TYR G 288 -35.21 -15.20 14.12
CA TYR G 288 -33.80 -14.92 14.43
C TYR G 288 -32.80 -15.73 13.62
N CYS G 289 -31.99 -15.03 12.82
CA CYS G 289 -30.90 -15.64 12.08
C CYS G 289 -29.62 -15.48 12.89
N GLY G 290 -29.26 -16.52 13.62
CA GLY G 290 -28.05 -16.54 14.43
C GLY G 290 -26.77 -16.57 13.61
N LYS G 291 -25.77 -15.83 14.08
CA LYS G 291 -24.50 -15.77 13.40
C LYS G 291 -23.44 -16.62 14.12
N GLY G 292 -23.82 -17.15 15.29
CA GLY G 292 -23.00 -18.08 16.07
C GLY G 292 -23.84 -19.27 16.51
N GLY G 293 -23.19 -20.33 17.00
CA GLY G 293 -23.87 -21.57 17.34
C GLY G 293 -24.34 -21.68 18.79
N THR G 294 -25.11 -22.75 19.07
CA THR G 294 -25.58 -23.09 20.43
C THR G 294 -25.42 -24.59 20.65
N ASP G 295 -25.64 -25.05 21.88
CA ASP G 295 -25.53 -26.48 22.21
C ASP G 295 -26.20 -27.40 21.17
N ALA G 296 -27.33 -26.92 20.63
CA ALA G 296 -28.09 -27.64 19.61
C ALA G 296 -27.24 -28.09 18.42
N GLY G 297 -26.32 -27.22 17.98
CA GLY G 297 -25.41 -27.53 16.87
C GLY G 297 -24.59 -28.80 17.07
N ALA G 298 -24.23 -29.09 18.33
CA ALA G 298 -23.53 -30.31 18.71
C ALA G 298 -24.47 -31.46 19.03
N ALA G 299 -25.53 -31.16 19.79
CA ALA G 299 -26.48 -32.16 20.29
C ALA G 299 -27.23 -32.94 19.20
N HIS G 300 -27.67 -32.23 18.16
CA HIS G 300 -28.49 -32.88 17.12
C HIS G 300 -27.76 -33.95 16.31
N LEU G 301 -26.43 -33.92 16.34
CA LEU G 301 -25.57 -34.84 15.60
C LEU G 301 -25.17 -36.09 16.40
N LYS G 302 -25.75 -36.23 17.59
CA LYS G 302 -25.39 -37.32 18.49
C LYS G 302 -26.34 -38.51 18.31
N ASN G 303 -25.87 -39.69 18.70
CA ASN G 303 -26.60 -40.95 18.51
C ASN G 303 -27.17 -41.08 17.09
N GLY G 304 -28.44 -41.46 16.98
CA GLY G 304 -29.07 -41.62 15.69
C GLY G 304 -29.66 -40.34 15.14
N GLY G 305 -29.30 -39.21 15.74
CA GLY G 305 -29.82 -37.92 15.31
C GLY G 305 -30.96 -37.44 16.18
N VAL G 306 -30.92 -36.17 16.55
CA VAL G 306 -31.85 -35.60 17.52
C VAL G 306 -32.32 -34.21 17.08
N PRO G 307 -33.53 -34.11 16.48
CA PRO G 307 -34.11 -32.81 16.15
C PRO G 307 -34.05 -31.84 17.32
N SER G 308 -33.66 -30.59 17.06
CA SER G 308 -33.35 -29.63 18.12
C SER G 308 -33.74 -28.18 17.80
N THR G 309 -33.82 -27.36 18.85
CA THR G 309 -33.67 -25.91 18.76
C THR G 309 -33.09 -25.35 20.03
N THR G 310 -33.14 -24.03 20.11
CA THR G 310 -32.72 -23.27 21.26
C THR G 310 -33.87 -22.33 21.61
N ILE G 311 -34.49 -22.59 22.75
CA ILE G 311 -35.51 -21.70 23.27
C ILE G 311 -34.74 -20.54 23.89
N GLY G 312 -34.86 -19.38 23.24
CA GLY G 312 -33.94 -18.29 23.46
C GLY G 312 -34.50 -16.89 23.59
N VAL G 313 -33.63 -16.03 24.08
CA VAL G 313 -33.89 -14.63 24.31
C VAL G 313 -32.70 -13.91 23.68
N CYS G 314 -32.85 -12.68 23.22
CA CYS G 314 -31.66 -11.93 22.84
C CYS G 314 -31.32 -10.89 23.90
N ALA G 315 -30.04 -10.55 23.98
CA ALA G 315 -29.55 -9.53 24.90
C ALA G 315 -28.47 -8.71 24.21
N ARG G 316 -28.38 -7.43 24.55
CA ARG G 316 -27.34 -6.57 24.02
C ARG G 316 -26.01 -6.82 24.73
N TYR G 317 -24.94 -6.87 23.95
CA TYR G 317 -23.57 -6.94 24.44
C TYR G 317 -23.33 -8.20 25.27
N ILE G 318 -23.73 -9.34 24.69
CA ILE G 318 -23.30 -10.65 25.15
C ILE G 318 -21.77 -10.72 25.22
N HIS G 319 -21.24 -11.62 26.04
CA HIS G 319 -19.81 -11.83 26.16
C HIS G 319 -19.07 -10.59 26.62
N SER G 320 -19.61 -9.91 27.64
CA SER G 320 -18.93 -8.75 28.24
C SER G 320 -19.34 -8.59 29.70
N HIS G 321 -18.88 -7.51 30.34
CA HIS G 321 -19.22 -7.25 31.74
C HIS G 321 -20.57 -6.60 31.84
N GLN G 322 -20.98 -5.95 30.74
CA GLN G 322 -22.18 -5.14 30.69
C GLN G 322 -23.17 -5.61 29.62
N THR G 323 -24.00 -6.59 30.01
CA THR G 323 -25.03 -7.12 29.14
C THR G 323 -26.37 -6.53 29.57
N LEU G 324 -27.13 -5.99 28.61
CA LEU G 324 -28.42 -5.34 28.90
C LEU G 324 -29.54 -6.14 28.26
N TYR G 325 -30.60 -6.40 29.03
CA TYR G 325 -31.69 -7.29 28.58
C TYR G 325 -33.04 -7.07 29.26
N ALA G 326 -34.10 -7.60 28.66
CA ALA G 326 -35.46 -7.38 29.16
C ALA G 326 -35.97 -8.55 30.00
N MET G 327 -36.56 -8.23 31.15
CA MET G 327 -37.20 -9.22 32.00
C MET G 327 -38.42 -9.82 31.32
N ASP G 328 -39.17 -8.97 30.62
CA ASP G 328 -40.37 -9.38 29.88
C ASP G 328 -40.08 -10.55 28.94
N ASP G 329 -38.92 -10.47 28.27
CA ASP G 329 -38.44 -11.52 27.36
C ASP G 329 -38.26 -12.86 28.06
N PHE G 330 -37.58 -12.85 29.20
CA PHE G 330 -37.49 -14.02 30.07
C PHE G 330 -38.87 -14.63 30.32
N LEU G 331 -39.85 -13.80 30.72
CA LEU G 331 -41.20 -14.29 31.02
C LEU G 331 -41.81 -14.96 29.80
N GLU G 332 -41.64 -14.34 28.64
CA GLU G 332 -42.13 -14.92 27.38
C GLU G 332 -41.43 -16.24 27.06
N ALA G 333 -40.11 -16.26 27.20
CA ALA G 333 -39.33 -17.45 26.92
C ALA G 333 -39.76 -18.59 27.83
N GLN G 334 -39.76 -18.33 29.14
CA GLN G 334 -40.17 -19.30 30.15
C GLN G 334 -41.55 -19.88 29.82
N ALA G 335 -42.51 -19.00 29.57
CA ALA G 335 -43.86 -19.42 29.23
C ALA G 335 -43.87 -20.37 28.04
N PHE G 336 -42.99 -20.12 27.08
CA PHE G 336 -42.86 -20.91 25.87
C PHE G 336 -42.31 -22.30 26.16
N LEU G 337 -41.24 -22.36 26.96
CA LEU G 337 -40.59 -23.61 27.33
C LEU G 337 -41.57 -24.53 28.04
N GLN G 338 -42.31 -23.96 28.99
CA GLN G 338 -43.33 -24.69 29.73
C GLN G 338 -44.34 -25.32 28.76
N ALA G 339 -44.86 -24.50 27.85
CA ALA G 339 -45.83 -24.98 26.87
C ALA G 339 -45.28 -26.12 26.02
N LEU G 340 -44.08 -25.91 25.47
CA LEU G 340 -43.41 -26.89 24.61
C LEU G 340 -43.24 -28.24 25.31
N VAL G 341 -42.66 -28.25 26.50
CA VAL G 341 -42.43 -29.52 27.21
C VAL G 341 -43.75 -30.18 27.64
N LYS G 342 -44.79 -29.37 27.86
CA LYS G 342 -46.10 -29.93 28.22
C LYS G 342 -46.77 -30.57 27.03
N LYS G 343 -46.47 -30.06 25.85
CA LYS G 343 -47.07 -30.56 24.63
C LYS G 343 -46.30 -31.73 24.02
N LEU G 344 -45.06 -31.92 24.46
CA LEU G 344 -44.23 -33.00 23.94
C LEU G 344 -44.62 -34.37 24.49
N ASP G 345 -45.04 -35.24 23.57
CA ASP G 345 -45.40 -36.62 23.89
C ASP G 345 -45.21 -37.48 22.65
N ARG G 346 -45.46 -38.77 22.79
CA ARG G 346 -45.33 -39.71 21.68
C ARG G 346 -45.92 -39.17 20.37
N SER G 347 -47.10 -38.54 20.45
CA SER G 347 -47.77 -38.03 19.26
C SER G 347 -46.94 -36.95 18.58
N THR G 348 -46.59 -35.93 19.35
CA THR G 348 -45.98 -34.74 18.80
C THR G 348 -44.53 -34.96 18.36
N VAL G 349 -43.77 -35.77 19.09
CA VAL G 349 -42.39 -36.03 18.65
C VAL G 349 -42.35 -36.90 17.38
N ASP G 350 -43.32 -37.81 17.24
CA ASP G 350 -43.46 -38.61 16.03
C ASP G 350 -43.78 -37.69 14.85
N LEU G 351 -44.65 -36.71 15.08
CA LEU G 351 -44.99 -35.72 14.06
C LEU G 351 -43.75 -34.87 13.70
N ILE G 352 -42.96 -34.54 14.72
CA ILE G 352 -41.69 -33.86 14.49
C ILE G 352 -40.75 -34.73 13.64
N LYS G 353 -40.79 -36.03 13.89
CA LYS G 353 -39.90 -36.95 13.18
C LYS G 353 -40.58 -37.65 11.99
N HIS G 354 -41.59 -36.99 11.43
CA HIS G 354 -42.34 -37.56 10.32
C HIS G 354 -41.52 -37.52 9.04
N TYR G 355 -40.95 -38.66 8.69
CA TYR G 355 -40.12 -38.76 7.50
C TYR G 355 -40.76 -39.74 6.52
N THR H 4 31.36 -48.19 -7.58
CA THR H 4 32.78 -47.76 -7.80
C THR H 4 32.87 -46.26 -8.06
N LEU H 5 32.17 -45.79 -9.10
CA LEU H 5 32.01 -44.37 -9.34
C LEU H 5 31.22 -43.79 -8.17
N PHE H 6 30.17 -44.50 -7.75
CA PHE H 6 29.36 -44.09 -6.60
C PHE H 6 30.20 -43.94 -5.32
N SER H 7 30.96 -44.97 -4.96
CA SER H 7 31.82 -44.93 -3.76
C SER H 7 32.80 -43.76 -3.84
N LYS H 8 33.38 -43.59 -5.03
CA LYS H 8 34.30 -42.49 -5.31
C LYS H 8 33.62 -41.14 -5.12
N ILE H 9 32.33 -41.09 -5.47
CA ILE H 9 31.54 -39.88 -5.27
C ILE H 9 31.09 -39.78 -3.82
N LYS H 10 30.71 -40.92 -3.22
CA LYS H 10 30.33 -40.95 -1.81
C LYS H 10 31.44 -40.39 -0.93
N GLU H 11 32.67 -40.84 -1.18
CA GLU H 11 33.85 -40.43 -0.43
C GLU H 11 34.08 -38.90 -0.44
N VAL H 12 34.14 -38.31 -1.63
CA VAL H 12 34.43 -36.87 -1.79
C VAL H 12 33.32 -35.97 -1.27
N THR H 13 32.08 -36.36 -1.56
CA THR H 13 30.91 -35.56 -1.19
C THR H 13 30.69 -35.52 0.33
N GLU H 14 31.10 -36.58 1.03
CA GLU H 14 30.93 -36.66 2.48
C GLU H 14 32.04 -36.02 3.31
N LEU H 15 33.12 -35.61 2.64
CA LEU H 15 34.19 -34.85 3.30
C LEU H 15 33.66 -33.46 3.67
N ALA H 16 34.09 -32.95 4.83
CA ALA H 16 33.64 -31.65 5.31
C ALA H 16 34.72 -30.57 5.19
N ALA H 17 34.44 -29.57 4.35
CA ALA H 17 35.37 -28.46 4.12
C ALA H 17 34.65 -27.20 3.65
N VAL H 18 34.39 -26.32 4.60
CA VAL H 18 33.81 -25.01 4.32
C VAL H 18 34.93 -24.08 3.84
N SER H 19 34.57 -23.00 3.16
CA SER H 19 35.56 -22.04 2.64
C SER H 19 36.53 -21.61 3.73
N GLY H 20 37.82 -21.64 3.40
CA GLY H 20 38.87 -21.28 4.35
C GLY H 20 39.37 -22.44 5.20
N HIS H 21 38.61 -23.54 5.21
CA HIS H 21 38.89 -24.67 6.09
C HIS H 21 38.93 -25.99 5.31
N GLU H 22 39.72 -26.02 4.24
CA GLU H 22 39.65 -27.17 3.34
C GLU H 22 40.82 -28.18 3.43
N ALA H 23 41.54 -28.15 4.55
CA ALA H 23 42.59 -29.15 4.80
C ALA H 23 42.15 -30.61 4.52
N PRO H 24 40.95 -31.03 5.00
CA PRO H 24 40.52 -32.42 4.75
C PRO H 24 40.40 -32.80 3.27
N VAL H 25 40.05 -31.82 2.43
CA VAL H 25 39.94 -32.07 0.99
C VAL H 25 41.31 -31.93 0.33
N ARG H 26 42.15 -31.04 0.86
CA ARG H 26 43.55 -30.94 0.44
C ARG H 26 44.29 -32.26 0.69
N ALA H 27 44.08 -32.85 1.86
CA ALA H 27 44.67 -34.15 2.23
C ALA H 27 44.27 -35.25 1.26
N TYR H 28 43.04 -35.17 0.77
CA TYR H 28 42.51 -36.14 -0.18
C TYR H 28 43.16 -35.94 -1.56
N LEU H 29 43.24 -34.69 -1.99
CA LEU H 29 43.83 -34.41 -3.29
C LEU H 29 45.32 -34.67 -3.30
N ARG H 30 46.01 -34.30 -2.23
CA ARG H 30 47.43 -34.60 -2.07
C ARG H 30 47.72 -36.09 -2.29
N GLU H 31 46.99 -36.95 -1.60
CA GLU H 31 47.17 -38.39 -1.68
C GLU H 31 46.85 -38.93 -3.08
N LYS H 32 45.99 -38.23 -3.80
CA LYS H 32 45.54 -38.73 -5.10
C LYS H 32 46.31 -38.10 -6.25
N LEU H 33 46.90 -36.94 -6.01
CA LEU H 33 47.71 -36.24 -7.01
C LEU H 33 49.18 -36.67 -7.03
N THR H 34 49.76 -36.92 -5.87
CA THR H 34 51.22 -37.16 -5.73
C THR H 34 51.80 -38.25 -6.64
N PRO H 35 51.18 -39.45 -6.68
CA PRO H 35 51.77 -40.53 -7.49
C PRO H 35 51.70 -40.32 -9.00
N HIS H 36 50.88 -39.39 -9.49
CA HIS H 36 50.65 -39.25 -10.94
C HIS H 36 51.19 -37.94 -11.52
N VAL H 37 52.11 -37.32 -10.79
CA VAL H 37 52.51 -35.94 -11.02
C VAL H 37 53.97 -35.75 -10.57
N ASP H 38 54.68 -34.84 -11.22
CA ASP H 38 56.10 -34.60 -10.91
C ASP H 38 56.32 -33.81 -9.61
N GLU H 39 55.42 -32.88 -9.33
CA GLU H 39 55.63 -31.93 -8.26
C GLU H 39 54.29 -31.47 -7.69
N VAL H 40 54.17 -31.42 -6.36
CA VAL H 40 52.94 -30.94 -5.72
C VAL H 40 53.17 -29.61 -5.04
N VAL H 41 52.48 -28.57 -5.51
CA VAL H 41 52.68 -27.23 -5.00
C VAL H 41 51.41 -26.60 -4.41
N THR H 42 51.59 -25.47 -3.75
CA THR H 42 50.56 -24.88 -2.90
C THR H 42 50.63 -23.37 -3.11
N ASP H 43 49.47 -22.71 -3.19
CA ASP H 43 49.49 -21.24 -3.20
C ASP H 43 49.39 -20.67 -1.77
N GLY H 44 49.43 -19.35 -1.64
CA GLY H 44 49.50 -18.71 -0.32
C GLY H 44 48.31 -19.00 0.57
N LEU H 45 47.19 -19.38 -0.04
CA LEU H 45 45.91 -19.53 0.65
C LEU H 45 45.50 -20.98 0.86
N GLY H 46 46.20 -21.91 0.21
CA GLY H 46 46.01 -23.33 0.46
C GLY H 46 45.51 -24.18 -0.70
N GLY H 47 45.52 -23.64 -1.91
CA GLY H 47 45.22 -24.41 -3.10
C GLY H 47 46.33 -25.42 -3.33
N ILE H 48 45.98 -26.63 -3.79
CA ILE H 48 46.95 -27.69 -4.07
C ILE H 48 46.90 -27.98 -5.54
N PHE H 49 48.09 -28.13 -6.14
CA PHE H 49 48.18 -28.44 -7.55
C PHE H 49 49.33 -29.37 -7.79
N GLY H 50 49.09 -30.36 -8.63
CA GLY H 50 50.15 -31.18 -9.17
C GLY H 50 50.66 -30.52 -10.43
N ILE H 51 51.96 -30.65 -10.68
CA ILE H 51 52.56 -30.20 -11.93
C ILE H 51 53.02 -31.41 -12.73
N LYS H 52 52.61 -31.46 -13.99
CA LYS H 52 52.98 -32.55 -14.89
C LYS H 52 53.88 -31.98 -16.00
N HIS H 53 55.19 -32.18 -15.89
CA HIS H 53 56.15 -31.60 -16.83
C HIS H 53 56.02 -32.17 -18.24
N SER H 54 56.18 -31.30 -19.23
CA SER H 54 56.14 -31.69 -20.64
C SER H 54 57.53 -31.63 -21.25
N GLU H 55 57.82 -32.59 -22.12
CA GLU H 55 59.06 -32.62 -22.89
C GLU H 55 59.06 -31.58 -24.01
N ALA H 56 57.89 -31.34 -24.60
CA ALA H 56 57.74 -30.43 -25.73
C ALA H 56 58.39 -29.06 -25.50
N VAL H 57 59.09 -28.57 -26.53
CA VAL H 57 59.72 -27.24 -26.49
C VAL H 57 58.63 -26.17 -26.57
N ASP H 58 58.85 -25.07 -25.83
CA ASP H 58 57.92 -23.94 -25.78
C ASP H 58 56.52 -24.36 -25.31
N ALA H 59 56.45 -25.40 -24.47
CA ALA H 59 55.17 -25.95 -24.02
C ALA H 59 54.41 -24.93 -23.21
N PRO H 60 53.17 -24.61 -23.61
CA PRO H 60 52.37 -23.62 -22.90
C PRO H 60 51.87 -24.16 -21.57
N ARG H 61 51.70 -23.25 -20.60
CA ARG H 61 51.20 -23.63 -19.29
C ARG H 61 49.67 -23.66 -19.28
N VAL H 62 49.11 -24.79 -18.85
CA VAL H 62 47.66 -24.96 -18.72
C VAL H 62 47.26 -25.16 -17.25
N LEU H 63 46.37 -24.29 -16.74
CA LEU H 63 45.88 -24.45 -15.38
C LEU H 63 44.50 -25.10 -15.41
N VAL H 64 44.34 -26.16 -14.63
CA VAL H 64 43.06 -26.85 -14.48
C VAL H 64 42.69 -26.91 -13.00
N ALA H 65 41.61 -26.22 -12.63
CA ALA H 65 41.25 -26.09 -11.23
C ALA H 65 39.75 -26.20 -10.94
N SER H 66 39.42 -27.08 -10.01
CA SER H 66 38.12 -27.05 -9.35
C SER H 66 38.28 -26.22 -8.07
N HIS H 67 37.39 -26.38 -7.12
CA HIS H 67 37.60 -25.82 -5.78
C HIS H 67 37.18 -26.81 -4.70
N MET H 68 37.85 -26.72 -3.56
CA MET H 68 37.69 -27.70 -2.50
C MET H 68 36.57 -27.39 -1.51
N ASP H 69 36.25 -26.10 -1.37
CA ASP H 69 35.25 -25.67 -0.39
C ASP H 69 33.80 -25.89 -0.85
N GLU H 70 32.93 -26.14 0.13
CA GLU H 70 31.50 -26.27 -0.07
C GLU H 70 30.81 -25.18 0.73
N VAL H 71 29.49 -25.03 0.57
CA VAL H 71 28.77 -24.04 1.37
C VAL H 71 28.48 -24.57 2.77
N GLY H 72 28.38 -23.65 3.72
CA GLY H 72 28.12 -23.98 5.11
C GLY H 72 27.89 -22.69 5.88
N PHE H 73 28.04 -22.75 7.19
CA PHE H 73 27.83 -21.58 8.04
C PHE H 73 28.97 -21.44 9.03
N MET H 74 29.07 -20.27 9.66
CA MET H 74 30.12 -20.04 10.65
C MET H 74 29.51 -19.39 11.88
N VAL H 75 29.92 -19.86 13.06
CA VAL H 75 29.44 -19.30 14.32
C VAL H 75 29.84 -17.83 14.43
N SER H 76 28.85 -16.94 14.53
CA SER H 76 29.13 -15.52 14.74
C SER H 76 29.10 -15.17 16.23
N GLU H 77 28.28 -15.90 16.99
CA GLU H 77 28.26 -15.77 18.44
C GLU H 77 27.61 -17.00 19.09
N ILE H 78 27.91 -17.17 20.36
CA ILE H 78 27.24 -18.13 21.22
C ILE H 78 26.35 -17.32 22.16
N LYS H 79 25.04 -17.57 22.09
CA LYS H 79 24.03 -16.96 22.96
C LYS H 79 24.17 -17.46 24.41
N PRO H 80 23.63 -16.70 25.40
CA PRO H 80 23.75 -17.20 26.79
C PRO H 80 23.11 -18.58 26.96
N ASP H 81 22.07 -18.86 26.19
CA ASP H 81 21.33 -20.12 26.32
C ASP H 81 22.00 -21.32 25.65
N GLY H 82 23.17 -21.10 25.06
CA GLY H 82 23.95 -22.18 24.47
C GLY H 82 23.75 -22.41 22.98
N THR H 83 22.77 -21.73 22.39
CA THR H 83 22.56 -21.83 20.95
C THR H 83 23.56 -20.92 20.23
N PHE H 84 23.62 -21.04 18.90
CA PHE H 84 24.53 -20.22 18.11
C PHE H 84 23.76 -19.43 17.08
N ARG H 85 24.20 -18.21 16.83
CA ARG H 85 23.75 -17.50 15.65
C ARG H 85 24.92 -17.56 14.68
N VAL H 86 24.62 -17.62 13.39
CA VAL H 86 25.64 -17.89 12.39
C VAL H 86 25.67 -16.82 11.31
N VAL H 87 26.72 -16.86 10.49
CA VAL H 87 26.79 -16.11 9.25
C VAL H 87 26.93 -17.15 8.14
N GLU H 88 26.44 -16.84 6.94
CA GLU H 88 26.52 -17.82 5.84
C GLU H 88 27.88 -17.79 5.16
N ILE H 89 28.42 -18.98 4.89
CA ILE H 89 29.65 -19.12 4.13
C ILE H 89 29.26 -19.71 2.79
N GLY H 90 29.23 -18.84 1.79
CA GLY H 90 28.64 -19.19 0.49
C GLY H 90 27.17 -18.83 0.50
N GLY H 91 26.61 -18.61 -0.69
CA GLY H 91 25.22 -18.21 -0.83
C GLY H 91 24.18 -19.29 -0.58
N TRP H 92 23.38 -19.09 0.46
CA TRP H 92 22.25 -19.95 0.79
C TRP H 92 20.93 -19.26 0.49
N ASN H 93 19.99 -19.98 -0.14
CA ASN H 93 18.60 -19.54 -0.22
C ASN H 93 17.94 -19.84 1.11
N PRO H 94 17.54 -18.80 1.88
CA PRO H 94 17.07 -18.94 3.26
C PRO H 94 15.92 -19.93 3.46
N MET H 95 15.24 -20.28 2.38
CA MET H 95 14.17 -21.27 2.39
C MET H 95 14.63 -22.71 2.68
N VAL H 96 15.90 -22.99 2.43
CA VAL H 96 16.46 -24.35 2.57
C VAL H 96 17.25 -24.56 3.86
N VAL H 97 17.35 -23.53 4.69
CA VAL H 97 18.27 -23.54 5.83
C VAL H 97 17.65 -24.14 7.11
N SER H 98 16.37 -23.88 7.33
CA SER H 98 15.68 -24.30 8.54
C SER H 98 15.58 -25.82 8.63
N SER H 99 15.66 -26.34 9.86
CA SER H 99 15.57 -27.78 10.14
C SER H 99 16.54 -28.64 9.31
N GLN H 100 17.83 -28.42 9.51
CA GLN H 100 18.87 -29.15 8.80
C GLN H 100 19.99 -29.57 9.76
N ARG H 101 20.50 -30.79 9.58
CA ARG H 101 21.67 -31.29 10.34
C ARG H 101 22.98 -30.68 9.87
N PHE H 102 23.87 -30.43 10.81
CA PHE H 102 25.20 -29.92 10.53
C PHE H 102 26.23 -30.54 11.47
N LYS H 103 27.48 -30.54 11.03
CA LYS H 103 28.64 -30.83 11.88
C LYS H 103 29.41 -29.54 12.19
N LEU H 104 29.42 -29.16 13.47
CA LEU H 104 30.22 -28.01 13.93
C LEU H 104 31.64 -28.48 14.25
N LEU H 105 32.62 -27.84 13.62
CA LEU H 105 34.01 -28.23 13.77
C LEU H 105 34.76 -27.31 14.71
N THR H 106 35.25 -27.90 15.80
CA THR H 106 36.02 -27.17 16.80
C THR H 106 37.49 -27.07 16.39
N ARG H 107 38.18 -26.07 16.95
CA ARG H 107 39.61 -25.92 16.73
C ARG H 107 40.39 -27.08 17.38
N ASP H 108 39.94 -27.51 18.57
CA ASP H 108 40.60 -28.62 19.27
C ASP H 108 40.28 -30.01 18.67
N GLY H 109 39.50 -30.04 17.60
CA GLY H 109 39.23 -31.29 16.86
C GLY H 109 37.92 -32.05 17.11
N HIS H 110 37.03 -31.47 17.94
CA HIS H 110 35.69 -32.04 18.15
C HIS H 110 34.81 -31.89 16.90
N GLU H 111 33.93 -32.87 16.69
CA GLU H 111 32.89 -32.78 15.66
C GLU H 111 31.54 -32.78 16.35
N ILE H 112 30.93 -31.61 16.55
CA ILE H 112 29.71 -31.60 17.34
C ILE H 112 28.42 -31.42 16.50
N PRO H 113 27.44 -32.31 16.71
CA PRO H 113 26.16 -32.27 15.99
C PRO H 113 25.40 -30.98 16.26
N VAL H 114 25.03 -30.28 15.20
CA VAL H 114 24.31 -29.03 15.31
C VAL H 114 23.17 -29.05 14.32
N ILE H 115 21.99 -28.63 14.75
CA ILE H 115 20.87 -28.47 13.83
C ILE H 115 20.41 -27.02 13.81
N SER H 116 19.82 -26.61 12.69
CA SER H 116 19.14 -25.34 12.64
C SER H 116 17.70 -25.60 13.09
N GLY H 117 17.11 -24.60 13.73
CA GLY H 117 15.71 -24.70 14.19
C GLY H 117 14.71 -24.09 13.22
N PRO H 133 12.49 -14.78 6.71
CA PRO H 133 13.46 -15.13 7.77
C PRO H 133 14.89 -14.80 7.37
N ALA H 134 15.62 -14.12 8.24
CA ALA H 134 17.00 -13.73 7.95
C ALA H 134 17.96 -14.74 8.59
N ILE H 135 18.97 -15.15 7.83
CA ILE H 135 19.93 -16.16 8.30
C ILE H 135 20.49 -15.88 9.69
N ALA H 136 20.77 -14.61 9.96
CA ALA H 136 21.31 -14.20 11.27
C ALA H 136 20.34 -14.41 12.44
N ASP H 137 19.05 -14.56 12.13
CA ASP H 137 18.01 -14.77 13.13
C ASP H 137 17.69 -16.26 13.35
N ILE H 138 18.25 -17.14 12.52
CA ILE H 138 17.96 -18.57 12.62
C ILE H 138 18.75 -19.19 13.75
N VAL H 139 18.07 -19.96 14.60
CA VAL H 139 18.69 -20.61 15.75
C VAL H 139 19.46 -21.88 15.34
N PHE H 140 20.74 -21.92 15.69
CA PHE H 140 21.56 -23.12 15.52
C PHE H 140 21.85 -23.73 16.88
N ASP H 141 21.45 -24.98 17.02
CA ASP H 141 21.29 -25.61 18.33
C ASP H 141 22.17 -26.85 18.44
N GLY H 142 22.87 -26.98 19.56
CA GLY H 142 23.75 -28.13 19.79
C GLY H 142 23.36 -28.92 21.02
N GLY H 143 22.23 -28.55 21.62
CA GLY H 143 21.74 -29.23 22.81
C GLY H 143 22.50 -28.92 24.07
N PHE H 144 22.98 -27.69 24.21
CA PHE H 144 23.73 -27.27 25.39
C PHE H 144 22.86 -26.47 26.35
N ALA H 145 23.13 -26.58 27.65
CA ALA H 145 22.33 -25.89 28.68
C ALA H 145 22.54 -24.39 28.69
N ASP H 146 23.77 -23.96 28.38
CA ASP H 146 24.16 -22.55 28.38
C ASP H 146 25.46 -22.31 27.63
N LYS H 147 25.81 -21.04 27.48
CA LYS H 147 27.06 -20.62 26.83
C LYS H 147 28.28 -21.38 27.36
N ALA H 148 28.37 -21.49 28.69
CA ALA H 148 29.48 -22.20 29.34
C ALA H 148 29.67 -23.63 28.83
N GLU H 149 28.58 -24.38 28.75
CA GLU H 149 28.66 -25.77 28.30
C GLU H 149 29.12 -25.85 26.85
N ALA H 150 28.55 -25.02 25.98
CA ALA H 150 28.98 -24.97 24.58
C ALA H 150 30.48 -24.68 24.50
N GLU H 151 30.93 -23.72 25.31
CA GLU H 151 32.33 -23.32 25.35
C GLU H 151 33.22 -24.41 25.92
N SER H 152 32.72 -25.15 26.90
CA SER H 152 33.49 -26.26 27.49
C SER H 152 33.72 -27.41 26.50
N PHE H 153 33.04 -27.37 25.36
CA PHE H 153 33.26 -28.36 24.31
C PHE H 153 34.17 -27.83 23.20
N GLY H 154 34.80 -26.68 23.47
CA GLY H 154 35.80 -26.10 22.58
C GLY H 154 35.25 -25.17 21.51
N ILE H 155 33.94 -24.89 21.59
CA ILE H 155 33.23 -24.11 20.59
C ILE H 155 33.46 -22.63 20.80
N ARG H 156 33.81 -21.94 19.72
CA ARG H 156 34.16 -20.52 19.77
C ARG H 156 33.58 -19.79 18.55
N PRO H 157 33.29 -18.49 18.70
CA PRO H 157 32.96 -17.74 17.50
C PRO H 157 34.04 -17.99 16.45
N GLY H 158 33.62 -18.19 15.19
CA GLY H 158 34.57 -18.47 14.11
C GLY H 158 34.51 -19.90 13.62
N ASP H 159 33.95 -20.78 14.44
CA ASP H 159 33.86 -22.20 14.11
C ASP H 159 33.04 -22.49 12.86
N THR H 160 33.58 -23.40 12.07
CA THR H 160 33.02 -23.84 10.80
C THR H 160 31.86 -24.81 11.06
N ILE H 161 30.78 -24.67 10.29
CA ILE H 161 29.58 -25.51 10.42
C ILE H 161 29.22 -26.09 9.05
N VAL H 162 29.41 -27.40 8.91
CA VAL H 162 29.29 -28.07 7.61
C VAL H 162 28.03 -28.93 7.51
N PRO H 163 27.28 -28.84 6.39
CA PRO H 163 26.10 -29.68 6.20
C PRO H 163 26.36 -31.16 6.47
N ASP H 164 25.37 -31.83 7.06
CA ASP H 164 25.46 -33.26 7.34
C ASP H 164 24.44 -34.02 6.50
N SER H 165 24.93 -34.56 5.39
CA SER H 165 24.09 -35.23 4.42
C SER H 165 24.97 -36.24 3.70
N SER H 166 24.44 -37.43 3.46
CA SER H 166 25.20 -38.52 2.88
C SER H 166 24.87 -38.70 1.41
N ALA H 167 25.76 -39.32 0.66
CA ALA H 167 25.52 -39.61 -0.74
C ALA H 167 24.81 -40.95 -0.88
N ILE H 168 23.70 -40.94 -1.62
CA ILE H 168 22.92 -42.16 -1.89
C ILE H 168 22.51 -42.25 -3.36
N LEU H 169 22.09 -43.44 -3.76
CA LEU H 169 21.61 -43.70 -5.12
C LEU H 169 20.11 -43.48 -5.21
N THR H 170 19.66 -42.87 -6.31
CA THR H 170 18.24 -42.82 -6.62
C THR H 170 17.76 -44.23 -7.00
N ALA H 171 16.45 -44.42 -7.08
CA ALA H 171 15.88 -45.74 -7.37
C ALA H 171 16.40 -46.39 -8.67
N ASN H 172 16.52 -45.60 -9.74
CA ASN H 172 16.93 -46.17 -11.03
C ASN H 172 18.44 -46.39 -11.12
N GLU H 173 19.15 -46.01 -10.07
CA GLU H 173 20.60 -46.26 -9.94
C GLU H 173 21.43 -45.48 -10.96
N LYS H 174 20.80 -44.50 -11.63
CA LYS H 174 21.49 -43.64 -12.60
C LYS H 174 21.87 -42.29 -11.99
N ASN H 175 21.23 -41.93 -10.89
CA ASN H 175 21.43 -40.63 -10.28
C ASN H 175 21.82 -40.71 -8.80
N ILE H 176 22.48 -39.66 -8.31
CA ILE H 176 22.91 -39.58 -6.92
C ILE H 176 22.26 -38.38 -6.22
N ILE H 177 21.89 -38.58 -4.96
CA ILE H 177 21.49 -37.49 -4.08
C ILE H 177 22.55 -37.32 -3.01
N SER H 178 23.08 -36.11 -2.89
CA SER H 178 24.04 -35.79 -1.84
C SER H 178 24.12 -34.28 -1.60
N LYS H 179 25.06 -33.89 -0.75
CA LYS H 179 25.46 -32.49 -0.60
C LYS H 179 26.75 -32.27 -1.41
N ALA H 180 27.14 -31.01 -1.56
CA ALA H 180 28.47 -30.64 -2.06
C ALA H 180 28.96 -31.20 -3.41
N TRP H 181 28.06 -31.67 -4.26
CA TRP H 181 28.45 -31.99 -5.64
C TRP H 181 28.98 -30.73 -6.35
N ASP H 182 28.62 -29.58 -5.80
CA ASP H 182 29.35 -28.35 -6.01
C ASP H 182 30.18 -28.18 -4.74
N ASN H 183 31.48 -28.41 -4.81
CA ASN H 183 32.16 -28.84 -6.03
C ASN H 183 33.10 -30.02 -5.80
N ARG H 184 32.61 -31.04 -5.11
CA ARG H 184 33.36 -32.29 -5.01
C ARG H 184 33.29 -33.03 -6.35
N TYR H 185 32.41 -32.57 -7.23
CA TYR H 185 32.42 -32.96 -8.63
C TYR H 185 33.80 -32.64 -9.19
N GLY H 186 34.12 -31.35 -9.24
CA GLY H 186 35.41 -30.89 -9.73
C GLY H 186 36.61 -31.49 -9.03
N VAL H 187 36.47 -31.76 -7.74
CA VAL H 187 37.53 -32.38 -6.96
C VAL H 187 37.78 -33.81 -7.45
N LEU H 188 36.70 -34.57 -7.65
CA LEU H 188 36.81 -35.93 -8.15
C LEU H 188 37.27 -35.88 -9.61
N MET H 189 36.72 -34.91 -10.33
CA MET H 189 37.07 -34.72 -11.73
C MET H 189 38.58 -34.53 -11.88
N VAL H 190 39.18 -33.75 -10.98
CA VAL H 190 40.62 -33.48 -11.01
C VAL H 190 41.44 -34.72 -10.59
N SER H 191 40.87 -35.53 -9.72
CA SER H 191 41.51 -36.76 -9.26
C SER H 191 41.57 -37.81 -10.38
N GLU H 192 40.42 -38.04 -11.02
CA GLU H 192 40.32 -38.97 -12.15
C GLU H 192 41.15 -38.54 -13.34
N LEU H 193 41.41 -37.24 -13.48
CA LEU H 193 42.23 -36.71 -14.56
C LEU H 193 43.69 -37.11 -14.39
N ALA H 194 44.23 -36.83 -13.19
CA ALA H 194 45.59 -37.24 -12.80
C ALA H 194 45.85 -38.73 -13.06
N GLU H 195 44.90 -39.58 -12.67
CA GLU H 195 45.03 -41.02 -12.89
C GLU H 195 45.09 -41.33 -14.38
N ALA H 196 44.12 -40.80 -15.14
CA ALA H 196 43.98 -41.14 -16.55
C ALA H 196 45.18 -40.69 -17.38
N LEU H 197 45.81 -39.61 -16.92
CA LEU H 197 46.96 -39.04 -17.60
C LEU H 197 48.29 -39.54 -17.04
N SER H 198 48.24 -40.49 -16.11
CA SER H 198 49.43 -40.97 -15.41
C SER H 198 50.57 -41.36 -16.36
N GLY H 199 50.31 -42.36 -17.21
CA GLY H 199 51.28 -42.78 -18.23
C GLY H 199 51.58 -41.70 -19.27
N GLN H 200 50.53 -41.03 -19.76
CA GLN H 200 50.59 -40.10 -20.91
C GLN H 200 51.60 -38.96 -20.80
N LYS H 201 52.03 -38.46 -21.96
CA LYS H 201 52.85 -37.25 -22.04
C LYS H 201 52.16 -36.22 -22.93
N LEU H 202 52.12 -34.97 -22.46
CA LEU H 202 51.27 -33.95 -23.10
C LEU H 202 52.09 -32.84 -23.73
N GLY H 203 51.50 -32.15 -24.70
CA GLY H 203 52.12 -30.98 -25.31
C GLY H 203 51.99 -29.69 -24.51
N ASN H 204 51.56 -29.82 -23.25
CA ASN H 204 51.40 -28.66 -22.36
C ASN H 204 52.01 -28.90 -20.99
N GLU H 205 52.43 -27.82 -20.35
CA GLU H 205 52.95 -27.88 -19.00
C GLU H 205 51.76 -27.89 -18.04
N LEU H 206 51.28 -29.08 -17.69
CA LEU H 206 50.00 -29.22 -16.96
C LEU H 206 50.07 -28.85 -15.47
N TYR H 207 49.18 -27.94 -15.07
CA TYR H 207 48.94 -27.64 -13.67
C TYR H 207 47.54 -28.18 -13.33
N LEU H 208 47.48 -29.08 -12.35
CA LEU H 208 46.29 -29.88 -12.11
C LEU H 208 45.90 -29.83 -10.65
N GLY H 209 44.73 -29.31 -10.34
CA GLY H 209 44.29 -29.24 -8.94
C GLY H 209 43.00 -28.51 -8.62
N SER H 210 42.98 -27.89 -7.45
CA SER H 210 41.75 -27.35 -6.90
C SER H 210 42.01 -26.11 -6.04
N ASN H 211 41.18 -25.10 -6.25
CA ASN H 211 41.29 -23.84 -5.56
C ASN H 211 40.68 -23.86 -4.18
N VAL H 212 40.99 -22.82 -3.44
CA VAL H 212 40.49 -22.61 -2.11
C VAL H 212 39.46 -21.47 -2.20
N GLN H 213 38.51 -21.44 -1.28
CA GLN H 213 37.63 -20.28 -1.08
C GLN H 213 36.87 -19.73 -2.31
N GLU H 214 36.38 -20.62 -3.16
CA GLU H 214 35.61 -20.21 -4.34
C GLU H 214 34.22 -19.70 -3.95
N GLU H 215 33.62 -20.31 -2.95
CA GLU H 215 32.24 -20.00 -2.55
C GLU H 215 32.04 -18.58 -2.01
N VAL H 216 33.12 -17.96 -1.56
CA VAL H 216 33.03 -16.64 -0.95
C VAL H 216 33.52 -15.51 -1.87
N GLY H 217 33.63 -15.81 -3.16
CA GLY H 217 33.95 -14.79 -4.15
C GLY H 217 35.13 -15.10 -5.04
N LEU H 218 35.32 -16.40 -5.34
CA LEU H 218 36.40 -16.89 -6.22
C LEU H 218 37.79 -16.43 -5.74
N ARG H 219 37.96 -16.42 -4.42
CA ARG H 219 39.12 -15.79 -3.77
C ARG H 219 40.44 -16.46 -4.15
N GLY H 220 40.50 -17.78 -3.98
CA GLY H 220 41.72 -18.55 -4.29
C GLY H 220 42.07 -18.56 -5.78
N ALA H 221 41.06 -18.35 -6.63
CA ALA H 221 41.24 -18.35 -8.07
C ALA H 221 42.13 -17.20 -8.52
N HIS H 222 42.16 -16.14 -7.73
CA HIS H 222 43.02 -15.00 -7.99
C HIS H 222 44.46 -15.42 -7.80
N THR H 223 44.69 -16.06 -6.66
CA THR H 223 46.02 -16.31 -6.15
C THR H 223 46.72 -17.45 -6.89
N SER H 224 46.00 -18.53 -7.16
CA SER H 224 46.57 -19.64 -7.89
C SER H 224 46.93 -19.25 -9.33
N THR H 225 46.06 -18.46 -9.96
CA THR H 225 46.28 -18.05 -11.35
C THR H 225 47.44 -17.07 -11.46
N THR H 226 47.56 -16.18 -10.48
CA THR H 226 48.69 -15.24 -10.43
C THR H 226 50.01 -15.97 -10.18
N LYS H 227 49.97 -17.00 -9.33
CA LYS H 227 51.17 -17.74 -8.98
C LYS H 227 51.72 -18.60 -10.13
N PHE H 228 50.82 -19.25 -10.88
CA PHE H 228 51.27 -20.24 -11.85
C PHE H 228 51.29 -19.75 -13.31
N ASP H 229 50.98 -18.48 -13.50
CA ASP H 229 51.12 -17.80 -14.80
C ASP H 229 50.80 -18.69 -16.03
N PRO H 230 49.55 -19.23 -16.07
CA PRO H 230 49.14 -20.09 -17.19
C PRO H 230 48.71 -19.27 -18.40
N GLU H 231 48.76 -19.89 -19.58
CA GLU H 231 48.34 -19.21 -20.81
C GLU H 231 46.86 -19.49 -21.11
N VAL H 232 46.38 -20.58 -20.53
CA VAL H 232 45.01 -21.05 -20.74
C VAL H 232 44.48 -21.61 -19.42
N PHE H 233 43.20 -21.36 -19.10
CA PHE H 233 42.62 -21.85 -17.85
C PHE H 233 41.31 -22.64 -17.98
N LEU H 234 41.27 -23.79 -17.33
CA LEU H 234 40.10 -24.64 -17.35
C LEU H 234 39.56 -24.86 -15.95
N ALA H 235 38.53 -24.09 -15.60
CA ALA H 235 37.78 -24.33 -14.38
C ALA H 235 36.98 -25.61 -14.55
N VAL H 236 36.79 -26.33 -13.44
CA VAL H 236 35.95 -27.53 -13.41
C VAL H 236 34.96 -27.41 -12.26
N ASP H 237 33.73 -27.00 -12.56
CA ASP H 237 32.71 -26.73 -11.54
C ASP H 237 31.34 -27.19 -12.04
N CYS H 238 30.41 -27.42 -11.12
CA CYS H 238 29.04 -27.70 -11.54
C CYS H 238 28.12 -26.51 -11.29
N SER H 239 27.04 -26.43 -12.07
CA SER H 239 26.12 -25.29 -12.04
C SER H 239 24.66 -25.73 -11.87
N PRO H 240 23.77 -24.80 -11.46
CA PRO H 240 22.36 -25.19 -11.29
C PRO H 240 21.74 -25.80 -12.54
N ALA H 241 20.89 -26.80 -12.34
CA ALA H 241 20.02 -27.29 -13.41
C ALA H 241 18.63 -26.67 -13.21
N GLY H 242 18.08 -26.12 -14.28
CA GLY H 242 16.76 -25.53 -14.22
C GLY H 242 15.69 -26.40 -14.85
N ASP H 243 16.08 -27.57 -15.34
CA ASP H 243 15.18 -28.43 -16.12
C ASP H 243 13.85 -28.65 -15.42
N VAL H 244 13.91 -28.80 -14.11
CA VAL H 244 12.75 -29.17 -13.32
C VAL H 244 11.87 -27.94 -13.03
N TYR H 245 12.48 -26.76 -13.11
CA TYR H 245 11.77 -25.49 -12.93
C TYR H 245 11.47 -24.80 -14.26
N GLY H 246 11.66 -25.52 -15.38
CA GLY H 246 11.42 -24.96 -16.71
C GLY H 246 12.56 -24.13 -17.28
N GLY H 247 13.54 -23.81 -16.44
CA GLY H 247 14.77 -23.12 -16.89
C GLY H 247 15.68 -24.04 -17.70
N GLN H 248 16.83 -23.51 -18.10
CA GLN H 248 17.75 -24.30 -18.92
C GLN H 248 18.78 -25.04 -18.07
N GLY H 249 19.33 -26.12 -18.63
CA GLY H 249 20.26 -26.97 -17.92
C GLY H 249 19.53 -28.23 -17.49
N LYS H 250 19.80 -29.31 -18.23
CA LYS H 250 19.05 -30.54 -18.07
C LYS H 250 19.96 -31.68 -17.61
N ILE H 251 19.75 -32.10 -16.37
CA ILE H 251 20.37 -33.31 -15.84
C ILE H 251 20.31 -34.43 -16.87
N GLY H 252 21.47 -34.99 -17.21
CA GLY H 252 21.58 -36.13 -18.14
C GLY H 252 21.82 -35.77 -19.60
N ASP H 253 21.87 -34.49 -19.91
CA ASP H 253 22.13 -34.04 -21.28
C ASP H 253 23.60 -33.68 -21.51
N GLY H 254 24.48 -34.18 -20.65
CA GLY H 254 25.92 -34.01 -20.82
C GLY H 254 26.55 -32.76 -20.20
N THR H 255 27.81 -32.54 -20.57
CA THR H 255 28.62 -31.44 -20.05
C THR H 255 28.17 -30.08 -20.62
N LEU H 256 28.51 -29.01 -19.93
CA LEU H 256 28.01 -27.67 -20.26
C LEU H 256 28.95 -26.86 -21.17
N ILE H 257 28.39 -26.29 -22.24
CA ILE H 257 29.11 -25.28 -23.00
C ILE H 257 28.68 -23.92 -22.46
N ARG H 258 29.49 -23.40 -21.54
CA ARG H 258 29.19 -22.15 -20.85
C ARG H 258 29.72 -20.99 -21.68
N PHE H 259 28.82 -20.42 -22.50
CA PHE H 259 29.17 -19.31 -23.36
C PHE H 259 29.10 -17.97 -22.63
N TYR H 260 28.33 -17.94 -21.54
CA TYR H 260 28.09 -16.71 -20.81
C TYR H 260 27.83 -16.93 -19.33
N ASP H 261 28.35 -16.00 -18.53
CA ASP H 261 27.85 -15.72 -17.19
C ASP H 261 28.16 -14.25 -16.84
N PRO H 262 27.59 -13.73 -15.73
CA PRO H 262 27.83 -12.32 -15.37
C PRO H 262 29.30 -11.96 -15.18
N GLY H 263 30.13 -12.95 -14.92
CA GLY H 263 31.54 -12.70 -14.62
C GLY H 263 32.52 -12.98 -15.75
N HIS H 264 32.07 -13.66 -16.80
CA HIS H 264 32.97 -14.16 -17.82
C HIS H 264 32.30 -14.48 -19.17
N LEU H 265 32.93 -14.02 -20.25
CA LEU H 265 32.49 -14.31 -21.63
C LEU H 265 33.42 -15.30 -22.33
N LEU H 266 32.84 -16.37 -22.87
CA LEU H 266 33.58 -17.39 -23.62
C LEU H 266 34.06 -16.85 -24.96
N LEU H 267 35.37 -16.67 -25.09
CA LEU H 267 35.98 -16.08 -26.29
C LEU H 267 35.92 -17.03 -27.50
N PRO H 268 35.78 -16.48 -28.73
CA PRO H 268 35.58 -17.28 -29.95
C PRO H 268 36.65 -18.36 -30.17
N GLY H 269 37.92 -17.99 -29.97
CA GLY H 269 39.03 -18.93 -30.02
C GLY H 269 38.77 -20.16 -29.15
N MET H 270 38.42 -19.91 -27.88
CA MET H 270 38.13 -20.99 -26.93
C MET H 270 36.89 -21.80 -27.32
N LYS H 271 35.86 -21.11 -27.80
CA LYS H 271 34.64 -21.77 -28.25
C LYS H 271 34.94 -22.78 -29.38
N ASP H 272 35.69 -22.34 -30.38
CA ASP H 272 36.07 -23.22 -31.49
C ASP H 272 36.79 -24.45 -30.97
N PHE H 273 37.71 -24.25 -30.03
CA PHE H 273 38.46 -25.36 -29.45
C PHE H 273 37.58 -26.29 -28.62
N LEU H 274 36.65 -25.70 -27.86
CA LEU H 274 35.68 -26.50 -27.12
C LEU H 274 34.82 -27.32 -28.08
N LEU H 275 34.17 -26.64 -29.02
CA LEU H 275 33.23 -27.31 -29.94
C LEU H 275 33.90 -28.39 -30.80
N THR H 276 35.04 -28.05 -31.43
CA THR H 276 35.82 -28.99 -32.22
C THR H 276 36.18 -30.26 -31.46
N THR H 277 36.77 -30.09 -30.27
CA THR H 277 37.21 -31.22 -29.45
C THR H 277 36.03 -32.15 -29.13
N ALA H 278 34.91 -31.54 -28.71
CA ALA H 278 33.67 -32.25 -28.37
C ALA H 278 33.14 -33.15 -29.49
N GLU H 279 33.17 -32.67 -30.73
CA GLU H 279 32.77 -33.49 -31.86
C GLU H 279 33.75 -34.64 -32.10
N GLU H 280 35.04 -34.32 -32.13
CA GLU H 280 36.10 -35.31 -32.30
C GLU H 280 35.98 -36.46 -31.29
N ALA H 281 35.78 -36.13 -30.02
CA ALA H 281 35.76 -37.15 -28.97
C ALA H 281 34.38 -37.72 -28.70
N GLY H 282 33.40 -37.34 -29.52
CA GLY H 282 32.03 -37.84 -29.39
C GLY H 282 31.42 -37.56 -28.03
N ILE H 283 31.46 -36.30 -27.63
CA ILE H 283 31.02 -35.86 -26.31
C ILE H 283 29.59 -35.33 -26.36
N LYS H 284 28.76 -35.80 -25.43
CA LYS H 284 27.41 -35.29 -25.27
C LYS H 284 27.47 -33.97 -24.49
N TYR H 285 26.88 -32.92 -25.05
CA TYR H 285 26.93 -31.61 -24.44
C TYR H 285 25.69 -30.78 -24.76
N GLN H 286 25.37 -29.86 -23.86
CA GLN H 286 24.24 -28.95 -23.98
C GLN H 286 24.75 -27.52 -23.84
N TYR H 287 24.14 -26.60 -24.58
CA TYR H 287 24.46 -25.18 -24.41
C TYR H 287 23.96 -24.68 -23.07
N TYR H 288 24.62 -23.67 -22.51
CA TYR H 288 24.33 -23.25 -21.15
C TYR H 288 24.72 -21.80 -20.83
N CYS H 289 23.70 -20.96 -20.64
CA CYS H 289 23.86 -19.59 -20.17
C CYS H 289 23.85 -19.60 -18.64
N GLY H 290 24.90 -19.10 -18.02
CA GLY H 290 25.00 -19.13 -16.56
C GLY H 290 24.51 -17.86 -15.86
N LYS H 291 23.83 -18.04 -14.74
CA LYS H 291 23.41 -16.91 -13.93
C LYS H 291 24.40 -16.56 -12.81
N GLY H 292 25.21 -17.52 -12.39
CA GLY H 292 26.23 -17.29 -11.36
C GLY H 292 27.64 -17.39 -11.93
N GLY H 293 28.63 -17.02 -11.12
CA GLY H 293 30.04 -17.08 -11.51
C GLY H 293 30.75 -18.43 -11.31
N THR H 294 31.94 -18.53 -11.88
CA THR H 294 32.86 -19.66 -11.63
C THR H 294 34.28 -19.10 -11.47
N ASP H 295 35.20 -19.94 -11.01
CA ASP H 295 36.60 -19.53 -10.84
C ASP H 295 37.17 -18.83 -12.09
N ALA H 296 36.63 -19.15 -13.26
CA ALA H 296 37.01 -18.52 -14.53
C ALA H 296 36.81 -17.00 -14.52
N GLY H 297 35.76 -16.54 -13.86
CA GLY H 297 35.45 -15.11 -13.78
C GLY H 297 36.60 -14.30 -13.21
N ALA H 298 37.27 -14.86 -12.19
CA ALA H 298 38.40 -14.20 -11.57
C ALA H 298 39.73 -14.48 -12.31
N ALA H 299 39.95 -15.76 -12.62
CA ALA H 299 41.21 -16.25 -13.21
C ALA H 299 41.59 -15.61 -14.55
N HIS H 300 40.61 -15.42 -15.42
CA HIS H 300 40.88 -14.88 -16.76
C HIS H 300 41.40 -13.44 -16.74
N LEU H 301 41.25 -12.76 -15.60
CA LEU H 301 41.65 -11.36 -15.45
C LEU H 301 43.00 -11.18 -14.76
N LYS H 302 43.64 -12.30 -14.45
CA LYS H 302 44.92 -12.28 -13.76
C LYS H 302 46.05 -12.15 -14.78
N ASN H 303 47.25 -11.81 -14.30
CA ASN H 303 48.44 -11.64 -15.15
C ASN H 303 48.17 -10.76 -16.37
N GLY H 304 48.65 -11.20 -17.53
CA GLY H 304 48.43 -10.48 -18.78
C GLY H 304 47.11 -10.87 -19.41
N GLY H 305 46.38 -11.75 -18.74
CA GLY H 305 45.12 -12.27 -19.26
C GLY H 305 45.24 -13.73 -19.63
N VAL H 306 44.20 -14.50 -19.31
CA VAL H 306 44.21 -15.96 -19.47
C VAL H 306 42.85 -16.48 -19.99
N PRO H 307 42.76 -16.78 -21.29
CA PRO H 307 41.52 -17.35 -21.85
C PRO H 307 41.03 -18.56 -21.05
N SER H 308 39.73 -18.59 -20.75
CA SER H 308 39.17 -19.58 -19.81
C SER H 308 37.81 -20.17 -20.21
N THR H 309 37.47 -21.31 -19.61
CA THR H 309 36.08 -21.78 -19.49
C THR H 309 35.88 -22.61 -18.25
N THR H 310 34.70 -23.22 -18.15
CA THR H 310 34.43 -24.14 -17.08
C THR H 310 33.88 -25.43 -17.68
N ILE H 311 34.64 -26.51 -17.51
CA ILE H 311 34.19 -27.82 -17.91
C ILE H 311 33.17 -28.28 -16.86
N GLY H 312 31.90 -28.08 -17.21
CA GLY H 312 30.83 -28.20 -16.25
C GLY H 312 29.82 -29.30 -16.44
N VAL H 313 29.17 -29.62 -15.32
CA VAL H 313 28.04 -30.54 -15.26
C VAL H 313 26.92 -29.75 -14.58
N CYS H 314 25.66 -29.95 -14.97
CA CYS H 314 24.59 -29.33 -14.19
C CYS H 314 24.02 -30.31 -13.17
N ALA H 315 23.49 -29.76 -12.07
CA ALA H 315 22.90 -30.57 -11.00
C ALA H 315 21.71 -29.81 -10.38
N ARG H 316 20.70 -30.57 -9.95
CA ARG H 316 19.52 -29.96 -9.34
C ARG H 316 19.79 -29.62 -7.88
N TYR H 317 19.35 -28.43 -7.47
CA TYR H 317 19.34 -27.97 -6.06
C TYR H 317 20.74 -27.87 -5.45
N ILE H 318 21.63 -27.22 -6.19
CA ILE H 318 22.96 -26.83 -5.72
C ILE H 318 22.86 -25.97 -4.45
N HIS H 319 23.89 -26.02 -3.60
CA HIS H 319 23.94 -25.23 -2.35
C HIS H 319 22.85 -25.61 -1.36
N SER H 320 22.63 -26.92 -1.24
CA SER H 320 21.68 -27.44 -0.29
C SER H 320 22.21 -28.77 0.23
N HIS H 321 21.43 -29.39 1.13
CA HIS H 321 21.77 -30.70 1.65
C HIS H 321 21.40 -31.82 0.66
N GLN H 322 20.64 -31.46 -0.38
CA GLN H 322 19.99 -32.45 -1.25
C GLN H 322 20.15 -32.15 -2.72
N THR H 323 21.37 -32.28 -3.23
CA THR H 323 21.63 -32.05 -4.64
C THR H 323 21.46 -33.37 -5.37
N LEU H 324 20.89 -33.31 -6.56
CA LEU H 324 20.59 -34.51 -7.36
C LEU H 324 21.22 -34.36 -8.74
N TYR H 325 21.93 -35.40 -9.18
CA TYR H 325 22.73 -35.33 -10.39
C TYR H 325 22.96 -36.68 -11.04
N ALA H 326 23.30 -36.65 -12.34
CA ALA H 326 23.50 -37.86 -13.14
C ALA H 326 24.95 -38.27 -13.18
N MET H 327 25.20 -39.57 -12.99
CA MET H 327 26.56 -40.11 -13.07
C MET H 327 27.09 -40.00 -14.48
N ASP H 328 26.22 -40.27 -15.45
CA ASP H 328 26.54 -40.19 -16.87
C ASP H 328 27.19 -38.86 -17.24
N ASP H 329 26.60 -37.77 -16.77
CA ASP H 329 27.13 -36.41 -16.96
C ASP H 329 28.59 -36.31 -16.50
N PHE H 330 28.91 -36.94 -15.38
CA PHE H 330 30.28 -36.95 -14.90
C PHE H 330 31.17 -37.62 -15.95
N LEU H 331 30.78 -38.82 -16.39
CA LEU H 331 31.53 -39.54 -17.42
C LEU H 331 31.75 -38.67 -18.66
N GLU H 332 30.68 -38.02 -19.12
CA GLU H 332 30.78 -37.11 -20.27
C GLU H 332 31.80 -35.99 -20.06
N ALA H 333 31.69 -35.28 -18.94
CA ALA H 333 32.61 -34.17 -18.63
C ALA H 333 34.04 -34.67 -18.47
N GLN H 334 34.20 -35.88 -17.93
CA GLN H 334 35.52 -36.47 -17.75
C GLN H 334 36.21 -36.73 -19.09
N ALA H 335 35.50 -37.42 -19.99
CA ALA H 335 36.03 -37.67 -21.33
C ALA H 335 36.36 -36.35 -22.02
N PHE H 336 35.53 -35.34 -21.78
CA PHE H 336 35.71 -34.01 -22.35
C PHE H 336 36.97 -33.34 -21.81
N LEU H 337 37.19 -33.43 -20.50
CA LEU H 337 38.37 -32.83 -19.87
C LEU H 337 39.63 -33.47 -20.43
N GLN H 338 39.62 -34.81 -20.49
CA GLN H 338 40.77 -35.58 -20.94
C GLN H 338 41.18 -35.16 -22.35
N ALA H 339 40.23 -35.25 -23.29
CA ALA H 339 40.49 -34.87 -24.67
C ALA H 339 40.99 -33.43 -24.77
N LEU H 340 40.41 -32.54 -23.98
CA LEU H 340 40.79 -31.13 -24.03
C LEU H 340 42.26 -30.90 -23.67
N VAL H 341 42.72 -31.46 -22.54
CA VAL H 341 44.10 -31.23 -22.11
C VAL H 341 45.11 -32.02 -22.96
N LYS H 342 44.64 -33.13 -23.54
CA LYS H 342 45.45 -33.89 -24.49
C LYS H 342 45.71 -33.07 -25.76
N LYS H 343 44.69 -32.36 -26.22
CA LYS H 343 44.77 -31.62 -27.48
C LYS H 343 45.37 -30.22 -27.31
N LEU H 344 45.59 -29.82 -26.06
CA LEU H 344 46.16 -28.52 -25.76
C LEU H 344 47.69 -28.53 -25.89
N ASP H 345 48.18 -27.80 -26.90
CA ASP H 345 49.61 -27.61 -27.14
C ASP H 345 49.88 -26.24 -27.75
N ARG H 346 51.16 -25.98 -28.08
CA ARG H 346 51.56 -24.70 -28.66
C ARG H 346 50.68 -24.29 -29.86
N SER H 347 50.43 -25.21 -30.79
CA SER H 347 49.53 -24.95 -31.92
C SER H 347 48.17 -24.43 -31.46
N THR H 348 47.50 -25.25 -30.65
CA THR H 348 46.11 -25.01 -30.27
C THR H 348 45.87 -23.85 -29.30
N VAL H 349 46.81 -23.57 -28.39
CA VAL H 349 46.65 -22.39 -27.52
C VAL H 349 47.03 -21.10 -28.27
N ASP H 350 47.85 -21.23 -29.30
CA ASP H 350 48.14 -20.10 -30.18
C ASP H 350 46.92 -19.77 -31.02
N LEU H 351 46.26 -20.82 -31.52
CA LEU H 351 45.01 -20.66 -32.25
C LEU H 351 43.95 -19.99 -31.35
N ILE H 352 43.74 -20.55 -30.16
CA ILE H 352 42.82 -19.97 -29.18
C ILE H 352 43.12 -18.47 -28.99
N LYS H 353 44.40 -18.13 -28.90
CA LYS H 353 44.82 -16.73 -28.73
C LYS H 353 45.18 -16.06 -30.05
N HIS H 354 44.57 -16.51 -31.15
CA HIS H 354 44.82 -15.87 -32.43
C HIS H 354 44.12 -14.51 -32.52
N TYR H 355 44.89 -13.45 -32.27
CA TYR H 355 44.39 -12.08 -32.29
C TYR H 355 44.94 -11.29 -33.49
N THR I 4 11.28 -8.12 -56.81
CA THR I 4 10.53 -6.94 -57.32
C THR I 4 9.28 -6.59 -56.49
N LEU I 5 8.67 -7.58 -55.84
CA LEU I 5 7.62 -7.30 -54.86
C LEU I 5 8.23 -6.50 -53.72
N PHE I 6 9.42 -6.94 -53.29
CA PHE I 6 10.17 -6.24 -52.25
C PHE I 6 10.46 -4.79 -52.61
N SER I 7 10.85 -4.54 -53.86
CA SER I 7 11.15 -3.16 -54.28
C SER I 7 9.89 -2.29 -54.21
N LYS I 8 8.76 -2.86 -54.61
CA LYS I 8 7.47 -2.19 -54.52
C LYS I 8 7.16 -1.80 -53.07
N ILE I 9 7.37 -2.75 -52.16
CA ILE I 9 7.13 -2.56 -50.72
C ILE I 9 8.13 -1.57 -50.11
N LYS I 10 9.39 -1.70 -50.48
CA LYS I 10 10.44 -0.76 -50.04
C LYS I 10 10.09 0.69 -50.38
N GLU I 11 9.58 0.91 -51.58
CA GLU I 11 9.19 2.23 -52.04
C GLU I 11 8.13 2.85 -51.13
N VAL I 12 6.99 2.19 -51.00
CA VAL I 12 5.85 2.71 -50.22
C VAL I 12 6.16 2.88 -48.73
N THR I 13 6.86 1.92 -48.15
CA THR I 13 7.18 1.96 -46.72
C THR I 13 8.16 3.07 -46.34
N GLU I 14 8.93 3.56 -47.31
CA GLU I 14 9.91 4.61 -47.02
C GLU I 14 9.40 6.05 -47.30
N LEU I 15 8.18 6.14 -47.82
CA LEU I 15 7.51 7.43 -47.96
C LEU I 15 7.15 7.99 -46.58
N ALA I 16 7.27 9.31 -46.44
CA ALA I 16 7.10 9.96 -45.14
C ALA I 16 5.78 10.73 -45.04
N ALA I 17 4.73 10.03 -44.62
CA ALA I 17 3.42 10.67 -44.45
C ALA I 17 2.75 10.38 -43.11
N VAL I 18 2.84 11.35 -42.21
CA VAL I 18 2.09 11.34 -40.95
C VAL I 18 0.67 11.90 -41.21
N SER I 19 -0.29 11.48 -40.39
CA SER I 19 -1.69 11.92 -40.48
C SER I 19 -1.83 13.41 -40.69
N GLY I 20 -2.72 13.78 -41.61
CA GLY I 20 -2.90 15.18 -41.95
C GLY I 20 -1.87 15.73 -42.93
N HIS I 21 -0.84 14.94 -43.20
CA HIS I 21 0.28 15.36 -44.03
C HIS I 21 0.69 14.26 -45.02
N GLU I 22 -0.28 13.75 -45.78
CA GLU I 22 -0.02 12.61 -46.67
C GLU I 22 0.18 12.94 -48.15
N ALA I 23 0.40 14.22 -48.44
CA ALA I 23 0.71 14.67 -49.80
C ALA I 23 1.67 13.73 -50.56
N PRO I 24 2.84 13.37 -49.97
CA PRO I 24 3.80 12.50 -50.66
C PRO I 24 3.19 11.17 -51.09
N VAL I 25 2.36 10.59 -50.22
CA VAL I 25 1.70 9.32 -50.52
C VAL I 25 0.51 9.51 -51.47
N ARG I 26 -0.18 10.65 -51.36
CA ARG I 26 -1.22 10.99 -52.32
C ARG I 26 -0.63 11.08 -53.73
N ALA I 27 0.52 11.75 -53.83
CA ALA I 27 1.28 11.83 -55.09
C ALA I 27 1.56 10.46 -55.69
N TYR I 28 1.99 9.52 -54.86
CA TYR I 28 2.29 8.17 -55.31
C TYR I 28 1.06 7.50 -55.91
N LEU I 29 -0.07 7.53 -55.20
CA LEU I 29 -1.30 6.88 -55.69
C LEU I 29 -1.87 7.52 -56.94
N ARG I 30 -1.83 8.85 -57.00
CA ARG I 30 -2.22 9.58 -58.21
C ARG I 30 -1.48 9.01 -59.43
N GLU I 31 -0.18 8.79 -59.30
CA GLU I 31 0.61 8.18 -60.37
C GLU I 31 0.12 6.77 -60.75
N LYS I 32 -0.08 5.91 -59.75
CA LYS I 32 -0.42 4.51 -60.02
C LYS I 32 -1.92 4.24 -60.28
N LEU I 33 -2.77 5.19 -59.92
CA LEU I 33 -4.22 5.10 -60.16
C LEU I 33 -4.67 5.65 -61.51
N THR I 34 -4.24 6.86 -61.85
CA THR I 34 -4.74 7.59 -63.03
C THR I 34 -4.78 6.82 -64.35
N PRO I 35 -3.73 6.03 -64.66
CA PRO I 35 -3.79 5.38 -65.97
C PRO I 35 -4.63 4.09 -66.00
N HIS I 36 -5.27 3.72 -64.90
CA HIS I 36 -6.03 2.47 -64.83
C HIS I 36 -7.50 2.66 -64.46
N VAL I 37 -7.90 3.92 -64.42
CA VAL I 37 -9.19 4.31 -63.88
C VAL I 37 -9.81 5.44 -64.71
N ASP I 38 -11.14 5.50 -64.72
CA ASP I 38 -11.88 6.47 -65.53
C ASP I 38 -11.80 7.91 -65.04
N GLU I 39 -11.56 8.10 -63.74
CA GLU I 39 -11.62 9.41 -63.12
C GLU I 39 -10.87 9.38 -61.79
N VAL I 40 -10.25 10.50 -61.41
CA VAL I 40 -9.54 10.59 -60.14
C VAL I 40 -10.13 11.73 -59.30
N VAL I 41 -10.76 11.37 -58.19
CA VAL I 41 -11.43 12.36 -57.34
C VAL I 41 -10.83 12.44 -55.93
N THR I 42 -11.06 13.58 -55.30
CA THR I 42 -10.50 13.90 -54.02
C THR I 42 -11.65 14.25 -53.05
N ASP I 43 -11.54 13.83 -51.79
CA ASP I 43 -12.52 14.23 -50.77
C ASP I 43 -12.10 15.54 -50.12
N GLY I 44 -12.90 16.03 -49.18
CA GLY I 44 -12.63 17.33 -48.54
C GLY I 44 -11.33 17.42 -47.75
N LEU I 45 -10.87 16.26 -47.27
CA LEU I 45 -9.74 16.20 -46.34
C LEU I 45 -8.44 15.68 -46.97
N GLY I 46 -8.49 15.33 -48.25
CA GLY I 46 -7.30 14.88 -48.98
C GLY I 46 -7.15 13.41 -49.32
N GLY I 47 -8.24 12.65 -49.22
CA GLY I 47 -8.25 11.27 -49.71
C GLY I 47 -8.41 11.25 -51.23
N ILE I 48 -7.68 10.35 -51.90
CA ILE I 48 -7.79 10.19 -53.37
C ILE I 48 -8.41 8.85 -53.67
N PHE I 49 -9.27 8.83 -54.68
CA PHE I 49 -9.89 7.59 -55.13
C PHE I 49 -10.05 7.56 -56.64
N GLY I 50 -9.72 6.42 -57.23
CA GLY I 50 -9.95 6.18 -58.64
C GLY I 50 -11.34 5.59 -58.83
N ILE I 51 -12.11 6.16 -59.76
CA ILE I 51 -13.43 5.65 -60.09
C ILE I 51 -13.39 4.82 -61.35
N LYS I 52 -13.98 3.63 -61.28
CA LYS I 52 -14.08 2.74 -62.43
C LYS I 52 -15.56 2.50 -62.75
N HIS I 53 -16.07 3.20 -63.76
CA HIS I 53 -17.49 3.10 -64.15
C HIS I 53 -17.84 1.71 -64.69
N SER I 54 -19.05 1.28 -64.38
CA SER I 54 -19.54 -0.02 -64.81
C SER I 54 -20.58 0.15 -65.92
N GLU I 55 -20.79 -0.92 -66.69
CA GLU I 55 -21.75 -0.89 -67.80
C GLU I 55 -23.13 -1.40 -67.40
N ALA I 56 -23.25 -1.98 -66.21
CA ALA I 56 -24.54 -2.41 -65.71
C ALA I 56 -25.34 -1.21 -65.18
N VAL I 57 -26.63 -1.11 -65.54
CA VAL I 57 -27.45 0.05 -65.13
C VAL I 57 -27.59 0.13 -63.62
N ASP I 58 -27.81 -1.00 -62.96
CA ASP I 58 -27.97 -0.97 -61.52
C ASP I 58 -26.72 -1.44 -60.77
N ALA I 59 -25.55 -1.17 -61.34
CA ALA I 59 -24.29 -1.56 -60.72
C ALA I 59 -24.14 -0.87 -59.37
N PRO I 60 -23.96 -1.66 -58.30
CA PRO I 60 -23.82 -1.11 -56.96
C PRO I 60 -22.47 -0.41 -56.76
N ARG I 61 -22.50 0.74 -56.09
CA ARG I 61 -21.28 1.47 -55.76
C ARG I 61 -20.49 0.71 -54.71
N VAL I 62 -19.25 0.39 -55.02
CA VAL I 62 -18.36 -0.27 -54.08
C VAL I 62 -17.17 0.63 -53.78
N LEU I 63 -16.88 0.84 -52.50
CA LEU I 63 -15.73 1.62 -52.07
C LEU I 63 -14.67 0.71 -51.47
N VAL I 64 -13.48 0.77 -52.05
CA VAL I 64 -12.32 0.06 -51.52
C VAL I 64 -11.33 1.12 -51.07
N ALA I 65 -10.90 1.04 -49.81
CA ALA I 65 -10.03 2.06 -49.26
C ALA I 65 -9.06 1.52 -48.22
N SER I 66 -7.80 1.94 -48.38
CA SER I 66 -6.78 1.81 -47.38
C SER I 66 -6.65 3.18 -46.73
N HIS I 67 -5.51 3.43 -46.08
CA HIS I 67 -5.21 4.77 -45.62
C HIS I 67 -3.74 5.11 -45.77
N MET I 68 -3.49 6.38 -46.09
CA MET I 68 -2.18 6.85 -46.51
C MET I 68 -1.26 7.16 -45.34
N ASP I 69 -1.83 7.65 -44.23
CA ASP I 69 -1.06 8.12 -43.08
C ASP I 69 -0.43 6.98 -42.29
N GLU I 70 0.68 7.31 -41.62
CA GLU I 70 1.39 6.41 -40.71
C GLU I 70 1.54 7.07 -39.33
N VAL I 71 1.94 6.28 -38.34
CA VAL I 71 2.18 6.84 -37.02
C VAL I 71 3.46 7.68 -36.97
N GLY I 72 3.44 8.71 -36.11
CA GLY I 72 4.57 9.62 -35.96
C GLY I 72 4.34 10.59 -34.82
N PHE I 73 5.07 11.69 -34.84
CA PHE I 73 4.97 12.71 -33.80
C PHE I 73 4.83 14.10 -34.39
N MET I 74 4.47 15.07 -33.54
CA MET I 74 4.39 16.47 -33.93
C MET I 74 4.99 17.35 -32.85
N VAL I 75 5.76 18.36 -33.25
CA VAL I 75 6.38 19.29 -32.31
C VAL I 75 5.29 20.14 -31.63
N SER I 76 5.21 20.05 -30.31
CA SER I 76 4.30 20.90 -29.53
C SER I 76 4.98 22.20 -29.07
N GLU I 77 6.28 22.13 -28.81
CA GLU I 77 7.06 23.33 -28.49
C GLU I 77 8.56 23.17 -28.76
N ILE I 78 9.24 24.29 -28.98
CA ILE I 78 10.69 24.28 -29.03
C ILE I 78 11.18 24.86 -27.70
N LYS I 79 11.99 24.08 -27.00
CA LYS I 79 12.57 24.47 -25.71
C LYS I 79 13.70 25.50 -25.93
N PRO I 80 14.01 26.33 -24.90
CA PRO I 80 15.08 27.30 -25.12
C PRO I 80 16.43 26.66 -25.43
N ASP I 81 16.63 25.41 -25.02
CA ASP I 81 17.90 24.71 -25.23
C ASP I 81 18.03 24.05 -26.61
N GLY I 82 17.03 24.31 -27.47
CA GLY I 82 17.00 23.80 -28.84
C GLY I 82 16.30 22.46 -29.05
N THR I 83 15.96 21.79 -27.95
CA THR I 83 15.24 20.51 -28.06
C THR I 83 13.76 20.72 -28.30
N PHE I 84 13.08 19.63 -28.60
CA PHE I 84 11.64 19.65 -28.83
C PHE I 84 10.93 18.71 -27.87
N ARG I 85 9.75 19.11 -27.44
CA ARG I 85 8.80 18.19 -26.83
C ARG I 85 7.71 17.97 -27.87
N VAL I 86 7.11 16.79 -27.83
CA VAL I 86 6.14 16.41 -28.86
C VAL I 86 4.78 15.99 -28.31
N VAL I 87 3.85 15.76 -29.22
CA VAL I 87 2.61 15.09 -28.93
C VAL I 87 2.52 13.92 -29.92
N GLU I 88 1.86 12.82 -29.55
CA GLU I 88 1.81 11.65 -30.44
C GLU I 88 0.75 11.83 -31.54
N ILE I 89 1.08 11.36 -32.73
CA ILE I 89 0.12 11.30 -33.83
C ILE I 89 -0.06 9.83 -34.20
N GLY I 90 -1.21 9.29 -33.78
CA GLY I 90 -1.42 7.86 -33.73
C GLY I 90 -0.94 7.35 -32.39
N GLY I 91 -1.32 6.12 -32.06
CA GLY I 91 -1.01 5.54 -30.75
C GLY I 91 0.32 4.81 -30.69
N TRP I 92 1.25 5.35 -29.91
CA TRP I 92 2.51 4.70 -29.64
C TRP I 92 2.54 4.14 -28.21
N ASN I 93 3.09 2.93 -28.08
CA ASN I 93 3.50 2.37 -26.80
C ASN I 93 4.76 3.11 -26.36
N PRO I 94 4.78 3.67 -25.13
CA PRO I 94 5.94 4.44 -24.67
C PRO I 94 7.24 3.62 -24.62
N MET I 95 7.09 2.31 -24.50
CA MET I 95 8.21 1.39 -24.43
C MET I 95 9.14 1.44 -25.65
N VAL I 96 8.59 1.82 -26.81
CA VAL I 96 9.32 1.76 -28.08
C VAL I 96 9.77 3.11 -28.60
N VAL I 97 9.36 4.18 -27.92
CA VAL I 97 9.58 5.54 -28.43
C VAL I 97 11.01 6.02 -28.24
N SER I 98 11.67 5.54 -27.20
CA SER I 98 12.92 6.13 -26.73
C SER I 98 14.01 6.38 -27.78
N SER I 99 15.02 5.53 -27.88
CA SER I 99 16.15 5.94 -28.70
C SER I 99 15.94 5.62 -30.17
N GLN I 100 15.05 6.40 -30.80
CA GLN I 100 14.65 6.17 -32.18
C GLN I 100 15.01 7.34 -33.09
N ARG I 101 15.23 7.03 -34.37
CA ARG I 101 15.59 8.02 -35.38
C ARG I 101 14.34 8.46 -36.14
N PHE I 102 14.26 9.76 -36.40
CA PHE I 102 13.13 10.32 -37.11
C PHE I 102 13.56 11.30 -38.20
N LYS I 103 12.58 11.80 -38.93
CA LYS I 103 12.78 12.85 -39.92
C LYS I 103 11.76 13.97 -39.65
N LEU I 104 12.24 15.14 -39.28
CA LEU I 104 11.36 16.28 -39.01
C LEU I 104 11.09 17.09 -40.29
N LEU I 105 9.84 17.10 -40.73
CA LEU I 105 9.47 17.78 -41.97
C LEU I 105 9.05 19.21 -41.72
N THR I 106 9.81 20.13 -42.28
CA THR I 106 9.60 21.55 -42.04
C THR I 106 8.63 22.12 -43.09
N ARG I 107 7.99 23.23 -42.77
CA ARG I 107 7.09 23.88 -43.73
C ARG I 107 7.81 24.48 -44.93
N ASP I 108 9.01 25.05 -44.71
CA ASP I 108 9.77 25.69 -45.79
C ASP I 108 10.46 24.67 -46.72
N GLY I 109 10.31 23.38 -46.42
CA GLY I 109 10.78 22.30 -47.31
C GLY I 109 11.83 21.35 -46.78
N HIS I 110 12.63 21.79 -45.81
CA HIS I 110 13.76 20.99 -45.30
C HIS I 110 13.37 19.68 -44.60
N GLU I 111 14.27 18.72 -44.65
CA GLU I 111 14.13 17.47 -43.95
C GLU I 111 15.29 17.36 -42.96
N ILE I 112 14.99 17.62 -41.69
CA ILE I 112 16.00 17.67 -40.63
C ILE I 112 15.98 16.41 -39.76
N PRO I 113 17.17 15.80 -39.51
CA PRO I 113 17.23 14.60 -38.69
C PRO I 113 17.00 14.89 -37.21
N VAL I 114 16.04 14.19 -36.62
CA VAL I 114 15.74 14.33 -35.20
C VAL I 114 15.68 12.95 -34.57
N ILE I 115 16.25 12.83 -33.38
CA ILE I 115 16.18 11.60 -32.59
C ILE I 115 15.50 11.84 -31.25
N SER I 116 14.94 10.78 -30.68
CA SER I 116 14.45 10.87 -29.31
C SER I 116 15.50 10.30 -28.37
N GLY I 117 15.67 10.95 -27.22
CA GLY I 117 16.61 10.49 -26.21
C GLY I 117 16.02 9.37 -25.38
N PRO I 133 7.48 6.51 -18.05
CA PRO I 133 7.88 7.45 -19.11
C PRO I 133 6.66 8.02 -19.84
N ALA I 134 6.54 9.35 -19.82
CA ALA I 134 5.42 10.03 -20.48
C ALA I 134 5.90 10.71 -21.76
N ILE I 135 5.20 10.44 -22.86
CA ILE I 135 5.58 10.92 -24.21
C ILE I 135 5.94 12.41 -24.26
N ALA I 136 5.13 13.24 -23.60
CA ALA I 136 5.38 14.68 -23.49
C ALA I 136 6.65 15.04 -22.69
N ASP I 137 7.18 14.07 -21.94
CA ASP I 137 8.42 14.28 -21.19
C ASP I 137 9.66 13.79 -21.95
N ILE I 138 9.47 13.09 -23.06
CA ILE I 138 10.61 12.57 -23.83
C ILE I 138 11.29 13.68 -24.64
N VAL I 139 12.61 13.73 -24.55
CA VAL I 139 13.40 14.72 -25.26
C VAL I 139 13.57 14.32 -26.71
N PHE I 140 13.15 15.20 -27.62
CA PHE I 140 13.39 15.03 -29.04
C PHE I 140 14.44 16.05 -29.47
N ASP I 141 15.47 15.57 -30.17
CA ASP I 141 16.70 16.35 -30.32
C ASP I 141 17.22 16.39 -31.75
N GLY I 142 17.50 17.59 -32.25
CA GLY I 142 18.05 17.80 -33.58
C GLY I 142 19.51 18.27 -33.57
N GLY I 143 20.13 18.25 -32.39
CA GLY I 143 21.50 18.71 -32.22
C GLY I 143 21.64 20.22 -32.33
N PHE I 144 20.63 20.95 -31.87
CA PHE I 144 20.63 22.41 -31.99
C PHE I 144 21.11 23.11 -30.73
N ALA I 145 21.78 24.24 -30.91
CA ALA I 145 22.35 25.02 -29.81
C ALA I 145 21.26 25.58 -28.90
N ASP I 146 20.22 26.14 -29.51
CA ASP I 146 19.11 26.76 -28.77
C ASP I 146 17.86 26.92 -29.64
N LYS I 147 16.78 27.43 -29.04
CA LYS I 147 15.52 27.68 -29.76
C LYS I 147 15.75 28.43 -31.08
N ALA I 148 16.48 29.55 -31.02
CA ALA I 148 16.81 30.35 -32.19
C ALA I 148 17.44 29.55 -33.34
N GLU I 149 18.37 28.65 -33.02
CA GLU I 149 19.02 27.89 -34.08
C GLU I 149 18.02 26.99 -34.76
N ALA I 150 17.19 26.32 -33.95
CA ALA I 150 16.15 25.45 -34.47
C ALA I 150 15.22 26.21 -35.43
N GLU I 151 14.78 27.38 -34.99
CA GLU I 151 13.95 28.25 -35.80
C GLU I 151 14.60 28.67 -37.12
N SER I 152 15.89 28.99 -37.08
CA SER I 152 16.64 29.35 -38.28
C SER I 152 16.59 28.27 -39.36
N PHE I 153 16.41 27.01 -38.95
CA PHE I 153 16.21 25.90 -39.89
C PHE I 153 14.74 25.67 -40.27
N GLY I 154 13.91 26.68 -40.01
CA GLY I 154 12.48 26.66 -40.40
C GLY I 154 11.54 25.89 -39.49
N ILE I 155 12.09 25.29 -38.43
CA ILE I 155 11.31 24.46 -37.53
C ILE I 155 10.36 25.31 -36.68
N ARG I 156 9.11 24.86 -36.61
CA ARG I 156 8.06 25.51 -35.85
C ARG I 156 7.23 24.46 -35.11
N PRO I 157 6.49 24.89 -34.07
CA PRO I 157 5.51 23.98 -33.50
C PRO I 157 4.57 23.55 -34.62
N GLY I 158 4.21 22.27 -34.63
CA GLY I 158 3.30 21.75 -35.63
C GLY I 158 4.01 20.87 -36.63
N ASP I 159 5.30 21.12 -36.82
CA ASP I 159 6.08 20.29 -37.72
C ASP I 159 5.92 18.80 -37.41
N THR I 160 5.78 18.03 -38.47
CA THR I 160 5.54 16.61 -38.40
C THR I 160 6.89 15.89 -38.21
N ILE I 161 6.88 14.79 -37.46
CA ILE I 161 8.10 14.02 -37.17
C ILE I 161 7.89 12.55 -37.55
N VAL I 162 8.58 12.11 -38.60
CA VAL I 162 8.31 10.80 -39.20
C VAL I 162 9.38 9.80 -38.84
N PRO I 163 8.99 8.60 -38.37
CA PRO I 163 9.98 7.55 -38.13
C PRO I 163 10.92 7.37 -39.34
N ASP I 164 12.20 7.18 -39.06
CA ASP I 164 13.21 7.00 -40.11
C ASP I 164 13.67 5.56 -40.06
N SER I 165 13.22 4.77 -41.04
CA SER I 165 13.41 3.33 -41.01
C SER I 165 13.35 2.75 -42.42
N SER I 166 14.40 2.02 -42.79
CA SER I 166 14.48 1.43 -44.12
C SER I 166 13.78 0.07 -44.16
N ALA I 167 13.45 -0.39 -45.36
CA ALA I 167 12.88 -1.73 -45.54
C ALA I 167 13.99 -2.72 -45.87
N ILE I 168 14.00 -3.84 -45.16
CA ILE I 168 14.97 -4.89 -45.45
C ILE I 168 14.35 -6.28 -45.41
N LEU I 169 14.87 -7.16 -46.26
CA LEU I 169 14.54 -8.58 -46.27
C LEU I 169 15.11 -9.24 -45.02
N THR I 170 14.45 -10.29 -44.55
CA THR I 170 14.99 -11.11 -43.47
C THR I 170 15.81 -12.25 -44.08
N ALA I 171 16.53 -13.00 -43.24
CA ALA I 171 17.46 -14.03 -43.72
C ALA I 171 16.86 -15.02 -44.73
N ASN I 172 15.69 -15.57 -44.41
CA ASN I 172 15.05 -16.56 -45.29
C ASN I 172 14.38 -15.93 -46.52
N GLU I 173 14.34 -14.60 -46.54
CA GLU I 173 13.83 -13.83 -47.69
C GLU I 173 12.34 -13.98 -47.95
N LYS I 174 11.62 -14.50 -46.95
CA LYS I 174 10.16 -14.65 -47.04
C LYS I 174 9.47 -13.51 -46.31
N ASN I 175 10.21 -12.85 -45.43
CA ASN I 175 9.65 -11.80 -44.57
C ASN I 175 10.38 -10.47 -44.70
N ILE I 176 9.66 -9.38 -44.43
CA ILE I 176 10.25 -8.03 -44.48
C ILE I 176 10.23 -7.38 -43.10
N ILE I 177 11.28 -6.61 -42.81
CA ILE I 177 11.30 -5.70 -41.68
C ILE I 177 11.30 -4.30 -42.24
N SER I 178 10.36 -3.46 -41.78
CA SER I 178 10.27 -2.06 -42.20
C SER I 178 9.38 -1.30 -41.23
N LYS I 179 9.18 -0.02 -41.52
CA LYS I 179 8.21 0.76 -40.78
C LYS I 179 6.92 0.79 -41.58
N ALA I 180 5.82 1.11 -40.88
CA ALA I 180 4.54 1.50 -41.47
C ALA I 180 3.93 0.55 -42.49
N TRP I 181 4.10 -0.75 -42.29
CA TRP I 181 3.34 -1.73 -43.07
C TRP I 181 1.87 -1.39 -42.89
N ASP I 182 1.45 -1.16 -41.64
CA ASP I 182 0.25 -0.39 -41.35
C ASP I 182 0.53 1.08 -41.67
N ASN I 183 -0.01 1.60 -42.77
CA ASN I 183 -0.81 0.83 -43.71
C ASN I 183 -0.32 1.00 -45.15
N ARG I 184 0.99 1.06 -45.33
CA ARG I 184 1.58 1.06 -46.68
C ARG I 184 1.35 -0.27 -47.39
N TYR I 185 0.97 -1.29 -46.62
CA TYR I 185 0.33 -2.49 -47.14
C TYR I 185 -0.87 -2.06 -47.96
N GLY I 186 -1.83 -1.40 -47.31
CA GLY I 186 -3.05 -0.95 -47.94
C GLY I 186 -2.79 -0.11 -49.17
N VAL I 187 -1.80 0.78 -49.11
CA VAL I 187 -1.48 1.65 -50.24
C VAL I 187 -1.04 0.85 -51.47
N LEU I 188 -0.20 -0.18 -51.26
CA LEU I 188 0.28 -1.01 -52.34
C LEU I 188 -0.83 -1.94 -52.81
N MET I 189 -1.59 -2.44 -51.85
CA MET I 189 -2.73 -3.31 -52.11
C MET I 189 -3.70 -2.65 -53.09
N VAL I 190 -3.98 -1.37 -52.86
CA VAL I 190 -4.86 -0.57 -53.71
C VAL I 190 -4.21 -0.31 -55.09
N SER I 191 -2.91 -0.07 -55.06
CA SER I 191 -2.16 0.21 -56.27
C SER I 191 -2.03 -1.00 -57.18
N GLU I 192 -1.84 -2.18 -56.60
CA GLU I 192 -1.79 -3.44 -57.35
C GLU I 192 -3.18 -3.81 -57.89
N LEU I 193 -4.22 -3.56 -57.10
CA LEU I 193 -5.60 -3.84 -57.52
C LEU I 193 -5.96 -3.04 -58.78
N ALA I 194 -5.53 -1.78 -58.82
CA ALA I 194 -5.83 -0.88 -59.93
C ALA I 194 -5.19 -1.38 -61.23
N GLU I 195 -3.94 -1.81 -61.14
CA GLU I 195 -3.19 -2.33 -62.27
C GLU I 195 -3.82 -3.60 -62.83
N ALA I 196 -4.21 -4.51 -61.94
CA ALA I 196 -4.72 -5.81 -62.35
C ALA I 196 -6.16 -5.76 -62.89
N LEU I 197 -6.90 -4.73 -62.51
CA LEU I 197 -8.29 -4.58 -62.94
C LEU I 197 -8.41 -3.73 -64.19
N SER I 198 -7.32 -3.02 -64.48
CA SER I 198 -7.17 -2.14 -65.65
C SER I 198 -8.11 -2.46 -66.81
N GLY I 199 -7.92 -3.62 -67.41
CA GLY I 199 -8.74 -4.00 -68.55
C GLY I 199 -10.22 -4.18 -68.22
N GLN I 200 -10.51 -5.09 -67.30
CA GLN I 200 -11.80 -5.80 -67.22
C GLN I 200 -13.05 -5.03 -66.77
N LYS I 201 -14.20 -5.59 -67.15
CA LYS I 201 -15.52 -5.00 -66.92
C LYS I 201 -16.11 -5.53 -65.63
N LEU I 202 -16.25 -4.66 -64.64
CA LEU I 202 -16.86 -5.05 -63.38
C LEU I 202 -18.37 -4.83 -63.38
N GLY I 203 -19.07 -5.65 -62.59
CA GLY I 203 -20.51 -5.51 -62.37
C GLY I 203 -20.84 -4.57 -61.22
N ASN I 204 -19.82 -3.87 -60.72
CA ASN I 204 -19.98 -2.83 -59.71
C ASN I 204 -19.31 -1.54 -60.16
N GLU I 205 -19.83 -0.42 -59.67
CA GLU I 205 -19.22 0.89 -59.88
C GLU I 205 -18.13 1.05 -58.81
N LEU I 206 -16.86 1.05 -59.21
CA LEU I 206 -15.76 0.92 -58.26
C LEU I 206 -15.05 2.23 -57.88
N TYR I 207 -15.04 2.52 -56.59
CA TYR I 207 -14.24 3.60 -56.02
C TYR I 207 -13.08 2.97 -55.27
N LEU I 208 -11.87 3.27 -55.72
CA LEU I 208 -10.68 2.57 -55.32
C LEU I 208 -9.65 3.60 -54.88
N GLY I 209 -9.23 3.53 -53.62
CA GLY I 209 -8.20 4.45 -53.14
C GLY I 209 -7.76 4.30 -51.71
N SER I 210 -7.51 5.43 -51.06
CA SER I 210 -6.90 5.44 -49.74
C SER I 210 -7.30 6.67 -48.95
N ASN I 211 -7.67 6.44 -47.70
CA ASN I 211 -8.12 7.50 -46.82
C ASN I 211 -7.00 8.35 -46.24
N VAL I 212 -7.39 9.52 -45.79
CA VAL I 212 -6.53 10.43 -45.06
C VAL I 212 -6.81 10.18 -43.56
N GLN I 213 -5.82 10.44 -42.71
CA GLN I 213 -6.03 10.53 -41.26
C GLN I 213 -6.75 9.38 -40.53
N GLU I 214 -6.37 8.13 -40.82
CA GLU I 214 -6.95 6.99 -40.12
C GLU I 214 -6.41 6.84 -38.70
N GLU I 215 -5.14 7.18 -38.52
CA GLU I 215 -4.44 6.92 -37.26
C GLU I 215 -4.95 7.72 -36.06
N VAL I 216 -5.63 8.83 -36.33
CA VAL I 216 -6.10 9.72 -35.28
C VAL I 216 -7.61 9.59 -34.99
N GLY I 217 -8.22 8.52 -35.48
CA GLY I 217 -9.64 8.28 -35.22
C GLY I 217 -10.50 8.03 -36.44
N LEU I 218 -9.90 7.46 -37.48
CA LEU I 218 -10.61 7.08 -38.72
C LEU I 218 -11.30 8.29 -39.36
N ARG I 219 -10.61 9.44 -39.34
CA ARG I 219 -11.22 10.70 -39.73
C ARG I 219 -11.62 10.74 -41.22
N GLY I 220 -10.69 10.43 -42.12
CA GLY I 220 -10.98 10.39 -43.55
C GLY I 220 -12.08 9.41 -43.96
N ALA I 221 -12.16 8.28 -43.26
CA ALA I 221 -13.20 7.26 -43.50
C ALA I 221 -14.61 7.82 -43.37
N HIS I 222 -14.78 8.81 -42.49
CA HIS I 222 -16.02 9.53 -42.38
C HIS I 222 -16.31 10.26 -43.70
N THR I 223 -15.29 10.93 -44.22
CA THR I 223 -15.50 11.89 -45.29
C THR I 223 -15.69 11.25 -46.67
N SER I 224 -14.85 10.27 -47.00
CA SER I 224 -14.96 9.59 -48.30
C SER I 224 -16.25 8.80 -48.44
N THR I 225 -16.60 8.05 -47.41
CA THR I 225 -17.78 7.21 -47.41
C THR I 225 -19.07 8.03 -47.57
N THR I 226 -19.16 9.16 -46.87
CA THR I 226 -20.28 10.07 -47.06
C THR I 226 -20.30 10.62 -48.49
N LYS I 227 -19.17 11.16 -48.94
CA LYS I 227 -19.05 11.77 -50.26
C LYS I 227 -19.29 10.79 -51.43
N PHE I 228 -18.97 9.52 -51.27
CA PHE I 228 -19.07 8.58 -52.40
C PHE I 228 -20.19 7.58 -52.33
N ASP I 229 -20.89 7.54 -51.19
CA ASP I 229 -22.16 6.83 -51.04
C ASP I 229 -22.13 5.39 -51.58
N PRO I 230 -21.24 4.56 -51.03
CA PRO I 230 -21.25 3.16 -51.47
C PRO I 230 -22.35 2.34 -50.80
N GLU I 231 -22.69 1.22 -51.42
CA GLU I 231 -23.60 0.25 -50.82
C GLU I 231 -22.83 -0.73 -49.97
N VAL I 232 -21.56 -0.92 -50.32
CA VAL I 232 -20.69 -1.90 -49.69
C VAL I 232 -19.26 -1.36 -49.62
N PHE I 233 -18.59 -1.57 -48.50
CA PHE I 233 -17.25 -1.00 -48.27
C PHE I 233 -16.25 -2.05 -47.83
N LEU I 234 -15.10 -2.06 -48.51
CA LEU I 234 -13.97 -2.92 -48.14
C LEU I 234 -12.81 -2.05 -47.69
N ALA I 235 -12.51 -2.07 -46.39
CA ALA I 235 -11.29 -1.46 -45.87
C ALA I 235 -10.12 -2.41 -46.17
N VAL I 236 -8.93 -1.84 -46.35
CA VAL I 236 -7.73 -2.61 -46.63
C VAL I 236 -6.62 -2.14 -45.68
N ASP I 237 -6.22 -3.00 -44.75
CA ASP I 237 -5.46 -2.56 -43.60
C ASP I 237 -4.89 -3.75 -42.85
N CYS I 238 -3.75 -3.56 -42.18
CA CYS I 238 -3.17 -4.66 -41.42
C CYS I 238 -3.28 -4.49 -39.91
N SER I 239 -3.06 -5.58 -39.19
CA SER I 239 -3.33 -5.64 -37.77
C SER I 239 -2.25 -6.38 -37.01
N PRO I 240 -2.17 -6.19 -35.68
CA PRO I 240 -1.08 -6.83 -34.94
C PRO I 240 -1.15 -8.35 -35.00
N ALA I 241 -0.01 -8.98 -35.24
CA ALA I 241 0.10 -10.43 -35.11
C ALA I 241 0.38 -10.75 -33.65
N GLY I 242 -0.21 -11.83 -33.17
CA GLY I 242 -0.02 -12.23 -31.78
C GLY I 242 0.94 -13.41 -31.64
N ASP I 243 1.05 -14.21 -32.70
CA ASP I 243 1.79 -15.48 -32.65
C ASP I 243 2.91 -15.51 -31.60
N VAL I 244 3.86 -14.59 -31.77
CA VAL I 244 5.06 -14.47 -30.95
C VAL I 244 4.79 -14.20 -29.45
N TYR I 245 3.62 -13.64 -29.16
CA TYR I 245 3.21 -13.33 -27.79
C TYR I 245 2.16 -14.29 -27.23
N GLY I 246 1.99 -15.44 -27.87
CA GLY I 246 0.95 -16.40 -27.49
C GLY I 246 -0.45 -15.99 -27.93
N GLY I 247 -0.57 -14.79 -28.50
CA GLY I 247 -1.83 -14.28 -29.02
C GLY I 247 -2.14 -14.81 -30.40
N GLN I 248 -3.28 -14.40 -30.95
CA GLN I 248 -3.70 -14.88 -32.27
C GLN I 248 -3.32 -13.89 -33.37
N GLY I 249 -3.40 -14.37 -34.62
CA GLY I 249 -2.88 -13.62 -35.76
C GLY I 249 -1.46 -14.08 -36.03
N LYS I 250 -1.31 -14.98 -36.99
CA LYS I 250 0.00 -15.58 -37.28
C LYS I 250 0.55 -15.15 -38.65
N ILE I 251 1.76 -14.61 -38.64
CA ILE I 251 2.48 -14.28 -39.88
C ILE I 251 2.58 -15.50 -40.77
N GLY I 252 2.07 -15.38 -41.99
CA GLY I 252 2.15 -16.47 -42.97
C GLY I 252 0.96 -17.41 -43.02
N ASP I 253 0.01 -17.22 -42.10
CA ASP I 253 -1.22 -18.01 -42.10
C ASP I 253 -2.31 -17.33 -42.92
N GLY I 254 -1.92 -16.43 -43.82
CA GLY I 254 -2.85 -15.89 -44.80
C GLY I 254 -3.59 -14.64 -44.37
N THR I 255 -4.62 -14.31 -45.13
CA THR I 255 -5.39 -13.09 -44.92
C THR I 255 -6.41 -13.19 -43.79
N LEU I 256 -6.92 -12.04 -43.35
CA LEU I 256 -7.71 -11.97 -42.13
C LEU I 256 -9.22 -11.93 -42.33
N ILE I 257 -9.92 -12.82 -41.65
CA ILE I 257 -11.38 -12.73 -41.58
C ILE I 257 -11.71 -12.03 -40.26
N ARG I 258 -11.90 -10.73 -40.34
CA ARG I 258 -12.13 -9.89 -39.17
C ARG I 258 -13.60 -9.94 -38.76
N PHE I 259 -13.96 -10.91 -37.92
CA PHE I 259 -15.34 -11.06 -37.50
C PHE I 259 -15.77 -10.06 -36.44
N TYR I 260 -14.83 -9.65 -35.60
CA TYR I 260 -15.06 -8.68 -34.54
C TYR I 260 -13.92 -7.70 -34.42
N ASP I 261 -14.25 -6.43 -34.16
CA ASP I 261 -13.37 -5.51 -33.43
C ASP I 261 -14.22 -4.60 -32.54
N PRO I 262 -13.61 -3.85 -31.60
CA PRO I 262 -14.46 -3.03 -30.71
C PRO I 262 -15.35 -2.01 -31.41
N GLY I 263 -15.03 -1.65 -32.65
CA GLY I 263 -15.79 -0.65 -33.40
C GLY I 263 -16.62 -1.17 -34.57
N HIS I 264 -16.55 -2.48 -34.84
CA HIS I 264 -17.23 -3.05 -36.01
C HIS I 264 -17.62 -4.52 -35.85
N LEU I 265 -18.85 -4.84 -36.21
CA LEU I 265 -19.30 -6.22 -36.28
C LEU I 265 -19.49 -6.69 -37.73
N LEU I 266 -18.82 -7.78 -38.09
CA LEU I 266 -18.94 -8.36 -39.42
C LEU I 266 -20.29 -9.06 -39.58
N LEU I 267 -21.09 -8.54 -40.50
CA LEU I 267 -22.48 -8.99 -40.69
C LEU I 267 -22.57 -10.37 -41.37
N PRO I 268 -23.58 -11.17 -41.02
CA PRO I 268 -23.70 -12.53 -41.57
C PRO I 268 -23.68 -12.56 -43.10
N GLY I 269 -24.35 -11.61 -43.74
CA GLY I 269 -24.39 -11.52 -45.21
C GLY I 269 -23.01 -11.31 -45.82
N MET I 270 -22.20 -10.49 -45.16
CA MET I 270 -20.86 -10.18 -45.63
C MET I 270 -19.91 -11.30 -45.28
N LYS I 271 -20.15 -11.95 -44.14
CA LYS I 271 -19.36 -13.12 -43.77
C LYS I 271 -19.53 -14.21 -44.83
N ASP I 272 -20.79 -14.50 -45.18
CA ASP I 272 -21.11 -15.48 -46.22
C ASP I 272 -20.35 -15.21 -47.51
N PHE I 273 -20.33 -13.95 -47.92
CA PHE I 273 -19.66 -13.53 -49.14
C PHE I 273 -18.15 -13.73 -49.04
N LEU I 274 -17.58 -13.37 -47.90
CA LEU I 274 -16.14 -13.49 -47.68
C LEU I 274 -15.69 -14.93 -47.77
N LEU I 275 -16.38 -15.83 -47.08
CA LEU I 275 -15.96 -17.22 -46.97
C LEU I 275 -16.13 -17.97 -48.27
N THR I 276 -17.21 -17.69 -48.99
CA THR I 276 -17.50 -18.28 -50.30
C THR I 276 -16.43 -17.85 -51.32
N THR I 277 -16.15 -16.55 -51.39
CA THR I 277 -15.14 -16.04 -52.28
C THR I 277 -13.78 -16.63 -51.96
N ALA I 278 -13.45 -16.71 -50.68
CA ALA I 278 -12.18 -17.26 -50.24
C ALA I 278 -12.04 -18.72 -50.69
N GLU I 279 -13.12 -19.49 -50.55
CA GLU I 279 -13.16 -20.90 -50.96
C GLU I 279 -12.99 -21.02 -52.47
N GLU I 280 -13.79 -20.26 -53.22
CA GLU I 280 -13.80 -20.34 -54.68
C GLU I 280 -12.50 -19.87 -55.36
N ALA I 281 -11.73 -19.05 -54.65
CA ALA I 281 -10.47 -18.53 -55.19
C ALA I 281 -9.22 -19.15 -54.56
N GLY I 282 -9.42 -20.13 -53.68
CA GLY I 282 -8.32 -20.84 -53.01
C GLY I 282 -7.50 -20.00 -52.03
N ILE I 283 -8.05 -18.86 -51.61
CA ILE I 283 -7.42 -17.94 -50.67
C ILE I 283 -7.17 -18.57 -49.29
N LYS I 284 -5.93 -18.44 -48.80
CA LYS I 284 -5.58 -18.88 -47.45
C LYS I 284 -5.96 -17.79 -46.47
N TYR I 285 -6.66 -18.18 -45.41
CA TYR I 285 -7.19 -17.22 -44.47
C TYR I 285 -7.24 -17.73 -43.04
N GLN I 286 -7.02 -16.83 -42.09
CA GLN I 286 -7.16 -17.15 -40.68
C GLN I 286 -8.25 -16.28 -40.04
N TYR I 287 -9.03 -16.87 -39.14
CA TYR I 287 -9.99 -16.09 -38.38
C TYR I 287 -9.24 -15.14 -37.47
N TYR I 288 -9.73 -13.91 -37.36
CA TYR I 288 -9.05 -12.91 -36.56
C TYR I 288 -10.01 -12.06 -35.74
N CYS I 289 -9.77 -12.02 -34.45
CA CYS I 289 -10.53 -11.19 -33.54
C CYS I 289 -9.76 -9.90 -33.25
N GLY I 290 -10.24 -8.78 -33.77
CA GLY I 290 -9.55 -7.50 -33.65
C GLY I 290 -9.63 -6.88 -32.27
N LYS I 291 -8.52 -6.34 -31.79
CA LYS I 291 -8.50 -5.61 -30.53
C LYS I 291 -8.60 -4.10 -30.71
N GLY I 292 -8.35 -3.63 -31.93
CA GLY I 292 -8.45 -2.21 -32.29
C GLY I 292 -9.28 -2.01 -33.55
N GLY I 293 -9.50 -0.76 -33.94
CA GLY I 293 -10.37 -0.43 -35.07
C GLY I 293 -9.70 -0.28 -36.42
N THR I 294 -10.50 -0.35 -37.49
CA THR I 294 -10.08 0.00 -38.86
C THR I 294 -11.08 0.98 -39.46
N ASP I 295 -10.75 1.55 -40.62
CA ASP I 295 -11.63 2.52 -41.30
C ASP I 295 -13.10 2.07 -41.33
N ALA I 296 -13.31 0.76 -41.39
CA ALA I 296 -14.64 0.15 -41.46
C ALA I 296 -15.54 0.50 -40.27
N GLY I 297 -14.92 0.85 -39.15
CA GLY I 297 -15.65 1.22 -37.94
C GLY I 297 -16.35 2.55 -38.07
N ALA I 298 -15.77 3.44 -38.88
CA ALA I 298 -16.37 4.74 -39.15
C ALA I 298 -17.23 4.70 -40.41
N ALA I 299 -16.74 4.02 -41.45
CA ALA I 299 -17.38 4.01 -42.76
C ALA I 299 -18.74 3.33 -42.78
N HIS I 300 -18.87 2.21 -42.09
CA HIS I 300 -20.12 1.47 -42.12
C HIS I 300 -21.30 2.23 -41.50
N LEU I 301 -21.00 3.25 -40.70
CA LEU I 301 -22.03 4.06 -40.04
C LEU I 301 -22.48 5.24 -40.88
N LYS I 302 -21.78 5.47 -42.00
CA LYS I 302 -22.03 6.64 -42.84
C LYS I 302 -23.28 6.47 -43.71
N ASN I 303 -23.83 7.58 -44.18
CA ASN I 303 -25.08 7.59 -44.95
C ASN I 303 -26.20 6.73 -44.35
N GLY I 304 -26.89 5.97 -45.20
CA GLY I 304 -27.99 5.12 -44.76
C GLY I 304 -27.51 3.81 -44.20
N GLY I 305 -26.19 3.63 -44.13
CA GLY I 305 -25.61 2.39 -43.64
C GLY I 305 -24.92 1.62 -44.74
N VAL I 306 -23.73 1.10 -44.43
CA VAL I 306 -22.87 0.50 -45.44
C VAL I 306 -22.17 -0.72 -44.86
N PRO I 307 -22.68 -1.94 -45.15
CA PRO I 307 -22.00 -3.17 -44.73
C PRO I 307 -20.53 -3.16 -45.13
N SER I 308 -19.67 -3.69 -44.25
CA SER I 308 -18.23 -3.52 -44.42
C SER I 308 -17.37 -4.70 -43.92
N THR I 309 -16.10 -4.67 -44.32
CA THR I 309 -15.06 -5.48 -43.71
C THR I 309 -13.74 -4.79 -43.94
N THR I 310 -12.69 -5.47 -43.49
CA THR I 310 -11.33 -5.07 -43.76
C THR I 310 -10.63 -6.28 -44.37
N ILE I 311 -10.01 -6.08 -45.52
CA ILE I 311 -9.26 -7.13 -46.16
C ILE I 311 -7.83 -6.93 -45.73
N GLY I 312 -7.34 -7.86 -44.92
CA GLY I 312 -6.14 -7.62 -44.16
C GLY I 312 -5.14 -8.74 -44.01
N VAL I 313 -4.09 -8.37 -43.30
CA VAL I 313 -2.91 -9.16 -43.10
C VAL I 313 -2.51 -8.74 -41.69
N CYS I 314 -1.92 -9.64 -40.93
CA CYS I 314 -1.38 -9.24 -39.63
C CYS I 314 0.12 -9.07 -39.75
N ALA I 315 0.68 -8.23 -38.91
CA ALA I 315 2.12 -8.10 -38.81
C ALA I 315 2.53 -7.96 -37.35
N ARG I 316 3.73 -8.38 -37.02
CA ARG I 316 4.27 -8.24 -35.68
C ARG I 316 4.81 -6.82 -35.48
N TYR I 317 4.57 -6.27 -34.30
CA TYR I 317 5.16 -4.99 -33.85
C TYR I 317 4.73 -3.82 -34.72
N ILE I 318 3.45 -3.83 -35.09
CA ILE I 318 2.76 -2.68 -35.69
C ILE I 318 2.97 -1.43 -34.85
N HIS I 319 2.86 -0.25 -35.48
CA HIS I 319 3.01 1.01 -34.76
C HIS I 319 4.40 1.18 -34.13
N SER I 320 5.43 0.72 -34.83
CA SER I 320 6.81 0.93 -34.39
C SER I 320 7.75 1.09 -35.60
N HIS I 321 9.03 1.36 -35.32
CA HIS I 321 10.04 1.48 -36.37
C HIS I 321 10.40 0.13 -37.00
N GLN I 322 10.02 -0.95 -36.32
CA GLN I 322 10.39 -2.30 -36.76
C GLN I 322 9.20 -3.25 -36.80
N THR I 323 8.43 -3.15 -37.88
CA THR I 323 7.32 -4.07 -38.13
C THR I 323 7.86 -5.22 -38.98
N LEU I 324 7.44 -6.45 -38.66
CA LEU I 324 7.91 -7.64 -39.38
C LEU I 324 6.73 -8.42 -39.92
N TYR I 325 6.74 -8.64 -41.23
CA TYR I 325 5.60 -9.26 -41.92
C TYR I 325 6.04 -10.18 -43.05
N ALA I 326 5.07 -10.90 -43.61
CA ALA I 326 5.32 -11.93 -44.61
C ALA I 326 4.81 -11.47 -45.97
N MET I 327 5.63 -11.62 -47.01
CA MET I 327 5.24 -11.25 -48.35
C MET I 327 4.14 -12.17 -48.84
N ASP I 328 4.30 -13.46 -48.54
CA ASP I 328 3.31 -14.49 -48.84
C ASP I 328 1.89 -14.02 -48.48
N ASP I 329 1.76 -13.38 -47.32
CA ASP I 329 0.48 -12.86 -46.85
C ASP I 329 -0.13 -11.83 -47.80
N PHE I 330 0.68 -10.86 -48.23
CA PHE I 330 0.26 -9.86 -49.23
C PHE I 330 -0.35 -10.49 -50.50
N LEU I 331 0.32 -11.53 -51.03
CA LEU I 331 -0.17 -12.22 -52.24
C LEU I 331 -1.56 -12.82 -52.01
N GLU I 332 -1.76 -13.40 -50.83
CA GLU I 332 -3.04 -14.00 -50.48
C GLU I 332 -4.13 -12.93 -50.39
N ALA I 333 -3.86 -11.90 -49.59
CA ALA I 333 -4.71 -10.72 -49.48
C ALA I 333 -5.07 -10.12 -50.83
N GLN I 334 -4.06 -9.84 -51.65
CA GLN I 334 -4.29 -9.27 -52.99
C GLN I 334 -5.21 -10.13 -53.83
N ALA I 335 -4.87 -11.42 -53.93
CA ALA I 335 -5.70 -12.36 -54.66
C ALA I 335 -7.14 -12.33 -54.14
N PHE I 336 -7.30 -12.16 -52.83
CA PHE I 336 -8.62 -12.14 -52.20
C PHE I 336 -9.40 -10.87 -52.55
N LEU I 337 -8.71 -9.73 -52.61
CA LEU I 337 -9.35 -8.46 -52.93
C LEU I 337 -9.87 -8.49 -54.36
N GLN I 338 -9.09 -9.09 -55.26
CA GLN I 338 -9.46 -9.16 -56.67
C GLN I 338 -10.71 -10.00 -56.86
N ALA I 339 -10.71 -11.20 -56.31
CA ALA I 339 -11.88 -12.07 -56.41
C ALA I 339 -13.11 -11.40 -55.79
N LEU I 340 -12.93 -10.78 -54.63
CA LEU I 340 -14.01 -10.06 -53.96
C LEU I 340 -14.66 -8.99 -54.85
N VAL I 341 -13.87 -8.05 -55.38
CA VAL I 341 -14.40 -7.00 -56.26
C VAL I 341 -14.95 -7.51 -57.61
N LYS I 342 -14.37 -8.60 -58.12
CA LYS I 342 -14.82 -9.19 -59.39
C LYS I 342 -16.19 -9.82 -59.23
N LYS I 343 -16.42 -10.45 -58.08
CA LYS I 343 -17.69 -11.10 -57.79
C LYS I 343 -18.79 -10.12 -57.38
N LEU I 344 -18.40 -8.92 -56.95
CA LEU I 344 -19.36 -7.94 -56.41
C LEU I 344 -20.19 -7.27 -57.49
N ASP I 345 -21.50 -7.53 -57.46
CA ASP I 345 -22.45 -6.94 -58.41
C ASP I 345 -23.82 -6.78 -57.73
N ARG I 346 -24.84 -6.46 -58.53
CA ARG I 346 -26.20 -6.29 -58.02
C ARG I 346 -26.71 -7.52 -57.28
N SER I 347 -26.56 -8.70 -57.89
CA SER I 347 -26.98 -9.94 -57.24
C SER I 347 -26.31 -10.13 -55.88
N THR I 348 -24.99 -9.96 -55.85
CA THR I 348 -24.22 -10.32 -54.67
C THR I 348 -24.35 -9.33 -53.52
N VAL I 349 -24.41 -8.02 -53.80
CA VAL I 349 -24.61 -7.07 -52.70
C VAL I 349 -26.04 -7.17 -52.16
N ASP I 350 -27.00 -7.42 -53.05
CA ASP I 350 -28.39 -7.70 -52.66
C ASP I 350 -28.43 -8.87 -51.69
N LEU I 351 -27.65 -9.90 -51.98
CA LEU I 351 -27.57 -11.09 -51.13
C LEU I 351 -26.86 -10.77 -49.82
N ILE I 352 -25.82 -9.94 -49.89
CA ILE I 352 -25.15 -9.42 -48.69
C ILE I 352 -26.18 -8.64 -47.83
N LYS I 353 -26.98 -7.83 -48.51
CA LYS I 353 -27.98 -6.98 -47.84
C LYS I 353 -29.36 -7.62 -47.76
N HIS I 354 -29.43 -8.95 -47.80
CA HIS I 354 -30.72 -9.65 -47.77
C HIS I 354 -31.37 -9.60 -46.39
N TYR I 355 -32.24 -8.61 -46.21
CA TYR I 355 -32.94 -8.45 -44.94
C TYR I 355 -34.42 -8.82 -45.03
N THR J 4 -16.95 50.78 -23.60
CA THR J 4 -17.69 50.24 -24.79
C THR J 4 -17.40 48.75 -25.05
N LEU J 5 -16.15 48.38 -25.34
CA LEU J 5 -15.83 46.96 -25.51
C LEU J 5 -16.22 46.21 -24.24
N PHE J 6 -15.74 46.69 -23.10
CA PHE J 6 -16.12 46.11 -21.82
C PHE J 6 -17.65 45.93 -21.72
N SER J 7 -18.40 47.01 -22.00
CA SER J 7 -19.87 46.99 -21.95
C SER J 7 -20.44 45.82 -22.75
N LYS J 8 -19.90 45.65 -23.96
CA LYS J 8 -20.30 44.57 -24.86
C LYS J 8 -20.01 43.21 -24.24
N ILE J 9 -18.83 43.09 -23.61
CA ILE J 9 -18.38 41.83 -23.01
C ILE J 9 -19.20 41.49 -21.77
N LYS J 10 -19.40 42.48 -20.91
CA LYS J 10 -20.26 42.35 -19.75
C LYS J 10 -21.63 41.77 -20.14
N GLU J 11 -22.20 42.32 -21.21
CA GLU J 11 -23.52 41.94 -21.68
C GLU J 11 -23.64 40.46 -22.02
N VAL J 12 -22.67 39.96 -22.79
CA VAL J 12 -22.74 38.57 -23.29
C VAL J 12 -22.32 37.54 -22.25
N THR J 13 -21.31 37.86 -21.45
CA THR J 13 -20.86 36.93 -20.41
C THR J 13 -21.91 36.75 -19.31
N GLU J 14 -22.73 37.78 -19.07
CA GLU J 14 -23.74 37.71 -18.02
C GLU J 14 -25.06 37.05 -18.45
N LEU J 15 -25.19 36.78 -19.76
CA LEU J 15 -26.31 35.96 -20.23
C LEU J 15 -26.17 34.53 -19.67
N ALA J 16 -27.30 33.93 -19.35
CA ALA J 16 -27.32 32.63 -18.70
C ALA J 16 -27.92 31.55 -19.62
N ALA J 17 -27.06 30.76 -20.23
CA ALA J 17 -27.50 29.67 -21.11
C ALA J 17 -26.59 28.44 -21.10
N VAL J 18 -27.00 27.45 -20.33
CA VAL J 18 -26.35 26.15 -20.28
C VAL J 18 -26.69 25.34 -21.57
N SER J 19 -25.90 24.32 -21.88
CA SER J 19 -26.13 23.49 -23.07
C SER J 19 -27.55 22.99 -23.17
N GLY J 20 -28.08 23.00 -24.40
CA GLY J 20 -29.45 22.56 -24.67
C GLY J 20 -30.49 23.64 -24.36
N HIS J 21 -30.06 24.71 -23.70
CA HIS J 21 -30.96 25.73 -23.18
C HIS J 21 -30.46 27.12 -23.56
N GLU J 22 -30.05 27.25 -24.81
CA GLU J 22 -29.36 28.45 -25.23
C GLU J 22 -30.26 29.41 -25.99
N ALA J 23 -31.54 29.41 -25.63
CA ALA J 23 -32.50 30.37 -26.20
C ALA J 23 -32.10 31.84 -25.96
N PRO J 24 -31.79 32.21 -24.69
CA PRO J 24 -31.47 33.62 -24.41
C PRO J 24 -30.30 34.18 -25.23
N VAL J 25 -29.25 33.37 -25.43
CA VAL J 25 -28.08 33.79 -26.22
C VAL J 25 -28.44 33.81 -27.71
N ARG J 26 -29.30 32.89 -28.14
CA ARG J 26 -29.80 32.91 -29.50
C ARG J 26 -30.57 34.21 -29.77
N ALA J 27 -31.43 34.60 -28.84
CA ALA J 27 -32.19 35.85 -28.95
C ALA J 27 -31.24 37.02 -29.20
N TYR J 28 -30.17 37.07 -28.42
CA TYR J 28 -29.14 38.09 -28.57
C TYR J 28 -28.52 38.09 -29.96
N LEU J 29 -28.19 36.90 -30.47
CA LEU J 29 -27.52 36.77 -31.75
C LEU J 29 -28.43 36.99 -32.95
N ARG J 30 -29.69 36.59 -32.82
CA ARG J 30 -30.71 36.86 -33.83
C ARG J 30 -30.92 38.36 -33.99
N GLU J 31 -30.89 39.07 -32.86
CA GLU J 31 -31.09 40.51 -32.83
C GLU J 31 -29.92 41.27 -33.45
N LYS J 32 -28.69 40.76 -33.30
CA LYS J 32 -27.52 41.47 -33.82
C LYS J 32 -27.17 41.09 -35.27
N LEU J 33 -27.42 39.83 -35.63
CA LEU J 33 -27.21 39.34 -36.99
C LEU J 33 -28.16 39.92 -38.04
N THR J 34 -29.46 39.88 -37.75
CA THR J 34 -30.51 40.26 -38.72
C THR J 34 -30.21 41.54 -39.54
N PRO J 35 -29.84 42.65 -38.87
CA PRO J 35 -29.64 43.86 -39.68
C PRO J 35 -28.49 43.78 -40.69
N HIS J 36 -27.52 42.90 -40.46
CA HIS J 36 -26.28 42.93 -41.26
C HIS J 36 -26.10 41.76 -42.22
N VAL J 37 -27.19 41.08 -42.53
CA VAL J 37 -27.17 39.78 -43.16
C VAL J 37 -28.40 39.64 -44.09
N ASP J 38 -28.28 38.82 -45.13
CA ASP J 38 -29.39 38.61 -46.08
C ASP J 38 -30.52 37.72 -45.55
N GLU J 39 -30.17 36.75 -44.72
CA GLU J 39 -31.08 35.68 -44.35
C GLU J 39 -30.65 35.06 -43.02
N VAL J 40 -31.61 34.75 -42.14
CA VAL J 40 -31.29 34.10 -40.86
C VAL J 40 -31.96 32.72 -40.77
N VAL J 41 -31.17 31.68 -41.02
CA VAL J 41 -31.62 30.30 -40.89
C VAL J 41 -31.24 29.77 -39.51
N THR J 42 -31.65 28.54 -39.25
CA THR J 42 -31.51 27.92 -37.93
C THR J 42 -31.40 26.39 -38.12
N ASP J 43 -30.51 25.72 -37.39
CA ASP J 43 -30.46 24.26 -37.53
C ASP J 43 -31.53 23.54 -36.68
N GLY J 44 -31.53 22.21 -36.75
CA GLY J 44 -32.57 21.42 -36.09
C GLY J 44 -32.46 21.42 -34.58
N LEU J 45 -31.29 21.78 -34.07
CA LEU J 45 -30.99 21.69 -32.66
C LEU J 45 -30.97 23.05 -31.95
N GLY J 46 -31.03 24.13 -32.72
CA GLY J 46 -31.05 25.47 -32.12
C GLY J 46 -29.96 26.47 -32.50
N GLY J 47 -28.97 26.06 -33.29
CA GLY J 47 -27.96 27.02 -33.77
C GLY J 47 -28.54 28.05 -34.72
N ILE J 48 -28.15 29.32 -34.56
CA ILE J 48 -28.56 30.41 -35.48
C ILE J 48 -27.40 30.83 -36.37
N PHE J 49 -27.71 31.08 -37.64
CA PHE J 49 -26.69 31.49 -38.61
C PHE J 49 -27.26 32.52 -39.58
N GLY J 50 -26.49 33.58 -39.80
CA GLY J 50 -26.84 34.56 -40.80
C GLY J 50 -26.15 34.23 -42.11
N ILE J 51 -26.88 34.35 -43.22
CA ILE J 51 -26.33 34.08 -44.54
C ILE J 51 -26.08 35.38 -45.29
N LYS J 52 -24.84 35.55 -45.75
CA LYS J 52 -24.45 36.69 -46.53
C LYS J 52 -24.13 36.26 -47.97
N HIS J 53 -25.09 36.45 -48.87
CA HIS J 53 -24.96 36.07 -50.29
C HIS J 53 -23.85 36.81 -51.02
N SER J 54 -23.14 36.09 -51.88
CA SER J 54 -22.02 36.64 -52.62
C SER J 54 -22.42 36.80 -54.08
N GLU J 55 -22.01 37.91 -54.68
CA GLU J 55 -22.19 38.14 -56.12
C GLU J 55 -21.25 37.26 -56.98
N ALA J 56 -20.18 36.77 -56.37
CA ALA J 56 -19.18 35.94 -57.04
C ALA J 56 -19.79 34.63 -57.58
N VAL J 57 -19.19 34.13 -58.65
CA VAL J 57 -19.78 33.08 -59.49
C VAL J 57 -19.74 31.70 -58.84
N ASP J 58 -18.56 31.12 -58.73
CA ASP J 58 -18.42 29.80 -58.16
C ASP J 58 -18.15 29.94 -56.66
N ALA J 59 -18.82 30.92 -56.04
CA ALA J 59 -18.50 31.34 -54.67
C ALA J 59 -18.61 30.20 -53.65
N PRO J 60 -17.49 29.92 -52.95
CA PRO J 60 -17.49 28.81 -51.98
C PRO J 60 -18.21 29.18 -50.68
N ARG J 61 -18.96 28.23 -50.13
CA ARG J 61 -19.60 28.40 -48.84
C ARG J 61 -18.57 28.34 -47.73
N VAL J 62 -18.53 29.40 -46.93
CA VAL J 62 -17.66 29.46 -45.75
C VAL J 62 -18.53 29.51 -44.50
N LEU J 63 -18.28 28.61 -43.57
CA LEU J 63 -19.01 28.58 -42.29
C LEU J 63 -18.12 29.07 -41.15
N VAL J 64 -18.65 30.04 -40.40
CA VAL J 64 -17.99 30.60 -39.23
C VAL J 64 -18.87 30.40 -38.00
N ALA J 65 -18.42 29.57 -37.06
CA ALA J 65 -19.26 29.27 -35.90
C ALA J 65 -18.56 29.40 -34.56
N SER J 66 -19.20 30.13 -33.65
CA SER J 66 -18.86 30.06 -32.25
C SER J 66 -19.83 29.11 -31.58
N HIS J 67 -20.01 29.24 -30.27
CA HIS J 67 -21.03 28.47 -29.56
C HIS J 67 -21.64 29.20 -28.39
N MET J 68 -22.93 28.98 -28.22
CA MET J 68 -23.77 29.77 -27.35
C MET J 68 -23.81 29.28 -25.91
N ASP J 69 -23.66 27.98 -25.73
CA ASP J 69 -23.76 27.37 -24.40
C ASP J 69 -22.55 27.65 -23.51
N GLU J 70 -22.76 27.59 -22.20
CA GLU J 70 -21.70 27.68 -21.19
C GLU J 70 -21.77 26.45 -20.27
N VAL J 71 -20.67 26.15 -19.59
CA VAL J 71 -20.73 25.06 -18.61
C VAL J 71 -21.63 25.44 -17.44
N GLY J 72 -22.34 24.45 -16.91
CA GLY J 72 -23.16 24.63 -15.74
C GLY J 72 -23.57 23.30 -15.16
N PHE J 73 -24.74 23.26 -14.53
CA PHE J 73 -25.25 22.07 -13.87
C PHE J 73 -26.72 21.86 -14.15
N MET J 74 -27.21 20.65 -13.85
CA MET J 74 -28.60 20.28 -14.05
C MET J 74 -29.07 19.46 -12.86
N VAL J 75 -30.30 19.70 -12.41
CA VAL J 75 -30.90 19.00 -11.27
C VAL J 75 -31.19 17.54 -11.62
N SER J 76 -30.58 16.61 -10.91
CA SER J 76 -30.85 15.19 -11.14
C SER J 76 -31.92 14.68 -10.18
N GLU J 77 -32.05 15.35 -9.03
CA GLU J 77 -33.12 15.06 -8.09
C GLU J 77 -33.30 16.12 -7.01
N ILE J 78 -34.49 16.12 -6.41
CA ILE J 78 -34.81 16.98 -5.29
C ILE J 78 -34.86 16.11 -4.05
N LYS J 79 -33.93 16.31 -3.12
CA LYS J 79 -33.92 15.55 -1.87
C LYS J 79 -35.17 15.88 -1.05
N PRO J 80 -35.57 15.02 -0.08
CA PRO J 80 -36.75 15.39 0.72
C PRO J 80 -36.55 16.64 1.58
N ASP J 81 -35.30 17.02 1.82
CA ASP J 81 -34.97 18.19 2.64
C ASP J 81 -34.93 19.49 1.81
N GLY J 82 -35.28 19.37 0.53
CA GLY J 82 -35.33 20.51 -0.37
C GLY J 82 -34.05 20.83 -1.12
N THR J 83 -32.98 20.12 -0.83
CA THR J 83 -31.73 20.34 -1.54
C THR J 83 -31.67 19.55 -2.84
N PHE J 84 -30.71 19.90 -3.67
CA PHE J 84 -30.55 19.30 -4.98
C PHE J 84 -29.23 18.54 -5.10
N ARG J 85 -29.29 17.42 -5.80
CA ARG J 85 -28.07 16.81 -6.31
C ARG J 85 -28.07 17.12 -7.79
N VAL J 86 -26.93 17.57 -8.29
CA VAL J 86 -26.80 17.93 -9.69
C VAL J 86 -26.11 16.85 -10.52
N VAL J 87 -26.10 17.08 -11.82
CA VAL J 87 -25.23 16.38 -12.75
C VAL J 87 -24.52 17.50 -13.52
N GLU J 88 -23.26 17.30 -13.90
CA GLU J 88 -22.53 18.37 -14.59
C GLU J 88 -22.96 18.52 -16.06
N ILE J 89 -22.95 19.74 -16.56
CA ILE J 89 -23.24 20.03 -17.96
C ILE J 89 -22.04 20.76 -18.52
N GLY J 90 -21.15 19.99 -19.13
CA GLY J 90 -19.83 20.49 -19.48
C GLY J 90 -18.85 20.05 -18.40
N GLY J 91 -17.57 20.10 -18.73
CA GLY J 91 -16.53 19.61 -17.83
C GLY J 91 -16.20 20.57 -16.70
N TRP J 92 -16.42 20.12 -15.47
CA TRP J 92 -16.03 20.87 -14.29
C TRP J 92 -14.92 20.17 -13.54
N ASN J 93 -13.91 20.93 -13.14
CA ASN J 93 -12.94 20.45 -12.20
C ASN J 93 -13.59 20.55 -10.82
N PRO J 94 -13.74 19.40 -10.12
CA PRO J 94 -14.45 19.32 -8.84
C PRO J 94 -13.89 20.26 -7.77
N MET J 95 -12.65 20.69 -7.95
CA MET J 95 -12.00 21.63 -7.04
C MET J 95 -12.74 22.96 -6.92
N VAL J 96 -13.26 23.45 -8.05
CA VAL J 96 -13.82 24.79 -8.12
C VAL J 96 -15.32 24.84 -7.83
N VAL J 97 -15.94 23.68 -7.66
CA VAL J 97 -17.38 23.56 -7.60
C VAL J 97 -18.02 24.01 -6.27
N SER J 98 -17.41 23.67 -5.13
CA SER J 98 -17.98 23.98 -3.81
C SER J 98 -18.06 25.46 -3.54
N SER J 99 -19.10 25.87 -2.81
CA SER J 99 -19.30 27.26 -2.40
C SER J 99 -19.29 28.26 -3.56
N GLN J 100 -20.23 28.05 -4.48
CA GLN J 100 -20.41 28.90 -5.66
C GLN J 100 -21.87 29.31 -5.81
N ARG J 101 -22.12 30.51 -6.34
CA ARG J 101 -23.48 30.96 -6.62
C ARG J 101 -23.93 30.59 -8.02
N PHE J 102 -25.20 30.23 -8.11
CA PHE J 102 -25.83 29.92 -9.38
C PHE J 102 -27.20 30.54 -9.48
N LYS J 103 -27.81 30.40 -10.66
CA LYS J 103 -29.22 30.65 -10.85
C LYS J 103 -29.80 29.36 -11.41
N LEU J 104 -30.81 28.83 -10.72
CA LEU J 104 -31.57 27.70 -11.24
C LEU J 104 -32.73 28.24 -12.05
N LEU J 105 -32.81 27.82 -13.30
CA LEU J 105 -33.84 28.31 -14.22
C LEU J 105 -34.96 27.29 -14.40
N THR J 106 -36.15 27.69 -13.95
CA THR J 106 -37.36 26.89 -14.07
C THR J 106 -37.85 26.87 -15.52
N ARG J 107 -38.60 25.83 -15.85
CA ARG J 107 -39.31 25.74 -17.12
C ARG J 107 -40.20 26.98 -17.34
N ASP J 108 -40.99 27.34 -16.32
CA ASP J 108 -41.87 28.53 -16.37
C ASP J 108 -41.15 29.88 -16.11
N GLY J 109 -39.84 29.90 -16.32
CA GLY J 109 -39.09 31.17 -16.35
C GLY J 109 -38.64 31.83 -15.05
N HIS J 110 -39.04 31.29 -13.89
CA HIS J 110 -38.50 31.79 -12.62
C HIS J 110 -36.99 31.54 -12.54
N GLU J 111 -36.27 32.50 -11.96
CA GLU J 111 -34.83 32.37 -11.74
C GLU J 111 -34.61 32.32 -10.24
N ILE J 112 -34.32 31.13 -9.72
CA ILE J 112 -34.18 30.97 -8.26
C ILE J 112 -32.69 30.83 -7.88
N PRO J 113 -32.24 31.61 -6.87
CA PRO J 113 -30.85 31.56 -6.40
C PRO J 113 -30.54 30.22 -5.76
N VAL J 114 -29.41 29.64 -6.15
CA VAL J 114 -28.95 28.36 -5.62
C VAL J 114 -27.45 28.45 -5.40
N ILE J 115 -27.00 27.91 -4.26
CA ILE J 115 -25.56 27.81 -3.99
C ILE J 115 -25.14 26.37 -3.83
N SER J 116 -23.88 26.08 -4.11
CA SER J 116 -23.30 24.80 -3.73
C SER J 116 -22.70 24.93 -2.33
N GLY J 117 -22.84 23.87 -1.53
CA GLY J 117 -22.33 23.87 -0.16
C GLY J 117 -20.96 23.22 -0.02
N PRO J 133 -13.97 14.19 -3.86
CA PRO J 133 -15.17 15.04 -3.78
C PRO J 133 -16.05 14.90 -5.03
N ALA J 134 -17.04 14.01 -4.97
CA ALA J 134 -17.85 13.71 -6.16
C ALA J 134 -18.93 14.76 -6.40
N ILE J 135 -19.00 15.23 -7.64
CA ILE J 135 -19.97 16.24 -8.05
C ILE J 135 -21.40 15.85 -7.66
N ALA J 136 -21.74 14.59 -7.84
CA ALA J 136 -23.08 14.09 -7.53
C ALA J 136 -23.37 14.04 -6.03
N ASP J 137 -22.34 14.22 -5.21
CA ASP J 137 -22.49 14.24 -3.75
C ASP J 137 -22.59 15.66 -3.20
N ILE J 138 -22.38 16.65 -4.06
CA ILE J 138 -22.28 18.02 -3.58
C ILE J 138 -23.66 18.62 -3.40
N VAL J 139 -23.90 19.09 -2.18
CA VAL J 139 -25.17 19.70 -1.85
C VAL J 139 -25.35 21.00 -2.63
N PHE J 140 -26.52 21.14 -3.24
CA PHE J 140 -26.93 22.37 -3.89
C PHE J 140 -28.17 22.86 -3.17
N ASP J 141 -28.12 24.12 -2.73
CA ASP J 141 -29.06 24.64 -1.76
C ASP J 141 -29.76 25.88 -2.28
N GLY J 142 -31.09 25.86 -2.23
CA GLY J 142 -31.91 27.01 -2.61
C GLY J 142 -32.63 27.57 -1.39
N GLY J 143 -32.27 27.06 -0.22
CA GLY J 143 -32.84 27.50 1.06
C GLY J 143 -34.29 27.09 1.27
N PHE J 144 -34.66 25.89 0.84
CA PHE J 144 -36.04 25.42 0.98
C PHE J 144 -36.19 24.47 2.14
N ALA J 145 -37.38 24.46 2.72
CA ALA J 145 -37.67 23.67 3.92
C ALA J 145 -37.65 22.17 3.62
N ASP J 146 -38.25 21.80 2.50
CA ASP J 146 -38.37 20.40 2.08
C ASP J 146 -38.56 20.25 0.55
N LYS J 147 -38.80 19.01 0.12
CA LYS J 147 -38.99 18.71 -1.30
C LYS J 147 -40.18 19.50 -1.88
N ALA J 148 -41.31 19.46 -1.17
CA ALA J 148 -42.53 20.14 -1.61
C ALA J 148 -42.36 21.64 -1.86
N GLU J 149 -41.69 22.33 -0.95
CA GLU J 149 -41.52 23.78 -1.07
C GLU J 149 -40.75 24.15 -2.34
N ALA J 150 -39.73 23.36 -2.67
CA ALA J 150 -38.93 23.62 -3.87
C ALA J 150 -39.76 23.37 -5.11
N GLU J 151 -40.53 22.28 -5.10
CA GLU J 151 -41.40 21.96 -6.22
C GLU J 151 -42.47 23.02 -6.41
N SER J 152 -42.93 23.58 -5.29
CA SER J 152 -43.93 24.66 -5.30
C SER J 152 -43.38 25.97 -5.86
N PHE J 153 -42.05 26.04 -6.04
CA PHE J 153 -41.45 27.16 -6.77
C PHE J 153 -41.21 26.79 -8.24
N GLY J 154 -41.78 25.67 -8.67
CA GLY J 154 -41.72 25.28 -10.07
C GLY J 154 -40.49 24.50 -10.44
N ILE J 155 -39.70 24.12 -9.43
CA ILE J 155 -38.44 23.40 -9.64
C ILE J 155 -38.73 21.92 -9.88
N ARG J 156 -38.11 21.39 -10.93
CA ARG J 156 -38.23 19.98 -11.28
C ARG J 156 -36.86 19.46 -11.67
N PRO J 157 -36.66 18.14 -11.58
CA PRO J 157 -35.47 17.54 -12.19
C PRO J 157 -35.35 17.92 -13.67
N GLY J 158 -34.12 18.16 -14.12
CA GLY J 158 -33.87 18.61 -15.47
C GLY J 158 -33.63 20.10 -15.57
N ASP J 159 -33.98 20.84 -14.52
CA ASP J 159 -33.76 22.29 -14.46
C ASP J 159 -32.29 22.65 -14.58
N THR J 160 -32.03 23.80 -15.17
CA THR J 160 -30.68 24.20 -15.51
C THR J 160 -30.15 25.16 -14.45
N ILE J 161 -28.93 24.91 -13.99
CA ILE J 161 -28.29 25.71 -12.96
C ILE J 161 -27.05 26.41 -13.54
N VAL J 162 -27.12 27.72 -13.71
CA VAL J 162 -26.08 28.49 -14.40
C VAL J 162 -25.24 29.27 -13.39
N PRO J 163 -23.90 29.26 -13.56
CA PRO J 163 -23.05 30.11 -12.74
C PRO J 163 -23.53 31.55 -12.68
N ASP J 164 -23.49 32.14 -11.48
CA ASP J 164 -23.80 33.55 -11.27
C ASP J 164 -22.48 34.29 -10.99
N SER J 165 -22.05 35.09 -11.96
CA SER J 165 -20.78 35.81 -11.88
C SER J 165 -20.81 37.04 -12.78
N SER J 166 -20.37 38.19 -12.25
CA SER J 166 -20.44 39.43 -13.04
C SER J 166 -19.14 39.75 -13.78
N ALA J 167 -19.23 40.52 -14.87
CA ALA J 167 -18.03 40.91 -15.58
C ALA J 167 -17.50 42.21 -15.01
N ILE J 168 -16.25 42.18 -14.55
CA ILE J 168 -15.60 43.37 -14.03
C ILE J 168 -14.21 43.57 -14.63
N LEU J 169 -13.76 44.82 -14.60
CA LEU J 169 -12.41 45.18 -15.01
C LEU J 169 -11.39 44.83 -13.93
N THR J 170 -10.19 44.41 -14.33
CA THR J 170 -9.08 44.31 -13.41
C THR J 170 -8.52 45.71 -13.09
N ALA J 171 -7.69 45.81 -12.05
CA ALA J 171 -7.05 47.06 -11.63
C ALA J 171 -6.38 47.87 -12.76
N ASN J 172 -5.72 47.19 -13.70
CA ASN J 172 -5.02 47.90 -14.78
C ASN J 172 -5.90 48.18 -16.00
N GLU J 173 -7.15 47.72 -15.96
CA GLU J 173 -8.15 48.01 -16.98
C GLU J 173 -7.79 47.50 -18.38
N LYS J 174 -6.87 46.54 -18.45
CA LYS J 174 -6.56 45.87 -19.72
C LYS J 174 -7.18 44.48 -19.75
N ASN J 175 -7.54 43.97 -18.58
CA ASN J 175 -8.08 42.63 -18.46
C ASN J 175 -9.48 42.61 -17.84
N ILE J 176 -10.13 41.46 -17.97
CA ILE J 176 -11.48 41.27 -17.43
C ILE J 176 -11.60 39.98 -16.63
N ILE J 177 -12.39 40.04 -15.57
CA ILE J 177 -12.81 38.86 -14.83
C ILE J 177 -14.30 38.65 -15.06
N SER J 178 -14.66 37.48 -15.58
CA SER J 178 -16.06 37.11 -15.78
C SER J 178 -16.24 35.58 -15.81
N LYS J 179 -17.49 35.13 -15.96
CA LYS J 179 -17.78 33.74 -16.31
C LYS J 179 -17.99 33.65 -17.82
N ALA J 180 -17.91 32.44 -18.36
CA ALA J 180 -18.35 32.14 -19.72
C ALA J 180 -17.63 32.84 -20.89
N TRP J 181 -16.44 33.36 -20.65
CA TRP J 181 -15.65 33.89 -21.79
C TRP J 181 -15.54 32.79 -22.84
N ASP J 182 -15.42 31.56 -22.37
CA ASP J 182 -15.72 30.40 -23.17
C ASP J 182 -17.21 30.15 -23.05
N ASN J 183 -17.98 30.44 -24.09
CA ASN J 183 -17.49 31.00 -25.34
C ASN J 183 -18.31 32.24 -25.75
N ARG J 184 -18.56 33.14 -24.81
CA ARG J 184 -19.17 34.42 -25.16
C ARG J 184 -18.17 35.28 -25.95
N TYR J 185 -16.89 34.95 -25.82
CA TYR J 185 -15.87 35.43 -26.74
C TYR J 185 -16.37 35.19 -28.17
N GLY J 186 -16.69 33.94 -28.49
CA GLY J 186 -17.15 33.57 -29.82
C GLY J 186 -18.44 34.25 -30.21
N VAL J 187 -19.36 34.40 -29.25
CA VAL J 187 -20.64 35.06 -29.53
C VAL J 187 -20.40 36.52 -29.90
N LEU J 188 -19.63 37.24 -29.09
CA LEU J 188 -19.35 38.66 -29.34
C LEU J 188 -18.56 38.82 -30.62
N MET J 189 -17.61 37.92 -30.82
CA MET J 189 -16.76 37.91 -32.01
C MET J 189 -17.58 37.87 -33.31
N VAL J 190 -18.58 36.99 -33.33
CA VAL J 190 -19.48 36.80 -34.49
C VAL J 190 -20.41 38.00 -34.68
N SER J 191 -20.88 38.56 -33.57
CA SER J 191 -21.68 39.78 -33.57
C SER J 191 -20.90 40.95 -34.14
N GLU J 192 -19.62 41.05 -33.76
CA GLU J 192 -18.73 42.10 -34.25
C GLU J 192 -18.33 41.94 -35.71
N LEU J 193 -18.18 40.68 -36.15
CA LEU J 193 -17.82 40.35 -37.53
C LEU J 193 -18.91 40.81 -38.49
N ALA J 194 -20.17 40.56 -38.11
CA ALA J 194 -21.33 40.89 -38.93
C ALA J 194 -21.46 42.39 -39.13
N GLU J 195 -21.29 43.16 -38.05
CA GLU J 195 -21.37 44.61 -38.09
C GLU J 195 -20.27 45.20 -38.99
N ALA J 196 -19.05 44.69 -38.86
CA ALA J 196 -17.92 45.23 -39.61
C ALA J 196 -18.00 44.87 -41.10
N LEU J 197 -18.73 43.81 -41.40
CA LEU J 197 -18.87 43.35 -42.78
C LEU J 197 -20.14 43.87 -43.44
N SER J 198 -21.00 44.51 -42.65
CA SER J 198 -22.30 45.01 -43.10
C SER J 198 -22.25 45.64 -44.49
N GLY J 199 -21.37 46.64 -44.66
CA GLY J 199 -21.17 47.25 -45.97
C GLY J 199 -20.52 46.32 -46.99
N GLN J 200 -19.42 45.67 -46.58
CA GLN J 200 -18.58 44.82 -47.44
C GLN J 200 -19.32 43.81 -48.32
N LYS J 201 -18.72 43.48 -49.46
CA LYS J 201 -19.20 42.42 -50.33
C LYS J 201 -18.09 41.40 -50.59
N LEU J 202 -18.37 40.14 -50.29
CA LEU J 202 -17.33 39.10 -50.13
C LEU J 202 -17.20 38.17 -51.32
N GLY J 203 -16.02 37.57 -51.45
CA GLY J 203 -15.77 36.60 -52.51
C GLY J 203 -16.26 35.21 -52.17
N ASN J 204 -16.89 35.07 -51.00
CA ASN J 204 -17.45 33.81 -50.52
C ASN J 204 -18.89 33.95 -50.01
N GLU J 205 -19.61 32.84 -50.01
CA GLU J 205 -20.97 32.77 -49.50
C GLU J 205 -20.88 32.49 -47.99
N LEU J 206 -21.11 33.53 -47.18
CA LEU J 206 -20.81 33.46 -45.75
C LEU J 206 -21.97 32.99 -44.88
N TYR J 207 -21.71 31.91 -44.14
CA TYR J 207 -22.57 31.45 -43.07
C TYR J 207 -21.90 31.80 -41.75
N LEU J 208 -22.50 32.77 -41.05
CA LEU J 208 -21.89 33.41 -39.90
C LEU J 208 -22.79 33.17 -38.70
N GLY J 209 -22.31 32.47 -37.68
CA GLY J 209 -23.18 32.23 -36.52
C GLY J 209 -22.60 31.56 -35.30
N SER J 210 -23.46 30.81 -34.61
CA SER J 210 -23.07 30.21 -33.35
C SER J 210 -23.76 28.87 -33.12
N ASN J 211 -22.98 27.90 -32.67
CA ASN J 211 -23.47 26.56 -32.46
C ASN J 211 -24.10 26.33 -31.11
N VAL J 212 -24.86 25.25 -31.06
CA VAL J 212 -25.57 24.83 -29.89
C VAL J 212 -24.76 23.68 -29.26
N GLN J 213 -24.87 23.49 -27.95
CA GLN J 213 -24.33 22.29 -27.28
C GLN J 213 -22.89 21.87 -27.60
N GLU J 214 -21.96 22.81 -27.55
CA GLU J 214 -20.54 22.45 -27.72
C GLU J 214 -20.00 21.73 -26.49
N GLU J 215 -20.33 22.25 -25.31
CA GLU J 215 -19.72 21.80 -24.05
C GLU J 215 -19.98 20.33 -23.74
N VAL J 216 -20.99 19.75 -24.38
CA VAL J 216 -21.39 18.39 -24.06
C VAL J 216 -21.06 17.38 -25.15
N GLY J 217 -20.18 17.77 -26.08
CA GLY J 217 -19.66 16.85 -27.08
C GLY J 217 -19.68 17.37 -28.50
N LEU J 218 -19.60 18.70 -28.64
CA LEU J 218 -19.59 19.37 -29.96
C LEU J 218 -20.83 19.01 -30.80
N ARG J 219 -21.96 18.81 -30.14
CA ARG J 219 -23.14 18.25 -30.75
C ARG J 219 -23.73 19.11 -31.88
N GLY J 220 -23.87 20.42 -31.65
CA GLY J 220 -24.43 21.32 -32.67
C GLY J 220 -23.54 21.49 -33.89
N ALA J 221 -22.24 21.28 -33.70
CA ALA J 221 -21.27 21.37 -34.79
C ALA J 221 -21.48 20.29 -35.84
N HIS J 222 -21.95 19.12 -35.40
CA HIS J 222 -22.31 18.04 -36.31
C HIS J 222 -23.41 18.50 -37.25
N THR J 223 -24.49 18.97 -36.64
CA THR J 223 -25.72 19.32 -37.33
C THR J 223 -25.58 20.51 -38.26
N SER J 224 -25.04 21.62 -37.75
CA SER J 224 -24.94 22.86 -38.53
C SER J 224 -24.13 22.66 -39.79
N THR J 225 -22.97 22.02 -39.65
CA THR J 225 -22.07 21.78 -40.76
C THR J 225 -22.76 20.91 -41.82
N THR J 226 -23.41 19.83 -41.38
CA THR J 226 -24.15 18.96 -42.29
C THR J 226 -25.19 19.77 -43.04
N LYS J 227 -26.00 20.52 -42.29
CA LYS J 227 -27.07 21.31 -42.87
C LYS J 227 -26.57 22.28 -43.94
N PHE J 228 -25.55 23.07 -43.61
CA PHE J 228 -25.13 24.18 -44.46
C PHE J 228 -24.03 23.88 -45.48
N ASP J 229 -23.51 22.65 -45.46
CA ASP J 229 -22.57 22.17 -46.49
C ASP J 229 -21.44 23.18 -46.84
N PRO J 230 -20.68 23.65 -45.81
CA PRO J 230 -19.58 24.55 -46.14
C PRO J 230 -18.42 23.84 -46.82
N GLU J 231 -17.54 24.61 -47.46
CA GLU J 231 -16.34 24.07 -48.07
C GLU J 231 -15.14 24.17 -47.10
N VAL J 232 -15.20 25.19 -46.25
CA VAL J 232 -14.14 25.48 -45.30
C VAL J 232 -14.82 26.01 -44.03
N PHE J 233 -14.36 25.55 -42.87
CA PHE J 233 -14.99 25.89 -41.58
C PHE J 233 -14.04 26.60 -40.65
N LEU J 234 -14.53 27.69 -40.08
CA LEU J 234 -13.79 28.46 -39.09
C LEU J 234 -14.55 28.49 -37.77
N ALA J 235 -14.12 27.69 -36.81
CA ALA J 235 -14.66 27.73 -35.45
C ALA J 235 -14.11 28.94 -34.70
N VAL J 236 -14.92 29.53 -33.82
CA VAL J 236 -14.47 30.66 -33.01
C VAL J 236 -14.70 30.36 -31.53
N ASP J 237 -13.62 30.20 -30.78
CA ASP J 237 -13.69 29.62 -29.44
C ASP J 237 -12.42 29.92 -28.69
N CYS J 238 -12.48 29.95 -27.36
CA CYS J 238 -11.27 30.20 -26.57
C CYS J 238 -10.84 29.03 -25.68
N SER J 239 -9.55 29.01 -25.35
CA SER J 239 -8.92 27.86 -24.71
C SER J 239 -8.18 28.19 -23.41
N PRO J 240 -7.77 27.16 -22.64
CA PRO J 240 -7.04 27.44 -21.41
C PRO J 240 -5.70 28.17 -21.64
N ALA J 241 -5.49 29.27 -20.93
CA ALA J 241 -4.17 29.87 -20.84
C ALA J 241 -3.34 29.07 -19.83
N GLY J 242 -2.09 28.78 -20.18
CA GLY J 242 -1.23 28.02 -19.28
C GLY J 242 -0.17 28.88 -18.60
N ASP J 243 -0.02 30.12 -19.05
CA ASP J 243 1.08 30.99 -18.61
C ASP J 243 1.32 30.95 -17.10
N VAL J 244 0.23 31.09 -16.34
CA VAL J 244 0.29 31.22 -14.90
C VAL J 244 0.73 29.91 -14.22
N TYR J 245 0.54 28.79 -14.89
CA TYR J 245 0.91 27.47 -14.37
C TYR J 245 2.17 26.95 -15.06
N GLY J 246 2.90 27.86 -15.71
CA GLY J 246 4.10 27.53 -16.49
C GLY J 246 3.86 26.69 -17.74
N GLY J 247 2.59 26.59 -18.17
CA GLY J 247 2.24 25.90 -19.40
C GLY J 247 2.14 26.88 -20.56
N GLN J 248 1.89 26.37 -21.76
CA GLN J 248 1.79 27.22 -22.93
C GLN J 248 0.41 27.88 -23.08
N GLY J 249 0.39 29.06 -23.71
CA GLY J 249 -0.83 29.85 -23.85
C GLY J 249 -0.79 31.03 -22.90
N LYS J 250 -0.50 32.20 -23.46
CA LYS J 250 -0.22 33.38 -22.64
C LYS J 250 -1.19 34.53 -22.92
N ILE J 251 -1.88 34.97 -21.87
CA ILE J 251 -2.77 36.14 -21.92
C ILE J 251 -2.03 37.38 -22.44
N GLY J 252 -2.58 38.01 -23.47
CA GLY J 252 -1.97 39.20 -24.07
C GLY J 252 -1.04 38.92 -25.25
N ASP J 253 -0.74 37.65 -25.50
CA ASP J 253 0.16 37.28 -26.61
C ASP J 253 -0.59 37.01 -27.92
N GLY J 254 -1.82 37.52 -28.03
CA GLY J 254 -2.56 37.49 -29.28
C GLY J 254 -3.38 36.25 -29.52
N THR J 255 -3.87 36.12 -30.74
CA THR J 255 -4.77 35.05 -31.11
C THR J 255 -3.99 33.77 -31.45
N LEU J 256 -4.64 32.61 -31.32
CA LEU J 256 -3.93 31.32 -31.33
C LEU J 256 -3.90 30.63 -32.69
N ILE J 257 -2.74 30.10 -33.05
CA ILE J 257 -2.62 29.24 -34.21
C ILE J 257 -2.65 27.81 -33.70
N ARG J 258 -3.79 27.15 -33.85
CA ARG J 258 -4.04 25.86 -33.24
C ARG J 258 -3.67 24.72 -34.19
N PHE J 259 -2.41 24.30 -34.13
CA PHE J 259 -1.92 23.27 -35.05
C PHE J 259 -2.39 21.87 -34.70
N TYR J 260 -2.71 21.66 -33.42
CA TYR J 260 -3.12 20.35 -32.94
C TYR J 260 -4.06 20.42 -31.74
N ASP J 261 -4.97 19.46 -31.68
CA ASP J 261 -5.63 19.05 -30.46
C ASP J 261 -6.06 17.59 -30.62
N PRO J 262 -6.47 16.93 -29.52
CA PRO J 262 -6.77 15.49 -29.63
C PRO J 262 -7.80 15.12 -30.70
N GLY J 263 -8.60 16.09 -31.15
CA GLY J 263 -9.69 15.84 -32.09
C GLY J 263 -9.57 16.51 -33.47
N HIS J 264 -8.54 17.33 -33.65
CA HIS J 264 -8.36 18.02 -34.93
C HIS J 264 -6.90 18.31 -35.29
N LEU J 265 -6.52 17.96 -36.51
CA LEU J 265 -5.21 18.32 -37.05
C LEU J 265 -5.34 19.45 -38.08
N LEU J 266 -4.64 20.56 -37.84
CA LEU J 266 -4.63 21.68 -38.79
C LEU J 266 -3.89 21.31 -40.07
N LEU J 267 -4.60 21.31 -41.19
CA LEU J 267 -4.04 20.87 -42.48
C LEU J 267 -3.11 21.92 -43.11
N PRO J 268 -2.06 21.47 -43.82
CA PRO J 268 -1.02 22.38 -44.36
C PRO J 268 -1.59 23.53 -45.18
N GLY J 269 -2.54 23.23 -46.07
CA GLY J 269 -3.22 24.25 -46.87
C GLY J 269 -3.80 25.35 -46.00
N MET J 270 -4.58 24.96 -44.99
CA MET J 270 -5.20 25.89 -44.05
C MET J 270 -4.16 26.68 -43.25
N LYS J 271 -3.09 26.00 -42.84
CA LYS J 271 -1.98 26.63 -42.12
C LYS J 271 -1.28 27.75 -42.91
N ASP J 272 -0.90 27.47 -44.16
CA ASP J 272 -0.27 28.49 -45.03
C ASP J 272 -1.19 29.70 -45.07
N PHE J 273 -2.47 29.43 -45.29
CA PHE J 273 -3.51 30.46 -45.36
C PHE J 273 -3.58 31.27 -44.07
N LEU J 274 -3.63 30.58 -42.93
CA LEU J 274 -3.65 31.26 -41.63
C LEU J 274 -2.45 32.21 -41.46
N LEU J 275 -1.26 31.70 -41.73
CA LEU J 275 -0.02 32.42 -41.44
C LEU J 275 0.17 33.61 -42.37
N THR J 276 -0.09 33.39 -43.65
CA THR J 276 -0.01 34.43 -44.67
C THR J 276 -0.94 35.60 -44.33
N THR J 277 -2.20 35.29 -44.01
CA THR J 277 -3.18 36.32 -43.59
C THR J 277 -2.69 37.13 -42.38
N ALA J 278 -2.28 36.42 -41.32
CA ALA J 278 -1.77 37.02 -40.08
C ALA J 278 -0.61 38.01 -40.31
N GLU J 279 0.29 37.65 -41.22
CA GLU J 279 1.42 38.51 -41.59
C GLU J 279 0.95 39.74 -42.39
N GLU J 280 0.04 39.53 -43.34
CA GLU J 280 -0.46 40.64 -44.15
C GLU J 280 -1.25 41.67 -43.34
N ALA J 281 -2.00 41.22 -42.33
CA ALA J 281 -2.86 42.11 -41.54
C ALA J 281 -2.22 42.61 -40.25
N GLY J 282 -0.96 42.23 -40.02
CA GLY J 282 -0.21 42.65 -38.83
C GLY J 282 -0.76 42.08 -37.52
N ILE J 283 -1.28 40.85 -37.59
CA ILE J 283 -1.93 40.22 -36.45
C ILE J 283 -0.89 39.67 -35.47
N LYS J 284 -1.08 39.95 -34.18
CA LYS J 284 -0.27 39.35 -33.13
C LYS J 284 -0.86 37.98 -32.83
N TYR J 285 -0.04 36.94 -33.03
CA TYR J 285 -0.48 35.56 -32.82
C TYR J 285 0.52 34.71 -32.05
N GLN J 286 0.06 33.61 -31.48
CA GLN J 286 0.93 32.64 -30.82
C GLN J 286 0.56 31.22 -31.24
N TYR J 287 1.55 30.35 -31.31
CA TYR J 287 1.30 28.94 -31.56
C TYR J 287 0.68 28.34 -30.31
N TYR J 288 -0.25 27.40 -30.48
CA TYR J 288 -1.00 26.83 -29.36
C TYR J 288 -1.38 25.35 -29.58
N CYS J 289 -0.85 24.51 -28.71
CA CYS J 289 -1.10 23.08 -28.78
C CYS J 289 -2.24 22.68 -27.85
N GLY J 290 -3.40 22.40 -28.42
CA GLY J 290 -4.62 22.14 -27.64
C GLY J 290 -4.67 20.79 -26.96
N LYS J 291 -5.18 20.78 -25.73
CA LYS J 291 -5.34 19.56 -24.96
C LYS J 291 -6.81 19.16 -24.85
N GLY J 292 -7.68 20.01 -25.40
CA GLY J 292 -9.11 19.77 -25.45
C GLY J 292 -9.64 20.06 -26.84
N GLY J 293 -10.93 19.82 -27.04
CA GLY J 293 -11.55 19.98 -28.36
C GLY J 293 -12.34 21.26 -28.57
N THR J 294 -12.52 21.63 -29.84
CA THR J 294 -13.41 22.71 -30.25
C THR J 294 -14.36 22.18 -31.33
N ASP J 295 -15.28 23.02 -31.78
CA ASP J 295 -16.29 22.64 -32.78
C ASP J 295 -15.68 22.11 -34.08
N ALA J 296 -14.44 22.54 -34.35
CA ALA J 296 -13.68 22.06 -35.51
C ALA J 296 -13.57 20.52 -35.55
N GLY J 297 -13.41 19.91 -34.38
CA GLY J 297 -13.22 18.46 -34.26
C GLY J 297 -14.34 17.61 -34.82
N ALA J 298 -15.56 18.15 -34.82
CA ALA J 298 -16.71 17.47 -35.37
C ALA J 298 -17.00 17.96 -36.80
N ALA J 299 -17.05 19.28 -36.96
CA ALA J 299 -17.40 19.89 -38.24
C ALA J 299 -16.64 19.31 -39.42
N HIS J 300 -15.31 19.25 -39.29
CA HIS J 300 -14.43 18.86 -40.40
C HIS J 300 -14.67 17.43 -40.92
N LEU J 301 -15.33 16.61 -40.10
CA LEU J 301 -15.66 15.22 -40.44
C LEU J 301 -17.02 15.06 -41.13
N LYS J 302 -17.80 16.14 -41.19
CA LYS J 302 -19.16 16.12 -41.72
C LYS J 302 -19.20 16.20 -43.25
N ASN J 303 -20.27 15.68 -43.84
CA ASN J 303 -20.42 15.66 -45.29
C ASN J 303 -19.19 15.02 -45.98
N GLY J 304 -18.62 15.70 -46.97
CA GLY J 304 -17.48 15.19 -47.71
C GLY J 304 -16.14 15.61 -47.15
N GLY J 305 -16.18 16.33 -46.03
CA GLY J 305 -14.95 16.84 -45.40
C GLY J 305 -14.82 18.34 -45.52
N VAL J 306 -14.47 18.99 -44.42
CA VAL J 306 -14.41 20.44 -44.35
C VAL J 306 -13.15 20.91 -43.63
N PRO J 307 -12.09 21.29 -44.38
CA PRO J 307 -10.90 21.82 -43.71
C PRO J 307 -11.25 22.94 -42.71
N SER J 308 -10.68 22.86 -41.52
CA SER J 308 -11.09 23.73 -40.42
C SER J 308 -9.93 24.27 -39.58
N THR J 309 -10.25 25.30 -38.79
CA THR J 309 -9.49 25.69 -37.61
C THR J 309 -10.41 26.41 -36.65
N THR J 310 -9.79 26.89 -35.58
CA THR J 310 -10.47 27.70 -34.60
C THR J 310 -9.68 28.99 -34.49
N ILE J 311 -10.38 30.08 -34.75
CA ILE J 311 -9.85 31.42 -34.53
C ILE J 311 -10.07 31.68 -33.06
N GLY J 312 -8.99 31.56 -32.29
CA GLY J 312 -9.09 31.46 -30.85
C GLY J 312 -8.29 32.46 -30.06
N VAL J 313 -8.63 32.54 -28.79
CA VAL J 313 -7.96 33.39 -27.82
C VAL J 313 -7.78 32.49 -26.60
N CYS J 314 -6.76 32.72 -25.79
CA CYS J 314 -6.68 31.96 -24.55
C CYS J 314 -7.08 32.81 -23.35
N ALA J 315 -7.55 32.13 -22.31
CA ALA J 315 -8.05 32.76 -21.11
C ALA J 315 -7.73 31.86 -19.94
N ARG J 316 -7.51 32.47 -18.79
CA ARG J 316 -7.14 31.73 -17.59
C ARG J 316 -8.39 31.24 -16.88
N TYR J 317 -8.35 29.99 -16.44
CA TYR J 317 -9.40 29.40 -15.60
C TYR J 317 -10.75 29.34 -16.31
N ILE J 318 -10.71 28.86 -17.56
CA ILE J 318 -11.89 28.50 -18.32
C ILE J 318 -12.67 27.46 -17.53
N HIS J 319 -13.99 27.39 -17.76
CA HIS J 319 -14.85 26.42 -17.08
C HIS J 319 -14.86 26.65 -15.58
N SER J 320 -15.00 27.91 -15.19
CA SER J 320 -15.16 28.30 -13.78
C SER J 320 -15.97 29.59 -13.69
N HIS J 321 -16.19 30.09 -12.48
CA HIS J 321 -16.89 31.37 -12.29
C HIS J 321 -15.94 32.52 -12.55
N GLN J 322 -14.65 32.25 -12.44
CA GLN J 322 -13.64 33.29 -12.49
C GLN J 322 -12.64 33.13 -13.63
N THR J 323 -13.03 33.56 -14.82
CA THR J 323 -12.12 33.53 -15.96
C THR J 323 -11.45 34.89 -16.17
N LEU J 324 -10.14 34.87 -16.35
CA LEU J 324 -9.34 36.08 -16.56
C LEU J 324 -8.75 36.10 -17.97
N TYR J 325 -8.94 37.23 -18.67
CA TYR J 325 -8.56 37.35 -20.09
C TYR J 325 -8.31 38.78 -20.54
N ALA J 326 -7.66 38.91 -21.69
CA ALA J 326 -7.24 40.21 -22.21
C ALA J 326 -8.21 40.77 -23.23
N MET J 327 -8.39 42.08 -23.21
CA MET J 327 -9.21 42.75 -24.20
C MET J 327 -8.47 42.94 -25.52
N ASP J 328 -7.15 43.13 -25.43
CA ASP J 328 -6.32 43.26 -26.62
C ASP J 328 -6.38 41.99 -27.47
N ASP J 329 -6.47 40.85 -26.80
CA ASP J 329 -6.52 39.56 -27.47
C ASP J 329 -7.75 39.43 -28.35
N PHE J 330 -8.87 39.97 -27.87
CA PHE J 330 -10.12 39.99 -28.63
C PHE J 330 -9.95 40.81 -29.91
N LEU J 331 -9.38 42.01 -29.76
CA LEU J 331 -9.15 42.89 -30.91
C LEU J 331 -8.30 42.20 -31.95
N GLU J 332 -7.24 41.52 -31.49
CA GLU J 332 -6.32 40.79 -32.37
C GLU J 332 -7.01 39.64 -33.10
N ALA J 333 -7.87 38.90 -32.37
CA ALA J 333 -8.61 37.79 -32.95
C ALA J 333 -9.67 38.28 -33.94
N GLN J 334 -10.37 39.34 -33.58
CA GLN J 334 -11.41 39.93 -34.43
C GLN J 334 -10.84 40.42 -35.75
N ALA J 335 -9.75 41.17 -35.67
CA ALA J 335 -9.06 41.66 -36.85
C ALA J 335 -8.58 40.50 -37.71
N PHE J 336 -8.15 39.42 -37.04
CA PHE J 336 -7.69 38.22 -37.72
C PHE J 336 -8.87 37.53 -38.41
N LEU J 337 -10.01 37.50 -37.75
CA LEU J 337 -11.20 36.88 -38.29
C LEU J 337 -11.62 37.62 -39.56
N GLN J 338 -11.73 38.95 -39.44
CA GLN J 338 -12.18 39.80 -40.54
C GLN J 338 -11.34 39.62 -41.79
N ALA J 339 -10.02 39.64 -41.60
CA ALA J 339 -9.08 39.49 -42.70
C ALA J 339 -9.27 38.14 -43.37
N LEU J 340 -9.38 37.08 -42.57
CA LEU J 340 -9.53 35.72 -43.10
C LEU J 340 -10.76 35.57 -43.98
N VAL J 341 -11.90 36.09 -43.54
CA VAL J 341 -13.13 35.95 -44.32
C VAL J 341 -13.16 36.85 -45.55
N LYS J 342 -12.59 38.05 -45.44
CA LYS J 342 -12.43 38.95 -46.58
C LYS J 342 -11.50 38.34 -47.63
N LYS J 343 -10.62 37.44 -47.20
CA LYS J 343 -9.65 36.83 -48.09
C LYS J 343 -10.10 35.49 -48.66
N LEU J 344 -11.16 34.92 -48.09
CA LEU J 344 -11.68 33.66 -48.61
C LEU J 344 -12.53 33.86 -49.86
N ASP J 345 -12.09 33.22 -50.94
CA ASP J 345 -12.80 33.19 -52.23
C ASP J 345 -12.45 31.89 -52.96
N ARG J 346 -12.96 31.72 -54.18
CA ARG J 346 -12.74 30.50 -54.96
C ARG J 346 -11.24 30.14 -55.10
N SER J 347 -10.39 31.15 -55.28
CA SER J 347 -8.96 30.92 -55.39
C SER J 347 -8.34 30.39 -54.12
N THR J 348 -8.65 31.06 -53.02
CA THR J 348 -8.00 30.76 -51.75
C THR J 348 -8.46 29.44 -51.13
N VAL J 349 -9.73 29.09 -51.28
CA VAL J 349 -10.18 27.79 -50.74
C VAL J 349 -9.77 26.63 -51.65
N ASP J 350 -9.60 26.89 -52.94
CA ASP J 350 -9.04 25.90 -53.87
C ASP J 350 -7.60 25.59 -53.46
N LEU J 351 -6.88 26.63 -53.03
CA LEU J 351 -5.48 26.50 -52.61
C LEU J 351 -5.40 25.80 -51.27
N ILE J 352 -6.33 26.10 -50.37
CA ILE J 352 -6.42 25.40 -49.08
C ILE J 352 -6.65 23.91 -49.36
N LYS J 353 -7.56 23.63 -50.29
CA LYS J 353 -7.90 22.26 -50.64
C LYS J 353 -7.05 21.69 -51.77
N HIS J 354 -5.87 22.29 -52.02
CA HIS J 354 -5.02 21.81 -53.11
C HIS J 354 -4.45 20.41 -52.84
N TYR J 355 -5.11 19.40 -53.38
CA TYR J 355 -4.68 18.01 -53.23
C TYR J 355 -4.09 17.46 -54.54
N SER K 1 -55.70 -6.51 -21.75
CA SER K 1 -55.66 -7.89 -21.17
C SER K 1 -54.23 -8.32 -20.82
N MET K 2 -54.00 -8.53 -19.53
CA MET K 2 -52.66 -8.84 -19.00
C MET K 2 -52.16 -10.20 -19.47
N THR K 3 -53.09 -11.12 -19.65
CA THR K 3 -52.77 -12.47 -20.03
C THR K 3 -52.25 -12.54 -21.49
N THR K 4 -52.84 -11.74 -22.37
CA THR K 4 -52.39 -11.61 -23.77
C THR K 4 -51.04 -10.88 -23.83
N LEU K 5 -50.89 -9.88 -22.96
CA LEU K 5 -49.67 -9.11 -22.86
C LEU K 5 -48.47 -9.99 -22.49
N PHE K 6 -48.66 -10.89 -21.53
CA PHE K 6 -47.59 -11.81 -21.15
C PHE K 6 -47.17 -12.68 -22.34
N SER K 7 -48.15 -13.23 -23.06
CA SER K 7 -47.86 -14.07 -24.22
C SER K 7 -47.01 -13.34 -25.25
N LYS K 8 -47.33 -12.07 -25.48
CA LYS K 8 -46.61 -11.24 -26.44
C LYS K 8 -45.19 -10.99 -25.96
N ILE K 9 -45.07 -10.66 -24.68
CA ILE K 9 -43.76 -10.45 -24.05
C ILE K 9 -42.93 -11.74 -24.12
N LYS K 10 -43.55 -12.87 -23.82
CA LYS K 10 -42.89 -14.17 -23.87
C LYS K 10 -42.32 -14.43 -25.25
N GLU K 11 -43.06 -14.03 -26.28
CA GLU K 11 -42.66 -14.26 -27.68
C GLU K 11 -41.41 -13.47 -28.07
N VAL K 12 -41.43 -12.16 -27.83
CA VAL K 12 -40.33 -11.27 -28.21
C VAL K 12 -39.06 -11.48 -27.40
N THR K 13 -39.20 -11.71 -26.10
CA THR K 13 -38.04 -11.87 -25.22
C THR K 13 -37.32 -13.18 -25.44
N GLU K 14 -38.03 -14.19 -25.96
CA GLU K 14 -37.41 -15.50 -26.15
C GLU K 14 -36.77 -15.67 -27.53
N LEU K 15 -36.88 -14.64 -28.36
CA LEU K 15 -36.17 -14.60 -29.63
C LEU K 15 -34.69 -14.33 -29.36
N ALA K 16 -33.83 -14.87 -30.21
CA ALA K 16 -32.37 -14.73 -30.04
C ALA K 16 -31.71 -13.81 -31.09
N ALA K 17 -31.31 -12.61 -30.65
CA ALA K 17 -30.64 -11.67 -31.54
C ALA K 17 -29.61 -10.79 -30.83
N VAL K 18 -28.36 -11.22 -30.93
CA VAL K 18 -27.21 -10.45 -30.50
C VAL K 18 -26.92 -9.43 -31.62
N SER K 19 -26.30 -8.30 -31.26
CA SER K 19 -26.02 -7.24 -32.21
C SER K 19 -25.41 -7.75 -33.51
N GLY K 20 -25.87 -7.22 -34.63
CA GLY K 20 -25.34 -7.60 -35.94
C GLY K 20 -25.99 -8.86 -36.47
N HIS K 21 -26.85 -9.47 -35.68
CA HIS K 21 -27.46 -10.75 -36.00
C HIS K 21 -28.93 -10.76 -35.61
N GLU K 22 -29.67 -9.75 -36.07
CA GLU K 22 -31.04 -9.58 -35.62
C GLU K 22 -32.11 -10.02 -36.63
N ALA K 23 -31.71 -10.87 -37.57
CA ALA K 23 -32.63 -11.54 -38.49
C ALA K 23 -33.89 -12.09 -37.82
N PRO K 24 -33.73 -12.88 -36.72
CA PRO K 24 -34.95 -13.46 -36.16
C PRO K 24 -35.94 -12.43 -35.63
N VAL K 25 -35.45 -11.34 -35.04
CA VAL K 25 -36.31 -10.27 -34.52
C VAL K 25 -36.84 -9.41 -35.66
N ARG K 26 -36.02 -9.25 -36.71
CA ARG K 26 -36.46 -8.55 -37.92
C ARG K 26 -37.63 -9.28 -38.58
N ALA K 27 -37.55 -10.60 -38.67
CA ALA K 27 -38.62 -11.41 -39.29
C ALA K 27 -39.92 -11.26 -38.49
N TYR K 28 -39.79 -11.31 -37.16
CA TYR K 28 -40.94 -11.08 -36.30
C TYR K 28 -41.57 -9.74 -36.61
N LEU K 29 -40.76 -8.69 -36.61
CA LEU K 29 -41.26 -7.33 -36.77
C LEU K 29 -41.84 -7.06 -38.14
N ARG K 30 -41.25 -7.67 -39.17
CA ARG K 30 -41.76 -7.56 -40.54
C ARG K 30 -43.18 -8.11 -40.62
N GLU K 31 -43.41 -9.24 -39.96
CA GLU K 31 -44.69 -9.92 -39.96
C GLU K 31 -45.79 -9.13 -39.22
N LYS K 32 -45.39 -8.28 -38.28
CA LYS K 32 -46.37 -7.51 -37.49
C LYS K 32 -46.55 -6.10 -38.03
N LEU K 33 -45.53 -5.62 -38.73
CA LEU K 33 -45.53 -4.29 -39.33
C LEU K 33 -46.27 -4.26 -40.67
N THR K 34 -46.01 -5.26 -41.51
CA THR K 34 -46.46 -5.26 -42.92
C THR K 34 -47.96 -5.02 -43.15
N PRO K 35 -48.84 -5.61 -42.31
CA PRO K 35 -50.27 -5.39 -42.56
C PRO K 35 -50.82 -4.01 -42.19
N HIS K 36 -50.12 -3.27 -41.33
CA HIS K 36 -50.68 -2.05 -40.74
C HIS K 36 -49.98 -0.77 -41.24
N VAL K 37 -49.39 -0.86 -42.41
CA VAL K 37 -48.43 0.15 -42.86
C VAL K 37 -48.41 0.15 -44.39
N ASP K 38 -48.18 1.32 -44.98
CA ASP K 38 -48.16 1.47 -46.44
C ASP K 38 -46.92 0.87 -47.12
N GLU K 39 -45.79 0.86 -46.42
CA GLU K 39 -44.51 0.43 -46.99
C GLU K 39 -43.51 -0.05 -45.94
N VAL K 40 -42.83 -1.16 -46.22
CA VAL K 40 -41.78 -1.67 -45.34
C VAL K 40 -40.42 -1.50 -46.01
N VAL K 41 -39.57 -0.71 -45.36
CA VAL K 41 -38.24 -0.42 -45.87
C VAL K 41 -37.20 -0.76 -44.81
N THR K 42 -35.97 -0.98 -45.27
CA THR K 42 -34.90 -1.41 -44.40
C THR K 42 -33.66 -0.52 -44.61
N ASP K 43 -32.85 -0.33 -43.57
CA ASP K 43 -31.62 0.43 -43.78
C ASP K 43 -30.43 -0.47 -44.16
N GLY K 44 -29.32 0.13 -44.55
CA GLY K 44 -28.16 -0.61 -45.04
C GLY K 44 -27.66 -1.68 -44.09
N LEU K 45 -27.87 -1.45 -42.81
CA LEU K 45 -27.38 -2.33 -41.75
C LEU K 45 -28.42 -3.34 -41.24
N GLY K 46 -29.64 -3.28 -41.78
CA GLY K 46 -30.67 -4.26 -41.46
C GLY K 46 -31.82 -3.83 -40.56
N GLY K 47 -31.82 -2.58 -40.11
CA GLY K 47 -32.98 -2.05 -39.37
C GLY K 47 -34.22 -2.01 -40.25
N ILE K 48 -35.36 -2.48 -39.72
CA ILE K 48 -36.63 -2.44 -40.46
C ILE K 48 -37.46 -1.28 -39.96
N PHE K 49 -38.23 -0.71 -40.88
CA PHE K 49 -39.15 0.37 -40.55
C PHE K 49 -40.41 0.33 -41.42
N GLY K 50 -41.54 0.63 -40.80
CA GLY K 50 -42.79 0.76 -41.52
C GLY K 50 -43.05 2.22 -41.82
N ILE K 51 -43.58 2.49 -43.01
CA ILE K 51 -43.92 3.86 -43.40
C ILE K 51 -45.43 4.01 -43.52
N LYS K 52 -45.97 4.92 -42.74
CA LYS K 52 -47.39 5.23 -42.78
C LYS K 52 -47.57 6.64 -43.38
N HIS K 53 -47.88 6.70 -44.67
CA HIS K 53 -48.09 7.96 -45.39
C HIS K 53 -49.22 8.78 -44.77
N SER K 54 -49.08 10.09 -44.80
CA SER K 54 -50.11 11.00 -44.28
C SER K 54 -50.68 11.87 -45.39
N GLU K 55 -51.95 12.23 -45.23
CA GLU K 55 -52.64 13.04 -46.23
C GLU K 55 -52.43 14.55 -46.04
N ALA K 56 -51.88 14.95 -44.90
CA ALA K 56 -51.64 16.36 -44.57
C ALA K 56 -50.66 17.03 -45.54
N VAL K 57 -50.89 18.32 -45.79
CA VAL K 57 -50.19 19.11 -46.83
C VAL K 57 -48.65 19.09 -46.70
N ASP K 58 -48.17 19.50 -45.52
CA ASP K 58 -46.73 19.66 -45.26
C ASP K 58 -46.34 18.78 -44.08
N ALA K 59 -46.76 17.51 -44.12
CA ALA K 59 -46.58 16.61 -42.98
C ALA K 59 -45.11 16.39 -42.69
N PRO K 60 -44.68 16.65 -41.43
CA PRO K 60 -43.31 16.38 -41.00
C PRO K 60 -43.06 14.88 -40.85
N ARG K 61 -41.86 14.43 -41.18
CA ARG K 61 -41.52 13.02 -40.99
C ARG K 61 -41.24 12.77 -39.50
N VAL K 62 -41.77 11.67 -38.97
CA VAL K 62 -41.49 11.28 -37.59
C VAL K 62 -40.89 9.87 -37.58
N LEU K 63 -39.70 9.74 -37.00
CA LEU K 63 -39.08 8.43 -36.81
C LEU K 63 -39.30 7.93 -35.39
N VAL K 64 -39.88 6.73 -35.28
CA VAL K 64 -40.03 6.04 -34.02
C VAL K 64 -39.25 4.75 -34.14
N ALA K 65 -38.17 4.63 -33.36
CA ALA K 65 -37.30 3.45 -33.42
C ALA K 65 -36.98 2.85 -32.05
N SER K 66 -37.14 1.52 -31.94
CA SER K 66 -36.62 0.77 -30.80
C SER K 66 -35.33 0.10 -31.24
N HIS K 67 -34.94 -0.98 -30.59
CA HIS K 67 -33.80 -1.76 -31.10
C HIS K 67 -33.93 -3.27 -30.92
N MET K 68 -33.52 -3.99 -31.95
CA MET K 68 -33.74 -5.43 -32.04
C MET K 68 -32.70 -6.27 -31.31
N ASP K 69 -31.49 -5.72 -31.13
CA ASP K 69 -30.41 -6.51 -30.57
C ASP K 69 -30.49 -6.63 -29.04
N GLU K 70 -29.95 -7.73 -28.53
CA GLU K 70 -29.78 -7.92 -27.10
C GLU K 70 -28.32 -8.14 -26.78
N VAL K 71 -27.96 -8.06 -25.50
CA VAL K 71 -26.60 -8.36 -25.09
C VAL K 71 -26.36 -9.87 -25.13
N GLY K 72 -25.11 -10.23 -25.41
CA GLY K 72 -24.68 -11.61 -25.45
C GLY K 72 -23.18 -11.64 -25.62
N PHE K 73 -22.67 -12.74 -26.16
CA PHE K 73 -21.24 -12.91 -26.38
C PHE K 73 -20.96 -13.44 -27.79
N MET K 74 -19.68 -13.49 -28.13
CA MET K 74 -19.24 -14.01 -29.41
C MET K 74 -17.98 -14.82 -29.18
N VAL K 75 -17.93 -15.99 -29.80
CA VAL K 75 -16.75 -16.84 -29.74
C VAL K 75 -15.58 -16.06 -30.34
N SER K 76 -14.52 -15.88 -29.55
CA SER K 76 -13.30 -15.25 -30.07
C SER K 76 -12.26 -16.30 -30.43
N GLU K 77 -12.34 -17.46 -29.78
CA GLU K 77 -11.54 -18.64 -30.16
C GLU K 77 -12.09 -19.94 -29.59
N ILE K 78 -11.78 -21.03 -30.27
CA ILE K 78 -12.01 -22.37 -29.75
C ILE K 78 -10.67 -22.93 -29.26
N LYS K 79 -10.62 -23.23 -27.96
CA LYS K 79 -9.47 -23.88 -27.35
C LYS K 79 -9.30 -25.35 -27.81
N PRO K 80 -8.08 -25.91 -27.71
CA PRO K 80 -7.87 -27.34 -28.02
C PRO K 80 -8.72 -28.28 -27.19
N ASP K 81 -9.00 -27.92 -25.93
CA ASP K 81 -9.84 -28.76 -25.08
C ASP K 81 -11.34 -28.67 -25.47
N GLY K 82 -11.61 -27.90 -26.52
CA GLY K 82 -12.96 -27.78 -27.06
C GLY K 82 -13.83 -26.66 -26.50
N THR K 83 -13.31 -25.97 -25.48
CA THR K 83 -14.04 -24.88 -24.85
C THR K 83 -13.87 -23.62 -25.68
N PHE K 84 -14.58 -22.57 -25.30
CA PHE K 84 -14.51 -21.31 -26.01
C PHE K 84 -14.14 -20.13 -25.09
N ARG K 85 -13.31 -19.23 -25.60
CA ARG K 85 -13.16 -17.93 -24.99
C ARG K 85 -13.97 -16.95 -25.84
N VAL K 86 -14.53 -15.96 -25.17
CA VAL K 86 -15.47 -15.06 -25.81
C VAL K 86 -15.05 -13.61 -25.69
N VAL K 87 -15.73 -12.78 -26.48
CA VAL K 87 -15.66 -11.34 -26.33
C VAL K 87 -17.11 -10.88 -26.12
N GLU K 88 -17.30 -9.85 -25.30
CA GLU K 88 -18.65 -9.39 -24.97
C GLU K 88 -19.28 -8.51 -26.05
N ILE K 89 -20.57 -8.72 -26.29
CA ILE K 89 -21.33 -7.90 -27.22
C ILE K 89 -22.41 -7.19 -26.43
N GLY K 90 -22.22 -5.89 -26.25
CA GLY K 90 -22.95 -5.13 -25.25
C GLY K 90 -22.15 -5.14 -23.96
N GLY K 91 -22.47 -4.22 -23.04
CA GLY K 91 -21.78 -4.17 -21.75
C GLY K 91 -22.31 -5.16 -20.72
N TRP K 92 -21.45 -6.07 -20.26
CA TRP K 92 -21.82 -6.98 -19.19
C TRP K 92 -21.04 -6.67 -17.91
N ASN K 93 -21.74 -6.75 -16.79
CA ASN K 93 -21.14 -6.74 -15.45
C ASN K 93 -20.56 -8.12 -15.17
N PRO K 94 -19.22 -8.21 -15.05
CA PRO K 94 -18.59 -9.54 -14.98
C PRO K 94 -19.09 -10.39 -13.80
N MET K 95 -19.71 -9.76 -12.82
CA MET K 95 -20.21 -10.47 -11.64
C MET K 95 -21.44 -11.34 -11.94
N VAL K 96 -22.02 -11.18 -13.13
CA VAL K 96 -23.27 -11.89 -13.48
C VAL K 96 -23.10 -12.92 -14.59
N VAL K 97 -21.87 -13.07 -15.08
CA VAL K 97 -21.61 -13.83 -16.29
C VAL K 97 -21.29 -15.31 -16.03
N SER K 98 -20.77 -15.61 -14.85
CA SER K 98 -20.37 -16.98 -14.53
C SER K 98 -21.60 -17.85 -14.29
N SER K 99 -21.55 -19.09 -14.78
CA SER K 99 -22.62 -20.09 -14.58
C SER K 99 -23.98 -19.66 -15.12
N GLN K 100 -24.05 -19.52 -16.45
CA GLN K 100 -25.26 -19.12 -17.15
C GLN K 100 -25.44 -19.95 -18.41
N ARG K 101 -26.68 -20.21 -18.80
CA ARG K 101 -26.96 -20.91 -20.06
C ARG K 101 -26.95 -19.96 -21.24
N PHE K 102 -26.54 -20.48 -22.39
CA PHE K 102 -26.60 -19.74 -23.63
C PHE K 102 -26.93 -20.70 -24.75
N LYS K 103 -27.36 -20.14 -25.88
CA LYS K 103 -27.46 -20.84 -27.14
C LYS K 103 -26.39 -20.28 -28.06
N LEU K 104 -25.52 -21.16 -28.54
CA LEU K 104 -24.50 -20.79 -29.51
C LEU K 104 -25.10 -20.97 -30.90
N LEU K 105 -25.21 -19.86 -31.62
CA LEU K 105 -25.83 -19.86 -32.94
C LEU K 105 -24.78 -20.02 -34.04
N THR K 106 -24.88 -21.15 -34.73
CA THR K 106 -23.93 -21.56 -35.76
C THR K 106 -24.37 -21.08 -37.14
N ARG K 107 -23.40 -20.90 -38.05
CA ARG K 107 -23.70 -20.46 -39.42
C ARG K 107 -24.66 -21.42 -40.16
N ASP K 108 -24.43 -22.72 -40.06
CA ASP K 108 -25.32 -23.70 -40.70
C ASP K 108 -26.64 -23.93 -39.94
N GLY K 109 -26.99 -22.97 -39.08
CA GLY K 109 -28.25 -23.00 -38.31
C GLY K 109 -28.37 -23.99 -37.15
N HIS K 110 -27.28 -24.62 -36.74
CA HIS K 110 -27.25 -25.40 -35.49
C HIS K 110 -27.52 -24.46 -34.32
N GLU K 111 -28.14 -24.99 -33.26
CA GLU K 111 -28.36 -24.24 -32.02
C GLU K 111 -27.80 -25.04 -30.85
N ILE K 112 -26.54 -24.80 -30.50
CA ILE K 112 -25.86 -25.68 -29.56
C ILE K 112 -25.84 -25.08 -28.13
N PRO K 113 -26.26 -25.87 -27.11
CA PRO K 113 -26.23 -25.45 -25.71
C PRO K 113 -24.80 -25.19 -25.21
N VAL K 114 -24.58 -24.01 -24.65
CA VAL K 114 -23.29 -23.61 -24.12
C VAL K 114 -23.48 -22.97 -22.75
N ILE K 115 -22.69 -23.37 -21.76
CA ILE K 115 -22.71 -22.69 -20.47
C ILE K 115 -21.41 -21.97 -20.14
N SER K 116 -21.45 -21.14 -19.12
CA SER K 116 -20.23 -20.55 -18.61
C SER K 116 -19.85 -21.25 -17.32
N GLY K 117 -18.55 -21.29 -17.03
CA GLY K 117 -18.04 -21.79 -15.76
C GLY K 117 -18.00 -20.67 -14.72
N PRO K 133 -12.56 -11.00 -12.16
CA PRO K 133 -12.73 -11.88 -13.31
C PRO K 133 -12.82 -11.13 -14.64
N ALA K 134 -11.85 -11.36 -15.51
CA ALA K 134 -11.84 -10.78 -16.85
C ALA K 134 -12.66 -11.68 -17.78
N ILE K 135 -13.55 -11.08 -18.56
CA ILE K 135 -14.46 -11.85 -19.41
C ILE K 135 -13.71 -12.76 -20.38
N ALA K 136 -12.63 -12.26 -20.96
CA ALA K 136 -11.80 -13.07 -21.87
C ALA K 136 -11.13 -14.29 -21.19
N ASP K 137 -11.25 -14.39 -19.86
CA ASP K 137 -10.74 -15.55 -19.12
C ASP K 137 -11.83 -16.56 -18.75
N ILE K 138 -13.09 -16.18 -18.92
CA ILE K 138 -14.19 -17.06 -18.53
C ILE K 138 -14.38 -18.21 -19.52
N VAL K 139 -14.36 -19.43 -19.00
CA VAL K 139 -14.54 -20.64 -19.80
C VAL K 139 -15.99 -20.76 -20.25
N PHE K 140 -16.18 -20.85 -21.57
CA PHE K 140 -17.46 -21.20 -22.15
C PHE K 140 -17.42 -22.62 -22.66
N ASP K 141 -18.44 -23.39 -22.30
CA ASP K 141 -18.41 -24.82 -22.40
C ASP K 141 -19.63 -25.35 -23.17
N GLY K 142 -19.36 -26.19 -24.16
CA GLY K 142 -20.40 -26.83 -24.95
C GLY K 142 -20.36 -28.34 -24.75
N GLY K 143 -19.50 -28.78 -23.82
CA GLY K 143 -19.35 -30.19 -23.50
C GLY K 143 -18.72 -31.02 -24.61
N PHE K 144 -17.77 -30.41 -25.32
CA PHE K 144 -17.09 -31.12 -26.41
C PHE K 144 -15.78 -31.71 -25.94
N ALA K 145 -15.40 -32.84 -26.53
CA ALA K 145 -14.18 -33.52 -26.15
C ALA K 145 -12.94 -32.72 -26.53
N ASP K 146 -13.00 -32.00 -27.65
CA ASP K 146 -11.87 -31.18 -28.14
C ASP K 146 -12.27 -30.12 -29.18
N LYS K 147 -11.27 -29.36 -29.65
CA LYS K 147 -11.47 -28.35 -30.69
C LYS K 147 -12.14 -28.94 -31.95
N ALA K 148 -11.64 -30.08 -32.41
CA ALA K 148 -12.15 -30.74 -33.62
C ALA K 148 -13.63 -31.14 -33.52
N GLU K 149 -14.03 -31.73 -32.39
CA GLU K 149 -15.44 -32.07 -32.19
C GLU K 149 -16.33 -30.83 -32.25
N ALA K 150 -15.90 -29.76 -31.58
CA ALA K 150 -16.62 -28.48 -31.60
C ALA K 150 -16.75 -27.95 -33.03
N GLU K 151 -15.68 -28.05 -33.80
CA GLU K 151 -15.70 -27.60 -35.18
C GLU K 151 -16.59 -28.51 -36.05
N SER K 152 -16.69 -29.78 -35.68
CA SER K 152 -17.53 -30.72 -36.43
C SER K 152 -19.02 -30.41 -36.30
N PHE K 153 -19.38 -29.55 -35.34
CA PHE K 153 -20.75 -29.10 -35.18
C PHE K 153 -20.98 -27.74 -35.85
N GLY K 154 -19.99 -27.29 -36.59
CA GLY K 154 -20.13 -26.07 -37.41
C GLY K 154 -19.90 -24.80 -36.62
N ILE K 155 -19.25 -24.95 -35.47
CA ILE K 155 -18.89 -23.83 -34.63
C ILE K 155 -17.59 -23.23 -35.13
N ARG K 156 -17.58 -21.91 -35.30
CA ARG K 156 -16.40 -21.18 -35.75
C ARG K 156 -16.24 -19.92 -34.93
N PRO K 157 -15.01 -19.36 -34.87
CA PRO K 157 -14.88 -18.05 -34.26
C PRO K 157 -15.87 -17.09 -34.90
N GLY K 158 -16.45 -16.21 -34.10
CA GLY K 158 -17.42 -15.23 -34.61
C GLY K 158 -18.87 -15.64 -34.39
N ASP K 159 -19.07 -16.90 -34.03
CA ASP K 159 -20.40 -17.40 -33.73
C ASP K 159 -20.98 -16.67 -32.53
N THR K 160 -22.25 -16.30 -32.67
CA THR K 160 -22.97 -15.56 -31.66
C THR K 160 -23.44 -16.48 -30.51
N ILE K 161 -23.37 -15.98 -29.28
CA ILE K 161 -23.79 -16.69 -28.06
C ILE K 161 -24.87 -15.89 -27.31
N VAL K 162 -26.09 -16.44 -27.27
CA VAL K 162 -27.24 -15.71 -26.74
C VAL K 162 -27.73 -16.29 -25.42
N PRO K 163 -28.04 -15.42 -24.44
CA PRO K 163 -28.58 -15.92 -23.17
C PRO K 163 -29.85 -16.77 -23.36
N ASP K 164 -29.87 -17.94 -22.72
CA ASP K 164 -31.03 -18.82 -22.74
C ASP K 164 -31.80 -18.67 -21.43
N SER K 165 -32.94 -17.99 -21.51
CA SER K 165 -33.71 -17.60 -20.34
C SER K 165 -35.16 -17.45 -20.80
N SER K 166 -36.10 -18.10 -20.10
CA SER K 166 -37.51 -18.00 -20.47
C SER K 166 -38.20 -16.82 -19.75
N ALA K 167 -39.34 -16.39 -20.27
CA ALA K 167 -40.13 -15.37 -19.59
C ALA K 167 -41.07 -16.03 -18.59
N ILE K 168 -41.04 -15.55 -17.35
CA ILE K 168 -42.03 -16.02 -16.38
C ILE K 168 -42.74 -14.88 -15.66
N LEU K 169 -43.96 -15.16 -15.24
CA LEU K 169 -44.75 -14.27 -14.40
C LEU K 169 -44.26 -14.43 -12.95
N THR K 170 -44.19 -13.31 -12.22
CA THR K 170 -43.94 -13.34 -10.78
C THR K 170 -45.21 -13.75 -10.01
N ALA K 171 -45.04 -14.05 -8.72
CA ALA K 171 -46.12 -14.57 -7.88
C ALA K 171 -47.38 -13.71 -7.87
N ASN K 172 -47.20 -12.39 -7.81
CA ASN K 172 -48.34 -11.47 -7.76
C ASN K 172 -48.94 -11.23 -9.15
N GLU K 173 -48.23 -11.72 -10.17
CA GLU K 173 -48.69 -11.69 -11.55
C GLU K 173 -48.84 -10.28 -12.14
N LYS K 174 -48.06 -9.34 -11.61
CA LYS K 174 -48.07 -7.95 -12.09
C LYS K 174 -46.72 -7.62 -12.74
N ASN K 175 -45.73 -8.47 -12.45
CA ASN K 175 -44.37 -8.29 -12.95
C ASN K 175 -43.91 -9.55 -13.68
N ILE K 176 -42.91 -9.37 -14.56
CA ILE K 176 -42.35 -10.47 -15.33
C ILE K 176 -40.87 -10.61 -15.04
N ILE K 177 -40.36 -11.84 -15.17
CA ILE K 177 -38.93 -12.09 -15.13
C ILE K 177 -38.49 -12.74 -16.45
N SER K 178 -37.58 -12.09 -17.17
CA SER K 178 -37.06 -12.64 -18.43
C SER K 178 -35.68 -12.08 -18.80
N LYS K 179 -35.14 -12.52 -19.93
CA LYS K 179 -33.97 -11.89 -20.55
C LYS K 179 -34.47 -10.81 -21.51
N ALA K 180 -33.57 -9.88 -21.85
CA ALA K 180 -33.74 -8.98 -23.00
C ALA K 180 -34.99 -8.09 -23.05
N TRP K 181 -35.59 -7.77 -21.90
CA TRP K 181 -36.64 -6.74 -21.89
C TRP K 181 -36.03 -5.46 -22.43
N ASP K 182 -34.74 -5.29 -22.20
CA ASP K 182 -33.91 -4.42 -23.00
C ASP K 182 -33.40 -5.23 -24.22
N ASN K 183 -33.97 -5.03 -25.41
CA ASN K 183 -34.99 -4.03 -25.67
C ASN K 183 -36.18 -4.60 -26.42
N ARG K 184 -36.58 -5.82 -26.08
CA ARG K 184 -37.78 -6.40 -26.67
C ARG K 184 -39.02 -5.68 -26.13
N TYR K 185 -38.82 -4.90 -25.08
CA TYR K 185 -39.79 -3.91 -24.66
C TYR K 185 -40.11 -3.01 -25.86
N GLY K 186 -39.07 -2.41 -26.44
CA GLY K 186 -39.25 -1.52 -27.58
C GLY K 186 -39.76 -2.19 -28.82
N VAL K 187 -39.34 -3.43 -29.05
CA VAL K 187 -39.83 -4.23 -30.17
C VAL K 187 -41.35 -4.39 -30.09
N LEU K 188 -41.84 -4.93 -28.98
CA LEU K 188 -43.28 -5.11 -28.74
C LEU K 188 -44.02 -3.77 -28.74
N MET K 189 -43.41 -2.78 -28.12
CA MET K 189 -44.00 -1.45 -28.05
C MET K 189 -44.32 -0.90 -29.44
N VAL K 190 -43.36 -1.02 -30.37
CA VAL K 190 -43.48 -0.59 -31.77
C VAL K 190 -44.54 -1.39 -32.52
N SER K 191 -44.51 -2.70 -32.32
CA SER K 191 -45.46 -3.62 -32.93
C SER K 191 -46.89 -3.30 -32.54
N GLU K 192 -47.10 -3.01 -31.25
CA GLU K 192 -48.41 -2.64 -30.71
C GLU K 192 -48.89 -1.30 -31.24
N LEU K 193 -47.95 -0.39 -31.45
CA LEU K 193 -48.21 0.92 -32.03
C LEU K 193 -48.72 0.74 -33.46
N ALA K 194 -48.06 -0.12 -34.23
CA ALA K 194 -48.44 -0.35 -35.61
C ALA K 194 -49.89 -0.77 -35.71
N GLU K 195 -50.27 -1.67 -34.82
CA GLU K 195 -51.61 -2.25 -34.79
C GLU K 195 -52.66 -1.25 -34.31
N ALA K 196 -52.36 -0.53 -33.23
CA ALA K 196 -53.28 0.49 -32.71
C ALA K 196 -53.56 1.60 -33.72
N LEU K 197 -52.55 1.95 -34.51
CA LEU K 197 -52.66 3.03 -35.48
C LEU K 197 -53.16 2.59 -36.86
N SER K 198 -53.44 1.29 -37.01
CA SER K 198 -53.83 0.71 -38.30
C SER K 198 -54.91 1.54 -39.01
N GLY K 199 -56.04 1.72 -38.35
CA GLY K 199 -57.15 2.49 -38.92
C GLY K 199 -56.87 3.99 -39.01
N GLN K 200 -56.09 4.51 -38.06
CA GLN K 200 -55.82 5.95 -37.93
C GLN K 200 -55.23 6.62 -39.17
N LYS K 201 -55.39 7.94 -39.24
CA LYS K 201 -54.62 8.75 -40.18
C LYS K 201 -54.02 9.94 -39.42
N LEU K 202 -52.72 10.15 -39.63
CA LEU K 202 -51.95 11.05 -38.77
C LEU K 202 -51.51 12.32 -39.48
N GLY K 203 -51.22 13.36 -38.69
CA GLY K 203 -50.71 14.62 -39.22
C GLY K 203 -49.23 14.60 -39.54
N ASN K 204 -48.59 13.45 -39.35
CA ASN K 204 -47.18 13.29 -39.67
C ASN K 204 -46.93 12.11 -40.60
N GLU K 205 -45.82 12.15 -41.32
CA GLU K 205 -45.38 11.01 -42.10
C GLU K 205 -44.63 10.10 -41.13
N LEU K 206 -45.26 8.99 -40.75
CA LEU K 206 -44.73 8.11 -39.70
C LEU K 206 -43.81 6.99 -40.21
N TYR K 207 -42.57 7.03 -39.72
CA TYR K 207 -41.61 5.96 -39.92
C TYR K 207 -41.49 5.24 -38.59
N LEU K 208 -41.88 3.97 -38.58
CA LEU K 208 -42.11 3.22 -37.36
C LEU K 208 -41.38 1.89 -37.48
N GLY K 209 -40.34 1.70 -36.67
CA GLY K 209 -39.61 0.44 -36.70
C GLY K 209 -38.61 0.29 -35.58
N SER K 210 -37.52 -0.41 -35.88
CA SER K 210 -36.55 -0.79 -34.86
C SER K 210 -35.13 -0.83 -35.41
N ASN K 211 -34.22 -0.24 -34.65
CA ASN K 211 -32.83 -0.10 -35.05
C ASN K 211 -32.04 -1.39 -34.95
N VAL K 212 -30.84 -1.33 -35.50
CA VAL K 212 -29.91 -2.44 -35.48
C VAL K 212 -28.73 -2.01 -34.59
N GLN K 213 -28.03 -2.97 -34.01
CA GLN K 213 -26.74 -2.74 -33.32
C GLN K 213 -26.69 -1.57 -32.30
N GLU K 214 -27.68 -1.49 -31.42
CA GLU K 214 -27.71 -0.42 -30.40
C GLU K 214 -26.72 -0.70 -29.26
N GLU K 215 -26.61 -1.97 -28.89
CA GLU K 215 -25.88 -2.35 -27.69
C GLU K 215 -24.36 -2.14 -27.81
N VAL K 216 -23.88 -1.98 -29.04
CA VAL K 216 -22.45 -1.84 -29.32
C VAL K 216 -22.04 -0.42 -29.75
N GLY K 217 -22.91 0.55 -29.48
CA GLY K 217 -22.58 1.96 -29.74
C GLY K 217 -23.60 2.69 -30.58
N LEU K 218 -24.88 2.33 -30.43
CA LEU K 218 -25.99 3.04 -31.08
C LEU K 218 -25.83 3.05 -32.61
N ARG K 219 -25.33 1.94 -33.16
CA ARG K 219 -24.81 1.94 -34.54
C ARG K 219 -25.88 2.10 -35.61
N GLY K 220 -26.97 1.34 -35.50
CA GLY K 220 -28.10 1.46 -36.42
C GLY K 220 -28.83 2.79 -36.35
N ALA K 221 -28.74 3.46 -35.19
CA ALA K 221 -29.38 4.77 -34.98
C ALA K 221 -28.77 5.84 -35.87
N HIS K 222 -27.45 5.76 -36.09
CA HIS K 222 -26.76 6.62 -37.05
C HIS K 222 -27.40 6.51 -38.43
N THR K 223 -27.57 5.27 -38.88
CA THR K 223 -27.85 4.96 -40.28
C THR K 223 -29.33 5.14 -40.65
N SER K 224 -30.22 4.71 -39.77
CA SER K 224 -31.66 4.85 -40.01
C SER K 224 -32.06 6.32 -40.03
N THR K 225 -31.70 7.03 -38.96
CA THR K 225 -31.96 8.46 -38.86
C THR K 225 -31.46 9.21 -40.10
N THR K 226 -30.23 8.94 -40.55
CA THR K 226 -29.72 9.56 -41.77
C THR K 226 -30.57 9.21 -43.00
N LYS K 227 -30.94 7.93 -43.14
CA LYS K 227 -31.67 7.48 -44.33
C LYS K 227 -33.05 8.13 -44.50
N PHE K 228 -33.83 8.15 -43.42
CA PHE K 228 -35.23 8.56 -43.48
C PHE K 228 -35.45 9.99 -43.08
N ASP K 229 -34.36 10.69 -42.76
CA ASP K 229 -34.38 12.13 -42.55
C ASP K 229 -35.64 12.59 -41.81
N PRO K 230 -35.80 12.20 -40.54
CA PRO K 230 -36.94 12.69 -39.77
C PRO K 230 -36.69 14.10 -39.24
N GLU K 231 -37.77 14.75 -38.82
CA GLU K 231 -37.68 16.09 -38.22
C GLU K 231 -37.60 15.97 -36.72
N VAL K 232 -38.24 14.93 -36.20
CA VAL K 232 -38.36 14.66 -34.77
C VAL K 232 -38.16 13.15 -34.60
N PHE K 233 -37.44 12.74 -33.55
CA PHE K 233 -37.17 11.33 -33.33
C PHE K 233 -37.53 10.87 -31.93
N LEU K 234 -38.21 9.73 -31.86
CA LEU K 234 -38.57 9.08 -30.61
C LEU K 234 -37.90 7.70 -30.50
N ALA K 235 -36.96 7.58 -29.56
CA ALA K 235 -36.43 6.25 -29.22
C ALA K 235 -37.36 5.55 -28.24
N VAL K 236 -37.49 4.23 -28.40
CA VAL K 236 -38.22 3.41 -27.45
C VAL K 236 -37.29 2.34 -26.92
N ASP K 237 -36.82 2.55 -25.71
CA ASP K 237 -35.87 1.66 -25.08
C ASP K 237 -36.18 1.61 -23.60
N CYS K 238 -35.68 0.60 -22.90
CA CYS K 238 -35.83 0.57 -21.45
C CYS K 238 -34.49 0.79 -20.72
N SER K 239 -34.55 1.17 -19.45
CA SER K 239 -33.37 1.59 -18.72
C SER K 239 -33.27 0.96 -17.31
N PRO K 240 -32.07 1.00 -16.68
CA PRO K 240 -31.93 0.38 -15.36
C PRO K 240 -32.85 0.98 -14.29
N ALA K 241 -33.43 0.13 -13.46
CA ALA K 241 -34.16 0.57 -12.27
C ALA K 241 -33.22 0.58 -11.07
N GLY K 242 -33.26 1.65 -10.29
CA GLY K 242 -32.39 1.76 -9.14
C GLY K 242 -33.11 1.66 -7.79
N ASP K 243 -34.44 1.47 -7.83
CA ASP K 243 -35.25 1.49 -6.60
C ASP K 243 -34.75 0.52 -5.53
N VAL K 244 -34.34 -0.65 -5.99
CA VAL K 244 -33.91 -1.75 -5.14
C VAL K 244 -32.50 -1.50 -4.58
N TYR K 245 -31.80 -0.53 -5.15
CA TYR K 245 -30.49 -0.11 -4.68
C TYR K 245 -30.45 1.35 -4.17
N GLY K 246 -31.60 1.88 -3.76
CA GLY K 246 -31.68 3.26 -3.25
C GLY K 246 -31.41 4.38 -4.27
N GLY K 247 -31.24 4.00 -5.54
CA GLY K 247 -31.08 4.95 -6.64
C GLY K 247 -32.42 5.26 -7.27
N GLN K 248 -32.43 5.98 -8.40
CA GLN K 248 -33.70 6.38 -9.00
C GLN K 248 -34.12 5.48 -10.17
N GLY K 249 -35.44 5.45 -10.40
CA GLY K 249 -36.06 4.54 -11.36
C GLY K 249 -36.75 3.42 -10.62
N LYS K 250 -38.07 3.55 -10.47
CA LYS K 250 -38.87 2.63 -9.66
C LYS K 250 -39.85 1.82 -10.52
N ILE K 251 -39.64 0.50 -10.54
CA ILE K 251 -40.59 -0.44 -11.14
C ILE K 251 -42.02 -0.15 -10.65
N GLY K 252 -42.94 0.01 -11.59
CA GLY K 252 -44.35 0.31 -11.29
C GLY K 252 -44.72 1.78 -11.15
N ASP K 253 -43.75 2.66 -11.35
CA ASP K 253 -43.98 4.10 -11.26
C ASP K 253 -44.12 4.76 -12.63
N GLY K 254 -44.38 3.97 -13.65
CA GLY K 254 -44.74 4.49 -14.95
C GLY K 254 -43.61 4.76 -15.91
N THR K 255 -43.92 5.47 -16.98
CA THR K 255 -42.97 5.69 -18.04
C THR K 255 -41.99 6.79 -17.65
N LEU K 256 -40.82 6.81 -18.30
CA LEU K 256 -39.72 7.72 -17.94
C LEU K 256 -39.69 9.02 -18.75
N ILE K 257 -39.54 10.15 -18.05
CA ILE K 257 -39.23 11.44 -18.69
C ILE K 257 -37.71 11.64 -18.59
N ARG K 258 -37.01 11.28 -19.65
CA ARG K 258 -35.55 11.28 -19.64
C ARG K 258 -35.01 12.66 -20.01
N PHE K 259 -34.79 13.46 -18.98
CA PHE K 259 -34.29 14.83 -19.17
C PHE K 259 -32.80 14.89 -19.48
N TYR K 260 -32.07 13.83 -19.11
CA TYR K 260 -30.64 13.79 -19.28
C TYR K 260 -30.11 12.38 -19.38
N ASP K 261 -29.17 12.18 -20.29
CA ASP K 261 -28.20 11.07 -20.17
C ASP K 261 -26.85 11.59 -20.69
N PRO K 262 -25.75 10.84 -20.41
CA PRO K 262 -24.40 11.35 -20.76
C PRO K 262 -24.19 11.67 -22.25
N GLY K 263 -25.12 11.27 -23.11
CA GLY K 263 -24.97 11.47 -24.55
C GLY K 263 -26.10 12.22 -25.20
N HIS K 264 -27.07 12.69 -24.41
CA HIS K 264 -28.22 13.40 -24.96
C HIS K 264 -28.89 14.32 -23.95
N LEU K 265 -29.27 15.51 -24.42
CA LEU K 265 -30.02 16.48 -23.63
C LEU K 265 -31.44 16.65 -24.16
N LEU K 266 -32.42 16.51 -23.28
CA LEU K 266 -33.81 16.75 -23.65
C LEU K 266 -34.07 18.24 -23.79
N LEU K 267 -34.36 18.67 -25.03
CA LEU K 267 -34.56 20.08 -25.35
C LEU K 267 -35.86 20.61 -24.74
N PRO K 268 -35.94 21.93 -24.45
CA PRO K 268 -37.13 22.56 -23.84
C PRO K 268 -38.40 22.36 -24.65
N GLY K 269 -38.30 22.50 -25.97
CA GLY K 269 -39.45 22.32 -26.86
C GLY K 269 -40.04 20.93 -26.76
N MET K 270 -39.17 19.93 -26.76
CA MET K 270 -39.57 18.53 -26.67
C MET K 270 -40.09 18.20 -25.27
N LYS K 271 -39.46 18.77 -24.25
CA LYS K 271 -39.90 18.54 -22.88
C LYS K 271 -41.36 19.00 -22.70
N ASP K 272 -41.67 20.23 -23.13
CA ASP K 272 -43.02 20.79 -23.02
C ASP K 272 -44.03 19.87 -23.67
N PHE K 273 -43.71 19.42 -24.88
CA PHE K 273 -44.54 18.50 -25.60
C PHE K 273 -44.79 17.20 -24.82
N LEU K 274 -43.73 16.62 -24.27
CA LEU K 274 -43.90 15.40 -23.47
C LEU K 274 -44.84 15.63 -22.28
N LEU K 275 -44.58 16.70 -21.51
CA LEU K 275 -45.34 16.95 -20.28
C LEU K 275 -46.78 17.34 -20.56
N THR K 276 -46.96 18.17 -21.59
CA THR K 276 -48.27 18.50 -22.14
C THR K 276 -49.04 17.24 -22.53
N THR K 277 -48.42 16.36 -23.32
CA THR K 277 -49.09 15.14 -23.77
C THR K 277 -49.37 14.17 -22.62
N ALA K 278 -48.38 13.96 -21.76
CA ALA K 278 -48.54 13.04 -20.62
C ALA K 278 -49.73 13.42 -19.74
N GLU K 279 -49.93 14.73 -19.55
CA GLU K 279 -51.02 15.28 -18.77
C GLU K 279 -52.38 15.03 -19.44
N GLU K 280 -52.49 15.41 -20.71
CA GLU K 280 -53.71 15.20 -21.50
C GLU K 280 -54.15 13.73 -21.52
N ALA K 281 -53.17 12.83 -21.61
CA ALA K 281 -53.46 11.41 -21.82
C ALA K 281 -53.54 10.61 -20.53
N GLY K 282 -53.40 11.29 -19.39
CA GLY K 282 -53.50 10.65 -18.07
C GLY K 282 -52.41 9.61 -17.83
N ILE K 283 -51.20 9.94 -18.26
CA ILE K 283 -50.05 9.04 -18.20
C ILE K 283 -49.34 9.11 -16.85
N LYS K 284 -49.12 7.94 -16.24
CA LYS K 284 -48.29 7.84 -15.04
C LYS K 284 -46.83 7.84 -15.42
N TYR K 285 -46.07 8.82 -14.91
CA TYR K 285 -44.69 9.00 -15.30
C TYR K 285 -43.74 9.37 -14.16
N GLN K 286 -42.45 9.16 -14.41
CA GLN K 286 -41.40 9.49 -13.44
C GLN K 286 -40.17 10.07 -14.12
N TYR K 287 -39.63 11.12 -13.52
CA TYR K 287 -38.42 11.76 -14.02
C TYR K 287 -37.26 10.80 -13.84
N TYR K 288 -36.36 10.80 -14.81
CA TYR K 288 -35.27 9.83 -14.85
C TYR K 288 -34.00 10.47 -15.38
N CYS K 289 -32.98 10.51 -14.53
CA CYS K 289 -31.65 10.95 -14.92
C CYS K 289 -30.89 9.73 -15.39
N GLY K 290 -30.71 9.62 -16.70
CA GLY K 290 -30.06 8.46 -17.30
C GLY K 290 -28.58 8.41 -16.99
N LYS K 291 -28.04 7.19 -16.90
CA LYS K 291 -26.61 6.99 -16.67
C LYS K 291 -25.91 6.31 -17.85
N GLY K 292 -26.70 5.78 -18.79
CA GLY K 292 -26.20 5.25 -20.06
C GLY K 292 -26.88 5.91 -21.25
N GLY K 293 -26.40 5.63 -22.46
CA GLY K 293 -26.98 6.22 -23.68
C GLY K 293 -28.08 5.38 -24.31
N THR K 294 -28.95 6.03 -25.10
CA THR K 294 -29.97 5.35 -25.91
C THR K 294 -29.76 5.72 -27.38
N ASP K 295 -30.58 5.15 -28.27
CA ASP K 295 -30.47 5.47 -29.69
C ASP K 295 -30.55 6.97 -29.99
N ALA K 296 -31.28 7.71 -29.15
CA ALA K 296 -31.48 9.14 -29.37
C ALA K 296 -30.17 9.93 -29.38
N GLY K 297 -29.19 9.43 -28.63
CA GLY K 297 -27.87 10.05 -28.54
C GLY K 297 -27.14 10.16 -29.86
N ALA K 298 -27.28 9.13 -30.70
CA ALA K 298 -26.69 9.14 -32.05
C ALA K 298 -27.59 9.83 -33.05
N ALA K 299 -28.90 9.62 -32.90
CA ALA K 299 -29.88 10.06 -33.90
C ALA K 299 -30.05 11.57 -33.97
N HIS K 300 -29.99 12.24 -32.82
CA HIS K 300 -30.26 13.67 -32.77
C HIS K 300 -29.18 14.50 -33.47
N LEU K 301 -28.02 13.89 -33.67
CA LEU K 301 -26.88 14.56 -34.31
C LEU K 301 -26.81 14.34 -35.83
N LYS K 302 -27.75 13.58 -36.37
CA LYS K 302 -27.71 13.25 -37.79
C LYS K 302 -28.43 14.30 -38.64
N ASN K 303 -28.15 14.28 -39.95
CA ASN K 303 -28.65 15.29 -40.87
C ASN K 303 -28.50 16.69 -40.27
N GLY K 304 -29.54 17.52 -40.38
CA GLY K 304 -29.46 18.90 -39.91
C GLY K 304 -29.80 19.10 -38.45
N GLY K 305 -29.96 17.99 -37.71
CA GLY K 305 -30.38 18.05 -36.31
C GLY K 305 -31.81 17.57 -36.15
N VAL K 306 -32.04 16.77 -35.11
CA VAL K 306 -33.34 16.11 -34.92
C VAL K 306 -33.69 16.01 -33.44
N PRO K 307 -34.47 16.98 -32.91
CA PRO K 307 -34.89 16.90 -31.50
C PRO K 307 -35.40 15.49 -31.14
N SER K 308 -35.01 14.98 -29.97
CA SER K 308 -35.34 13.60 -29.60
C SER K 308 -35.62 13.36 -28.10
N THR K 309 -36.35 12.28 -27.82
CA THR K 309 -36.30 11.61 -26.52
C THR K 309 -36.37 10.10 -26.67
N THR K 310 -36.60 9.44 -25.55
CA THR K 310 -36.69 8.00 -25.46
C THR K 310 -37.88 7.66 -24.58
N ILE K 311 -38.94 7.19 -25.21
CA ILE K 311 -40.14 6.79 -24.49
C ILE K 311 -39.77 5.52 -23.75
N GLY K 312 -39.67 5.63 -22.44
CA GLY K 312 -38.95 4.63 -21.69
C GLY K 312 -39.70 3.98 -20.59
N VAL K 313 -39.05 2.97 -20.04
CA VAL K 313 -39.54 2.17 -18.96
C VAL K 313 -38.28 1.76 -18.19
N CYS K 314 -38.36 1.67 -16.86
CA CYS K 314 -37.23 1.12 -16.13
C CYS K 314 -37.45 -0.35 -15.75
N ALA K 315 -36.35 -1.06 -15.55
CA ALA K 315 -36.40 -2.47 -15.23
C ALA K 315 -35.20 -2.84 -14.36
N ARG K 316 -35.39 -3.83 -13.50
CA ARG K 316 -34.35 -4.23 -12.58
C ARG K 316 -33.45 -5.24 -13.26
N TYR K 317 -32.14 -5.05 -13.09
CA TYR K 317 -31.11 -6.00 -13.58
C TYR K 317 -31.12 -6.14 -15.11
N ILE K 318 -31.06 -4.99 -15.79
CA ILE K 318 -30.82 -4.91 -17.24
C ILE K 318 -29.51 -5.61 -17.60
N HIS K 319 -29.38 -6.07 -18.84
CA HIS K 319 -28.14 -6.70 -19.32
C HIS K 319 -27.76 -7.93 -18.50
N SER K 320 -28.75 -8.77 -18.20
CA SER K 320 -28.51 -10.01 -17.48
C SER K 320 -29.55 -11.04 -17.92
N HIS K 321 -29.46 -12.25 -17.39
CA HIS K 321 -30.40 -13.31 -17.72
C HIS K 321 -31.72 -13.15 -17.01
N GLN K 322 -31.73 -12.29 -15.99
CA GLN K 322 -32.88 -12.12 -15.09
C GLN K 322 -33.25 -10.66 -14.87
N THR K 323 -34.01 -10.11 -15.83
CA THR K 323 -34.55 -8.77 -15.69
C THR K 323 -35.95 -8.87 -15.09
N LEU K 324 -36.25 -7.97 -14.16
CA LEU K 324 -37.58 -7.90 -13.58
C LEU K 324 -38.24 -6.57 -13.91
N TYR K 325 -39.51 -6.61 -14.31
CA TYR K 325 -40.21 -5.42 -14.78
C TYR K 325 -41.72 -5.54 -14.66
N ALA K 326 -42.40 -4.39 -14.71
CA ALA K 326 -43.84 -4.31 -14.54
C ALA K 326 -44.58 -4.18 -15.86
N MET K 327 -45.64 -4.99 -16.02
CA MET K 327 -46.53 -4.93 -17.18
C MET K 327 -47.27 -3.60 -17.21
N ASP K 328 -47.60 -3.10 -16.02
CA ASP K 328 -48.19 -1.79 -15.83
C ASP K 328 -47.38 -0.70 -16.54
N ASP K 329 -46.06 -0.79 -16.44
CA ASP K 329 -45.18 0.21 -17.03
C ASP K 329 -45.25 0.17 -18.56
N PHE K 330 -45.40 -1.01 -19.13
CA PHE K 330 -45.58 -1.14 -20.57
C PHE K 330 -46.88 -0.45 -20.98
N LEU K 331 -47.96 -0.71 -20.25
CA LEU K 331 -49.26 -0.08 -20.54
C LEU K 331 -49.16 1.44 -20.57
N GLU K 332 -48.45 2.00 -19.59
CA GLU K 332 -48.31 3.46 -19.50
C GLU K 332 -47.49 4.04 -20.64
N ALA K 333 -46.37 3.40 -20.94
CA ALA K 333 -45.47 3.86 -22.00
C ALA K 333 -46.08 3.75 -23.39
N GLN K 334 -46.91 2.73 -23.60
CA GLN K 334 -47.60 2.50 -24.86
C GLN K 334 -48.71 3.53 -25.08
N ALA K 335 -49.52 3.74 -24.03
CA ALA K 335 -50.54 4.78 -24.05
C ALA K 335 -49.92 6.15 -24.32
N PHE K 336 -48.69 6.33 -23.85
CA PHE K 336 -47.96 7.58 -24.02
C PHE K 336 -47.46 7.75 -25.46
N LEU K 337 -46.99 6.65 -26.05
CA LEU K 337 -46.50 6.66 -27.43
C LEU K 337 -47.63 6.96 -28.41
N GLN K 338 -48.73 6.22 -28.29
CA GLN K 338 -49.91 6.45 -29.13
C GLN K 338 -50.26 7.94 -29.07
N ALA K 339 -50.44 8.46 -27.87
CA ALA K 339 -50.80 9.86 -27.68
C ALA K 339 -49.79 10.80 -28.33
N LEU K 340 -48.50 10.49 -28.20
CA LEU K 340 -47.43 11.34 -28.74
C LEU K 340 -47.41 11.43 -30.25
N VAL K 341 -47.45 10.27 -30.92
CA VAL K 341 -47.42 10.27 -32.38
C VAL K 341 -48.74 10.77 -32.97
N LYS K 342 -49.85 10.50 -32.30
CA LYS K 342 -51.14 11.01 -32.75
C LYS K 342 -51.18 12.54 -32.71
N LYS K 343 -50.35 13.14 -31.85
CA LYS K 343 -50.39 14.59 -31.69
C LYS K 343 -49.27 15.34 -32.41
N LEU K 344 -48.27 14.62 -32.90
CA LEU K 344 -47.22 15.22 -33.70
C LEU K 344 -47.72 15.57 -35.09
N ASP K 345 -47.79 16.87 -35.38
CA ASP K 345 -48.16 17.37 -36.70
C ASP K 345 -47.34 18.61 -37.01
N ARG K 346 -47.65 19.28 -38.12
CA ARG K 346 -46.89 20.45 -38.55
C ARG K 346 -46.69 21.49 -37.43
N SER K 347 -47.76 21.88 -36.75
CA SER K 347 -47.63 22.93 -35.73
C SER K 347 -46.93 22.48 -34.44
N THR K 348 -47.12 21.22 -34.06
CA THR K 348 -46.49 20.72 -32.83
C THR K 348 -45.00 20.43 -33.00
N VAL K 349 -44.57 19.95 -34.17
CA VAL K 349 -43.13 19.79 -34.40
C VAL K 349 -42.46 21.15 -34.59
N ASP K 350 -43.21 22.12 -35.13
CA ASP K 350 -42.73 23.49 -35.27
C ASP K 350 -42.58 24.15 -33.91
N LEU K 351 -43.52 23.83 -33.01
CA LEU K 351 -43.47 24.31 -31.62
C LEU K 351 -42.21 23.79 -30.91
N ILE K 352 -42.01 22.48 -30.96
CA ILE K 352 -40.80 21.81 -30.48
C ILE K 352 -39.53 22.48 -31.03
N LYS K 353 -39.55 22.81 -32.32
CA LYS K 353 -38.39 23.41 -33.00
C LYS K 353 -38.44 24.95 -33.03
N HIS K 354 -39.12 25.55 -32.07
CA HIS K 354 -39.29 27.00 -32.05
C HIS K 354 -38.03 27.71 -31.55
N TYR K 355 -37.29 28.31 -32.48
CA TYR K 355 -35.99 28.91 -32.17
C TYR K 355 -35.93 30.41 -32.45
N THR L 4 35.97 15.07 -43.96
CA THR L 4 36.78 13.83 -43.81
C THR L 4 36.73 13.26 -42.38
N LEU L 5 36.56 14.15 -41.39
CA LEU L 5 36.38 13.75 -39.99
C LEU L 5 35.17 12.83 -39.84
N PHE L 6 34.03 13.30 -40.34
CA PHE L 6 32.80 12.53 -40.36
C PHE L 6 32.97 11.19 -41.07
N SER L 7 33.79 11.14 -42.13
CA SER L 7 34.09 9.87 -42.81
C SER L 7 34.76 8.92 -41.83
N LYS L 8 35.75 9.44 -41.13
CA LYS L 8 36.55 8.68 -40.19
C LYS L 8 35.68 8.17 -39.07
N ILE L 9 34.82 9.04 -38.54
CA ILE L 9 33.89 8.71 -37.47
C ILE L 9 32.88 7.64 -37.93
N LYS L 10 32.27 7.85 -39.09
CA LYS L 10 31.32 6.90 -39.68
C LYS L 10 31.89 5.47 -39.76
N GLU L 11 33.14 5.37 -40.22
CA GLU L 11 33.81 4.08 -40.37
C GLU L 11 33.87 3.33 -39.03
N VAL L 12 34.44 3.95 -38.01
CA VAL L 12 34.60 3.29 -36.70
C VAL L 12 33.30 3.01 -35.95
N THR L 13 32.36 3.95 -35.99
CA THR L 13 31.07 3.75 -35.33
C THR L 13 30.28 2.61 -35.98
N GLU L 14 30.51 2.38 -37.27
CA GLU L 14 29.72 1.38 -37.99
C GLU L 14 30.31 -0.03 -37.97
N LEU L 15 31.42 -0.21 -37.26
CA LEU L 15 31.98 -1.54 -37.04
C LEU L 15 31.12 -2.28 -36.01
N ALA L 16 31.07 -3.60 -36.10
CA ALA L 16 30.27 -4.38 -35.17
C ALA L 16 31.13 -5.29 -34.27
N ALA L 17 31.31 -4.85 -33.02
CA ALA L 17 32.05 -5.65 -32.05
C ALA L 17 31.55 -5.44 -30.62
N VAL L 18 30.83 -6.44 -30.15
CA VAL L 18 30.35 -6.53 -28.79
C VAL L 18 31.48 -7.07 -27.90
N SER L 19 31.38 -6.87 -26.58
CA SER L 19 32.38 -7.36 -25.64
C SER L 19 32.67 -8.83 -25.92
N GLY L 20 33.95 -9.17 -25.89
CA GLY L 20 34.39 -10.54 -26.13
C GLY L 20 34.63 -10.87 -27.59
N HIS L 21 34.09 -10.04 -28.48
CA HIS L 21 34.03 -10.38 -29.90
C HIS L 21 34.54 -9.26 -30.81
N GLU L 22 35.60 -8.58 -30.35
CA GLU L 22 36.06 -7.34 -30.99
C GLU L 22 37.11 -7.46 -32.10
N ALA L 23 37.25 -8.66 -32.67
CA ALA L 23 38.15 -8.88 -33.81
C ALA L 23 38.04 -7.80 -34.90
N PRO L 24 36.80 -7.45 -35.32
CA PRO L 24 36.67 -6.46 -36.41
C PRO L 24 37.29 -5.09 -36.08
N VAL L 25 37.16 -4.64 -34.83
CA VAL L 25 37.78 -3.40 -34.39
C VAL L 25 39.29 -3.55 -34.24
N ARG L 26 39.74 -4.68 -33.71
CA ARG L 26 41.17 -4.97 -33.59
C ARG L 26 41.87 -4.86 -34.97
N ALA L 27 41.33 -5.58 -35.96
CA ALA L 27 41.80 -5.54 -37.35
C ALA L 27 42.00 -4.10 -37.82
N TYR L 28 40.97 -3.28 -37.63
CA TYR L 28 41.00 -1.87 -37.99
C TYR L 28 42.18 -1.14 -37.34
N LEU L 29 42.36 -1.35 -36.04
CA LEU L 29 43.40 -0.66 -35.28
C LEU L 29 44.80 -1.17 -35.59
N ARG L 30 44.88 -2.45 -35.93
CA ARG L 30 46.13 -3.07 -36.37
C ARG L 30 46.59 -2.38 -37.65
N GLU L 31 45.64 -2.18 -38.57
CA GLU L 31 45.91 -1.51 -39.85
C GLU L 31 46.33 -0.04 -39.70
N LYS L 32 45.89 0.63 -38.64
CA LYS L 32 46.16 2.07 -38.44
C LYS L 32 47.30 2.35 -37.46
N LEU L 33 47.68 1.34 -36.69
CA LEU L 33 48.76 1.47 -35.73
C LEU L 33 50.09 1.00 -36.32
N THR L 34 50.06 -0.13 -37.02
CA THR L 34 51.27 -0.79 -37.56
C THR L 34 52.30 0.17 -38.13
N PRO L 35 51.92 1.05 -39.08
CA PRO L 35 52.95 1.82 -39.78
C PRO L 35 53.47 3.04 -39.04
N HIS L 36 52.88 3.39 -37.90
CA HIS L 36 53.27 4.59 -37.16
C HIS L 36 53.90 4.22 -35.81
N VAL L 37 54.28 2.95 -35.68
CA VAL L 37 54.66 2.38 -34.42
C VAL L 37 55.80 1.36 -34.61
N ASP L 38 56.65 1.22 -33.60
CA ASP L 38 57.78 0.29 -33.65
C ASP L 38 57.38 -1.17 -33.45
N GLU L 39 56.27 -1.41 -32.77
CA GLU L 39 55.87 -2.77 -32.42
C GLU L 39 54.38 -2.85 -32.12
N VAL L 40 53.77 -3.97 -32.49
CA VAL L 40 52.35 -4.22 -32.23
C VAL L 40 52.23 -5.48 -31.37
N VAL L 41 51.75 -5.30 -30.14
CA VAL L 41 51.58 -6.42 -29.21
C VAL L 41 50.11 -6.58 -28.84
N THR L 42 49.82 -7.63 -28.09
CA THR L 42 48.46 -7.92 -27.71
C THR L 42 48.42 -8.60 -26.33
N ASP L 43 47.39 -8.30 -25.52
CA ASP L 43 47.25 -9.01 -24.25
C ASP L 43 46.59 -10.39 -24.44
N GLY L 44 46.49 -11.15 -23.35
CA GLY L 44 45.93 -12.49 -23.39
C GLY L 44 44.47 -12.55 -23.80
N LEU L 45 43.78 -11.41 -23.74
CA LEU L 45 42.35 -11.36 -23.94
C LEU L 45 41.95 -10.66 -25.24
N GLY L 46 42.94 -10.11 -25.94
CA GLY L 46 42.74 -9.60 -27.30
C GLY L 46 42.86 -8.10 -27.52
N GLY L 47 43.28 -7.37 -26.49
CA GLY L 47 43.54 -5.94 -26.63
C GLY L 47 44.84 -5.71 -27.40
N ILE L 48 44.81 -4.81 -28.39
CA ILE L 48 45.98 -4.52 -29.22
C ILE L 48 46.58 -3.21 -28.77
N PHE L 49 47.91 -3.18 -28.70
CA PHE L 49 48.62 -1.94 -28.39
C PHE L 49 49.86 -1.78 -29.26
N GLY L 50 50.17 -0.52 -29.57
CA GLY L 50 51.38 -0.17 -30.30
C GLY L 50 52.44 0.37 -29.36
N ILE L 51 53.63 -0.23 -29.41
CA ILE L 51 54.75 0.27 -28.60
C ILE L 51 55.57 1.27 -29.41
N LYS L 52 55.69 2.48 -28.88
CA LYS L 52 56.45 3.54 -29.53
C LYS L 52 57.67 3.90 -28.67
N HIS L 53 58.82 3.31 -29.03
CA HIS L 53 60.06 3.41 -28.24
C HIS L 53 60.60 4.84 -28.13
N SER L 54 61.24 5.11 -26.99
CA SER L 54 61.77 6.44 -26.69
C SER L 54 63.29 6.42 -26.61
N GLU L 55 63.92 7.48 -27.09
CA GLU L 55 65.39 7.59 -27.05
C GLU L 55 65.91 7.96 -25.68
N ALA L 56 65.06 8.60 -24.88
CA ALA L 56 65.44 9.10 -23.56
C ALA L 56 65.84 7.97 -22.62
N VAL L 57 66.71 8.30 -21.66
CA VAL L 57 67.38 7.34 -20.78
C VAL L 57 66.42 6.59 -19.85
N ASP L 58 65.91 7.29 -18.83
CA ASP L 58 65.06 6.68 -17.82
C ASP L 58 63.58 6.85 -18.22
N ALA L 59 63.32 6.82 -19.53
CA ALA L 59 62.00 7.03 -20.10
C ALA L 59 60.95 6.16 -19.42
N PRO L 60 59.88 6.79 -18.88
CA PRO L 60 58.80 6.08 -18.20
C PRO L 60 57.79 5.47 -19.18
N ARG L 61 57.27 4.30 -18.83
CA ARG L 61 56.19 3.66 -19.57
C ARG L 61 54.87 4.42 -19.36
N VAL L 62 54.29 4.86 -20.47
CA VAL L 62 53.00 5.52 -20.48
C VAL L 62 52.04 4.67 -21.30
N LEU L 63 50.88 4.34 -20.71
CA LEU L 63 49.84 3.59 -21.42
C LEU L 63 48.62 4.45 -21.71
N VAL L 64 48.25 4.49 -22.99
CA VAL L 64 47.06 5.17 -23.46
C VAL L 64 46.14 4.10 -24.04
N ALA L 65 44.89 4.07 -23.59
CA ALA L 65 43.95 3.01 -24.00
C ALA L 65 42.49 3.46 -24.04
N SER L 66 41.80 3.03 -25.09
CA SER L 66 40.34 3.12 -25.15
C SER L 66 39.79 1.70 -25.01
N HIS L 67 38.59 1.44 -25.51
CA HIS L 67 38.09 0.06 -25.59
C HIS L 67 37.31 -0.22 -26.87
N MET L 68 37.46 -1.43 -27.38
CA MET L 68 37.00 -1.77 -28.72
C MET L 68 35.54 -2.22 -28.74
N ASP L 69 35.04 -2.66 -27.59
CA ASP L 69 33.68 -3.21 -27.50
C ASP L 69 32.60 -2.14 -27.42
N GLU L 70 31.40 -2.53 -27.84
CA GLU L 70 30.21 -1.71 -27.70
C GLU L 70 29.12 -2.55 -27.01
N VAL L 71 28.15 -1.87 -26.39
CA VAL L 71 27.02 -2.55 -25.78
C VAL L 71 26.13 -3.25 -26.84
N GLY L 72 25.59 -4.39 -26.47
CA GLY L 72 24.71 -5.16 -27.34
C GLY L 72 24.06 -6.28 -26.57
N PHE L 73 23.74 -7.36 -27.27
CA PHE L 73 23.07 -8.50 -26.64
C PHE L 73 23.72 -9.80 -27.04
N MET L 74 23.26 -10.89 -26.45
CA MET L 74 23.74 -12.21 -26.81
C MET L 74 22.60 -13.20 -26.64
N VAL L 75 22.44 -14.09 -27.63
CA VAL L 75 21.43 -15.15 -27.59
C VAL L 75 21.65 -16.08 -26.39
N SER L 76 20.62 -16.20 -25.55
CA SER L 76 20.66 -17.13 -24.43
C SER L 76 19.92 -18.41 -24.77
N GLU L 77 18.95 -18.32 -25.68
CA GLU L 77 18.23 -19.50 -26.20
C GLU L 77 17.45 -19.20 -27.48
N ILE L 78 17.24 -20.26 -28.26
CA ILE L 78 16.35 -20.21 -29.41
C ILE L 78 15.07 -20.96 -29.03
N LYS L 79 13.95 -20.23 -29.03
CA LYS L 79 12.65 -20.80 -28.68
C LYS L 79 12.18 -21.68 -29.83
N PRO L 80 11.22 -22.61 -29.58
CA PRO L 80 10.76 -23.48 -30.68
C PRO L 80 10.10 -22.72 -31.83
N ASP L 81 9.65 -21.49 -31.57
CA ASP L 81 9.00 -20.68 -32.60
C ASP L 81 9.98 -19.86 -33.46
N GLY L 82 11.27 -20.00 -33.19
CA GLY L 82 12.31 -19.38 -34.02
C GLY L 82 12.83 -18.04 -33.57
N THR L 83 12.20 -17.46 -32.55
CA THR L 83 12.67 -16.20 -31.99
C THR L 83 13.78 -16.48 -30.98
N PHE L 84 14.28 -15.43 -30.35
CA PHE L 84 15.36 -15.57 -29.41
C PHE L 84 15.06 -14.85 -28.10
N ARG L 85 15.58 -15.36 -26.99
CA ARG L 85 15.70 -14.60 -25.76
C ARG L 85 17.17 -14.26 -25.59
N VAL L 86 17.45 -13.10 -24.99
CA VAL L 86 18.82 -12.62 -24.90
C VAL L 86 19.28 -12.37 -23.46
N VAL L 87 20.57 -12.07 -23.34
CA VAL L 87 21.15 -11.50 -22.14
C VAL L 87 21.92 -10.26 -22.60
N GLU L 88 21.91 -9.21 -21.77
CA GLU L 88 22.53 -7.95 -22.17
C GLU L 88 24.05 -8.01 -22.10
N ILE L 89 24.72 -7.42 -23.08
CA ILE L 89 26.18 -7.26 -23.01
C ILE L 89 26.55 -5.79 -22.87
N GLY L 90 26.92 -5.41 -21.65
CA GLY L 90 26.99 -4.02 -21.25
C GLY L 90 25.67 -3.66 -20.60
N GLY L 91 25.61 -2.45 -20.03
CA GLY L 91 24.43 -1.98 -19.32
C GLY L 91 23.43 -1.29 -20.22
N TRP L 92 22.28 -1.92 -20.42
CA TRP L 92 21.20 -1.37 -21.23
C TRP L 92 20.04 -0.89 -20.37
N ASN L 93 19.64 0.35 -20.61
CA ASN L 93 18.37 0.87 -20.10
C ASN L 93 17.23 0.14 -20.79
N PRO L 94 16.36 -0.57 -20.01
CA PRO L 94 15.30 -1.37 -20.61
C PRO L 94 14.36 -0.57 -21.52
N MET L 95 14.22 0.73 -21.25
CA MET L 95 13.30 1.59 -22.00
C MET L 95 13.69 1.87 -23.47
N VAL L 96 14.97 1.64 -23.81
CA VAL L 96 15.44 1.90 -25.16
C VAL L 96 15.52 0.64 -26.05
N VAL L 97 15.33 -0.53 -25.44
CA VAL L 97 15.61 -1.82 -26.11
C VAL L 97 14.56 -2.26 -27.12
N SER L 98 13.29 -1.95 -26.87
CA SER L 98 12.20 -2.44 -27.70
C SER L 98 12.17 -1.80 -29.09
N SER L 99 11.84 -2.62 -30.09
CA SER L 99 11.74 -2.19 -31.49
C SER L 99 12.99 -1.51 -32.03
N GLN L 100 14.10 -2.24 -31.96
CA GLN L 100 15.39 -1.76 -32.45
C GLN L 100 15.96 -2.78 -33.43
N ARG L 101 16.72 -2.29 -34.41
CA ARG L 101 17.39 -3.14 -35.40
C ARG L 101 18.77 -3.62 -34.94
N PHE L 102 19.06 -4.88 -35.19
CA PHE L 102 20.35 -5.45 -34.86
C PHE L 102 20.92 -6.30 -35.99
N LYS L 103 22.18 -6.71 -35.81
CA LYS L 103 22.83 -7.74 -36.62
C LYS L 103 23.22 -8.90 -35.71
N LEU L 104 22.77 -10.10 -36.03
CA LEU L 104 23.20 -11.29 -35.32
C LEU L 104 24.36 -11.90 -36.10
N LEU L 105 25.46 -12.16 -35.40
CA LEU L 105 26.70 -12.61 -36.03
C LEU L 105 26.94 -14.09 -35.74
N THR L 106 26.83 -14.91 -36.79
CA THR L 106 27.07 -16.34 -36.69
C THR L 106 28.56 -16.67 -36.58
N ARG L 107 28.85 -17.83 -36.01
CA ARG L 107 30.23 -18.31 -35.93
C ARG L 107 30.78 -18.60 -37.32
N ASP L 108 29.92 -19.01 -38.24
CA ASP L 108 30.33 -19.28 -39.62
C ASP L 108 30.22 -18.05 -40.56
N GLY L 109 30.13 -16.85 -39.97
CA GLY L 109 30.17 -15.59 -40.73
C GLY L 109 28.87 -15.00 -41.28
N HIS L 110 27.75 -15.69 -41.10
CA HIS L 110 26.43 -15.16 -41.49
C HIS L 110 26.07 -13.90 -40.68
N GLU L 111 25.56 -12.88 -41.36
CA GLU L 111 25.05 -11.67 -40.70
C GLU L 111 23.52 -11.61 -40.86
N ILE L 112 22.81 -12.09 -39.85
CA ILE L 112 21.36 -12.21 -39.98
C ILE L 112 20.62 -11.07 -39.25
N PRO L 113 19.74 -10.36 -39.98
CA PRO L 113 18.94 -9.25 -39.47
C PRO L 113 17.97 -9.67 -38.36
N VAL L 114 18.08 -9.00 -37.22
CA VAL L 114 17.27 -9.32 -36.05
C VAL L 114 16.72 -8.03 -35.43
N ILE L 115 15.43 -8.02 -35.16
CA ILE L 115 14.80 -6.90 -34.46
C ILE L 115 14.27 -7.32 -33.11
N SER L 116 14.03 -6.34 -32.25
CA SER L 116 13.39 -6.57 -30.97
C SER L 116 11.93 -6.16 -31.03
N GLY L 117 11.09 -6.86 -30.27
CA GLY L 117 9.67 -6.57 -30.19
C GLY L 117 9.38 -5.39 -29.28
N PRO L 133 9.59 -3.97 -17.69
CA PRO L 133 10.01 -4.67 -18.92
C PRO L 133 11.39 -5.33 -18.77
N ALA L 134 11.41 -6.67 -18.73
CA ALA L 134 12.65 -7.39 -18.49
C ALA L 134 13.31 -7.78 -19.80
N ILE L 135 14.59 -7.39 -19.95
CA ILE L 135 15.40 -7.78 -21.11
C ILE L 135 15.25 -9.26 -21.47
N ALA L 136 15.23 -10.13 -20.45
CA ALA L 136 15.06 -11.57 -20.65
C ALA L 136 13.70 -11.96 -21.25
N ASP L 137 12.69 -11.08 -21.11
CA ASP L 137 11.34 -11.32 -21.63
C ASP L 137 11.09 -10.67 -22.99
N ILE L 138 12.03 -9.84 -23.45
CA ILE L 138 11.90 -9.13 -24.72
C ILE L 138 12.20 -10.08 -25.87
N VAL L 139 11.26 -10.15 -26.82
CA VAL L 139 11.40 -11.00 -28.00
C VAL L 139 12.37 -10.42 -29.02
N PHE L 140 13.34 -11.24 -29.42
CA PHE L 140 14.22 -10.93 -30.54
C PHE L 140 13.87 -11.81 -31.74
N ASP L 141 13.72 -11.20 -32.90
CA ASP L 141 13.05 -11.84 -34.04
C ASP L 141 13.87 -11.77 -35.32
N GLY L 142 14.22 -12.93 -35.86
CA GLY L 142 14.95 -13.00 -37.13
C GLY L 142 14.04 -13.31 -38.30
N GLY L 143 12.75 -13.50 -38.00
CA GLY L 143 11.74 -13.80 -39.02
C GLY L 143 11.81 -15.24 -39.48
N PHE L 144 12.06 -16.14 -38.52
CA PHE L 144 12.19 -17.58 -38.80
C PHE L 144 10.95 -18.35 -38.44
N ALA L 145 10.69 -19.43 -39.17
CA ALA L 145 9.50 -20.26 -38.99
C ALA L 145 9.51 -21.09 -37.70
N ASP L 146 10.70 -21.48 -37.23
CA ASP L 146 10.84 -22.26 -36.01
C ASP L 146 12.29 -22.32 -35.57
N LYS L 147 12.58 -23.07 -34.50
CA LYS L 147 13.96 -23.27 -34.02
C LYS L 147 14.88 -23.80 -35.11
N ALA L 148 14.42 -24.86 -35.79
CA ALA L 148 15.20 -25.54 -36.84
C ALA L 148 15.67 -24.59 -37.93
N GLU L 149 14.76 -23.74 -38.40
CA GLU L 149 15.11 -22.79 -39.45
C GLU L 149 16.21 -21.85 -38.97
N ALA L 150 16.11 -21.40 -37.72
CA ALA L 150 17.09 -20.50 -37.13
C ALA L 150 18.45 -21.18 -37.04
N GLU L 151 18.45 -22.44 -36.62
CA GLU L 151 19.69 -23.20 -36.49
C GLU L 151 20.32 -23.49 -37.84
N SER L 152 19.48 -23.77 -38.85
CA SER L 152 19.96 -24.03 -40.21
C SER L 152 20.61 -22.79 -40.85
N PHE L 153 20.39 -21.61 -40.28
CA PHE L 153 21.13 -20.42 -40.68
C PHE L 153 22.38 -20.20 -39.81
N GLY L 154 22.83 -21.26 -39.13
CA GLY L 154 24.06 -21.23 -38.33
C GLY L 154 23.95 -20.60 -36.95
N ILE L 155 22.77 -20.07 -36.63
CA ILE L 155 22.51 -19.43 -35.34
C ILE L 155 22.57 -20.43 -34.18
N ARG L 156 23.26 -20.03 -33.11
CA ARG L 156 23.42 -20.84 -31.90
C ARG L 156 23.37 -19.95 -30.66
N PRO L 157 22.99 -20.53 -29.49
CA PRO L 157 23.16 -19.82 -28.23
C PRO L 157 24.58 -19.27 -28.10
N GLY L 158 24.69 -18.03 -27.64
CA GLY L 158 25.98 -17.37 -27.51
C GLY L 158 26.30 -16.38 -28.61
N ASP L 159 25.66 -16.54 -29.78
CA ASP L 159 25.87 -15.62 -30.89
C ASP L 159 25.58 -14.20 -30.45
N THR L 160 26.39 -13.27 -30.95
CA THR L 160 26.39 -11.90 -30.50
C THR L 160 25.38 -11.07 -31.30
N ILE L 161 24.76 -10.08 -30.64
CA ILE L 161 23.72 -9.25 -31.28
C ILE L 161 24.06 -7.76 -31.17
N VAL L 162 24.29 -7.12 -32.32
CA VAL L 162 24.85 -5.75 -32.37
C VAL L 162 23.86 -4.71 -32.93
N PRO L 163 23.75 -3.53 -32.27
CA PRO L 163 22.83 -2.51 -32.75
C PRO L 163 23.13 -2.10 -34.18
N ASP L 164 22.08 -1.98 -35.00
CA ASP L 164 22.22 -1.59 -36.40
C ASP L 164 21.75 -0.15 -36.55
N SER L 165 22.71 0.76 -36.60
CA SER L 165 22.45 2.18 -36.75
C SER L 165 23.62 2.82 -37.46
N SER L 166 23.30 3.64 -38.47
CA SER L 166 24.32 4.35 -39.25
C SER L 166 24.74 5.66 -38.58
N ALA L 167 25.78 6.29 -39.11
CA ALA L 167 26.24 7.60 -38.64
C ALA L 167 25.81 8.67 -39.61
N ILE L 168 25.19 9.73 -39.09
CA ILE L 168 24.71 10.82 -39.92
C ILE L 168 25.02 12.16 -39.26
N LEU L 169 25.11 13.20 -40.08
CA LEU L 169 25.26 14.58 -39.61
C LEU L 169 23.91 15.15 -39.15
N THR L 170 23.95 16.03 -38.16
CA THR L 170 22.78 16.84 -37.80
C THR L 170 22.67 18.03 -38.78
N ALA L 171 21.51 18.67 -38.80
CA ALA L 171 21.21 19.72 -39.79
C ALA L 171 22.25 20.83 -39.83
N ASN L 172 22.86 21.14 -38.68
CA ASN L 172 23.85 22.21 -38.60
C ASN L 172 25.30 21.74 -38.84
N GLU L 173 25.44 20.43 -39.03
CA GLU L 173 26.70 19.81 -39.43
C GLU L 173 27.83 19.89 -38.39
N LYS L 174 27.49 20.33 -37.17
CA LYS L 174 28.45 20.40 -36.07
C LYS L 174 28.40 19.16 -35.18
N ASN L 175 27.33 18.37 -35.32
CA ASN L 175 27.09 17.21 -34.46
C ASN L 175 26.77 15.98 -35.28
N ILE L 176 27.03 14.80 -34.71
CA ILE L 176 26.77 13.54 -35.40
C ILE L 176 25.78 12.70 -34.60
N ILE L 177 24.96 11.94 -35.32
CA ILE L 177 24.11 10.93 -34.69
C ILE L 177 24.56 9.55 -35.15
N SER L 178 24.94 8.70 -34.20
CA SER L 178 25.31 7.30 -34.49
C SER L 178 25.20 6.44 -33.24
N LYS L 179 25.39 5.14 -33.40
CA LYS L 179 25.63 4.21 -32.30
C LYS L 179 27.12 4.22 -31.87
N ALA L 180 27.38 3.72 -30.66
CA ALA L 180 28.74 3.33 -30.23
C ALA L 180 29.85 4.40 -30.22
N TRP L 181 29.49 5.67 -30.24
CA TRP L 181 30.50 6.71 -30.02
C TRP L 181 31.32 6.33 -28.79
N ASP L 182 30.66 5.67 -27.85
CA ASP L 182 31.28 4.97 -26.74
C ASP L 182 31.43 3.50 -27.15
N ASN L 183 32.66 3.05 -27.43
CA ASN L 183 33.83 3.92 -27.35
C ASN L 183 34.64 3.98 -28.65
N ARG L 184 33.94 4.19 -29.77
CA ARG L 184 34.61 4.38 -31.06
C ARG L 184 35.22 5.78 -31.15
N TYR L 185 34.74 6.67 -30.28
CA TYR L 185 35.45 7.92 -30.00
C TYR L 185 36.88 7.58 -29.61
N GLY L 186 37.02 6.80 -28.54
CA GLY L 186 38.32 6.40 -28.03
C GLY L 186 39.14 5.57 -28.99
N VAL L 187 38.47 4.87 -29.91
CA VAL L 187 39.17 4.13 -30.96
C VAL L 187 39.81 5.09 -31.98
N LEU L 188 39.02 6.04 -32.48
CA LEU L 188 39.48 6.98 -33.50
C LEU L 188 40.52 7.91 -32.89
N MET L 189 40.19 8.38 -31.70
CA MET L 189 41.07 9.21 -30.90
C MET L 189 42.47 8.57 -30.84
N VAL L 190 42.52 7.28 -30.49
CA VAL L 190 43.77 6.52 -30.47
C VAL L 190 44.44 6.47 -31.85
N SER L 191 43.66 6.14 -32.88
CA SER L 191 44.18 6.02 -34.24
C SER L 191 44.78 7.33 -34.78
N GLU L 192 44.15 8.47 -34.46
CA GLU L 192 44.63 9.79 -34.87
C GLU L 192 45.88 10.19 -34.10
N LEU L 193 45.97 9.74 -32.86
CA LEU L 193 47.13 10.02 -32.03
C LEU L 193 48.36 9.37 -32.65
N ALA L 194 48.22 8.10 -33.03
CA ALA L 194 49.30 7.36 -33.69
C ALA L 194 49.86 8.09 -34.91
N GLU L 195 48.98 8.75 -35.66
CA GLU L 195 49.34 9.43 -36.88
C GLU L 195 50.00 10.79 -36.65
N ALA L 196 49.46 11.58 -35.72
CA ALA L 196 50.06 12.88 -35.36
C ALA L 196 51.42 12.73 -34.68
N LEU L 197 51.64 11.57 -34.05
CA LEU L 197 52.87 11.28 -33.33
C LEU L 197 53.92 10.54 -34.18
N SER L 198 53.53 10.16 -35.40
CA SER L 198 54.35 9.34 -36.30
C SER L 198 55.74 9.93 -36.54
N GLY L 199 55.80 11.23 -36.79
CA GLY L 199 57.09 11.93 -36.85
C GLY L 199 57.72 11.99 -35.46
N GLN L 200 57.38 13.06 -34.73
CA GLN L 200 57.70 13.30 -33.32
C GLN L 200 58.37 12.18 -32.52
N LYS L 201 59.39 12.54 -31.76
CA LYS L 201 59.97 11.63 -30.78
C LYS L 201 59.69 12.12 -29.36
N LEU L 202 59.39 11.17 -28.48
CA LEU L 202 58.83 11.47 -27.15
C LEU L 202 59.78 11.14 -26.00
N GLY L 203 59.52 11.76 -24.85
CA GLY L 203 60.28 11.48 -23.63
C GLY L 203 59.67 10.37 -22.78
N ASN L 204 58.83 9.53 -23.39
CA ASN L 204 58.21 8.41 -22.68
C ASN L 204 58.07 7.17 -23.56
N GLU L 205 58.10 6.01 -22.92
CA GLU L 205 57.90 4.73 -23.57
C GLU L 205 56.40 4.52 -23.81
N LEU L 206 55.93 4.90 -24.99
CA LEU L 206 54.49 4.94 -25.26
C LEU L 206 53.87 3.61 -25.68
N TYR L 207 52.87 3.19 -24.92
CA TYR L 207 51.99 2.10 -25.30
C TYR L 207 50.63 2.70 -25.65
N LEU L 208 50.22 2.50 -26.89
CA LEU L 208 49.07 3.17 -27.47
C LEU L 208 48.18 2.10 -28.09
N GLY L 209 46.94 1.99 -27.64
CA GLY L 209 46.03 0.98 -28.18
C GLY L 209 44.64 1.00 -27.60
N SER L 210 43.98 -0.17 -27.61
CA SER L 210 42.61 -0.27 -27.13
C SER L 210 42.32 -1.59 -26.40
N ASN L 211 41.53 -1.49 -25.32
CA ASN L 211 41.22 -2.62 -24.47
C ASN L 211 40.06 -3.46 -24.98
N VAL L 212 40.08 -4.72 -24.58
CA VAL L 212 38.99 -5.66 -24.80
C VAL L 212 38.03 -5.57 -23.60
N GLN L 213 36.75 -5.84 -23.84
CA GLN L 213 35.75 -6.08 -22.78
C GLN L 213 35.61 -5.03 -21.67
N GLU L 214 35.60 -3.75 -22.02
CA GLU L 214 35.38 -2.72 -20.99
C GLU L 214 33.94 -2.75 -20.47
N GLU L 215 33.00 -2.93 -21.39
CA GLU L 215 31.56 -2.80 -21.09
C GLU L 215 31.03 -3.77 -20.03
N VAL L 216 31.60 -4.98 -19.96
CA VAL L 216 31.14 -6.00 -19.04
C VAL L 216 31.88 -5.98 -17.70
N GLY L 217 32.53 -4.86 -17.39
CA GLY L 217 33.18 -4.69 -16.10
C GLY L 217 34.67 -4.36 -16.11
N LEU L 218 35.09 -3.59 -17.13
CA LEU L 218 36.48 -3.11 -17.30
C LEU L 218 37.51 -4.26 -17.33
N ARG L 219 37.15 -5.34 -18.00
CA ARG L 219 37.89 -6.60 -17.90
C ARG L 219 39.27 -6.58 -18.56
N GLY L 220 39.36 -6.01 -19.76
CA GLY L 220 40.63 -5.90 -20.47
C GLY L 220 41.60 -4.95 -19.80
N ALA L 221 41.07 -3.91 -19.15
CA ALA L 221 41.90 -2.95 -18.43
C ALA L 221 42.74 -3.63 -17.34
N HIS L 222 42.26 -4.74 -16.81
CA HIS L 222 43.00 -5.51 -15.81
C HIS L 222 44.25 -6.10 -16.42
N THR L 223 44.10 -6.64 -17.63
CA THR L 223 45.11 -7.49 -18.23
C THR L 223 46.22 -6.69 -18.92
N SER L 224 45.84 -5.71 -19.75
CA SER L 224 46.80 -4.86 -20.42
C SER L 224 47.69 -4.12 -19.41
N THR L 225 47.07 -3.51 -18.41
CA THR L 225 47.82 -2.76 -17.40
C THR L 225 48.81 -3.66 -16.66
N THR L 226 48.42 -4.90 -16.34
CA THR L 226 49.34 -5.80 -15.70
C THR L 226 50.47 -6.18 -16.68
N LYS L 227 50.09 -6.41 -17.93
CA LYS L 227 51.05 -6.79 -18.96
C LYS L 227 52.11 -5.73 -19.27
N PHE L 228 51.69 -4.51 -19.57
CA PHE L 228 52.66 -3.49 -20.04
C PHE L 228 53.18 -2.54 -18.96
N ASP L 229 52.96 -2.91 -17.70
CA ASP L 229 53.56 -2.24 -16.54
C ASP L 229 53.83 -0.73 -16.72
N PRO L 230 52.78 0.08 -16.96
CA PRO L 230 52.99 1.53 -17.10
C PRO L 230 53.19 2.24 -15.77
N GLU L 231 53.77 3.44 -15.83
CA GLU L 231 53.95 4.29 -14.65
C GLU L 231 52.75 5.24 -14.52
N VAL L 232 52.09 5.48 -15.64
CA VAL L 232 50.98 6.42 -15.72
C VAL L 232 50.01 5.89 -16.76
N PHE L 233 48.70 6.10 -16.52
CA PHE L 233 47.67 5.57 -17.42
C PHE L 233 46.67 6.61 -17.89
N LEU L 234 46.47 6.68 -19.20
CA LEU L 234 45.50 7.57 -19.80
C LEU L 234 44.40 6.78 -20.54
N ALA L 235 43.30 6.52 -19.83
CA ALA L 235 42.11 5.96 -20.47
C ALA L 235 41.49 7.00 -21.39
N VAL L 236 40.92 6.52 -22.50
CA VAL L 236 40.27 7.38 -23.47
C VAL L 236 38.87 6.81 -23.66
N ASP L 237 37.86 7.61 -23.38
CA ASP L 237 36.49 7.10 -23.32
C ASP L 237 35.52 8.25 -23.26
N CYS L 238 34.30 8.03 -23.75
CA CYS L 238 33.28 9.06 -23.62
C CYS L 238 32.23 8.75 -22.55
N SER L 239 31.48 9.77 -22.15
CA SER L 239 30.62 9.67 -20.98
C SER L 239 29.30 10.39 -21.18
N PRO L 240 28.27 9.99 -20.41
CA PRO L 240 26.96 10.63 -20.57
C PRO L 240 27.03 12.15 -20.46
N ALA L 241 26.41 12.84 -21.39
CA ALA L 241 26.16 14.27 -21.23
C ALA L 241 24.78 14.40 -20.61
N GLY L 242 24.71 15.13 -19.52
CA GLY L 242 23.44 15.33 -18.83
C GLY L 242 22.78 16.65 -19.19
N ASP L 243 23.46 17.45 -20.03
CA ASP L 243 23.01 18.81 -20.35
C ASP L 243 21.51 18.92 -20.62
N VAL L 244 20.99 17.90 -21.27
CA VAL L 244 19.67 17.95 -21.85
C VAL L 244 18.63 17.53 -20.83
N TYR L 245 19.10 16.88 -19.76
CA TYR L 245 18.26 16.46 -18.65
C TYR L 245 18.51 17.33 -17.41
N GLY L 246 19.15 18.48 -17.62
CA GLY L 246 19.46 19.39 -16.52
C GLY L 246 20.70 18.99 -15.72
N GLY L 247 21.23 17.80 -15.99
CA GLY L 247 22.48 17.35 -15.37
C GLY L 247 23.71 18.02 -15.94
N GLN L 248 24.88 17.64 -15.44
CA GLN L 248 26.14 18.25 -15.88
C GLN L 248 26.79 17.49 -17.05
N GLY L 249 27.74 18.14 -17.73
CA GLY L 249 28.35 17.58 -18.93
C GLY L 249 27.58 18.05 -20.15
N LYS L 250 28.16 19.00 -20.87
CA LYS L 250 27.46 19.74 -21.91
C LYS L 250 28.13 19.51 -23.26
N ILE L 251 27.38 18.96 -24.22
CA ILE L 251 27.84 18.81 -25.60
C ILE L 251 28.31 20.15 -26.14
N GLY L 252 29.56 20.19 -26.61
CA GLY L 252 30.16 21.39 -27.20
C GLY L 252 31.03 22.22 -26.28
N ASP L 253 31.09 21.85 -25.00
CA ASP L 253 31.89 22.59 -24.02
C ASP L 253 33.26 21.97 -23.72
N GLY L 254 33.71 21.07 -24.60
CA GLY L 254 35.09 20.60 -24.57
C GLY L 254 35.34 19.29 -23.85
N THR L 255 36.62 18.97 -23.63
CA THR L 255 37.00 17.72 -23.00
C THR L 255 36.70 17.72 -21.49
N LEU L 256 36.66 16.53 -20.89
CA LEU L 256 36.24 16.38 -19.50
C LEU L 256 37.41 16.23 -18.53
N ILE L 257 37.36 16.99 -17.45
CA ILE L 257 38.26 16.77 -16.33
C ILE L 257 37.53 15.87 -15.34
N ARG L 258 37.80 14.58 -15.42
CA ARG L 258 37.12 13.59 -14.59
C ARG L 258 37.76 13.53 -13.22
N PHE L 259 37.33 14.43 -12.33
CA PHE L 259 37.88 14.46 -10.97
C PHE L 259 37.37 13.30 -10.10
N TYR L 260 36.17 12.82 -10.41
CA TYR L 260 35.55 11.73 -9.64
C TYR L 260 34.69 10.80 -10.48
N ASP L 261 34.77 9.50 -10.16
CA ASP L 261 33.68 8.55 -10.44
C ASP L 261 33.67 7.46 -9.37
N PRO L 262 32.55 6.70 -9.22
CA PRO L 262 32.45 5.74 -8.11
C PRO L 262 33.58 4.70 -8.05
N GLY L 263 34.39 4.61 -9.10
CA GLY L 263 35.51 3.67 -9.14
C GLY L 263 36.93 4.25 -9.19
N HIS L 264 37.05 5.57 -9.31
CA HIS L 264 38.37 6.21 -9.47
C HIS L 264 38.39 7.66 -9.01
N LEU L 265 39.39 8.01 -8.19
CA LEU L 265 39.67 9.39 -7.79
C LEU L 265 40.84 9.98 -8.55
N LEU L 266 40.68 11.21 -9.05
CA LEU L 266 41.78 11.93 -9.70
C LEU L 266 42.74 12.48 -8.66
N LEU L 267 43.98 12.01 -8.71
CA LEU L 267 45.01 12.38 -7.74
C LEU L 267 45.52 13.81 -7.99
N PRO L 268 45.88 14.54 -6.90
CA PRO L 268 46.29 15.95 -7.03
C PRO L 268 47.43 16.17 -8.02
N GLY L 269 48.35 15.21 -8.10
CA GLY L 269 49.49 15.26 -9.04
C GLY L 269 49.04 15.24 -10.49
N MET L 270 48.26 14.23 -10.84
CA MET L 270 47.64 14.11 -12.15
C MET L 270 46.72 15.31 -12.45
N LYS L 271 46.07 15.84 -11.43
CA LYS L 271 45.16 16.96 -11.63
C LYS L 271 45.93 18.21 -12.07
N ASP L 272 47.05 18.49 -11.40
CA ASP L 272 47.94 19.58 -11.78
C ASP L 272 48.36 19.41 -13.24
N PHE L 273 48.86 18.23 -13.58
CA PHE L 273 49.36 17.96 -14.91
C PHE L 273 48.31 18.19 -15.99
N LEU L 274 47.09 17.72 -15.74
CA LEU L 274 45.98 17.92 -16.68
C LEU L 274 45.62 19.39 -16.87
N LEU L 275 45.42 20.09 -15.76
CA LEU L 275 45.04 21.51 -15.81
C LEU L 275 46.13 22.34 -16.49
N THR L 276 47.36 22.16 -16.03
CA THR L 276 48.52 22.83 -16.60
C THR L 276 48.65 22.61 -18.11
N THR L 277 48.63 21.35 -18.56
CA THR L 277 48.72 21.04 -19.98
C THR L 277 47.63 21.75 -20.78
N ALA L 278 46.39 21.70 -20.28
CA ALA L 278 45.23 22.29 -20.95
C ALA L 278 45.34 23.81 -21.11
N GLU L 279 45.90 24.47 -20.11
CA GLU L 279 46.11 25.91 -20.14
C GLU L 279 47.19 26.29 -21.16
N GLU L 280 48.28 25.53 -21.16
CA GLU L 280 49.37 25.74 -22.11
C GLU L 280 48.98 25.41 -23.55
N ALA L 281 48.13 24.40 -23.74
CA ALA L 281 47.77 23.97 -25.08
C ALA L 281 46.50 24.63 -25.59
N GLY L 282 45.95 25.55 -24.80
CA GLY L 282 44.73 26.29 -25.16
C GLY L 282 43.55 25.38 -25.44
N ILE L 283 43.28 24.47 -24.49
CA ILE L 283 42.24 23.46 -24.62
C ILE L 283 40.94 23.90 -23.95
N LYS L 284 39.81 23.70 -24.65
CA LYS L 284 38.49 23.91 -24.05
C LYS L 284 38.07 22.67 -23.26
N TYR L 285 37.86 22.84 -21.96
CA TYR L 285 37.52 21.73 -21.08
C TYR L 285 36.39 22.08 -20.11
N GLN L 286 35.72 21.05 -19.61
CA GLN L 286 34.69 21.22 -18.59
C GLN L 286 34.90 20.20 -17.48
N TYR L 287 34.73 20.65 -16.23
CA TYR L 287 34.74 19.73 -15.09
C TYR L 287 33.58 18.73 -15.19
N TYR L 288 33.82 17.48 -14.81
CA TYR L 288 32.83 16.42 -14.95
C TYR L 288 32.89 15.42 -13.80
N CYS L 289 31.76 15.26 -13.10
CA CYS L 289 31.66 14.31 -12.01
C CYS L 289 30.96 13.07 -12.54
N GLY L 290 31.73 12.01 -12.79
CA GLY L 290 31.22 10.79 -13.39
C GLY L 290 30.31 10.02 -12.46
N LYS L 291 29.28 9.40 -13.04
CA LYS L 291 28.40 8.50 -12.29
C LYS L 291 28.55 7.04 -12.73
N GLY L 292 29.50 6.80 -13.64
CA GLY L 292 29.86 5.45 -14.08
C GLY L 292 31.37 5.24 -14.08
N GLY L 293 31.80 4.01 -14.37
CA GLY L 293 33.22 3.65 -14.38
C GLY L 293 33.86 3.78 -15.77
N THR L 294 35.19 3.88 -15.79
CA THR L 294 36.00 3.78 -17.01
C THR L 294 37.19 2.88 -16.72
N ASP L 295 37.97 2.56 -17.75
CA ASP L 295 39.12 1.63 -17.63
C ASP L 295 40.09 2.02 -16.51
N ALA L 296 40.25 3.33 -16.30
CA ALA L 296 41.06 3.84 -15.20
C ALA L 296 40.71 3.18 -13.86
N GLY L 297 39.43 2.90 -13.65
CA GLY L 297 38.97 2.21 -12.44
C GLY L 297 39.71 0.92 -12.15
N ALA L 298 39.84 0.07 -13.17
CA ALA L 298 40.60 -1.17 -13.05
C ALA L 298 42.11 -0.95 -13.10
N ALA L 299 42.54 -0.13 -14.05
CA ALA L 299 43.98 0.05 -14.36
C ALA L 299 44.82 0.58 -13.19
N HIS L 300 44.34 1.64 -12.54
CA HIS L 300 45.12 2.32 -11.51
C HIS L 300 45.42 1.45 -10.28
N LEU L 301 44.75 0.30 -10.18
CA LEU L 301 44.90 -0.61 -9.05
C LEU L 301 45.92 -1.72 -9.33
N LYS L 302 46.43 -1.78 -10.55
CA LYS L 302 47.28 -2.88 -10.97
C LYS L 302 48.74 -2.67 -10.62
N ASN L 303 49.52 -3.76 -10.65
CA ASN L 303 50.95 -3.74 -10.35
C ASN L 303 51.21 -3.00 -9.03
N GLY L 304 52.12 -2.05 -9.00
CA GLY L 304 52.37 -1.29 -7.77
C GLY L 304 51.53 -0.02 -7.64
N GLY L 305 50.56 0.14 -8.54
CA GLY L 305 49.73 1.33 -8.60
C GLY L 305 50.13 2.21 -9.77
N VAL L 306 49.13 2.76 -10.46
CA VAL L 306 49.34 3.54 -11.68
C VAL L 306 48.41 4.77 -11.73
N PRO L 307 48.93 5.97 -11.37
CA PRO L 307 48.10 7.17 -11.44
C PRO L 307 47.43 7.35 -12.79
N SER L 308 46.11 7.53 -12.80
CA SER L 308 45.33 7.57 -14.05
C SER L 308 44.32 8.73 -14.15
N THR L 309 43.92 9.03 -15.40
CA THR L 309 42.64 9.69 -15.73
C THR L 309 42.05 9.10 -16.98
N THR L 310 41.00 9.77 -17.45
CA THR L 310 40.35 9.47 -18.70
C THR L 310 40.24 10.76 -19.51
N ILE L 311 40.74 10.73 -20.74
CA ILE L 311 40.65 11.86 -21.64
C ILE L 311 39.29 11.80 -22.31
N GLY L 312 38.35 12.55 -21.75
CA GLY L 312 36.95 12.29 -21.99
C GLY L 312 36.22 13.30 -22.85
N VAL L 313 35.18 12.80 -23.51
CA VAL L 313 34.24 13.60 -24.25
C VAL L 313 32.87 13.24 -23.68
N CYS L 314 31.94 14.17 -23.65
CA CYS L 314 30.57 13.77 -23.30
C CYS L 314 29.64 13.76 -24.51
N ALA L 315 28.65 12.87 -24.46
CA ALA L 315 27.73 12.65 -25.56
C ALA L 315 26.37 12.32 -24.97
N ARG L 316 25.32 12.60 -25.73
CA ARG L 316 23.98 12.34 -25.26
C ARG L 316 23.52 10.97 -25.69
N TYR L 317 22.86 10.28 -24.75
CA TYR L 317 22.20 9.00 -24.99
C TYR L 317 23.23 7.93 -25.34
N ILE L 318 24.31 7.92 -24.56
CA ILE L 318 25.29 6.84 -24.53
C ILE L 318 24.55 5.52 -24.31
N HIS L 319 25.11 4.43 -24.84
CA HIS L 319 24.55 3.08 -24.65
C HIS L 319 23.18 2.91 -25.31
N SER L 320 23.03 3.44 -26.52
CA SER L 320 21.80 3.29 -27.31
C SER L 320 22.11 3.25 -28.80
N HIS L 321 21.07 3.11 -29.63
CA HIS L 321 21.23 3.17 -31.08
C HIS L 321 21.44 4.61 -31.56
N GLN L 322 21.04 5.58 -30.74
CA GLN L 322 21.06 6.97 -31.15
C GLN L 322 21.82 7.87 -30.17
N THR L 323 23.15 7.92 -30.32
CA THR L 323 23.97 8.86 -29.55
C THR L 323 24.18 10.15 -30.32
N LEU L 324 24.10 11.29 -29.62
CA LEU L 324 24.39 12.58 -30.22
C LEU L 324 25.59 13.23 -29.53
N TYR L 325 26.49 13.79 -30.33
CA TYR L 325 27.78 14.32 -29.86
C TYR L 325 28.37 15.32 -30.84
N ALA L 326 29.29 16.14 -30.34
CA ALA L 326 29.87 17.23 -31.12
C ALA L 326 31.26 16.90 -31.65
N MET L 327 31.49 17.19 -32.94
CA MET L 327 32.82 17.02 -33.56
C MET L 327 33.85 17.97 -32.97
N ASP L 328 33.42 19.16 -32.56
CA ASP L 328 34.31 20.10 -31.89
C ASP L 328 34.94 19.49 -30.65
N ASP L 329 34.13 18.71 -29.93
CA ASP L 329 34.56 18.05 -28.70
C ASP L 329 35.64 16.99 -28.95
N PHE L 330 35.57 16.30 -30.07
CA PHE L 330 36.62 15.39 -30.49
C PHE L 330 37.93 16.15 -30.69
N LEU L 331 37.87 17.22 -31.49
CA LEU L 331 39.06 18.00 -31.82
C LEU L 331 39.76 18.52 -30.57
N GLU L 332 38.97 19.07 -29.65
CA GLU L 332 39.48 19.52 -28.36
C GLU L 332 40.13 18.40 -27.56
N ALA L 333 39.49 17.24 -27.55
CA ALA L 333 39.97 16.09 -26.79
C ALA L 333 41.30 15.58 -27.36
N GLN L 334 41.30 15.30 -28.66
CA GLN L 334 42.48 14.83 -29.39
C GLN L 334 43.69 15.74 -29.19
N ALA L 335 43.49 17.06 -29.40
CA ALA L 335 44.54 18.05 -29.17
C ALA L 335 45.09 17.92 -27.77
N PHE L 336 44.19 17.75 -26.80
CA PHE L 336 44.56 17.58 -25.40
C PHE L 336 45.41 16.33 -25.19
N LEU L 337 45.03 15.22 -25.82
CA LEU L 337 45.75 13.95 -25.72
C LEU L 337 47.18 14.10 -26.23
N GLN L 338 47.34 14.80 -27.36
CA GLN L 338 48.65 15.03 -27.95
C GLN L 338 49.55 15.87 -27.05
N ALA L 339 49.04 16.99 -26.56
CA ALA L 339 49.77 17.83 -25.62
C ALA L 339 50.21 17.04 -24.39
N LEU L 340 49.28 16.26 -23.83
CA LEU L 340 49.55 15.45 -22.66
C LEU L 340 50.72 14.49 -22.83
N VAL L 341 50.67 13.63 -23.86
CA VAL L 341 51.69 12.59 -24.04
C VAL L 341 53.05 13.17 -24.46
N LYS L 342 53.02 14.26 -25.22
CA LYS L 342 54.25 14.94 -25.62
C LYS L 342 54.94 15.50 -24.38
N LYS L 343 54.15 16.09 -23.49
CA LYS L 343 54.64 16.72 -22.27
C LYS L 343 54.94 15.67 -21.17
N LEU L 344 54.72 14.40 -21.48
CA LEU L 344 54.96 13.32 -20.51
C LEU L 344 56.36 12.73 -20.61
N ASP L 345 57.13 12.90 -19.54
CA ASP L 345 58.48 12.33 -19.43
C ASP L 345 58.87 12.14 -17.97
N ARG L 346 60.08 11.62 -17.75
CA ARG L 346 60.64 11.35 -16.42
C ARG L 346 60.31 12.44 -15.39
N SER L 347 60.57 13.71 -15.71
CA SER L 347 60.33 14.81 -14.76
C SER L 347 58.86 14.90 -14.39
N THR L 348 58.00 14.85 -15.41
CA THR L 348 56.57 15.11 -15.24
C THR L 348 55.82 13.98 -14.54
N VAL L 349 56.19 12.73 -14.85
CA VAL L 349 55.63 11.59 -14.11
C VAL L 349 56.09 11.60 -12.64
N ASP L 350 57.34 12.03 -12.42
CA ASP L 350 57.87 12.15 -11.06
C ASP L 350 57.10 13.20 -10.27
N LEU L 351 56.81 14.34 -10.90
CA LEU L 351 56.03 15.42 -10.27
C LEU L 351 54.58 14.98 -10.01
N ILE L 352 54.07 14.11 -10.89
CA ILE L 352 52.75 13.55 -10.75
C ILE L 352 52.72 12.60 -9.55
N LYS L 353 53.84 11.88 -9.36
CA LYS L 353 53.99 10.92 -8.27
C LYS L 353 54.84 11.48 -7.13
N HIS L 354 54.82 12.79 -6.96
CA HIS L 354 55.60 13.41 -5.90
C HIS L 354 54.94 13.17 -4.55
N TYR L 355 55.41 12.15 -3.85
CA TYR L 355 54.85 11.75 -2.57
C TYR L 355 55.81 12.05 -1.43
ZN ZN M . 14.03 32.54 18.68
ZN ZN N . 13.97 29.31 18.31
ZN ZN O . -4.44 14.69 36.94
ZN ZN P . -6.25 13.49 34.17
ZN ZN Q . -16.93 32.90 14.68
ZN ZN R . -15.07 31.62 12.33
ZN ZN S . 36.15 3.25 7.35
ZN ZN T . 38.77 1.44 8.14
ZN ZN U . 1.85 -33.61 15.75
ZN ZN V . 1.29 -35.19 18.65
ZN ZN W . -21.59 -33.54 -2.14
ZN ZN X . -21.68 -30.31 -2.19
ZN ZN Y . -24.63 -19.00 24.93
ZN ZN Z . -21.57 -17.66 24.75
ZN ZN AA . 30.93 -23.69 -7.58
ZN ZN BA . 29.00 -22.55 -5.27
ZN ZN CA . -4.18 0.99 -39.95
ZN ZN DA . -2.70 2.04 -37.11
ZN ZN EA . -15.46 26.30 -25.96
ZN ZN FA . -15.55 24.61 -23.03
ZN ZN GA . -28.76 -2.03 -23.42
ZN ZN HA . -31.11 -0.43 -24.52
ZN ZN IA . 32.99 3.44 -22.24
ZN ZN JA . 30.01 2.22 -22.01
#